data_1ORV
#
_entry.id   1ORV
#
_cell.length_a   62.000
_cell.length_b   118.180
_cell.length_c   133.590
_cell.angle_alpha   112.76
_cell.angle_beta   94.93
_cell.angle_gamma   91.14
#
_symmetry.space_group_name_H-M   'P 1'
#
loop_
_entity.id
_entity.type
_entity.pdbx_description
1 polymer 'dipeptidyl peptidase IV'
2 branched 2-acetamido-2-deoxy-beta-D-glucopyranose-(1-4)-2-acetamido-2-deoxy-beta-D-glucopyranose
3 branched beta-D-mannopyranose-(1-4)-2-acetamido-2-deoxy-beta-D-glucopyranose-(1-4)-2-acetamido-2-deoxy-beta-D-glucopyranose
4 non-polymer 2-acetamido-2-deoxy-beta-D-glucopyranose
5 non-polymer 'SULFATE ION'
6 water water
#
_entity_poly.entity_id   1
_entity_poly.type   'polypeptide(L)'
_entity_poly.pdbx_seq_one_letter_code
;SRRTYTLTDYLKSTFRVKFYTLQWISDHEYLYKQENNILLFNAEYGNSSIFLENSTFDELGYSTNDYSVSPDRQFILFEY
NYVKQWRHSYTASYDIYDLNKRQLITEERIPNNTQWITWSPVGHKLAYVWNNDIYVKNEPNLSSQRITWTGKENVIYNGV
TDWVYEEEVFSAYSALWWSPNGTFLAYAQFNDTEVPLIEYSFYSDESLQYPKTVRIPYPKAGAENPTVKFFVVDTRTLSP
NASVTSYQIVPPASVLIGDHYLCGVTWVTEERISLQWIRRAQNYSIIDICDYDESTGRWISSVARQHIEISTTGWVGRFR
PAEPHFTSDGNSFYKIISNEEGYKHICHFQTDKSNCTFITKGAWEVIGIEALTSDYLYYISNEHKGMPGGRNLYRIQLND
YTKVTCLSCELNPERCQYYSASFSNKAKYYQLRCFGPGLPLYTLHSSSSDKELRVLEDNSALDKMLQDVQMPSKKLDVIN
LHGTKFWYQMILPPHFDKSKKYPLLIEVYAGPCSQKVDTVFRLSWATYLASTENIIVASFDGRGSGYQGDKIMHAINRRL
GTFEVEDQIEATRQFSKMGFVDDKRIAIWGWSYGGYVTSMVLGAGSGVFKCGIAVAPVSKWEYYDSVYTERYMGLPTPED
NLDYYRNSTVMSRAENFKQVEYLLIHGTADDNVHFQQSAQLSKALVDAGVDFQTMWYTDEDHGIASNMAHQHIYTHMSHF
LKQCFSLP
;
_entity_poly.pdbx_strand_id   A,B,C,D
#
loop_
_chem_comp.id
_chem_comp.type
_chem_comp.name
_chem_comp.formula
BMA D-saccharide, beta linking beta-D-mannopyranose 'C6 H12 O6'
NAG D-saccharide, beta linking 2-acetamido-2-deoxy-beta-D-glucopyranose 'C8 H15 N O6'
SO4 non-polymer 'SULFATE ION' 'O4 S -2'
#
# COMPACT_ATOMS: atom_id res chain seq x y z
N SER A 1 62.06 45.81 11.52
CA SER A 1 60.66 46.11 11.91
C SER A 1 60.24 47.51 11.47
N ARG A 2 59.09 47.55 10.82
CA ARG A 2 58.47 48.78 10.32
C ARG A 2 57.33 48.28 9.43
N ARG A 3 56.91 47.06 9.74
CA ARG A 3 55.81 46.38 9.07
C ARG A 3 54.96 45.80 10.21
N THR A 4 53.71 45.48 9.89
CA THR A 4 52.76 44.98 10.88
C THR A 4 52.18 43.60 10.56
N TYR A 5 51.33 43.10 11.46
CA TYR A 5 50.65 41.83 11.28
C TYR A 5 49.45 42.20 10.38
N THR A 6 49.49 41.72 9.14
CA THR A 6 48.46 42.07 8.16
C THR A 6 47.29 41.08 8.10
N LEU A 7 46.27 41.49 7.36
CA LEU A 7 45.10 40.64 7.15
C LEU A 7 45.55 39.37 6.42
N THR A 8 46.45 39.54 5.46
CA THR A 8 47.01 38.41 4.70
C THR A 8 47.75 37.44 5.63
N ASP A 9 48.52 38.00 6.56
CA ASP A 9 49.23 37.16 7.52
C ASP A 9 48.23 36.31 8.29
N TYR A 10 47.13 36.93 8.71
CA TYR A 10 46.12 36.18 9.45
C TYR A 10 45.44 35.15 8.56
N LEU A 11 44.92 35.59 7.42
CA LEU A 11 44.21 34.69 6.50
C LEU A 11 45.06 33.55 5.95
N LYS A 12 46.34 33.82 5.68
CA LYS A 12 47.22 32.79 5.14
C LYS A 12 48.04 32.08 6.21
N SER A 13 47.83 32.47 7.47
CA SER A 13 48.55 31.85 8.59
C SER A 13 50.06 31.87 8.35
N THR A 14 50.56 32.99 7.86
CA THR A 14 51.98 33.12 7.59
C THR A 14 52.87 32.87 8.81
N PHE A 15 52.33 33.09 10.00
CA PHE A 15 53.07 32.88 11.24
C PHE A 15 52.47 31.65 11.91
N ARG A 16 53.20 30.55 11.84
CA ARG A 16 52.75 29.27 12.39
C ARG A 16 52.94 29.09 13.89
N VAL A 17 51.85 28.71 14.56
CA VAL A 17 51.89 28.45 15.98
C VAL A 17 51.93 26.93 16.09
N LYS A 18 53.03 26.39 16.59
CA LYS A 18 53.19 24.94 16.70
C LYS A 18 52.59 24.35 17.97
N PHE A 19 52.31 23.06 17.94
CA PHE A 19 51.76 22.34 19.08
C PHE A 19 52.40 20.97 19.18
N TYR A 20 51.96 20.15 20.12
CA TYR A 20 52.54 18.83 20.29
C TYR A 20 51.49 17.81 20.73
N THR A 21 50.96 17.10 19.76
CA THR A 21 49.93 16.11 20.02
C THR A 21 50.53 14.72 20.17
N LEU A 22 50.16 14.06 21.25
CA LEU A 22 50.66 12.72 21.52
C LEU A 22 49.53 11.87 22.06
N GLN A 23 49.70 10.56 22.00
CA GLN A 23 48.71 9.62 22.51
C GLN A 23 49.40 8.69 23.50
N TRP A 24 48.96 8.74 24.75
CA TRP A 24 49.51 7.86 25.78
C TRP A 24 48.98 6.47 25.48
N ILE A 25 49.83 5.45 25.60
CA ILE A 25 49.40 4.09 25.34
C ILE A 25 49.71 3.19 26.53
N SER A 26 50.46 3.73 27.49
CA SER A 26 50.81 3.00 28.71
C SER A 26 51.06 4.03 29.81
N ASP A 27 51.59 3.60 30.94
CA ASP A 27 51.85 4.56 31.99
C ASP A 27 53.12 5.36 31.76
N HIS A 28 53.94 4.94 30.79
CA HIS A 28 55.19 5.66 30.53
C HIS A 28 55.55 5.81 29.06
N GLU A 29 54.64 5.43 28.17
CA GLU A 29 54.89 5.52 26.74
C GLU A 29 53.77 6.23 26.00
N TYR A 30 54.14 7.01 24.99
CA TYR A 30 53.17 7.71 24.16
C TYR A 30 53.63 7.69 22.70
N LEU A 31 52.67 7.74 21.79
CA LEU A 31 52.95 7.76 20.35
C LEU A 31 52.93 9.19 19.87
N TYR A 32 53.79 9.51 18.91
CA TYR A 32 53.85 10.87 18.37
C TYR A 32 54.20 10.81 16.90
N LYS A 33 53.55 11.65 16.10
CA LYS A 33 53.83 11.68 14.66
C LYS A 33 54.86 12.75 14.35
N GLN A 34 56.05 12.32 13.94
CA GLN A 34 57.11 13.24 13.61
C GLN A 34 57.58 13.01 12.18
N GLU A 35 57.26 13.96 11.30
CA GLU A 35 57.64 13.87 9.90
C GLU A 35 56.94 12.69 9.24
N ASN A 36 55.62 12.66 9.43
CA ASN A 36 54.76 11.65 8.86
C ASN A 36 54.79 10.27 9.52
N ASN A 37 55.87 9.96 10.23
CA ASN A 37 55.95 8.65 10.88
C ASN A 37 55.60 8.67 12.37
N ILE A 38 55.09 7.55 12.86
CA ILE A 38 54.70 7.43 14.25
C ILE A 38 55.83 6.87 15.12
N LEU A 39 56.31 7.67 16.05
CA LEU A 39 57.38 7.26 16.94
C LEU A 39 56.85 6.90 18.30
N LEU A 40 57.54 5.98 18.96
CA LEU A 40 57.17 5.55 20.30
C LEU A 40 58.16 6.17 21.26
N PHE A 41 57.75 7.26 21.88
CA PHE A 41 58.60 7.96 22.82
C PHE A 41 58.43 7.38 24.22
N ASN A 42 59.53 7.39 24.96
CA ASN A 42 59.52 6.92 26.33
C ASN A 42 59.61 8.20 27.15
N ALA A 43 58.57 8.46 27.94
CA ALA A 43 58.52 9.66 28.76
C ALA A 43 59.72 9.78 29.66
N GLU A 44 59.94 8.74 30.45
CA GLU A 44 61.04 8.66 31.41
C GLU A 44 62.38 9.18 30.88
N TYR A 45 62.93 8.51 29.87
CA TYR A 45 64.23 8.88 29.31
C TYR A 45 64.17 9.71 28.05
N GLY A 46 63.18 9.42 27.21
CA GLY A 46 63.05 10.16 25.98
C GLY A 46 63.64 9.39 24.83
N ASN A 47 63.98 8.13 25.05
CA ASN A 47 64.55 7.34 23.96
C ASN A 47 63.40 6.96 23.03
N SER A 48 63.36 7.59 21.87
CA SER A 48 62.31 7.33 20.89
C SER A 48 62.68 6.23 19.91
N SER A 49 61.72 5.38 19.60
CA SER A 49 61.92 4.29 18.66
C SER A 49 60.78 4.35 17.65
N ILE A 50 61.06 4.03 16.40
CA ILE A 50 60.03 4.05 15.37
C ILE A 50 58.98 2.98 15.63
N PHE A 51 57.71 3.36 15.60
CA PHE A 51 56.63 2.41 15.83
C PHE A 51 55.98 2.14 14.47
N LEU A 52 56.03 3.14 13.60
CA LEU A 52 55.46 3.01 12.25
C LEU A 52 56.11 4.00 11.30
N GLU A 53 57.08 3.51 10.52
CA GLU A 53 57.79 4.35 9.57
C GLU A 53 56.87 5.14 8.67
N ASN A 54 57.31 6.33 8.27
CA ASN A 54 56.53 7.13 7.34
C ASN A 54 56.67 6.33 6.05
N SER A 55 56.25 6.89 4.93
CA SER A 55 56.34 6.18 3.66
C SER A 55 55.44 4.94 3.66
N THR A 56 55.24 4.34 4.84
CA THR A 56 54.35 3.19 4.95
C THR A 56 52.97 3.74 4.60
N PHE A 57 52.95 5.05 4.33
CA PHE A 57 51.74 5.75 3.94
C PHE A 57 51.75 5.85 2.41
N ASP A 58 51.04 4.92 1.77
CA ASP A 58 50.93 4.87 0.32
C ASP A 58 49.67 5.61 -0.11
N GLU A 59 49.50 6.83 0.39
CA GLU A 59 48.35 7.66 0.07
C GLU A 59 47.13 6.84 -0.33
N LEU A 60 46.76 5.89 0.52
CA LEU A 60 45.61 5.03 0.26
C LEU A 60 44.38 5.88 -0.02
N GLY A 61 43.97 5.90 -1.29
CA GLY A 61 42.82 6.70 -1.68
C GLY A 61 43.19 8.17 -1.67
N TYR A 62 43.24 8.75 -0.48
CA TYR A 62 43.60 10.14 -0.30
C TYR A 62 44.80 10.27 0.63
N SER A 63 44.57 10.87 1.79
CA SER A 63 45.64 11.05 2.78
C SER A 63 45.13 10.69 4.17
N THR A 64 45.88 9.83 4.85
CA THR A 64 45.49 9.40 6.19
C THR A 64 45.46 10.59 7.14
N ASN A 65 44.27 10.96 7.60
CA ASN A 65 44.15 12.09 8.49
C ASN A 65 44.11 11.73 9.98
N ASP A 66 44.31 10.46 10.30
CA ASP A 66 44.31 10.02 11.70
C ASP A 66 44.55 8.53 11.92
N TYR A 67 45.18 8.20 13.04
CA TYR A 67 45.48 6.80 13.35
C TYR A 67 45.09 6.44 14.80
N SER A 68 44.87 5.15 15.02
CA SER A 68 44.50 4.64 16.32
C SER A 68 45.05 3.22 16.45
N VAL A 69 45.95 3.04 17.42
CA VAL A 69 46.58 1.74 17.67
C VAL A 69 45.81 0.94 18.73
N SER A 70 45.46 -0.30 18.40
CA SER A 70 44.73 -1.13 19.35
C SER A 70 45.52 -1.18 20.66
N PRO A 71 44.81 -1.25 21.80
CA PRO A 71 45.51 -1.29 23.09
C PRO A 71 46.61 -2.36 23.23
N ASP A 72 46.42 -3.53 22.62
CA ASP A 72 47.44 -4.57 22.71
C ASP A 72 48.57 -4.34 21.71
N ARG A 73 48.51 -3.19 21.03
CA ARG A 73 49.51 -2.79 20.05
C ARG A 73 49.75 -3.75 18.88
N GLN A 74 48.77 -4.63 18.63
CA GLN A 74 48.87 -5.59 17.54
C GLN A 74 48.38 -5.03 16.20
N PHE A 75 47.49 -4.04 16.25
CA PHE A 75 46.95 -3.46 15.03
C PHE A 75 46.89 -1.94 15.10
N ILE A 76 46.63 -1.31 13.97
CA ILE A 76 46.51 0.13 13.92
C ILE A 76 45.52 0.53 12.85
N LEU A 77 44.58 1.41 13.21
CA LEU A 77 43.58 1.89 12.26
C LEU A 77 44.07 3.12 11.55
N PHE A 78 43.85 3.15 10.24
CA PHE A 78 44.22 4.28 9.42
C PHE A 78 42.90 4.89 8.97
N GLU A 79 42.69 6.15 9.33
CA GLU A 79 41.48 6.87 8.97
C GLU A 79 41.79 7.81 7.82
N TYR A 80 41.01 7.69 6.75
CA TYR A 80 41.18 8.53 5.59
C TYR A 80 39.82 8.70 4.91
N ASN A 81 39.78 9.48 3.82
CA ASN A 81 38.51 9.65 3.11
C ASN A 81 37.51 10.40 4.01
N TYR A 82 38.02 11.29 4.84
CA TYR A 82 37.21 12.07 5.76
C TYR A 82 36.16 12.91 5.04
N VAL A 83 34.91 12.80 5.48
CA VAL A 83 33.80 13.57 4.92
C VAL A 83 33.04 14.18 6.08
N LYS A 84 33.18 15.49 6.29
CA LYS A 84 32.50 16.15 7.40
C LYS A 84 30.97 16.14 7.32
N GLN A 85 30.34 16.14 8.49
CA GLN A 85 28.90 16.24 8.55
C GLN A 85 28.64 17.48 9.41
N TRP A 86 28.32 17.30 10.70
CA TRP A 86 28.07 18.46 11.52
C TRP A 86 29.33 18.92 12.28
N ARG A 87 29.15 19.47 13.48
CA ARG A 87 30.29 19.97 14.24
C ARG A 87 31.33 18.92 14.61
N HIS A 88 30.88 17.74 15.03
CA HIS A 88 31.77 16.65 15.44
C HIS A 88 31.68 15.43 14.53
N SER A 89 30.51 15.20 13.93
CA SER A 89 30.31 14.03 13.09
C SER A 89 30.95 14.12 11.71
N TYR A 90 31.27 12.94 11.17
CA TYR A 90 31.86 12.81 9.85
C TYR A 90 31.85 11.33 9.53
N THR A 91 32.13 10.98 8.29
CA THR A 91 32.22 9.59 7.92
C THR A 91 33.62 9.46 7.32
N ALA A 92 34.14 8.25 7.30
CA ALA A 92 35.46 8.06 6.76
C ALA A 92 35.63 6.60 6.40
N SER A 93 36.73 6.32 5.71
CA SER A 93 37.07 4.95 5.33
C SER A 93 38.16 4.55 6.30
N TYR A 94 38.29 3.25 6.55
CA TYR A 94 39.30 2.78 7.48
C TYR A 94 40.01 1.52 7.02
N ASP A 95 41.33 1.53 7.17
CA ASP A 95 42.17 0.40 6.84
C ASP A 95 42.76 -0.11 8.13
N ILE A 96 42.82 -1.43 8.26
CA ILE A 96 43.37 -2.04 9.44
C ILE A 96 44.70 -2.66 9.03
N TYR A 97 45.75 -2.31 9.74
CA TYR A 97 47.08 -2.80 9.44
C TYR A 97 47.54 -3.70 10.59
N ASP A 98 48.06 -4.88 10.24
CA ASP A 98 48.54 -5.82 11.23
C ASP A 98 50.00 -5.47 11.57
N LEU A 99 50.24 -5.05 12.81
CA LEU A 99 51.57 -4.67 13.25
C LEU A 99 52.51 -5.87 13.37
N ASN A 100 51.94 -7.05 13.64
CA ASN A 100 52.74 -8.25 13.76
C ASN A 100 53.25 -8.58 12.37
N LYS A 101 52.37 -9.17 11.57
CA LYS A 101 52.64 -9.57 10.19
C LYS A 101 53.00 -8.39 9.32
N ARG A 102 52.79 -7.19 9.84
CA ARG A 102 53.06 -5.97 9.08
C ARG A 102 52.43 -6.11 7.70
N GLN A 103 51.16 -6.49 7.71
CA GLN A 103 50.37 -6.67 6.51
C GLN A 103 49.10 -5.85 6.67
N LEU A 104 48.49 -5.51 5.54
CA LEU A 104 47.25 -4.75 5.52
C LEU A 104 46.17 -5.82 5.63
N ILE A 105 45.12 -5.57 6.39
CA ILE A 105 44.04 -6.57 6.45
C ILE A 105 43.34 -6.30 5.14
N THR A 106 43.16 -7.35 4.34
CA THR A 106 42.54 -7.19 3.04
C THR A 106 41.17 -7.82 2.88
N GLU A 107 40.79 -8.66 3.83
CA GLU A 107 39.47 -9.31 3.76
C GLU A 107 38.60 -8.80 4.91
N GLU A 108 37.28 -8.88 4.74
CA GLU A 108 36.37 -8.43 5.79
C GLU A 108 36.73 -7.01 6.23
N ARG A 109 36.95 -6.13 5.25
CA ARG A 109 37.33 -4.75 5.50
C ARG A 109 36.22 -3.89 6.12
N ILE A 110 36.63 -2.77 6.72
CA ILE A 110 35.67 -1.85 7.32
C ILE A 110 34.96 -1.17 6.16
N PRO A 111 33.62 -1.10 6.23
CA PRO A 111 32.81 -0.49 5.17
C PRO A 111 33.21 0.94 4.84
N ASN A 112 32.86 1.33 3.63
CA ASN A 112 33.11 2.68 3.17
C ASN A 112 32.01 3.49 3.85
N ASN A 113 32.30 4.74 4.19
CA ASN A 113 31.27 5.59 4.79
C ASN A 113 30.94 5.21 6.24
N THR A 114 31.96 4.81 6.99
CA THR A 114 31.77 4.44 8.39
C THR A 114 31.64 5.69 9.26
N GLN A 115 30.56 5.73 10.03
CA GLN A 115 30.22 6.86 10.92
C GLN A 115 31.04 6.96 12.22
N TRP A 116 31.37 5.82 12.80
CA TRP A 116 32.17 5.82 14.01
C TRP A 116 32.78 4.45 14.17
N ILE A 117 34.00 4.44 14.70
CA ILE A 117 34.73 3.20 14.94
C ILE A 117 35.61 3.36 16.16
N THR A 118 35.75 2.29 16.93
CA THR A 118 36.59 2.30 18.11
C THR A 118 37.10 0.93 18.52
N TRP A 119 38.33 0.89 19.02
CA TRP A 119 38.93 -0.34 19.52
C TRP A 119 38.30 -0.57 20.89
N SER A 120 38.30 -1.81 21.36
CA SER A 120 37.82 -2.08 22.72
C SER A 120 38.94 -1.51 23.60
N PRO A 121 38.72 -1.42 24.93
CA PRO A 121 39.74 -0.89 25.85
C PRO A 121 40.98 -1.78 26.04
N VAL A 122 40.80 -3.08 25.86
CA VAL A 122 41.91 -4.03 25.98
C VAL A 122 41.84 -4.88 24.72
N GLY A 123 42.95 -5.53 24.39
CA GLY A 123 42.94 -6.38 23.23
C GLY A 123 42.78 -5.64 21.94
N HIS A 124 41.94 -6.16 21.05
CA HIS A 124 41.77 -5.52 19.76
C HIS A 124 40.41 -5.72 19.09
N LYS A 125 39.33 -5.76 19.87
CA LYS A 125 38.00 -5.91 19.27
C LYS A 125 37.71 -4.57 18.64
N LEU A 126 36.78 -4.54 17.70
CA LEU A 126 36.39 -3.28 17.06
C LEU A 126 34.88 -3.18 17.07
N ALA A 127 34.36 -1.98 17.29
CA ALA A 127 32.92 -1.74 17.23
C ALA A 127 32.77 -0.54 16.30
N TYR A 128 31.86 -0.62 15.34
CA TYR A 128 31.71 0.51 14.43
C TYR A 128 30.26 0.70 14.02
N VAL A 129 29.96 1.91 13.54
CA VAL A 129 28.62 2.26 13.12
C VAL A 129 28.63 2.50 11.62
N TRP A 130 27.67 1.91 10.94
CA TRP A 130 27.55 2.02 9.49
C TRP A 130 26.07 2.00 9.15
N ASN A 131 25.63 2.99 8.38
CA ASN A 131 24.22 3.10 8.04
C ASN A 131 23.34 3.07 9.29
N ASN A 132 23.82 3.74 10.34
CA ASN A 132 23.10 3.88 11.60
C ASN A 132 22.94 2.59 12.43
N ASP A 133 23.66 1.52 12.05
CA ASP A 133 23.60 0.27 12.81
C ASP A 133 25.00 -0.08 13.32
N ILE A 134 25.04 -0.81 14.42
CA ILE A 134 26.29 -1.20 15.07
C ILE A 134 26.78 -2.58 14.64
N TYR A 135 28.10 -2.69 14.48
CA TYR A 135 28.74 -3.93 14.07
C TYR A 135 29.94 -4.15 15.00
N VAL A 136 30.23 -5.41 15.30
CA VAL A 136 31.36 -5.72 16.15
C VAL A 136 32.24 -6.74 15.44
N LYS A 137 33.54 -6.52 15.48
CA LYS A 137 34.53 -7.40 14.88
C LYS A 137 35.49 -7.84 15.96
N ASN A 138 35.46 -9.13 16.32
CA ASN A 138 36.34 -9.65 17.35
C ASN A 138 37.78 -9.66 16.87
N GLU A 139 37.95 -9.95 15.58
CA GLU A 139 39.29 -10.00 14.99
C GLU A 139 39.26 -9.17 13.73
N PRO A 140 40.34 -8.40 13.47
CA PRO A 140 40.36 -7.59 12.25
C PRO A 140 40.11 -8.37 10.96
N ASN A 141 40.69 -9.56 10.87
CA ASN A 141 40.52 -10.36 9.65
C ASN A 141 39.22 -11.16 9.62
N LEU A 142 38.46 -11.13 10.70
CA LEU A 142 37.20 -11.87 10.72
C LEU A 142 36.00 -11.01 10.38
N SER A 143 34.95 -11.63 9.85
CA SER A 143 33.76 -10.90 9.48
C SER A 143 33.11 -10.25 10.70
N SER A 144 32.48 -9.10 10.48
CA SER A 144 31.82 -8.39 11.57
C SER A 144 30.46 -9.00 11.89
N GLN A 145 30.00 -8.80 13.11
CA GLN A 145 28.71 -9.31 13.55
C GLN A 145 27.79 -8.13 13.79
N ARG A 146 26.67 -8.10 13.06
CA ARG A 146 25.68 -7.04 13.19
C ARG A 146 24.96 -7.08 14.53
N ILE A 147 24.91 -5.93 15.20
CA ILE A 147 24.28 -5.79 16.52
C ILE A 147 22.86 -5.22 16.49
N THR A 148 22.61 -4.26 15.60
CA THR A 148 21.28 -3.66 15.52
C THR A 148 20.77 -3.68 14.09
N TRP A 149 19.45 -3.69 13.92
CA TRP A 149 18.88 -3.77 12.58
C TRP A 149 17.85 -2.69 12.34
N THR A 150 17.73 -1.78 13.30
CA THR A 150 16.75 -0.70 13.23
C THR A 150 17.24 0.61 12.62
N GLY A 151 18.54 0.71 12.32
CA GLY A 151 19.08 1.92 11.75
C GLY A 151 18.33 2.40 10.54
N LYS A 152 18.04 3.70 10.49
CA LYS A 152 17.28 4.29 9.39
C LYS A 152 17.61 5.76 9.29
N GLU A 153 18.11 6.17 8.12
CA GLU A 153 18.50 7.55 7.90
C GLU A 153 17.42 8.54 8.35
N ASN A 154 17.83 9.51 9.15
CA ASN A 154 16.96 10.56 9.69
C ASN A 154 15.86 10.05 10.59
N VAL A 155 15.95 8.80 11.04
CA VAL A 155 14.89 8.31 11.90
C VAL A 155 15.44 7.62 13.15
N ILE A 156 16.20 6.55 12.93
CA ILE A 156 16.76 5.75 14.02
C ILE A 156 18.27 5.72 13.96
N TYR A 157 18.90 6.15 15.04
CA TYR A 157 20.34 6.18 15.13
C TYR A 157 20.83 5.23 16.23
N ASN A 158 21.64 4.23 15.87
CA ASN A 158 22.17 3.30 16.89
C ASN A 158 23.66 3.48 17.01
N GLY A 159 24.15 3.86 18.19
CA GLY A 159 25.59 3.98 18.33
C GLY A 159 26.20 5.33 17.99
N VAL A 160 25.39 6.19 17.37
CA VAL A 160 25.80 7.56 17.05
C VAL A 160 24.63 8.49 17.40
N THR A 161 24.95 9.75 17.68
CA THR A 161 23.92 10.73 18.04
C THR A 161 23.15 11.31 16.86
N ASP A 162 21.98 11.86 17.15
CA ASP A 162 21.21 12.56 16.14
C ASP A 162 21.76 13.99 16.20
N TRP A 163 21.18 14.93 15.43
CA TRP A 163 21.73 16.29 15.41
C TRP A 163 21.84 16.97 16.77
N VAL A 164 20.74 17.01 17.52
CA VAL A 164 20.76 17.74 18.78
C VAL A 164 21.62 17.09 19.87
N TYR A 165 21.66 15.75 19.94
CA TYR A 165 22.52 15.16 20.96
C TYR A 165 23.96 15.44 20.61
N GLU A 166 24.26 15.43 19.32
CA GLU A 166 25.64 15.70 18.92
C GLU A 166 26.11 17.09 19.32
N GLU A 167 25.31 18.09 18.96
CA GLU A 167 25.69 19.45 19.23
C GLU A 167 25.52 19.91 20.67
N GLU A 168 24.39 19.56 21.29
CA GLU A 168 24.08 20.08 22.62
C GLU A 168 24.23 19.19 23.84
N VAL A 169 24.19 17.88 23.65
CA VAL A 169 24.27 16.99 24.81
C VAL A 169 25.62 16.32 25.00
N PHE A 170 26.07 15.56 24.00
CA PHE A 170 27.33 14.83 24.04
C PHE A 170 28.55 15.61 23.53
N SER A 171 28.34 16.60 22.68
CA SER A 171 29.47 17.32 22.08
C SER A 171 30.33 16.24 21.44
N ALA A 172 29.66 15.28 20.79
CA ALA A 172 30.32 14.17 20.15
C ALA A 172 29.33 13.40 19.30
N TYR A 173 29.83 12.67 18.32
CA TYR A 173 28.99 11.90 17.42
C TYR A 173 28.84 10.48 17.94
N SER A 174 29.82 10.04 18.71
CA SER A 174 29.83 8.70 19.26
C SER A 174 28.81 8.46 20.39
N ALA A 175 28.19 7.27 20.37
CA ALA A 175 27.25 6.88 21.41
C ALA A 175 27.43 5.36 21.64
N LEU A 176 28.70 4.95 21.74
CA LEU A 176 29.11 3.56 21.99
C LEU A 176 30.13 3.65 23.10
N TRP A 177 30.02 2.76 24.08
CA TRP A 177 30.96 2.76 25.20
C TRP A 177 31.34 1.32 25.55
N TRP A 178 32.55 0.90 25.19
CA TRP A 178 33.02 -0.45 25.53
C TRP A 178 33.26 -0.50 27.05
N SER A 179 33.07 -1.67 27.67
CA SER A 179 33.36 -1.82 29.10
C SER A 179 34.88 -1.97 29.22
N PRO A 180 35.42 -1.71 30.43
CA PRO A 180 36.87 -1.79 30.68
C PRO A 180 37.63 -2.96 30.07
N ASN A 181 37.05 -4.14 30.16
CA ASN A 181 37.69 -5.32 29.60
C ASN A 181 37.03 -5.86 28.34
N GLY A 182 36.22 -5.02 27.72
CA GLY A 182 35.57 -5.39 26.47
C GLY A 182 34.51 -6.47 26.49
N THR A 183 34.02 -6.86 27.66
CA THR A 183 32.96 -7.87 27.77
C THR A 183 31.65 -7.31 27.22
N PHE A 184 31.36 -6.09 27.66
CA PHE A 184 30.12 -5.42 27.26
C PHE A 184 30.35 -4.21 26.35
N LEU A 185 29.36 -3.97 25.48
CA LEU A 185 29.38 -2.80 24.61
C LEU A 185 28.07 -2.06 24.90
N ALA A 186 28.18 -0.86 25.47
CA ALA A 186 26.98 -0.09 25.76
C ALA A 186 26.75 0.88 24.60
N TYR A 187 25.49 1.13 24.26
CA TYR A 187 25.21 2.10 23.19
C TYR A 187 23.85 2.76 23.41
N ALA A 188 23.65 3.92 22.80
CA ALA A 188 22.36 4.58 22.91
C ALA A 188 21.72 4.52 21.55
N GLN A 189 20.39 4.49 21.53
CA GLN A 189 19.65 4.48 20.27
C GLN A 189 18.79 5.73 20.32
N PHE A 190 18.87 6.55 19.28
CA PHE A 190 18.06 7.75 19.22
C PHE A 190 16.94 7.61 18.19
N ASN A 191 15.75 7.96 18.61
CA ASN A 191 14.57 7.85 17.77
C ASN A 191 14.04 9.26 17.47
N ASP A 192 14.22 9.71 16.22
CA ASP A 192 13.76 11.05 15.81
C ASP A 192 12.44 11.03 15.04
N THR A 193 11.68 9.94 15.12
CA THR A 193 10.42 9.82 14.37
C THR A 193 9.50 11.03 14.41
N GLU A 194 9.28 11.59 15.58
CA GLU A 194 8.38 12.72 15.70
C GLU A 194 9.00 14.10 15.71
N VAL A 195 10.30 14.19 15.47
CA VAL A 195 11.01 15.47 15.49
C VAL A 195 10.84 16.13 14.12
N PRO A 196 10.34 17.37 14.10
CA PRO A 196 10.14 18.07 12.83
C PRO A 196 11.47 18.26 12.11
N LEU A 197 11.41 18.41 10.79
CA LEU A 197 12.61 18.57 9.99
C LEU A 197 12.87 20.03 9.64
N ILE A 198 14.12 20.46 9.75
CA ILE A 198 14.46 21.79 9.26
C ILE A 198 14.84 21.44 7.82
N GLU A 199 14.45 22.27 6.87
CA GLU A 199 14.80 22.00 5.49
C GLU A 199 15.40 23.28 4.91
N TYR A 200 16.42 23.15 4.08
CA TYR A 200 17.03 24.32 3.46
C TYR A 200 17.72 23.84 2.19
N SER A 201 17.89 24.76 1.24
CA SER A 201 18.52 24.42 -0.03
C SER A 201 20.03 24.32 0.10
N PHE A 202 20.61 23.37 -0.64
CA PHE A 202 22.06 23.23 -0.72
C PHE A 202 22.28 23.29 -2.24
N TYR A 203 23.15 24.19 -2.67
CA TYR A 203 23.32 24.40 -4.10
C TYR A 203 24.31 23.51 -4.80
N SER A 204 25.35 23.12 -4.06
CA SER A 204 26.41 22.25 -4.52
C SER A 204 27.20 22.87 -5.66
N ASP A 205 27.98 22.05 -6.36
CA ASP A 205 28.79 22.52 -7.47
C ASP A 205 27.92 23.19 -8.54
N GLU A 206 28.50 24.19 -9.19
CA GLU A 206 27.84 24.96 -10.24
C GLU A 206 27.21 24.05 -11.32
N SER A 207 27.73 22.84 -11.46
CA SER A 207 27.16 21.92 -12.45
C SER A 207 25.78 21.34 -12.09
N LEU A 208 25.43 21.34 -10.81
CA LEU A 208 24.16 20.75 -10.36
C LEU A 208 23.02 21.62 -10.88
N GLN A 209 22.19 21.09 -11.78
CA GLN A 209 21.14 21.90 -12.37
C GLN A 209 20.00 22.31 -11.40
N TYR A 210 19.61 21.42 -10.50
CA TYR A 210 18.57 21.69 -9.52
C TYR A 210 19.14 21.58 -8.12
N PRO A 211 18.90 22.59 -7.27
CA PRO A 211 19.41 22.56 -5.91
C PRO A 211 18.81 21.36 -5.17
N LYS A 212 19.50 20.93 -4.12
CA LYS A 212 19.07 19.82 -3.29
C LYS A 212 18.41 20.41 -2.05
N THR A 213 17.48 19.68 -1.44
CA THR A 213 16.90 20.19 -0.20
C THR A 213 17.42 19.29 0.93
N VAL A 214 18.14 19.88 1.89
CA VAL A 214 18.67 19.12 3.01
C VAL A 214 17.57 19.06 4.05
N ARG A 215 17.39 17.90 4.69
CA ARG A 215 16.37 17.72 5.70
C ARG A 215 17.01 17.09 6.93
N ILE A 216 16.84 17.73 8.08
CA ILE A 216 17.45 17.22 9.31
C ILE A 216 16.44 17.27 10.42
N PRO A 217 16.30 16.17 11.20
CA PRO A 217 15.34 16.18 12.33
C PRO A 217 16.02 17.11 13.32
N TYR A 218 15.39 18.25 13.59
CA TYR A 218 15.96 19.27 14.46
C TYR A 218 14.80 19.84 15.28
N PRO A 219 14.83 19.59 16.60
CA PRO A 219 13.76 20.09 17.48
C PRO A 219 14.03 21.53 17.90
N LYS A 220 13.14 22.43 17.49
CA LYS A 220 13.28 23.84 17.88
C LYS A 220 12.61 23.96 19.26
N ALA A 221 12.76 25.11 19.92
CA ALA A 221 12.24 25.30 21.26
C ALA A 221 10.80 24.86 21.42
N GLY A 222 10.56 23.95 22.38
CA GLY A 222 9.21 23.47 22.61
C GLY A 222 8.71 22.37 21.69
N ALA A 223 9.49 22.00 20.67
CA ALA A 223 9.02 20.98 19.73
C ALA A 223 9.22 19.56 20.26
N GLU A 224 8.70 18.57 19.54
CA GLU A 224 8.86 17.18 19.95
C GLU A 224 10.36 16.86 19.87
N ASN A 225 10.88 16.24 20.91
CA ASN A 225 12.29 15.86 20.99
C ASN A 225 12.58 14.41 20.64
N PRO A 226 13.84 14.10 20.33
CA PRO A 226 14.13 12.70 20.04
C PRO A 226 13.98 11.93 21.37
N THR A 227 13.73 10.64 21.30
CA THR A 227 13.66 9.82 22.51
C THR A 227 14.91 8.96 22.49
N VAL A 228 15.34 8.49 23.66
CA VAL A 228 16.55 7.71 23.77
C VAL A 228 16.33 6.40 24.55
N LYS A 229 17.10 5.39 24.18
CA LYS A 229 17.09 4.08 24.85
C LYS A 229 18.56 3.74 25.01
N PHE A 230 18.92 3.21 26.18
CA PHE A 230 20.30 2.86 26.47
C PHE A 230 20.37 1.35 26.67
N PHE A 231 21.28 0.69 25.95
CA PHE A 231 21.42 -0.74 26.05
C PHE A 231 22.84 -1.15 26.38
N VAL A 232 22.97 -2.31 27.01
CA VAL A 232 24.27 -2.87 27.32
C VAL A 232 24.26 -4.23 26.65
N VAL A 233 25.16 -4.44 25.70
CA VAL A 233 25.25 -5.70 24.97
C VAL A 233 26.36 -6.59 25.53
N ASP A 234 26.03 -7.86 25.76
CA ASP A 234 27.02 -8.83 26.26
C ASP A 234 27.62 -9.38 24.97
N THR A 235 28.85 -9.00 24.67
CA THR A 235 29.51 -9.43 23.44
C THR A 235 30.03 -10.87 23.46
N ARG A 236 29.97 -11.51 24.62
CA ARG A 236 30.47 -12.88 24.71
C ARG A 236 29.67 -13.86 23.87
N THR A 237 28.38 -13.58 23.69
CA THR A 237 27.51 -14.49 22.96
C THR A 237 27.34 -14.17 21.46
N LEU A 238 28.00 -13.12 21.00
CA LEU A 238 27.91 -12.72 19.59
C LEU A 238 28.34 -13.86 18.70
N SER A 239 27.43 -14.29 17.83
CA SER A 239 27.73 -15.39 16.92
C SER A 239 26.75 -15.26 15.76
N PRO A 240 27.14 -15.68 14.55
CA PRO A 240 26.19 -15.54 13.44
C PRO A 240 24.85 -16.22 13.63
N ASN A 241 24.83 -17.34 14.34
CA ASN A 241 23.58 -18.09 14.57
C ASN A 241 22.92 -17.78 15.91
N ALA A 242 23.42 -16.75 16.60
CA ALA A 242 22.86 -16.37 17.89
C ALA A 242 22.22 -15.00 17.80
N SER A 243 21.24 -14.78 18.67
CA SER A 243 20.58 -13.48 18.75
C SER A 243 21.54 -12.62 19.56
N VAL A 244 21.21 -11.34 19.73
CA VAL A 244 22.06 -10.49 20.52
C VAL A 244 21.53 -10.47 21.96
N THR A 245 22.45 -10.58 22.91
CA THR A 245 22.08 -10.54 24.32
C THR A 245 22.28 -9.11 24.78
N SER A 246 21.19 -8.46 25.11
CA SER A 246 21.27 -7.09 25.58
C SER A 246 20.19 -6.78 26.60
N TYR A 247 20.48 -5.74 27.36
CA TYR A 247 19.61 -5.28 28.42
C TYR A 247 19.45 -3.78 28.32
N GLN A 248 18.21 -3.30 28.35
CA GLN A 248 17.95 -1.87 28.30
C GLN A 248 17.87 -1.36 29.71
N ILE A 249 18.65 -0.31 30.01
CA ILE A 249 18.65 0.32 31.32
C ILE A 249 17.82 1.59 31.16
N VAL A 250 16.80 1.74 32.01
CA VAL A 250 15.95 2.92 31.92
C VAL A 250 16.29 3.92 33.03
N PRO A 251 16.01 5.21 32.80
CA PRO A 251 16.35 6.15 33.87
C PRO A 251 15.48 5.93 35.10
N PRO A 252 15.92 6.46 36.24
CA PRO A 252 15.15 6.34 37.48
C PRO A 252 13.77 6.94 37.28
N ALA A 253 12.81 6.51 38.11
CA ALA A 253 11.43 6.98 38.02
C ALA A 253 11.21 8.49 37.99
N SER A 254 12.02 9.23 38.75
CA SER A 254 11.87 10.68 38.82
C SER A 254 12.23 11.39 37.50
N VAL A 255 12.87 10.66 36.59
CA VAL A 255 13.25 11.20 35.29
C VAL A 255 12.44 10.51 34.19
N LEU A 256 12.26 9.19 34.32
CA LEU A 256 11.49 8.40 33.37
C LEU A 256 10.07 8.96 33.22
N ILE A 257 9.66 9.71 34.23
CA ILE A 257 8.33 10.32 34.30
C ILE A 257 7.96 11.28 33.17
N GLY A 258 8.95 11.90 32.54
CA GLY A 258 8.66 12.84 31.48
C GLY A 258 9.79 12.88 30.48
N ASP A 259 9.75 13.83 29.54
CA ASP A 259 10.81 13.94 28.55
C ASP A 259 12.12 14.06 29.30
N HIS A 260 13.16 13.45 28.75
CA HIS A 260 14.46 13.49 29.40
C HIS A 260 15.53 13.28 28.35
N TYR A 261 16.77 13.42 28.79
CA TYR A 261 17.96 13.20 27.97
C TYR A 261 18.94 12.32 28.74
N LEU A 262 19.71 11.53 27.99
CA LEU A 262 20.78 10.74 28.59
C LEU A 262 21.97 11.71 28.45
N CYS A 263 22.70 12.02 29.50
CA CYS A 263 23.79 12.95 29.24
C CYS A 263 25.18 12.49 29.57
N GLY A 264 25.30 11.32 30.18
CA GLY A 264 26.62 10.83 30.55
C GLY A 264 26.60 9.34 30.78
N VAL A 265 27.71 8.71 30.44
CA VAL A 265 27.88 7.26 30.60
C VAL A 265 29.32 7.05 31.03
N THR A 266 29.49 6.43 32.20
CA THR A 266 30.84 6.17 32.70
C THR A 266 30.94 4.74 33.20
N TRP A 267 31.85 3.97 32.59
CA TRP A 267 32.06 2.60 33.04
C TRP A 267 32.88 2.68 34.33
N VAL A 268 32.43 1.98 35.37
CA VAL A 268 33.13 2.01 36.65
C VAL A 268 34.04 0.77 36.80
N THR A 269 33.47 -0.40 36.57
CA THR A 269 34.23 -1.65 36.59
C THR A 269 33.55 -2.48 35.52
N GLU A 270 34.01 -3.72 35.31
CA GLU A 270 33.37 -4.56 34.31
C GLU A 270 31.94 -4.91 34.65
N GLU A 271 31.55 -4.68 35.90
CA GLU A 271 30.20 -5.03 36.30
C GLU A 271 29.40 -3.91 36.90
N ARG A 272 29.90 -2.70 36.76
CA ARG A 272 29.24 -1.51 37.29
C ARG A 272 29.33 -0.36 36.29
N ILE A 273 28.18 0.22 35.93
CA ILE A 273 28.20 1.34 34.99
C ILE A 273 27.42 2.51 35.57
N SER A 274 27.91 3.73 35.34
CA SER A 274 27.23 4.91 35.86
C SER A 274 26.57 5.66 34.70
N LEU A 275 25.25 5.88 34.82
CA LEU A 275 24.49 6.59 33.80
C LEU A 275 24.00 7.91 34.39
N GLN A 276 24.14 9.01 33.65
CA GLN A 276 23.69 10.29 34.15
C GLN A 276 22.58 10.79 33.22
N TRP A 277 21.40 11.00 33.82
CA TRP A 277 20.22 11.44 33.09
C TRP A 277 19.81 12.82 33.57
N ILE A 278 19.03 13.49 32.74
CA ILE A 278 18.58 14.82 33.11
C ILE A 278 17.21 15.05 32.52
N ARG A 279 16.34 15.72 33.27
CA ARG A 279 15.01 15.99 32.77
C ARG A 279 15.16 16.99 31.64
N ARG A 280 14.15 17.07 30.80
CA ARG A 280 14.17 18.01 29.68
C ARG A 280 14.35 19.46 30.17
N ALA A 281 13.79 19.78 31.34
CA ALA A 281 13.91 21.12 31.92
C ALA A 281 15.37 21.44 32.26
N GLN A 282 16.17 20.40 32.44
CA GLN A 282 17.61 20.51 32.72
C GLN A 282 18.02 21.21 34.03
N ASN A 283 17.15 21.14 35.03
CA ASN A 283 17.47 21.71 36.35
C ASN A 283 17.40 20.57 37.38
N TYR A 284 17.36 19.34 36.87
CA TYR A 284 17.28 18.16 37.72
C TYR A 284 17.94 17.00 37.00
N SER A 285 19.06 16.52 37.54
CA SER A 285 19.76 15.39 36.94
C SER A 285 19.96 14.30 37.99
N ILE A 286 20.23 13.09 37.54
CA ILE A 286 20.45 12.01 38.50
C ILE A 286 21.47 11.03 37.93
N ILE A 287 22.36 10.56 38.81
CA ILE A 287 23.35 9.57 38.43
C ILE A 287 22.78 8.24 38.95
N ASP A 288 22.76 7.23 38.10
CA ASP A 288 22.22 5.93 38.46
C ASP A 288 23.32 4.90 38.22
N ILE A 289 23.79 4.27 39.31
CA ILE A 289 24.87 3.32 39.25
C ILE A 289 24.30 1.91 39.29
N CYS A 290 24.38 1.24 38.15
CA CYS A 290 23.80 -0.07 37.97
C CYS A 290 24.82 -1.19 38.02
N ASP A 291 24.45 -2.27 38.74
CA ASP A 291 25.32 -3.41 38.87
C ASP A 291 24.83 -4.61 38.09
N TYR A 292 25.76 -5.25 37.39
CA TYR A 292 25.46 -6.44 36.61
C TYR A 292 25.12 -7.61 37.53
N ASP A 293 24.00 -8.27 37.27
CA ASP A 293 23.59 -9.45 38.04
C ASP A 293 23.95 -10.67 37.22
N GLU A 294 25.03 -11.31 37.61
CA GLU A 294 25.54 -12.48 36.91
C GLU A 294 24.54 -13.58 36.61
N SER A 295 23.59 -13.80 37.50
CA SER A 295 22.61 -14.87 37.28
C SER A 295 21.54 -14.61 36.23
N THR A 296 21.20 -13.33 35.99
CA THR A 296 20.15 -12.97 35.03
C THR A 296 20.62 -12.09 33.87
N GLY A 297 21.84 -11.57 33.96
CA GLY A 297 22.35 -10.69 32.92
C GLY A 297 21.75 -9.30 32.99
N ARG A 298 20.92 -9.02 34.00
CA ARG A 298 20.32 -7.69 34.14
C ARG A 298 21.31 -6.72 34.78
N TRP A 299 21.05 -5.43 34.59
CA TRP A 299 21.87 -4.38 35.19
C TRP A 299 20.90 -3.74 36.18
N ILE A 300 21.22 -3.88 37.45
CA ILE A 300 20.32 -3.41 38.49
C ILE A 300 20.66 -2.08 39.12
N SER A 301 19.63 -1.28 39.31
CA SER A 301 19.80 0.02 39.94
C SER A 301 19.19 -0.08 41.35
N SER A 302 19.65 0.80 42.23
CA SER A 302 19.09 0.82 43.57
C SER A 302 19.07 2.26 44.03
N VAL A 303 18.03 2.61 44.79
CA VAL A 303 17.90 3.97 45.28
C VAL A 303 19.12 4.42 46.05
N ALA A 304 19.81 3.51 46.73
CA ALA A 304 20.99 3.87 47.51
C ALA A 304 22.14 4.30 46.62
N ARG A 305 22.13 3.84 45.38
CA ARG A 305 23.19 4.16 44.44
C ARG A 305 22.82 5.30 43.49
N GLN A 306 21.75 6.04 43.81
CA GLN A 306 21.35 7.15 42.95
C GLN A 306 21.74 8.48 43.60
N HIS A 307 22.21 9.42 42.77
CA HIS A 307 22.65 10.71 43.26
C HIS A 307 22.02 11.81 42.44
N ILE A 308 21.27 12.66 43.13
CA ILE A 308 20.53 13.73 42.51
C ILE A 308 21.25 15.06 42.55
N GLU A 309 21.12 15.84 41.48
CA GLU A 309 21.74 17.16 41.45
C GLU A 309 20.70 18.11 40.85
N ILE A 310 20.35 19.16 41.60
CA ILE A 310 19.35 20.09 41.12
C ILE A 310 19.79 21.53 41.23
N SER A 311 19.13 22.37 40.45
CA SER A 311 19.39 23.79 40.47
C SER A 311 18.05 24.52 40.56
N THR A 312 17.89 25.32 41.61
CA THR A 312 16.66 26.08 41.82
C THR A 312 16.75 27.46 41.21
N THR A 313 17.96 27.89 40.87
CA THR A 313 18.19 29.20 40.29
C THR A 313 18.64 29.20 38.84
N GLY A 314 18.84 28.02 38.28
CA GLY A 314 19.27 27.95 36.90
C GLY A 314 19.21 26.52 36.39
N TRP A 315 20.27 26.12 35.70
CA TRP A 315 20.39 24.79 35.12
C TRP A 315 21.53 24.05 35.85
N VAL A 316 21.59 22.73 35.64
CA VAL A 316 22.63 21.93 36.26
C VAL A 316 23.93 21.95 35.45
N GLY A 317 25.05 22.21 36.11
CA GLY A 317 26.32 22.23 35.40
C GLY A 317 26.61 23.46 34.55
N ARG A 318 27.70 23.43 33.81
CA ARG A 318 28.03 24.56 32.97
C ARG A 318 27.21 24.49 31.70
N PHE A 319 27.33 23.40 30.95
CA PHE A 319 26.53 23.20 29.74
C PHE A 319 25.74 21.90 29.91
N ARG A 320 26.22 21.08 30.83
CA ARG A 320 25.60 19.81 31.19
C ARG A 320 26.23 19.45 32.53
N PRO A 321 25.61 18.52 33.26
CA PRO A 321 26.23 18.20 34.55
C PRO A 321 27.64 17.65 34.36
N ALA A 322 28.50 17.91 35.35
CA ALA A 322 29.88 17.45 35.32
C ALA A 322 29.86 15.92 35.46
N GLU A 323 30.88 15.25 34.92
CA GLU A 323 30.97 13.80 34.96
C GLU A 323 31.61 13.30 36.26
N PRO A 324 31.16 12.14 36.75
CA PRO A 324 31.69 11.55 37.98
C PRO A 324 33.00 10.84 37.66
N HIS A 325 33.98 10.90 38.58
CA HIS A 325 35.26 10.22 38.36
C HIS A 325 35.40 9.22 39.49
N PHE A 326 35.22 7.94 39.14
CA PHE A 326 35.27 6.86 40.11
C PHE A 326 36.64 6.36 40.50
N THR A 327 36.71 5.77 41.68
CA THR A 327 37.95 5.19 42.18
C THR A 327 38.03 3.81 41.50
N SER A 328 39.23 3.24 41.43
CA SER A 328 39.46 1.93 40.82
C SER A 328 38.43 0.87 41.26
N ASP A 329 38.11 0.86 42.54
CA ASP A 329 37.16 -0.09 43.12
C ASP A 329 35.71 0.28 42.85
N GLY A 330 35.47 1.53 42.49
CA GLY A 330 34.12 1.98 42.20
C GLY A 330 33.25 2.19 43.42
N ASN A 331 33.84 2.22 44.61
CA ASN A 331 33.07 2.42 45.84
C ASN A 331 32.79 3.89 46.16
N SER A 332 33.47 4.79 45.46
CA SER A 332 33.24 6.22 45.65
C SER A 332 33.61 6.95 44.36
N PHE A 333 33.32 8.24 44.28
CA PHE A 333 33.65 9.02 43.10
C PHE A 333 33.75 10.49 43.48
N TYR A 334 34.37 11.26 42.60
CA TYR A 334 34.55 12.68 42.83
C TYR A 334 33.82 13.36 41.70
N LYS A 335 33.21 14.49 41.97
CA LYS A 335 32.48 15.19 40.94
C LYS A 335 32.30 16.65 41.28
N ILE A 336 32.43 17.50 40.26
CA ILE A 336 32.29 18.93 40.43
C ILE A 336 30.81 19.29 40.51
N ILE A 337 30.44 19.99 41.58
CA ILE A 337 29.06 20.45 41.75
C ILE A 337 29.14 21.84 42.39
N SER A 338 28.04 22.59 42.33
CA SER A 338 27.98 23.92 42.91
C SER A 338 27.98 23.93 44.44
N ASN A 339 28.84 24.79 44.98
CA ASN A 339 29.08 25.08 46.41
C ASN A 339 27.80 25.63 47.04
N GLU A 340 27.84 25.85 48.36
CA GLU A 340 26.71 26.43 49.06
C GLU A 340 26.77 27.90 48.64
N GLU A 341 27.96 28.33 48.23
CA GLU A 341 28.23 29.70 47.79
C GLU A 341 28.07 29.90 46.28
N GLY A 342 27.67 28.84 45.58
CA GLY A 342 27.50 28.95 44.15
C GLY A 342 28.73 28.67 43.30
N TYR A 343 29.85 28.31 43.93
CA TYR A 343 31.07 28.03 43.19
C TYR A 343 31.22 26.53 42.92
N LYS A 344 31.64 26.18 41.71
CA LYS A 344 31.82 24.78 41.31
C LYS A 344 33.08 24.20 41.93
N HIS A 345 32.89 23.20 42.79
CA HIS A 345 34.02 22.57 43.45
C HIS A 345 33.91 21.07 43.46
N ILE A 346 35.02 20.39 43.73
CA ILE A 346 35.01 18.94 43.76
C ILE A 346 34.39 18.36 45.04
N CYS A 347 33.38 17.50 44.88
CA CYS A 347 32.74 16.87 46.04
C CYS A 347 33.04 15.35 45.98
N HIS A 348 33.28 14.75 47.15
CA HIS A 348 33.57 13.33 47.22
C HIS A 348 32.30 12.60 47.64
N PHE A 349 31.87 11.65 46.81
CA PHE A 349 30.67 10.88 47.07
C PHE A 349 30.97 9.43 47.33
N GLN A 350 30.16 8.82 48.18
CA GLN A 350 30.26 7.40 48.44
C GLN A 350 29.24 6.88 47.46
N THR A 351 29.59 5.84 46.72
CA THR A 351 28.66 5.30 45.74
C THR A 351 27.29 4.96 46.29
N ASP A 352 27.22 4.52 47.53
CA ASP A 352 25.93 4.16 48.11
C ASP A 352 25.41 5.09 49.21
N LYS A 353 25.94 6.31 49.28
CA LYS A 353 25.52 7.31 50.27
C LYS A 353 25.12 8.58 49.55
N SER A 354 24.12 9.30 50.06
CA SER A 354 23.64 10.53 49.43
C SER A 354 24.43 11.81 49.72
N ASN A 355 25.03 11.90 50.90
CA ASN A 355 25.79 13.11 51.24
C ASN A 355 27.21 13.04 50.72
N CYS A 356 27.71 14.17 50.22
CA CYS A 356 29.08 14.18 49.74
C CYS A 356 29.85 15.17 50.59
N THR A 357 31.16 15.17 50.41
CA THR A 357 32.02 16.07 51.16
C THR A 357 32.90 16.84 50.19
N PHE A 358 32.84 18.16 50.25
CA PHE A 358 33.66 18.98 49.37
C PHE A 358 35.13 18.89 49.74
N ILE A 359 35.97 18.74 48.74
CA ILE A 359 37.40 18.65 48.98
C ILE A 359 38.13 19.92 48.55
N THR A 360 37.44 20.80 47.84
CA THR A 360 38.02 22.09 47.44
C THR A 360 36.96 23.14 47.76
N LYS A 361 37.40 24.38 47.95
CA LYS A 361 36.49 25.48 48.26
C LYS A 361 37.12 26.82 47.98
N GLY A 362 36.30 27.85 47.81
CA GLY A 362 36.86 29.18 47.57
C GLY A 362 36.15 29.95 46.48
N ALA A 363 36.39 31.26 46.43
CA ALA A 363 35.75 32.09 45.43
C ALA A 363 36.49 31.97 44.09
N TRP A 364 36.46 30.76 43.54
CA TRP A 364 37.07 30.39 42.27
C TRP A 364 36.49 29.03 41.92
N GLU A 365 36.80 28.50 40.75
CA GLU A 365 36.20 27.23 40.38
C GLU A 365 37.12 26.19 39.79
N VAL A 366 36.76 24.94 40.02
CA VAL A 366 37.49 23.82 39.46
C VAL A 366 36.87 23.69 38.06
N ILE A 367 37.71 23.62 37.04
CA ILE A 367 37.23 23.51 35.66
C ILE A 367 36.95 22.06 35.32
N GLY A 368 37.83 21.17 35.77
CA GLY A 368 37.65 19.76 35.49
C GLY A 368 38.63 18.89 36.26
N ILE A 369 38.23 17.64 36.47
CA ILE A 369 39.07 16.66 37.14
C ILE A 369 39.82 15.96 36.01
N GLU A 370 41.14 15.94 36.09
CA GLU A 370 41.97 15.36 35.03
C GLU A 370 42.46 13.94 35.24
N ALA A 371 42.74 13.59 36.48
CA ALA A 371 43.26 12.26 36.75
C ALA A 371 43.04 11.93 38.20
N LEU A 372 42.89 10.65 38.49
CA LEU A 372 42.66 10.22 39.84
C LEU A 372 43.45 8.95 40.08
N THR A 373 44.17 8.90 41.20
CA THR A 373 44.93 7.71 41.57
C THR A 373 44.44 7.41 42.98
N SER A 374 44.92 6.31 43.54
CA SER A 374 44.53 5.92 44.89
C SER A 374 44.95 6.95 45.92
N ASP A 375 45.89 7.82 45.59
CA ASP A 375 46.35 8.81 46.56
C ASP A 375 46.19 10.28 46.19
N TYR A 376 46.08 10.57 44.89
CA TYR A 376 45.92 11.95 44.48
C TYR A 376 44.83 12.17 43.43
N LEU A 377 44.39 13.41 43.35
CA LEU A 377 43.37 13.85 42.41
C LEU A 377 43.97 15.07 41.73
N TYR A 378 44.06 15.03 40.40
CA TYR A 378 44.61 16.14 39.65
C TYR A 378 43.45 16.88 39.01
N TYR A 379 43.45 18.20 39.13
CA TYR A 379 42.39 19.00 38.55
C TYR A 379 42.87 20.33 38.02
N ILE A 380 42.04 20.93 37.19
CA ILE A 380 42.33 22.22 36.61
C ILE A 380 41.39 23.25 37.25
N SER A 381 41.95 24.41 37.60
CA SER A 381 41.13 25.45 38.21
C SER A 381 41.68 26.82 37.88
N ASN A 382 40.87 27.85 38.12
CA ASN A 382 41.30 29.21 37.89
C ASN A 382 41.57 29.91 39.22
N GLU A 383 42.04 29.15 40.20
CA GLU A 383 42.32 29.73 41.51
C GLU A 383 43.50 30.71 41.48
N HIS A 384 44.54 30.35 40.75
CA HIS A 384 45.74 31.19 40.73
C HIS A 384 45.55 32.68 40.44
N LYS A 385 46.03 33.51 41.37
CA LYS A 385 45.94 34.96 41.24
C LYS A 385 44.53 35.50 41.16
N GLY A 386 43.56 34.66 41.51
CA GLY A 386 42.19 35.09 41.44
C GLY A 386 41.75 35.52 40.04
N MET A 387 42.38 35.00 38.99
CA MET A 387 41.92 35.41 37.67
C MET A 387 41.16 34.29 37.01
N PRO A 388 39.85 34.51 36.83
CA PRO A 388 39.02 33.49 36.21
C PRO A 388 39.41 33.09 34.80
N GLY A 389 40.16 33.94 34.09
CA GLY A 389 40.58 33.64 32.73
C GLY A 389 41.89 32.88 32.65
N GLY A 390 42.41 32.47 33.80
CA GLY A 390 43.65 31.71 33.81
C GLY A 390 43.33 30.28 34.15
N ARG A 391 44.25 29.36 33.89
CA ARG A 391 44.03 27.95 34.19
C ARG A 391 45.32 27.30 34.66
N ASN A 392 45.27 26.53 35.73
CA ASN A 392 46.45 25.85 36.24
C ASN A 392 46.16 24.43 36.71
N LEU A 393 47.18 23.57 36.68
CA LEU A 393 47.05 22.18 37.12
C LEU A 393 47.36 22.08 38.60
N TYR A 394 46.53 21.35 39.34
CA TYR A 394 46.70 21.17 40.78
C TYR A 394 46.59 19.72 41.20
N ARG A 395 47.22 19.40 42.32
CA ARG A 395 47.16 18.05 42.84
C ARG A 395 46.75 18.15 44.31
N ILE A 396 45.77 17.35 44.71
CA ILE A 396 45.29 17.35 46.08
C ILE A 396 45.38 15.91 46.65
N GLN A 397 45.87 15.78 47.87
CA GLN A 397 45.99 14.47 48.50
C GLN A 397 44.63 13.94 48.96
N LEU A 398 44.28 12.74 48.54
CA LEU A 398 42.97 12.18 48.88
C LEU A 398 42.70 11.93 50.37
N ASN A 399 43.76 11.85 51.17
CA ASN A 399 43.58 11.61 52.61
C ASN A 399 43.93 12.83 53.44
N ASP A 400 44.03 13.99 52.79
CA ASP A 400 44.33 15.25 53.46
C ASP A 400 44.13 16.43 52.49
N TYR A 401 42.91 16.96 52.45
CA TYR A 401 42.56 18.04 51.53
C TYR A 401 43.31 19.32 51.81
N THR A 402 44.12 19.32 52.87
CA THR A 402 44.91 20.47 53.23
C THR A 402 46.12 20.49 52.30
N LYS A 403 46.48 19.31 51.84
CA LYS A 403 47.62 19.15 50.96
C LYS A 403 47.21 19.24 49.51
N VAL A 404 47.35 20.45 48.96
CA VAL A 404 47.03 20.70 47.57
C VAL A 404 48.16 21.55 47.00
N THR A 405 48.81 21.02 45.98
CA THR A 405 49.92 21.73 45.37
C THR A 405 49.62 22.15 43.93
N CYS A 406 50.06 23.35 43.54
CA CYS A 406 49.84 23.79 42.17
C CYS A 406 51.08 23.36 41.38
N LEU A 407 50.89 22.49 40.40
CA LEU A 407 51.99 21.99 39.59
C LEU A 407 52.46 22.89 38.46
N SER A 408 51.60 23.80 37.99
CA SER A 408 51.98 24.66 36.87
C SER A 408 52.10 26.14 37.15
N CYS A 409 51.55 26.61 38.26
CA CYS A 409 51.58 28.02 38.61
C CYS A 409 52.92 28.70 38.42
N GLU A 410 53.97 28.12 39.01
CA GLU A 410 55.29 28.72 38.95
C GLU A 410 56.30 28.27 37.88
N LEU A 411 55.93 27.35 37.00
CA LEU A 411 56.86 26.88 35.97
C LEU A 411 57.40 27.99 35.07
N ASN A 412 56.52 28.85 34.60
CA ASN A 412 56.87 29.98 33.73
C ASN A 412 55.71 30.95 33.96
N PRO A 413 55.67 31.60 35.14
CA PRO A 413 54.61 32.55 35.53
C PRO A 413 54.19 33.68 34.58
N GLU A 414 55.12 34.32 33.89
CA GLU A 414 54.73 35.41 33.01
C GLU A 414 54.37 34.95 31.60
N ARG A 415 54.95 33.84 31.16
CA ARG A 415 54.66 33.31 29.82
C ARG A 415 53.48 32.35 29.81
N CYS A 416 53.25 31.70 30.95
CA CYS A 416 52.21 30.68 31.05
C CYS A 416 51.23 30.78 32.21
N GLN A 417 49.99 31.18 31.90
CA GLN A 417 48.96 31.31 32.93
C GLN A 417 47.69 30.55 32.55
N TYR A 418 47.71 29.88 31.41
CA TYR A 418 46.54 29.11 30.96
C TYR A 418 47.02 27.73 30.48
N TYR A 419 46.76 26.69 31.27
CA TYR A 419 47.20 25.32 30.97
C TYR A 419 46.10 24.29 30.86
N SER A 420 46.41 23.20 30.15
CA SER A 420 45.53 22.04 30.06
C SER A 420 46.59 20.95 30.24
N ALA A 421 46.19 19.72 30.54
CA ALA A 421 47.13 18.63 30.74
C ALA A 421 46.61 17.31 30.20
N SER A 422 47.54 16.38 30.00
CA SER A 422 47.21 15.04 29.53
C SER A 422 48.07 14.06 30.32
N PHE A 423 47.42 13.17 31.07
CA PHE A 423 48.11 12.18 31.91
C PHE A 423 48.26 10.78 31.28
N SER A 424 49.36 10.12 31.61
CA SER A 424 49.61 8.76 31.13
C SER A 424 48.64 7.88 31.90
N ASN A 425 48.55 6.59 31.54
CA ASN A 425 47.61 5.65 32.16
C ASN A 425 47.43 5.65 33.68
N LYS A 426 48.51 5.76 34.44
CA LYS A 426 48.37 5.76 35.90
C LYS A 426 48.89 7.09 36.45
N ALA A 427 48.64 8.17 35.73
CA ALA A 427 49.06 9.50 36.13
C ALA A 427 50.56 9.56 36.50
N LYS A 428 51.35 8.61 36.01
CA LYS A 428 52.77 8.59 36.31
C LYS A 428 53.48 9.75 35.63
N TYR A 429 52.95 10.15 34.48
CA TYR A 429 53.53 11.24 33.72
C TYR A 429 52.42 12.11 33.15
N TYR A 430 52.74 13.36 32.84
CA TYR A 430 51.76 14.25 32.25
C TYR A 430 52.39 15.32 31.37
N GLN A 431 51.71 15.60 30.27
CA GLN A 431 52.14 16.62 29.35
C GLN A 431 51.43 17.90 29.77
N LEU A 432 52.17 19.00 29.84
CA LEU A 432 51.56 20.28 30.17
C LEU A 432 51.48 21.07 28.89
N ARG A 433 50.33 21.69 28.69
CA ARG A 433 50.12 22.49 27.50
C ARG A 433 49.77 23.88 27.95
N CYS A 434 50.70 24.81 27.69
CA CYS A 434 50.55 26.22 28.02
C CYS A 434 50.11 26.94 26.78
N PHE A 435 48.96 27.61 26.85
CA PHE A 435 48.41 28.32 25.71
C PHE A 435 48.57 29.82 25.70
N GLY A 436 49.16 30.38 26.76
CA GLY A 436 49.33 31.83 26.80
C GLY A 436 49.56 32.34 28.21
N PRO A 437 49.73 33.65 28.40
CA PRO A 437 49.72 34.74 27.41
C PRO A 437 50.90 34.80 26.46
N GLY A 438 51.93 34.01 26.73
CA GLY A 438 53.09 34.02 25.86
C GLY A 438 52.89 33.00 24.74
N LEU A 439 53.90 32.79 23.92
CA LEU A 439 53.78 31.83 22.84
C LEU A 439 53.54 30.48 23.48
N PRO A 440 52.71 29.64 22.84
CA PRO A 440 52.42 28.32 23.42
C PRO A 440 53.68 27.51 23.73
N LEU A 441 53.62 26.75 24.82
CA LEU A 441 54.74 25.94 25.24
C LEU A 441 54.30 24.58 25.72
N TYR A 442 54.87 23.54 25.13
CA TYR A 442 54.52 22.16 25.49
C TYR A 442 55.70 21.51 26.20
N THR A 443 55.42 20.88 27.33
CA THR A 443 56.45 20.23 28.14
C THR A 443 56.01 18.89 28.70
N LEU A 444 56.99 18.06 29.07
CA LEU A 444 56.72 16.74 29.63
C LEU A 444 57.19 16.70 31.09
N HIS A 445 56.37 16.12 31.97
CA HIS A 445 56.70 16.05 33.39
C HIS A 445 56.43 14.69 33.98
N SER A 446 57.11 14.41 35.08
CA SER A 446 56.94 13.15 35.79
C SER A 446 56.18 13.47 37.07
N SER A 447 55.15 12.69 37.39
CA SER A 447 54.38 12.94 38.60
C SER A 447 55.19 12.74 39.88
N SER A 448 56.24 11.90 39.79
CA SER A 448 57.10 11.63 40.94
C SER A 448 57.48 12.87 41.74
N SER A 449 58.24 13.77 41.13
CA SER A 449 58.66 14.99 41.81
C SER A 449 58.29 16.24 41.02
N ASP A 450 57.46 16.06 40.00
CA ASP A 450 57.02 17.18 39.18
C ASP A 450 58.21 17.78 38.45
N LYS A 451 59.18 16.93 38.11
CA LYS A 451 60.37 17.37 37.39
C LYS A 451 59.97 17.82 35.98
N GLU A 452 60.53 18.96 35.56
CA GLU A 452 60.25 19.54 34.25
C GLU A 452 60.56 18.61 33.07
N LEU A 453 61.39 17.61 33.32
CA LEU A 453 61.78 16.62 32.32
C LEU A 453 62.32 17.14 30.99
N ARG A 454 61.46 17.74 30.17
CA ARG A 454 61.91 18.27 28.89
C ARG A 454 60.87 19.11 28.16
N VAL A 455 61.34 19.89 27.19
CA VAL A 455 60.48 20.74 26.36
C VAL A 455 60.13 19.96 25.09
N LEU A 456 58.86 19.96 24.71
CA LEU A 456 58.42 19.25 23.52
C LEU A 456 58.31 20.23 22.36
N GLU A 457 57.84 21.43 22.66
CA GLU A 457 57.67 22.46 21.66
C GLU A 457 57.62 23.79 22.38
N ASP A 458 58.50 24.70 22.01
CA ASP A 458 58.55 26.01 22.64
C ASP A 458 58.30 27.16 21.66
N ASN A 459 57.95 26.81 20.42
CA ASN A 459 57.68 27.81 19.41
C ASN A 459 58.79 28.84 19.19
N SER A 460 60.03 28.44 19.48
CA SER A 460 61.16 29.34 19.28
C SER A 460 61.17 29.92 17.87
N ALA A 461 60.73 29.13 16.90
CA ALA A 461 60.68 29.58 15.51
C ALA A 461 59.70 30.74 15.34
N LEU A 462 58.52 30.62 15.94
CA LEU A 462 57.52 31.69 15.83
C LEU A 462 58.04 32.93 16.52
N ASP A 463 58.63 32.72 17.70
CA ASP A 463 59.18 33.83 18.47
C ASP A 463 60.17 34.66 17.63
N LYS A 464 61.04 33.98 16.89
CA LYS A 464 62.01 34.65 16.05
C LYS A 464 61.34 35.52 14.99
N MET A 465 60.33 34.97 14.33
CA MET A 465 59.61 35.69 13.30
C MET A 465 58.86 36.92 13.83
N LEU A 466 58.26 36.77 15.00
CA LEU A 466 57.48 37.84 15.60
C LEU A 466 58.24 39.06 16.10
N GLN A 467 59.49 38.87 16.51
CA GLN A 467 60.27 39.99 17.01
C GLN A 467 60.48 41.02 15.90
N ASP A 468 60.11 40.66 14.68
CA ASP A 468 60.28 41.59 13.57
C ASP A 468 58.98 42.27 13.14
N VAL A 469 57.86 41.91 13.77
CA VAL A 469 56.58 42.51 13.40
C VAL A 469 56.03 43.38 14.53
N GLN A 470 55.42 44.51 14.19
CA GLN A 470 54.84 45.38 15.20
C GLN A 470 53.59 44.75 15.78
N MET A 471 53.79 43.89 16.76
CA MET A 471 52.69 43.20 17.40
C MET A 471 51.93 44.06 18.40
N PRO A 472 50.62 43.82 18.53
CA PRO A 472 49.83 44.61 19.47
C PRO A 472 50.01 43.98 20.85
N SER A 473 49.73 44.73 21.90
CA SER A 473 49.85 44.18 23.25
C SER A 473 48.44 43.89 23.76
N LYS A 474 48.30 42.79 24.48
CA LYS A 474 47.02 42.37 25.07
C LYS A 474 47.04 42.58 26.59
N LYS A 475 46.11 43.37 27.09
CA LYS A 475 46.03 43.64 28.53
C LYS A 475 44.68 43.21 29.10
N LEU A 476 44.70 42.64 30.31
CA LEU A 476 43.50 42.21 31.01
C LEU A 476 43.37 43.04 32.28
N ASP A 477 42.15 43.36 32.67
CA ASP A 477 41.95 44.16 33.87
C ASP A 477 40.50 44.00 34.29
N VAL A 478 40.10 44.75 35.31
CA VAL A 478 38.76 44.63 35.82
C VAL A 478 38.04 45.95 35.84
N ILE A 479 36.72 45.91 35.80
CA ILE A 479 35.90 47.10 35.90
C ILE A 479 34.73 46.74 36.80
N ASN A 480 34.19 47.73 37.48
CA ASN A 480 33.07 47.47 38.37
C ASN A 480 31.74 47.78 37.72
N LEU A 481 30.83 46.81 37.79
CA LEU A 481 29.49 46.96 37.26
C LEU A 481 28.52 46.55 38.36
N HIS A 482 27.61 47.45 38.70
CA HIS A 482 26.63 47.21 39.75
C HIS A 482 27.20 46.52 40.98
N GLY A 483 28.34 47.00 41.44
CA GLY A 483 28.97 46.43 42.62
C GLY A 483 29.74 45.14 42.41
N THR A 484 29.91 44.72 41.16
CA THR A 484 30.64 43.48 40.90
C THR A 484 31.83 43.74 39.99
N LYS A 485 32.92 43.04 40.25
CA LYS A 485 34.12 43.18 39.46
C LYS A 485 34.01 42.22 38.28
N PHE A 486 34.20 42.73 37.08
CA PHE A 486 34.14 41.87 35.92
C PHE A 486 35.40 42.09 35.12
N TRP A 487 35.81 41.06 34.39
CA TRP A 487 37.04 41.14 33.63
C TRP A 487 36.86 41.55 32.19
N TYR A 488 37.89 42.21 31.67
CA TYR A 488 37.88 42.63 30.28
C TYR A 488 39.30 42.54 29.78
N GLN A 489 39.46 42.57 28.46
CA GLN A 489 40.77 42.53 27.85
C GLN A 489 40.75 43.50 26.69
N MET A 490 41.91 44.06 26.39
CA MET A 490 42.04 44.99 25.27
C MET A 490 43.29 44.64 24.48
N ILE A 491 43.16 44.60 23.17
CA ILE A 491 44.30 44.32 22.29
C ILE A 491 44.61 45.75 21.84
N LEU A 492 45.77 46.27 22.21
CA LEU A 492 46.12 47.65 21.86
C LEU A 492 47.13 47.75 20.73
N PRO A 493 46.93 48.70 19.80
CA PRO A 493 47.86 48.86 18.67
C PRO A 493 49.29 49.14 19.14
N PRO A 494 50.29 48.75 18.33
CA PRO A 494 51.70 48.99 18.66
C PRO A 494 52.00 50.49 18.71
N HIS A 495 53.12 50.87 19.34
CA HIS A 495 53.49 52.28 19.46
C HIS A 495 52.27 53.10 19.83
N PHE A 496 51.54 52.63 20.83
CA PHE A 496 50.33 53.31 21.25
C PHE A 496 50.55 54.77 21.63
N ASP A 497 49.86 55.68 20.96
CA ASP A 497 49.98 57.11 21.24
C ASP A 497 48.81 57.60 22.10
N LYS A 498 49.06 57.76 23.39
CA LYS A 498 48.02 58.22 24.32
C LYS A 498 47.34 59.52 23.95
N SER A 499 47.98 60.33 23.10
CA SER A 499 47.39 61.62 22.71
C SER A 499 46.42 61.48 21.54
N LYS A 500 46.32 60.28 21.02
CA LYS A 500 45.45 60.01 19.89
C LYS A 500 44.17 59.30 20.35
N LYS A 501 43.08 59.47 19.61
CA LYS A 501 41.81 58.81 19.95
C LYS A 501 41.63 57.65 18.96
N TYR A 502 41.75 56.43 19.47
CA TYR A 502 41.62 55.24 18.62
C TYR A 502 40.21 54.69 18.53
N PRO A 503 39.81 54.23 17.33
CA PRO A 503 38.47 53.66 17.19
C PRO A 503 38.50 52.35 17.99
N LEU A 504 37.35 51.91 18.47
CA LEU A 504 37.26 50.73 19.33
C LEU A 504 36.29 49.71 18.76
N LEU A 505 36.70 48.45 18.75
CA LEU A 505 35.83 47.39 18.27
C LEU A 505 35.59 46.46 19.46
N ILE A 506 34.34 46.20 19.79
CA ILE A 506 34.05 45.28 20.88
C ILE A 506 33.77 43.95 20.18
N GLU A 507 34.48 42.90 20.57
CA GLU A 507 34.26 41.55 20.04
C GLU A 507 33.48 40.88 21.15
N VAL A 508 32.28 40.38 20.83
CA VAL A 508 31.48 39.79 21.89
C VAL A 508 30.99 38.37 21.64
N TYR A 509 30.82 37.62 22.72
CA TYR A 509 30.17 36.32 22.59
C TYR A 509 29.05 36.45 23.61
N ALA A 510 29.39 36.40 24.89
CA ALA A 510 28.42 36.60 25.97
C ALA A 510 27.33 35.56 26.18
N GLY A 511 27.48 34.38 25.61
CA GLY A 511 26.45 33.38 25.84
C GLY A 511 26.60 32.85 27.26
N PRO A 512 25.59 32.15 27.81
CA PRO A 512 25.67 31.60 29.17
C PRO A 512 26.90 30.68 29.36
N CYS A 513 27.66 30.97 30.43
CA CYS A 513 28.88 30.28 30.79
C CYS A 513 30.02 30.55 29.81
N SER A 514 29.88 31.59 29.00
CA SER A 514 30.92 31.95 28.05
C SER A 514 32.07 32.63 28.78
N GLN A 515 33.22 32.69 28.11
CA GLN A 515 34.40 33.38 28.63
C GLN A 515 35.18 33.87 27.44
N LYS A 516 35.09 35.18 27.18
CA LYS A 516 35.79 35.83 26.08
C LYS A 516 37.09 36.47 26.55
N VAL A 517 37.23 36.62 27.87
CA VAL A 517 38.44 37.22 28.44
C VAL A 517 39.32 36.14 29.08
N ASP A 518 40.46 35.85 28.47
CA ASP A 518 41.37 34.86 29.05
C ASP A 518 42.82 35.19 28.69
N THR A 519 43.76 34.40 29.19
CA THR A 519 45.15 34.70 28.90
C THR A 519 45.71 33.80 27.82
N VAL A 520 44.85 33.40 26.89
CA VAL A 520 45.29 32.53 25.79
C VAL A 520 45.90 33.41 24.71
N PHE A 521 46.99 32.91 24.13
CA PHE A 521 47.66 33.62 23.07
C PHE A 521 46.99 33.27 21.74
N ARG A 522 46.57 34.29 20.99
CA ARG A 522 45.92 34.10 19.68
C ARG A 522 46.41 35.07 18.58
N LEU A 523 46.64 34.54 17.39
CA LEU A 523 47.00 35.34 16.23
C LEU A 523 45.61 35.36 15.56
N SER A 524 44.87 36.44 15.78
CA SER A 524 43.50 36.53 15.28
C SER A 524 43.26 37.71 14.37
N TRP A 525 42.01 37.83 13.92
CA TRP A 525 41.60 38.95 13.09
C TRP A 525 41.87 40.25 13.86
N ALA A 526 41.60 40.21 15.16
CA ALA A 526 41.82 41.36 16.04
C ALA A 526 43.31 41.76 16.07
N THR A 527 44.19 40.78 15.98
CA THR A 527 45.63 41.07 15.99
C THR A 527 45.92 41.99 14.81
N TYR A 528 45.37 41.63 13.65
CA TYR A 528 45.53 42.43 12.46
C TYR A 528 44.87 43.80 12.64
N LEU A 529 43.67 43.83 13.19
CA LEU A 529 42.99 45.11 13.35
C LEU A 529 43.82 46.09 14.16
N ALA A 530 44.39 45.61 15.25
CA ALA A 530 45.19 46.48 16.11
C ALA A 530 46.55 46.80 15.50
N SER A 531 47.24 45.77 15.02
CA SER A 531 48.58 45.95 14.46
C SER A 531 48.63 46.78 13.18
N THR A 532 47.80 46.45 12.21
CA THR A 532 47.81 47.17 10.95
C THR A 532 46.83 48.33 10.86
N GLU A 533 45.62 48.16 11.38
CA GLU A 533 44.62 49.23 11.27
C GLU A 533 44.50 50.16 12.45
N ASN A 534 45.28 49.93 13.49
CA ASN A 534 45.22 50.79 14.67
C ASN A 534 43.86 50.90 15.32
N ILE A 535 43.19 49.75 15.42
CA ILE A 535 41.91 49.71 16.06
C ILE A 535 42.09 48.94 17.36
N ILE A 536 41.53 49.45 18.44
CA ILE A 536 41.60 48.77 19.71
C ILE A 536 40.44 47.75 19.74
N VAL A 537 40.74 46.49 20.04
CA VAL A 537 39.69 45.47 20.12
C VAL A 537 39.57 45.03 21.59
N ALA A 538 38.38 45.19 22.17
CA ALA A 538 38.15 44.83 23.56
C ALA A 538 37.07 43.78 23.72
N SER A 539 37.13 43.01 24.81
CA SER A 539 36.11 42.01 25.12
C SER A 539 35.82 42.11 26.60
N PHE A 540 34.60 41.78 26.97
CA PHE A 540 34.16 41.88 28.35
C PHE A 540 33.27 40.71 28.76
N ASP A 541 33.52 40.15 29.95
CA ASP A 541 32.67 39.07 30.43
C ASP A 541 31.77 39.63 31.54
N GLY A 542 30.48 39.76 31.26
CA GLY A 542 29.58 40.29 32.26
C GLY A 542 28.63 39.25 32.83
N ARG A 543 27.44 39.68 33.22
CA ARG A 543 26.49 38.74 33.77
C ARG A 543 26.19 37.63 32.77
N GLY A 544 26.11 36.42 33.28
CA GLY A 544 25.85 35.26 32.46
C GLY A 544 27.15 34.58 32.08
N SER A 545 28.28 35.26 32.25
CA SER A 545 29.55 34.63 31.87
C SER A 545 29.91 33.54 32.86
N GLY A 546 30.86 32.68 32.51
CA GLY A 546 31.16 31.58 33.41
C GLY A 546 32.45 31.59 34.17
N TYR A 547 32.66 30.53 34.95
CA TYR A 547 33.86 30.31 35.73
C TYR A 547 34.05 31.28 36.89
N GLN A 548 32.97 31.94 37.27
CA GLN A 548 32.99 32.92 38.35
C GLN A 548 31.87 32.67 39.36
N GLY A 549 31.33 31.46 39.38
CA GLY A 549 30.26 31.16 40.30
C GLY A 549 28.88 31.30 39.67
N ASP A 550 27.90 30.62 40.24
CA ASP A 550 26.53 30.66 39.73
C ASP A 550 25.81 31.99 39.83
N LYS A 551 26.14 32.78 40.84
CA LYS A 551 25.49 34.08 41.01
C LYS A 551 25.65 34.88 39.72
N ILE A 552 26.85 34.85 39.14
CA ILE A 552 27.09 35.57 37.91
C ILE A 552 26.56 34.80 36.69
N MET A 553 26.83 33.51 36.63
CA MET A 553 26.39 32.72 35.48
C MET A 553 24.87 32.61 35.38
N HIS A 554 24.20 32.37 36.50
CA HIS A 554 22.72 32.23 36.43
C HIS A 554 21.92 33.53 36.36
N ALA A 555 22.61 34.66 36.39
CA ALA A 555 21.94 35.95 36.34
C ALA A 555 21.02 36.09 35.12
N ILE A 556 21.37 35.45 34.02
CA ILE A 556 20.51 35.57 32.84
C ILE A 556 19.50 34.45 32.67
N ASN A 557 19.33 33.61 33.68
CA ASN A 557 18.37 32.50 33.60
C ASN A 557 17.00 33.03 33.25
N ARG A 558 16.37 32.37 32.29
CA ARG A 558 15.05 32.69 31.76
C ARG A 558 14.94 34.10 31.20
N ARG A 559 16.07 34.75 30.99
CA ARG A 559 16.04 36.10 30.45
C ARG A 559 17.21 36.39 29.53
N LEU A 560 17.45 35.51 28.57
CA LEU A 560 18.53 35.75 27.61
C LEU A 560 18.22 37.05 26.85
N GLY A 561 19.28 37.79 26.48
CA GLY A 561 19.09 39.02 25.75
C GLY A 561 18.90 40.24 26.62
N THR A 562 19.02 40.05 27.93
CA THR A 562 18.85 41.17 28.86
C THR A 562 20.14 41.62 29.51
N PHE A 563 20.47 41.05 30.67
CA PHE A 563 21.66 41.47 31.42
C PHE A 563 22.99 41.36 30.70
N GLU A 564 23.17 40.32 29.89
CA GLU A 564 24.46 40.20 29.19
C GLU A 564 24.57 41.27 28.11
N VAL A 565 23.45 41.66 27.54
CA VAL A 565 23.44 42.70 26.51
C VAL A 565 23.69 44.06 27.18
N GLU A 566 22.95 44.31 28.24
CA GLU A 566 23.09 45.56 28.99
C GLU A 566 24.50 45.75 29.54
N ASP A 567 25.14 44.66 29.97
CA ASP A 567 26.49 44.75 30.52
C ASP A 567 27.53 45.06 29.48
N GLN A 568 27.31 44.64 28.23
CA GLN A 568 28.25 44.97 27.17
C GLN A 568 28.15 46.49 26.92
N ILE A 569 26.94 47.03 26.94
CA ILE A 569 26.74 48.47 26.69
C ILE A 569 27.38 49.31 27.80
N GLU A 570 27.07 48.95 29.04
CA GLU A 570 27.62 49.65 30.20
C GLU A 570 29.13 49.58 30.27
N ALA A 571 29.70 48.40 30.00
CA ALA A 571 31.16 48.26 30.02
C ALA A 571 31.80 49.10 28.92
N THR A 572 31.19 49.10 27.73
CA THR A 572 31.73 49.86 26.61
C THR A 572 31.70 51.35 26.92
N ARG A 573 30.64 51.75 27.59
CA ARG A 573 30.46 53.14 28.00
C ARG A 573 31.65 53.51 28.90
N GLN A 574 31.99 52.64 29.83
CA GLN A 574 33.14 52.90 30.70
C GLN A 574 34.41 52.98 29.85
N PHE A 575 34.60 52.01 28.95
CA PHE A 575 35.79 52.02 28.08
C PHE A 575 35.86 53.32 27.25
N SER A 576 34.71 53.83 26.81
CA SER A 576 34.65 55.02 25.97
C SER A 576 35.16 56.28 26.68
N LYS A 577 35.16 56.26 28.01
CA LYS A 577 35.62 57.40 28.78
C LYS A 577 37.12 57.58 28.68
N MET A 578 37.85 56.51 28.40
CA MET A 578 39.29 56.61 28.30
C MET A 578 39.70 57.61 27.21
N GLY A 579 40.57 58.54 27.57
CA GLY A 579 41.01 59.55 26.63
C GLY A 579 41.56 59.06 25.31
N PHE A 580 42.05 57.82 25.27
CA PHE A 580 42.62 57.26 24.03
C PHE A 580 41.61 56.54 23.13
N VAL A 581 40.34 56.58 23.51
CA VAL A 581 39.29 55.93 22.71
C VAL A 581 38.46 57.00 22.00
N ASP A 582 38.25 56.81 20.70
CA ASP A 582 37.42 57.75 19.97
C ASP A 582 36.01 57.24 20.16
N ASP A 583 35.28 57.87 21.07
CA ASP A 583 33.92 57.47 21.38
C ASP A 583 32.94 57.65 20.23
N LYS A 584 33.35 58.40 19.20
CA LYS A 584 32.50 58.59 18.05
C LYS A 584 32.70 57.48 17.03
N ARG A 585 33.60 56.54 17.34
CA ARG A 585 33.88 55.42 16.46
C ARG A 585 34.01 54.11 17.24
N ILE A 586 32.88 53.63 17.73
CA ILE A 586 32.89 52.37 18.47
C ILE A 586 32.00 51.40 17.70
N ALA A 587 32.51 50.20 17.50
CA ALA A 587 31.76 49.18 16.77
C ALA A 587 31.68 47.95 17.64
N ILE A 588 30.83 47.01 17.24
CA ILE A 588 30.70 45.77 18.01
C ILE A 588 30.43 44.64 17.00
N TRP A 589 31.03 43.48 17.23
CA TRP A 589 30.78 42.35 16.35
C TRP A 589 30.78 41.04 17.10
N GLY A 590 30.14 40.04 16.51
CA GLY A 590 30.14 38.74 17.16
C GLY A 590 29.55 37.68 16.24
N TRP A 591 29.82 36.42 16.59
CA TRP A 591 29.37 35.26 15.81
C TRP A 591 28.44 34.40 16.69
N SER A 592 27.36 33.89 16.10
CA SER A 592 26.44 33.03 16.83
C SER A 592 25.76 33.73 18.02
N TYR A 593 25.99 33.29 19.25
CA TYR A 593 25.38 34.01 20.38
C TYR A 593 25.93 35.44 20.34
N GLY A 594 27.20 35.58 19.97
CA GLY A 594 27.77 36.91 19.86
C GLY A 594 27.11 37.74 18.77
N GLY A 595 26.56 37.09 17.74
CA GLY A 595 25.89 37.84 16.68
C GLY A 595 24.57 38.33 17.24
N TYR A 596 23.96 37.46 18.04
CA TYR A 596 22.70 37.81 18.70
C TYR A 596 22.92 39.04 19.63
N VAL A 597 23.95 38.99 20.46
CA VAL A 597 24.21 40.10 21.40
C VAL A 597 24.58 41.37 20.64
N THR A 598 25.39 41.22 19.59
CA THR A 598 25.75 42.37 18.78
C THR A 598 24.47 43.02 18.26
N SER A 599 23.55 42.19 17.78
CA SER A 599 22.32 42.73 17.22
C SER A 599 21.45 43.36 18.28
N MET A 600 21.33 42.69 19.42
CA MET A 600 20.53 43.25 20.51
C MET A 600 21.11 44.57 21.01
N VAL A 601 22.44 44.65 21.04
CA VAL A 601 23.13 45.87 21.48
C VAL A 601 22.87 46.98 20.48
N LEU A 602 22.97 46.66 19.19
CA LEU A 602 22.75 47.66 18.17
C LEU A 602 21.29 48.12 18.16
N GLY A 603 20.39 47.24 18.57
CA GLY A 603 18.98 47.62 18.61
C GLY A 603 18.54 48.21 19.94
N ALA A 604 19.51 48.44 20.84
CA ALA A 604 19.17 48.99 22.16
C ALA A 604 18.94 50.49 22.16
N GLY A 605 19.33 51.18 21.08
CA GLY A 605 19.17 52.62 21.01
C GLY A 605 20.01 53.33 22.08
N SER A 606 21.14 52.73 22.44
CA SER A 606 22.03 53.29 23.48
C SER A 606 22.79 54.52 23.03
N GLY A 607 23.03 54.62 21.73
CA GLY A 607 23.76 55.75 21.19
C GLY A 607 25.26 55.59 21.33
N VAL A 608 25.68 54.46 21.88
CA VAL A 608 27.10 54.17 22.10
C VAL A 608 27.83 53.64 20.89
N PHE A 609 27.15 52.81 20.12
CA PHE A 609 27.75 52.16 18.96
C PHE A 609 27.38 52.76 17.61
N LYS A 610 28.40 53.00 16.80
CA LYS A 610 28.19 53.56 15.48
C LYS A 610 27.78 52.48 14.46
N CYS A 611 28.36 51.29 14.59
CA CYS A 611 28.10 50.22 13.64
C CYS A 611 28.41 48.87 14.28
N GLY A 612 28.06 47.80 13.57
CA GLY A 612 28.34 46.47 14.09
C GLY A 612 28.08 45.42 13.04
N ILE A 613 28.62 44.24 13.29
CA ILE A 613 28.53 43.11 12.38
C ILE A 613 28.07 41.87 13.16
N ALA A 614 26.99 41.24 12.72
CA ALA A 614 26.47 40.03 13.34
C ALA A 614 26.69 38.88 12.35
N VAL A 615 27.38 37.84 12.78
CA VAL A 615 27.61 36.71 11.88
C VAL A 615 26.83 35.51 12.42
N ALA A 616 25.98 34.95 11.56
CA ALA A 616 25.15 33.80 11.89
C ALA A 616 24.50 33.95 13.27
N PRO A 617 23.79 35.07 13.49
CA PRO A 617 23.15 35.29 14.80
C PRO A 617 21.85 34.55 15.03
N VAL A 618 21.57 34.32 16.31
CA VAL A 618 20.28 33.79 16.68
C VAL A 618 19.50 35.11 16.64
N SER A 619 18.25 35.07 16.17
CA SER A 619 17.45 36.30 16.14
C SER A 619 16.18 36.14 16.98
N LYS A 620 15.81 34.88 17.21
CA LYS A 620 14.58 34.57 17.94
C LYS A 620 14.75 33.21 18.55
N TRP A 621 14.60 33.11 19.86
CA TRP A 621 14.86 31.83 20.53
C TRP A 621 13.99 30.68 20.10
N GLU A 622 12.75 30.95 19.68
CA GLU A 622 11.89 29.87 19.20
C GLU A 622 12.46 29.18 17.98
N TYR A 623 13.42 29.83 17.31
CA TYR A 623 14.03 29.23 16.11
C TYR A 623 15.23 28.34 16.43
N TYR A 624 15.76 28.43 17.65
CA TYR A 624 16.93 27.63 18.03
C TYR A 624 16.53 26.27 18.62
N ASP A 625 17.51 25.36 18.80
CA ASP A 625 17.15 24.02 19.27
C ASP A 625 16.65 23.97 20.71
N SER A 626 15.85 22.95 20.97
CA SER A 626 15.24 22.74 22.28
C SER A 626 16.18 22.59 23.46
N VAL A 627 17.20 21.75 23.29
CA VAL A 627 18.14 21.44 24.37
C VAL A 627 18.84 22.67 24.92
N TYR A 628 19.43 23.45 24.03
CA TYR A 628 20.13 24.67 24.44
C TYR A 628 19.14 25.74 24.89
N THR A 629 18.20 26.06 24.02
CA THR A 629 17.26 27.13 24.33
C THR A 629 16.47 26.93 25.62
N GLU A 630 15.89 25.75 25.79
CA GLU A 630 15.10 25.46 26.99
C GLU A 630 15.92 25.40 28.26
N ARG A 631 17.18 24.98 28.15
CA ARG A 631 18.03 24.94 29.34
C ARG A 631 18.07 26.31 30.01
N TYR A 632 18.12 27.37 29.19
CA TYR A 632 18.18 28.75 29.72
C TYR A 632 16.85 29.50 29.71
N MET A 633 15.90 29.06 28.91
CA MET A 633 14.66 29.83 28.79
C MET A 633 13.36 29.14 29.17
N GLY A 634 13.42 27.88 29.56
CA GLY A 634 12.18 27.18 29.86
C GLY A 634 11.43 26.99 28.56
N LEU A 635 10.11 26.75 28.64
CA LEU A 635 9.29 26.56 27.44
C LEU A 635 8.60 27.84 26.96
N PRO A 636 8.43 27.98 25.63
CA PRO A 636 7.78 29.16 25.05
C PRO A 636 6.25 29.05 25.09
N THR A 637 5.70 28.89 26.29
CA THR A 637 4.26 28.80 26.47
C THR A 637 3.81 29.82 27.49
N PRO A 638 2.55 30.26 27.42
CA PRO A 638 2.10 31.25 28.40
C PRO A 638 2.20 30.77 29.84
N GLU A 639 2.04 29.46 30.06
CA GLU A 639 2.15 28.92 31.42
C GLU A 639 3.60 28.95 31.90
N ASP A 640 4.54 29.13 30.99
CA ASP A 640 5.93 29.15 31.40
C ASP A 640 6.68 30.45 31.08
N ASN A 641 7.46 30.48 29.99
CA ASN A 641 8.24 31.70 29.71
C ASN A 641 8.00 32.39 28.37
N LEU A 642 6.85 32.17 27.74
CA LEU A 642 6.58 32.81 26.46
C LEU A 642 6.83 34.34 26.44
N ASP A 643 6.46 35.03 27.52
CA ASP A 643 6.65 36.47 27.56
C ASP A 643 8.11 36.92 27.35
N TYR A 644 9.06 36.18 27.92
CA TYR A 644 10.46 36.57 27.77
C TYR A 644 11.07 36.10 26.45
N TYR A 645 10.42 35.15 25.80
CA TYR A 645 10.84 34.67 24.47
C TYR A 645 10.42 35.77 23.49
N ARG A 646 9.22 36.31 23.72
CA ARG A 646 8.71 37.32 22.80
C ARG A 646 9.43 38.65 22.80
N ASN A 647 9.87 39.15 23.95
CA ASN A 647 10.52 40.44 23.92
C ASN A 647 12.04 40.36 23.90
N SER A 648 12.56 39.19 23.53
CA SER A 648 14.01 39.02 23.45
C SER A 648 14.42 38.74 21.99
N THR A 649 13.52 38.98 21.04
CA THR A 649 13.89 38.78 19.64
C THR A 649 14.62 40.05 19.18
N VAL A 650 15.47 39.91 18.17
CA VAL A 650 16.15 41.08 17.64
C VAL A 650 15.12 41.89 16.87
N MET A 651 14.20 41.21 16.19
CA MET A 651 13.17 41.89 15.41
C MET A 651 12.36 42.89 16.24
N SER A 652 12.16 42.58 17.52
CA SER A 652 11.40 43.51 18.34
C SER A 652 12.13 44.85 18.48
N ARG A 653 13.41 44.89 18.10
CA ARG A 653 14.19 46.12 18.22
C ARG A 653 14.51 46.79 16.89
N ALA A 654 13.86 46.32 15.84
CA ALA A 654 14.07 46.80 14.49
C ALA A 654 14.20 48.31 14.29
N GLU A 655 13.25 49.06 14.85
CA GLU A 655 13.25 50.50 14.67
C GLU A 655 14.54 51.16 15.11
N ASN A 656 15.14 50.66 16.18
CA ASN A 656 16.38 51.28 16.67
C ASN A 656 17.58 51.10 15.74
N PHE A 657 17.48 50.21 14.75
CA PHE A 657 18.61 50.04 13.84
C PHE A 657 18.75 51.21 12.89
N LYS A 658 17.77 52.10 12.85
CA LYS A 658 17.89 53.26 11.98
C LYS A 658 19.05 54.15 12.46
N GLN A 659 19.45 53.96 13.71
CA GLN A 659 20.53 54.75 14.33
C GLN A 659 21.94 54.24 14.05
N VAL A 660 22.07 53.05 13.47
CA VAL A 660 23.40 52.47 13.24
C VAL A 660 23.62 51.92 11.84
N GLU A 661 24.86 51.56 11.53
CA GLU A 661 25.21 50.93 10.26
C GLU A 661 25.33 49.46 10.68
N TYR A 662 24.64 48.57 9.98
CA TYR A 662 24.62 47.15 10.36
C TYR A 662 24.96 46.24 9.19
N LEU A 663 25.74 45.19 9.45
CA LEU A 663 26.13 44.20 8.44
C LEU A 663 25.70 42.87 9.02
N LEU A 664 24.77 42.21 8.33
CA LEU A 664 24.25 40.90 8.74
C LEU A 664 24.81 39.84 7.78
N ILE A 665 25.50 38.83 8.33
CA ILE A 665 26.13 37.80 7.54
C ILE A 665 25.65 36.41 7.94
N HIS A 666 25.40 35.55 6.98
CA HIS A 666 24.96 34.20 7.34
C HIS A 666 25.22 33.19 6.22
N GLY A 667 25.63 31.98 6.61
CA GLY A 667 25.85 30.91 5.65
C GLY A 667 24.52 30.25 5.35
N THR A 668 24.23 30.00 4.07
CA THR A 668 22.94 29.46 3.69
C THR A 668 22.72 28.01 4.11
N ALA A 669 23.82 27.29 4.35
CA ALA A 669 23.75 25.89 4.76
C ALA A 669 24.03 25.72 6.24
N ASP A 670 23.72 26.74 7.04
CA ASP A 670 23.95 26.66 8.48
C ASP A 670 22.91 25.70 9.06
N ASP A 671 23.34 24.52 9.50
CA ASP A 671 22.42 23.51 10.07
C ASP A 671 22.16 23.78 11.56
N ASN A 672 22.94 24.68 12.14
CA ASN A 672 22.91 25.00 13.57
C ASN A 672 22.01 26.21 13.87
N VAL A 673 22.47 27.41 13.48
CA VAL A 673 21.63 28.61 13.59
C VAL A 673 21.15 28.74 12.13
N HIS A 674 19.90 28.38 11.90
CA HIS A 674 19.40 28.35 10.55
C HIS A 674 19.39 29.70 9.86
N PHE A 675 19.64 29.67 8.56
CA PHE A 675 19.65 30.89 7.74
C PHE A 675 18.34 31.61 8.00
N GLN A 676 17.31 30.81 8.25
CA GLN A 676 15.98 31.31 8.63
C GLN A 676 16.06 32.48 9.62
N GLN A 677 16.93 32.34 10.64
CA GLN A 677 17.04 33.36 11.68
C GLN A 677 17.39 34.72 11.07
N SER A 678 18.37 34.74 10.18
CA SER A 678 18.74 36.01 9.54
C SER A 678 17.74 36.43 8.49
N ALA A 679 17.09 35.47 7.83
CA ALA A 679 16.08 35.80 6.82
C ALA A 679 14.90 36.51 7.50
N GLN A 680 14.52 36.03 8.67
CA GLN A 680 13.41 36.67 9.39
C GLN A 680 13.82 38.02 9.96
N LEU A 681 15.08 38.13 10.39
CA LEU A 681 15.57 39.40 10.93
C LEU A 681 15.63 40.45 9.82
N SER A 682 16.18 40.10 8.65
CA SER A 682 16.26 41.06 7.56
C SER A 682 14.87 41.50 7.13
N LYS A 683 13.94 40.55 7.11
CA LYS A 683 12.58 40.86 6.71
C LYS A 683 11.93 41.89 7.66
N ALA A 684 12.20 41.76 8.97
CA ALA A 684 11.66 42.72 9.95
C ALA A 684 12.27 44.11 9.77
N LEU A 685 13.57 44.15 9.50
CA LEU A 685 14.26 45.41 9.27
C LEU A 685 13.70 46.05 7.98
N VAL A 686 13.49 45.24 6.95
CA VAL A 686 12.92 45.79 5.70
C VAL A 686 11.53 46.34 6.03
N ASP A 687 10.76 45.60 6.81
CA ASP A 687 9.42 46.02 7.19
C ASP A 687 9.42 47.33 7.97
N ALA A 688 10.48 47.57 8.73
CA ALA A 688 10.58 48.79 9.54
C ALA A 688 11.20 49.96 8.77
N GLY A 689 11.52 49.74 7.50
CA GLY A 689 12.12 50.80 6.69
C GLY A 689 13.56 51.15 7.07
N VAL A 690 14.25 50.14 7.60
CA VAL A 690 15.63 50.30 8.06
C VAL A 690 16.61 49.82 7.02
N ASP A 691 17.59 50.65 6.66
CA ASP A 691 18.58 50.20 5.69
C ASP A 691 19.74 49.53 6.42
N PHE A 692 20.34 48.54 5.77
CA PHE A 692 21.45 47.80 6.33
C PHE A 692 22.09 47.01 5.20
N GLN A 693 23.18 46.31 5.52
CA GLN A 693 23.88 45.50 4.53
C GLN A 693 23.83 44.03 4.95
N THR A 694 23.92 43.14 3.98
CA THR A 694 23.93 41.70 4.26
C THR A 694 25.00 41.07 3.40
N MET A 695 25.27 39.80 3.69
CA MET A 695 26.18 39.00 2.90
C MET A 695 25.79 37.56 3.21
N TRP A 696 25.25 36.85 2.23
CA TRP A 696 24.94 35.46 2.45
C TRP A 696 26.21 34.74 1.95
N TYR A 697 26.46 33.56 2.48
CA TYR A 697 27.58 32.74 2.00
C TYR A 697 26.99 31.42 1.56
N THR A 698 26.88 31.25 0.25
CA THR A 698 26.30 30.06 -0.35
C THR A 698 26.98 28.77 0.08
N ASP A 699 26.17 27.87 0.61
CA ASP A 699 26.58 26.52 1.05
C ASP A 699 27.55 26.42 2.21
N GLU A 700 27.82 27.54 2.87
CA GLU A 700 28.71 27.55 4.03
C GLU A 700 27.85 27.23 5.25
N ASP A 701 28.42 26.59 6.26
CA ASP A 701 27.64 26.26 7.43
C ASP A 701 27.90 27.23 8.57
N HIS A 702 27.73 26.77 9.79
CA HIS A 702 27.87 27.66 10.93
C HIS A 702 29.27 28.24 11.10
N GLY A 703 30.27 27.53 10.59
CA GLY A 703 31.64 28.00 10.71
C GLY A 703 32.16 28.87 9.55
N ILE A 704 31.43 28.93 8.43
CA ILE A 704 31.83 29.72 7.24
C ILE A 704 33.34 29.50 7.18
N ALA A 705 33.66 28.20 7.24
CA ALA A 705 35.02 27.71 7.35
C ALA A 705 35.79 27.24 6.14
N SER A 706 35.17 27.26 4.96
CA SER A 706 35.95 26.84 3.80
C SER A 706 37.06 27.87 3.60
N ASN A 707 38.18 27.44 3.00
CA ASN A 707 39.27 28.34 2.76
C ASN A 707 38.86 29.64 2.09
N MET A 708 38.15 29.58 0.97
CA MET A 708 37.81 30.84 0.34
C MET A 708 36.77 31.65 1.10
N ALA A 709 35.80 31.02 1.75
CA ALA A 709 34.79 31.80 2.47
C ALA A 709 35.40 32.46 3.71
N HIS A 710 36.31 31.75 4.37
CA HIS A 710 37.02 32.27 5.53
C HIS A 710 37.73 33.55 5.13
N GLN A 711 38.48 33.51 4.04
CA GLN A 711 39.20 34.70 3.62
C GLN A 711 38.22 35.80 3.21
N HIS A 712 37.16 35.42 2.50
CA HIS A 712 36.22 36.42 2.02
C HIS A 712 35.47 37.14 3.14
N ILE A 713 35.02 36.41 4.13
CA ILE A 713 34.26 37.06 5.20
C ILE A 713 35.08 38.06 6.02
N TYR A 714 36.31 37.69 6.39
CA TYR A 714 37.14 38.62 7.16
C TYR A 714 37.56 39.82 6.30
N THR A 715 37.77 39.58 5.01
CA THR A 715 38.12 40.68 4.12
C THR A 715 36.93 41.63 4.03
N HIS A 716 35.73 41.08 3.85
CA HIS A 716 34.52 41.89 3.76
C HIS A 716 34.25 42.66 5.07
N MET A 717 34.39 41.99 6.21
CA MET A 717 34.15 42.67 7.49
C MET A 717 35.19 43.76 7.69
N SER A 718 36.42 43.50 7.28
CA SER A 718 37.49 44.48 7.42
C SER A 718 37.15 45.77 6.66
N HIS A 719 36.66 45.63 5.44
CA HIS A 719 36.28 46.78 4.63
C HIS A 719 35.11 47.51 5.25
N PHE A 720 34.16 46.75 5.80
CA PHE A 720 33.00 47.37 6.44
C PHE A 720 33.47 48.22 7.61
N LEU A 721 34.34 47.67 8.45
CA LEU A 721 34.84 48.42 9.61
C LEU A 721 35.63 49.65 9.22
N LYS A 722 36.55 49.52 8.25
CA LYS A 722 37.34 50.67 7.83
C LYS A 722 36.41 51.77 7.32
N GLN A 723 35.38 51.37 6.58
CA GLN A 723 34.40 52.32 6.08
C GLN A 723 33.68 53.00 7.26
N CYS A 724 33.27 52.20 8.24
CA CYS A 724 32.59 52.75 9.40
C CYS A 724 33.50 53.70 10.18
N PHE A 725 34.78 53.38 10.23
CA PHE A 725 35.74 54.20 10.97
C PHE A 725 36.51 55.23 10.15
N SER A 726 36.10 55.43 8.90
CA SER A 726 36.77 56.38 8.02
C SER A 726 38.27 56.10 7.98
N LEU A 727 38.64 54.83 7.81
CA LEU A 727 40.03 54.43 7.75
C LEU A 727 40.39 54.11 6.31
N PRO A 728 41.48 54.72 5.79
CA PRO A 728 41.89 54.49 4.40
C PRO A 728 42.27 53.04 4.14
N SER B 1 14.56 78.27 -6.64
CA SER B 1 14.15 77.29 -5.60
C SER B 1 13.78 75.97 -6.26
N ARG B 2 12.48 75.68 -6.24
CA ARG B 2 11.92 74.46 -6.83
C ARG B 2 12.39 73.12 -6.30
N ARG B 3 11.41 72.33 -5.88
CA ARG B 3 11.62 71.00 -5.36
C ARG B 3 11.93 70.10 -6.54
N THR B 4 12.85 69.15 -6.35
CA THR B 4 13.17 68.21 -7.43
C THR B 4 12.28 66.98 -7.24
N TYR B 5 12.39 66.03 -8.15
CA TYR B 5 11.61 64.79 -8.07
C TYR B 5 12.46 63.93 -7.14
N THR B 6 11.97 63.68 -5.94
CA THR B 6 12.75 62.94 -4.95
C THR B 6 12.56 61.43 -4.93
N LEU B 7 13.44 60.73 -4.22
CA LEU B 7 13.30 59.27 -4.09
C LEU B 7 11.95 58.97 -3.45
N THR B 8 11.58 59.76 -2.45
CA THR B 8 10.30 59.59 -1.76
C THR B 8 9.13 59.84 -2.72
N ASP B 9 9.29 60.81 -3.62
CA ASP B 9 8.25 61.10 -4.61
C ASP B 9 8.00 59.83 -5.40
N TYR B 10 9.09 59.22 -5.86
CA TYR B 10 9.00 57.99 -6.61
C TYR B 10 8.42 56.87 -5.77
N LEU B 11 9.00 56.64 -4.60
CA LEU B 11 8.56 55.54 -3.74
C LEU B 11 7.14 55.61 -3.24
N LYS B 12 6.64 56.81 -2.96
CA LYS B 12 5.28 56.97 -2.45
C LYS B 12 4.28 57.31 -3.56
N SER B 13 4.77 57.48 -4.78
CA SER B 13 3.90 57.84 -5.91
C SER B 13 3.12 59.12 -5.61
N THR B 14 3.85 60.13 -5.17
CA THR B 14 3.22 61.40 -4.85
C THR B 14 2.64 62.06 -6.09
N PHE B 15 3.30 61.85 -7.23
CA PHE B 15 2.82 62.38 -8.51
C PHE B 15 2.10 61.25 -9.24
N ARG B 16 0.78 61.32 -9.25
CA ARG B 16 -0.05 60.27 -9.83
C ARG B 16 -0.42 60.41 -11.31
N VAL B 17 -0.01 59.42 -12.11
CA VAL B 17 -0.33 59.41 -13.54
C VAL B 17 -1.67 58.71 -13.65
N LYS B 18 -2.66 59.41 -14.21
CA LYS B 18 -3.99 58.86 -14.33
C LYS B 18 -4.19 58.15 -15.65
N PHE B 19 -5.18 57.27 -15.69
CA PHE B 19 -5.47 56.50 -16.89
C PHE B 19 -6.97 56.37 -17.04
N TYR B 20 -7.40 55.66 -18.06
CA TYR B 20 -8.82 55.49 -18.29
C TYR B 20 -9.09 54.09 -18.80
N THR B 21 -9.40 53.19 -17.87
CA THR B 21 -9.66 51.80 -18.21
C THR B 21 -11.14 51.55 -18.43
N LEU B 22 -11.50 51.13 -19.64
CA LEU B 22 -12.90 50.84 -19.93
C LEU B 22 -13.02 49.43 -20.46
N GLN B 23 -14.23 48.89 -20.43
CA GLN B 23 -14.51 47.54 -20.93
C GLN B 23 -15.64 47.64 -21.93
N TRP B 24 -15.33 47.49 -23.21
CA TRP B 24 -16.35 47.53 -24.25
C TRP B 24 -17.30 46.35 -24.05
N ILE B 25 -18.61 46.58 -24.07
CA ILE B 25 -19.57 45.49 -23.92
C ILE B 25 -20.50 45.35 -25.11
N SER B 26 -20.30 46.19 -26.12
CA SER B 26 -21.10 46.13 -27.35
C SER B 26 -20.39 46.96 -28.41
N ASP B 27 -21.07 47.21 -29.52
CA ASP B 27 -20.42 48.00 -30.56
C ASP B 27 -20.42 49.50 -30.25
N HIS B 28 -21.10 49.92 -29.18
CA HIS B 28 -21.12 51.36 -28.86
C HIS B 28 -21.23 51.72 -27.36
N GLU B 29 -21.07 50.73 -26.49
CA GLU B 29 -21.17 50.91 -25.04
C GLU B 29 -19.98 50.31 -24.32
N TYR B 30 -19.55 50.97 -23.25
CA TYR B 30 -18.46 50.46 -22.45
C TYR B 30 -18.77 50.75 -20.98
N LEU B 31 -18.27 49.88 -20.11
CA LEU B 31 -18.43 50.04 -18.67
C LEU B 31 -17.16 50.73 -18.21
N TYR B 32 -17.28 51.55 -17.18
CA TYR B 32 -16.16 52.28 -16.62
C TYR B 32 -16.42 52.46 -15.13
N LYS B 33 -15.40 52.20 -14.31
CA LYS B 33 -15.55 52.36 -12.86
C LYS B 33 -15.21 53.79 -12.50
N GLN B 34 -16.18 54.51 -11.92
CA GLN B 34 -15.99 55.91 -11.54
C GLN B 34 -16.50 56.14 -10.12
N GLU B 35 -15.61 56.55 -9.23
CA GLU B 35 -15.95 56.78 -7.83
C GLU B 35 -16.47 55.47 -7.26
N ASN B 36 -15.95 54.37 -7.78
CA ASN B 36 -16.33 53.02 -7.37
C ASN B 36 -17.70 52.56 -7.83
N ASN B 37 -18.33 53.36 -8.70
CA ASN B 37 -19.61 53.00 -9.28
C ASN B 37 -19.28 52.46 -10.66
N ILE B 38 -20.03 51.47 -11.14
CA ILE B 38 -19.79 50.97 -12.49
C ILE B 38 -20.78 51.77 -13.34
N LEU B 39 -20.25 52.55 -14.28
CA LEU B 39 -21.09 53.36 -15.16
C LEU B 39 -21.12 52.76 -16.55
N LEU B 40 -22.23 52.99 -17.26
CA LEU B 40 -22.40 52.50 -18.61
C LEU B 40 -22.40 53.71 -19.53
N PHE B 41 -21.40 53.79 -20.39
CA PHE B 41 -21.27 54.90 -21.32
C PHE B 41 -21.69 54.55 -22.73
N ASN B 42 -22.34 55.51 -23.38
CA ASN B 42 -22.78 55.34 -24.75
C ASN B 42 -21.86 56.20 -25.59
N ALA B 43 -21.10 55.56 -26.48
CA ALA B 43 -20.17 56.28 -27.35
C ALA B 43 -20.95 57.10 -28.39
N GLU B 44 -22.06 56.56 -28.88
CA GLU B 44 -22.87 57.24 -29.88
C GLU B 44 -23.21 58.69 -29.53
N TYR B 45 -23.49 58.97 -28.26
CA TYR B 45 -23.86 60.33 -27.85
C TYR B 45 -23.16 60.85 -26.60
N GLY B 46 -22.20 60.08 -26.07
CA GLY B 46 -21.49 60.53 -24.89
C GLY B 46 -22.26 60.46 -23.59
N ASN B 47 -23.54 60.08 -23.63
CA ASN B 47 -24.29 60.01 -22.39
C ASN B 47 -23.95 58.76 -21.56
N SER B 48 -24.24 58.83 -20.26
CA SER B 48 -23.93 57.75 -19.37
C SER B 48 -25.03 57.50 -18.35
N SER B 49 -25.01 56.33 -17.73
CA SER B 49 -25.98 55.96 -16.70
C SER B 49 -25.30 55.00 -15.71
N ILE B 50 -25.82 54.93 -14.50
CA ILE B 50 -25.24 54.06 -13.46
C ILE B 50 -25.62 52.61 -13.69
N PHE B 51 -24.60 51.75 -13.78
CA PHE B 51 -24.83 50.33 -14.00
C PHE B 51 -24.93 49.61 -12.66
N LEU B 52 -24.07 50.00 -11.73
CA LEU B 52 -24.07 49.43 -10.39
C LEU B 52 -23.60 50.54 -9.45
N GLU B 53 -24.45 50.88 -8.47
CA GLU B 53 -24.12 51.95 -7.52
C GLU B 53 -23.07 51.43 -6.55
N ASN B 54 -22.16 52.30 -6.12
CA ASN B 54 -21.17 51.82 -5.19
C ASN B 54 -21.73 51.40 -3.83
N SER B 55 -22.99 51.73 -3.55
CA SER B 55 -23.59 51.32 -2.28
C SER B 55 -23.55 49.80 -2.20
N THR B 56 -23.65 49.15 -3.35
CA THR B 56 -23.64 47.69 -3.42
C THR B 56 -22.35 47.10 -2.86
N PHE B 57 -21.22 47.71 -3.20
CA PHE B 57 -19.94 47.24 -2.68
C PHE B 57 -19.90 47.41 -1.17
N ASP B 58 -20.54 48.46 -0.67
CA ASP B 58 -20.56 48.71 0.77
C ASP B 58 -21.26 47.55 1.46
N GLU B 59 -22.25 46.99 0.79
CA GLU B 59 -23.06 45.90 1.32
C GLU B 59 -22.43 44.51 1.28
N LEU B 60 -21.38 44.32 0.50
CA LEU B 60 -20.75 43.01 0.37
C LEU B 60 -20.02 42.49 1.59
N GLY B 61 -19.36 43.37 2.33
CA GLY B 61 -18.67 42.91 3.52
C GLY B 61 -17.28 42.36 3.29
N TYR B 62 -16.64 42.84 2.23
CA TYR B 62 -15.26 42.44 1.91
C TYR B 62 -14.73 43.39 0.87
N SER B 63 -13.41 43.45 0.76
CA SER B 63 -12.77 44.31 -0.22
C SER B 63 -12.89 43.60 -1.55
N THR B 64 -13.62 44.20 -2.47
CA THR B 64 -13.77 43.61 -3.80
C THR B 64 -12.50 43.95 -4.58
N ASN B 65 -11.83 42.93 -5.07
CA ASN B 65 -10.61 43.13 -5.83
C ASN B 65 -10.88 43.39 -7.31
N ASP B 66 -11.99 42.85 -7.82
CA ASP B 66 -12.32 43.03 -9.23
C ASP B 66 -13.73 42.50 -9.48
N TYR B 67 -14.29 42.79 -10.64
CA TYR B 67 -15.62 42.34 -10.98
C TYR B 67 -15.66 42.04 -12.48
N SER B 68 -16.63 41.25 -12.89
CA SER B 68 -16.81 40.90 -14.28
C SER B 68 -18.30 40.73 -14.56
N VAL B 69 -18.81 41.55 -15.46
CA VAL B 69 -20.22 41.52 -15.83
C VAL B 69 -20.48 40.48 -16.92
N SER B 70 -21.55 39.70 -16.77
CA SER B 70 -21.91 38.70 -17.78
C SER B 70 -22.21 39.41 -19.10
N PRO B 71 -21.93 38.75 -20.25
CA PRO B 71 -22.23 39.45 -21.50
C PRO B 71 -23.70 39.85 -21.69
N ASP B 72 -24.64 39.07 -21.18
CA ASP B 72 -26.03 39.44 -21.35
C ASP B 72 -26.45 40.49 -20.33
N ARG B 73 -25.47 40.94 -19.54
CA ARG B 73 -25.65 41.98 -18.54
C ARG B 73 -26.62 41.69 -17.39
N GLN B 74 -26.92 40.41 -17.17
CA GLN B 74 -27.85 40.04 -16.10
C GLN B 74 -27.16 39.70 -14.77
N PHE B 75 -25.86 39.45 -14.84
CA PHE B 75 -25.11 39.09 -13.66
C PHE B 75 -23.75 39.74 -13.61
N ILE B 76 -23.20 39.80 -12.40
CA ILE B 76 -21.86 40.32 -12.24
C ILE B 76 -21.12 39.44 -11.22
N LEU B 77 -19.86 39.16 -11.53
CA LEU B 77 -19.03 38.32 -10.70
C LEU B 77 -18.22 39.27 -9.80
N PHE B 78 -18.15 38.98 -8.50
CA PHE B 78 -17.36 39.80 -7.57
C PHE B 78 -16.18 38.95 -7.09
N GLU B 79 -14.97 39.42 -7.35
CA GLU B 79 -13.77 38.70 -6.97
C GLU B 79 -13.18 39.26 -5.66
N TYR B 80 -12.97 38.40 -4.67
CA TYR B 80 -12.39 38.83 -3.41
C TYR B 80 -11.43 37.77 -2.86
N ASN B 81 -10.78 38.05 -1.73
CA ASN B 81 -9.80 37.16 -1.13
C ASN B 81 -8.73 36.78 -2.16
N TYR B 82 -8.26 37.80 -2.88
CA TYR B 82 -7.23 37.60 -3.90
C TYR B 82 -5.91 37.14 -3.27
N VAL B 83 -5.32 36.08 -3.80
CA VAL B 83 -4.02 35.58 -3.33
C VAL B 83 -3.14 35.33 -4.57
N LYS B 84 -2.11 36.14 -4.72
CA LYS B 84 -1.24 36.00 -5.88
C LYS B 84 -0.46 34.71 -5.86
N GLN B 85 -0.26 34.12 -7.04
CA GLN B 85 0.58 32.95 -7.13
C GLN B 85 1.81 33.40 -7.92
N TRP B 86 1.85 33.14 -9.24
CA TRP B 86 3.01 33.56 -10.01
C TRP B 86 2.79 34.92 -10.74
N ARG B 87 3.35 35.10 -11.92
CA ARG B 87 3.20 36.41 -12.56
C ARG B 87 1.74 36.73 -12.97
N HIS B 88 1.00 35.71 -13.41
CA HIS B 88 -0.38 35.91 -13.83
C HIS B 88 -1.39 35.13 -12.99
N SER B 89 -0.98 33.98 -12.47
CA SER B 89 -1.87 33.17 -11.68
C SER B 89 -2.14 33.70 -10.29
N TYR B 90 -3.31 33.36 -9.77
CA TYR B 90 -3.73 33.73 -8.41
C TYR B 90 -5.00 32.95 -8.11
N THR B 91 -5.40 32.89 -6.84
CA THR B 91 -6.65 32.21 -6.50
C THR B 91 -7.56 33.23 -5.83
N ALA B 92 -8.86 32.95 -5.79
CA ALA B 92 -9.79 33.91 -5.21
C ALA B 92 -11.15 33.32 -4.88
N SER B 93 -11.95 34.13 -4.17
CA SER B 93 -13.31 33.73 -3.83
C SER B 93 -14.15 34.55 -4.81
N TYR B 94 -15.34 34.08 -5.11
CA TYR B 94 -16.21 34.78 -6.04
C TYR B 94 -17.67 34.70 -5.66
N ASP B 95 -18.37 35.83 -5.80
CA ASP B 95 -19.80 35.87 -5.56
C ASP B 95 -20.44 36.23 -6.88
N ILE B 96 -21.67 35.77 -7.10
CA ILE B 96 -22.40 36.11 -8.31
C ILE B 96 -23.55 36.98 -7.82
N TYR B 97 -23.72 38.13 -8.44
CA TYR B 97 -24.76 39.07 -8.05
C TYR B 97 -25.76 39.17 -9.20
N ASP B 98 -27.04 38.98 -8.87
CA ASP B 98 -28.12 39.06 -9.86
C ASP B 98 -28.50 40.53 -10.02
N LEU B 99 -28.20 41.11 -11.17
CA LEU B 99 -28.50 42.52 -11.45
C LEU B 99 -29.96 42.81 -11.65
N ASN B 100 -30.71 41.81 -12.08
CA ASN B 100 -32.14 41.97 -12.31
C ASN B 100 -32.82 42.13 -10.95
N LYS B 101 -32.82 41.06 -10.16
CA LYS B 101 -33.43 41.08 -8.84
C LYS B 101 -32.49 41.67 -7.78
N ARG B 102 -31.39 42.25 -8.23
CA ARG B 102 -30.39 42.88 -7.36
C ARG B 102 -30.14 42.16 -6.03
N GLN B 103 -29.84 40.88 -6.12
CA GLN B 103 -29.56 40.07 -4.95
C GLN B 103 -28.32 39.19 -5.19
N LEU B 104 -27.61 38.88 -4.12
CA LEU B 104 -26.41 38.06 -4.19
C LEU B 104 -26.82 36.59 -4.21
N ILE B 105 -26.24 35.81 -5.11
CA ILE B 105 -26.54 34.40 -5.20
C ILE B 105 -25.87 33.74 -3.99
N THR B 106 -26.67 33.03 -3.21
CA THR B 106 -26.14 32.38 -2.01
C THR B 106 -26.16 30.87 -2.14
N GLU B 107 -26.81 30.36 -3.18
CA GLU B 107 -26.88 28.92 -3.39
C GLU B 107 -25.94 28.49 -4.51
N GLU B 108 -25.35 27.30 -4.35
CA GLU B 108 -24.43 26.76 -5.34
C GLU B 108 -23.35 27.77 -5.69
N ARG B 109 -22.77 28.37 -4.66
CA ARG B 109 -21.72 29.37 -4.83
C ARG B 109 -20.45 28.81 -5.44
N ILE B 110 -19.64 29.71 -5.98
CA ILE B 110 -18.35 29.34 -6.56
C ILE B 110 -17.44 29.01 -5.39
N PRO B 111 -16.69 27.91 -5.46
CA PRO B 111 -15.79 27.52 -4.37
C PRO B 111 -14.73 28.58 -4.08
N ASN B 112 -14.24 28.59 -2.84
CA ASN B 112 -13.16 29.51 -2.48
C ASN B 112 -11.92 28.86 -3.13
N ASN B 113 -10.81 29.59 -3.20
CA ASN B 113 -9.58 29.07 -3.81
C ASN B 113 -9.78 28.73 -5.30
N THR B 114 -10.73 29.39 -5.95
CA THR B 114 -10.94 29.15 -7.36
C THR B 114 -9.72 29.73 -8.09
N GLN B 115 -9.20 28.98 -9.07
CA GLN B 115 -8.01 29.33 -9.84
C GLN B 115 -8.24 30.17 -11.08
N TRP B 116 -9.37 29.96 -11.72
CA TRP B 116 -9.73 30.73 -12.91
C TRP B 116 -11.22 30.66 -13.10
N ILE B 117 -11.81 31.73 -13.61
CA ILE B 117 -13.23 31.71 -13.89
C ILE B 117 -13.53 32.68 -15.02
N THR B 118 -14.49 32.33 -15.86
CA THR B 118 -14.87 33.17 -16.97
C THR B 118 -16.29 32.90 -17.44
N TRP B 119 -16.98 33.97 -17.84
CA TRP B 119 -18.33 33.86 -18.39
C TRP B 119 -18.12 33.35 -19.80
N SER B 120 -19.19 32.83 -20.40
CA SER B 120 -19.18 32.40 -21.79
C SER B 120 -19.16 33.74 -22.55
N PRO B 121 -18.91 33.73 -23.87
CA PRO B 121 -18.88 35.01 -24.58
C PRO B 121 -20.26 35.63 -24.80
N VAL B 122 -21.29 34.81 -24.65
CA VAL B 122 -22.67 35.26 -24.80
C VAL B 122 -23.40 34.69 -23.59
N GLY B 123 -24.55 35.27 -23.27
CA GLY B 123 -25.34 34.77 -22.15
C GLY B 123 -24.70 34.92 -20.78
N HIS B 124 -24.83 33.88 -19.97
CA HIS B 124 -24.25 33.94 -18.65
C HIS B 124 -23.78 32.60 -18.11
N LYS B 125 -23.27 31.74 -18.97
CA LYS B 125 -22.76 30.47 -18.48
C LYS B 125 -21.43 30.80 -17.84
N LEU B 126 -20.97 29.94 -16.95
CA LEU B 126 -19.69 30.09 -16.28
C LEU B 126 -18.84 28.83 -16.38
N ALA B 127 -17.54 28.99 -16.54
CA ALA B 127 -16.62 27.86 -16.53
C ALA B 127 -15.55 28.31 -15.54
N TYR B 128 -15.11 27.44 -14.64
CA TYR B 128 -14.07 27.79 -13.68
C TYR B 128 -13.20 26.59 -13.33
N VAL B 129 -12.00 26.85 -12.81
CA VAL B 129 -11.09 25.80 -12.42
C VAL B 129 -10.91 25.83 -10.90
N TRP B 130 -11.02 24.65 -10.27
CA TRP B 130 -10.85 24.54 -8.82
C TRP B 130 -10.13 23.21 -8.58
N ASN B 131 -9.06 23.24 -7.80
CA ASN B 131 -8.27 22.03 -7.53
C ASN B 131 -7.84 21.38 -8.86
N ASN B 132 -7.43 22.22 -9.81
CA ASN B 132 -6.95 21.76 -11.13
C ASN B 132 -7.97 21.04 -12.03
N ASP B 133 -9.25 21.13 -11.71
CA ASP B 133 -10.28 20.55 -12.55
C ASP B 133 -11.25 21.62 -12.99
N ILE B 134 -11.87 21.38 -14.14
CA ILE B 134 -12.83 22.30 -14.72
C ILE B 134 -14.28 22.00 -14.34
N TYR B 135 -15.05 23.05 -14.09
CA TYR B 135 -16.47 22.93 -13.75
C TYR B 135 -17.26 23.92 -14.61
N VAL B 136 -18.47 23.55 -14.98
CA VAL B 136 -19.30 24.43 -15.77
C VAL B 136 -20.62 24.69 -15.06
N LYS B 137 -21.03 25.96 -15.01
CA LYS B 137 -22.30 26.34 -14.36
C LYS B 137 -23.19 27.00 -15.41
N ASN B 138 -24.25 26.34 -15.83
CA ASN B 138 -25.13 26.96 -16.82
C ASN B 138 -25.86 28.15 -16.23
N GLU B 139 -26.20 28.07 -14.95
CA GLU B 139 -26.91 29.15 -14.29
C GLU B 139 -26.27 29.49 -12.95
N PRO B 140 -26.23 30.79 -12.61
CA PRO B 140 -25.63 31.20 -11.34
C PRO B 140 -26.22 30.50 -10.12
N ASN B 141 -27.51 30.19 -10.17
CA ASN B 141 -28.16 29.55 -9.03
C ASN B 141 -28.23 28.03 -9.13
N LEU B 142 -27.73 27.48 -10.23
CA LEU B 142 -27.75 26.04 -10.43
C LEU B 142 -26.42 25.40 -10.03
N SER B 143 -26.46 24.12 -9.70
CA SER B 143 -25.26 23.38 -9.32
C SER B 143 -24.34 23.33 -10.53
N SER B 144 -23.02 23.29 -10.29
CA SER B 144 -22.07 23.22 -11.39
C SER B 144 -21.88 21.77 -11.79
N GLN B 145 -21.40 21.55 -13.00
CA GLN B 145 -21.14 20.20 -13.52
C GLN B 145 -19.64 20.03 -13.67
N ARG B 146 -19.06 19.03 -13.01
CA ARG B 146 -17.62 18.80 -13.11
C ARG B 146 -17.34 18.24 -14.50
N ILE B 147 -16.26 18.70 -15.11
CA ILE B 147 -15.84 18.32 -16.46
C ILE B 147 -14.63 17.41 -16.50
N THR B 148 -13.71 17.60 -15.57
CA THR B 148 -12.51 16.77 -15.52
C THR B 148 -12.31 16.17 -14.15
N TRP B 149 -11.66 15.01 -14.09
CA TRP B 149 -11.47 14.35 -12.81
C TRP B 149 -10.01 13.98 -12.54
N THR B 150 -9.11 14.47 -13.39
CA THR B 150 -7.70 14.15 -13.26
C THR B 150 -6.84 15.18 -12.56
N GLY B 151 -7.44 16.31 -12.20
CA GLY B 151 -6.71 17.37 -11.54
C GLY B 151 -5.93 16.88 -10.34
N LYS B 152 -4.66 17.23 -10.30
CA LYS B 152 -3.80 16.80 -9.20
C LYS B 152 -2.71 17.83 -8.98
N GLU B 153 -2.59 18.30 -7.75
CA GLU B 153 -1.60 19.30 -7.39
C GLU B 153 -0.20 18.92 -7.83
N ASN B 154 0.46 19.84 -8.53
CA ASN B 154 1.81 19.64 -9.04
C ASN B 154 1.97 18.56 -10.11
N VAL B 155 0.87 18.05 -10.65
CA VAL B 155 1.00 16.98 -11.64
C VAL B 155 0.11 17.19 -12.86
N ILE B 156 -1.19 17.29 -12.64
CA ILE B 156 -2.11 17.46 -13.74
C ILE B 156 -2.90 18.76 -13.62
N TYR B 157 -2.81 19.59 -14.65
CA TYR B 157 -3.53 20.86 -14.68
C TYR B 157 -4.56 20.90 -15.81
N ASN B 158 -5.85 21.02 -15.47
CA ASN B 158 -6.91 21.11 -16.47
C ASN B 158 -7.48 22.51 -16.52
N GLY B 159 -7.41 23.18 -17.67
CA GLY B 159 -8.02 24.50 -17.73
C GLY B 159 -7.16 25.66 -17.28
N VAL B 160 -6.00 25.37 -16.69
CA VAL B 160 -5.04 26.41 -16.32
C VAL B 160 -3.66 25.89 -16.65
N THR B 161 -2.73 26.81 -16.81
CA THR B 161 -1.37 26.47 -17.18
C THR B 161 -0.50 26.03 -16.00
N ASP B 162 0.57 25.29 -16.29
CA ASP B 162 1.54 24.93 -15.28
C ASP B 162 2.51 26.13 -15.25
N TRP B 163 3.61 26.04 -14.49
CA TRP B 163 4.48 27.19 -14.35
C TRP B 163 5.06 27.75 -15.62
N VAL B 164 5.66 26.86 -16.42
CA VAL B 164 6.32 27.35 -17.63
C VAL B 164 5.36 27.80 -18.72
N TYR B 165 4.17 27.18 -18.82
CA TYR B 165 3.26 27.64 -19.85
C TYR B 165 2.73 29.01 -19.45
N GLU B 166 2.51 29.20 -18.14
CA GLU B 166 2.00 30.49 -17.68
C GLU B 166 2.99 31.60 -18.01
N GLU B 167 4.24 31.40 -17.62
CA GLU B 167 5.25 32.42 -17.79
C GLU B 167 5.75 32.65 -19.19
N GLU B 168 6.04 31.56 -19.89
CA GLU B 168 6.66 31.65 -21.21
C GLU B 168 5.87 31.40 -22.47
N VAL B 169 4.71 30.78 -22.38
CA VAL B 169 3.96 30.50 -23.58
C VAL B 169 2.70 31.34 -23.67
N PHE B 170 1.78 31.18 -22.72
CA PHE B 170 0.53 31.91 -22.76
C PHE B 170 0.55 33.30 -22.15
N SER B 171 1.52 33.56 -21.27
CA SER B 171 1.56 34.82 -20.54
C SER B 171 0.17 34.97 -19.90
N ALA B 172 -0.36 33.85 -19.39
CA ALA B 172 -1.67 33.85 -18.74
C ALA B 172 -1.84 32.53 -17.99
N TYR B 173 -2.73 32.51 -17.00
CA TYR B 173 -2.96 31.30 -16.23
C TYR B 173 -4.08 30.49 -16.88
N SER B 174 -4.99 31.19 -17.51
CA SER B 174 -6.14 30.55 -18.14
C SER B 174 -5.78 29.61 -19.28
N ALA B 175 -6.43 28.44 -19.34
CA ALA B 175 -6.21 27.53 -20.47
C ALA B 175 -7.57 26.98 -20.87
N LEU B 176 -8.53 27.89 -21.00
CA LEU B 176 -9.84 27.52 -21.45
C LEU B 176 -10.35 28.62 -22.39
N TRP B 177 -11.08 28.18 -23.40
CA TRP B 177 -11.58 29.03 -24.46
C TRP B 177 -13.00 28.65 -24.89
N TRP B 178 -14.00 29.45 -24.51
CA TRP B 178 -15.38 29.19 -24.94
C TRP B 178 -15.48 29.52 -26.43
N SER B 179 -16.37 28.84 -27.15
CA SER B 179 -16.57 29.15 -28.58
C SER B 179 -17.43 30.43 -28.58
N PRO B 180 -17.46 31.16 -29.72
CA PRO B 180 -18.22 32.40 -29.84
C PRO B 180 -19.64 32.44 -29.31
N ASN B 181 -20.41 31.38 -29.52
CA ASN B 181 -21.78 31.34 -29.05
C ASN B 181 -21.99 30.42 -27.84
N GLY B 182 -20.87 30.06 -27.19
CA GLY B 182 -20.93 29.24 -25.99
C GLY B 182 -21.26 27.77 -26.15
N THR B 183 -21.28 27.26 -27.38
CA THR B 183 -21.60 25.85 -27.60
C THR B 183 -20.51 24.91 -27.07
N PHE B 184 -19.27 25.24 -27.40
CA PHE B 184 -18.13 24.42 -27.04
C PHE B 184 -17.22 25.13 -26.05
N LEU B 185 -16.55 24.33 -25.24
CA LEU B 185 -15.57 24.87 -24.30
C LEU B 185 -14.29 24.08 -24.52
N ALA B 186 -13.30 24.76 -25.10
CA ALA B 186 -12.01 24.11 -25.33
C ALA B 186 -11.12 24.35 -24.12
N TYR B 187 -10.23 23.39 -23.84
CA TYR B 187 -9.32 23.57 -22.72
C TYR B 187 -8.06 22.75 -22.98
N ALA B 188 -6.98 23.10 -22.31
CA ALA B 188 -5.75 22.34 -22.43
C ALA B 188 -5.48 21.67 -21.11
N GLN B 189 -4.85 20.50 -21.19
CA GLN B 189 -4.47 19.76 -19.98
C GLN B 189 -2.95 19.66 -20.01
N PHE B 190 -2.29 20.03 -18.90
CA PHE B 190 -0.84 19.96 -18.84
C PHE B 190 -0.47 18.88 -17.84
N ASN B 191 0.51 18.09 -18.24
CA ASN B 191 0.98 16.97 -17.44
C ASN B 191 2.44 17.18 -17.05
N ASP B 192 2.67 17.43 -15.78
CA ASP B 192 4.03 17.67 -15.31
C ASP B 192 4.63 16.49 -14.53
N THR B 193 4.09 15.30 -14.75
CA THR B 193 4.58 14.13 -14.01
C THR B 193 6.09 13.96 -14.04
N GLU B 194 6.71 14.15 -15.20
CA GLU B 194 8.16 13.96 -15.28
C GLU B 194 9.03 15.20 -15.18
N VAL B 195 8.42 16.34 -14.88
CA VAL B 195 9.16 17.59 -14.78
C VAL B 195 9.79 17.69 -13.39
N PRO B 196 11.10 17.97 -13.33
CA PRO B 196 11.83 18.09 -12.06
C PRO B 196 11.26 19.24 -11.26
N LEU B 197 11.41 19.15 -9.94
CA LEU B 197 10.90 20.21 -9.08
C LEU B 197 12.00 21.17 -8.63
N ILE B 198 11.71 22.47 -8.66
CA ILE B 198 12.64 23.43 -8.10
C ILE B 198 12.10 23.52 -6.66
N GLU B 199 12.98 23.52 -5.68
CA GLU B 199 12.54 23.62 -4.29
C GLU B 199 13.32 24.76 -3.66
N TYR B 200 12.63 25.56 -2.84
CA TYR B 200 13.27 26.66 -2.14
C TYR B 200 12.49 26.95 -0.86
N SER B 201 13.17 27.52 0.12
CA SER B 201 12.55 27.80 1.40
C SER B 201 11.66 29.05 1.37
N PHE B 202 10.54 29.00 2.09
CA PHE B 202 9.67 30.16 2.21
C PHE B 202 9.53 30.30 3.73
N TYR B 203 9.90 31.45 4.24
CA TYR B 203 9.94 31.70 5.69
C TYR B 203 8.66 32.10 6.34
N SER B 204 7.84 32.83 5.58
CA SER B 204 6.56 33.28 6.04
C SER B 204 6.62 34.21 7.24
N ASP B 205 5.48 34.39 7.90
CA ASP B 205 5.45 35.25 9.08
C ASP B 205 6.44 34.80 10.16
N GLU B 206 6.97 35.76 10.90
CA GLU B 206 7.92 35.50 11.98
C GLU B 206 7.45 34.41 12.96
N SER B 207 6.14 34.24 13.09
CA SER B 207 5.63 33.23 14.01
C SER B 207 5.82 31.78 13.55
N LEU B 208 6.05 31.58 12.26
CA LEU B 208 6.25 30.23 11.72
C LEU B 208 7.58 29.70 12.24
N GLN B 209 7.52 28.66 13.07
CA GLN B 209 8.73 28.16 13.68
C GLN B 209 9.67 27.42 12.71
N TYR B 210 9.09 26.67 11.77
CA TYR B 210 9.89 25.96 10.78
C TYR B 210 9.56 26.48 9.37
N PRO B 211 10.60 26.79 8.57
CA PRO B 211 10.37 27.28 7.20
C PRO B 211 9.66 26.21 6.40
N LYS B 212 8.96 26.61 5.35
CA LYS B 212 8.29 25.64 4.51
C LYS B 212 9.10 25.52 3.21
N THR B 213 9.00 24.39 2.54
CA THR B 213 9.71 24.22 1.29
C THR B 213 8.72 24.26 0.17
N VAL B 214 8.89 25.24 -0.71
CA VAL B 214 8.01 25.39 -1.86
C VAL B 214 8.58 24.49 -2.94
N ARG B 215 7.71 23.77 -3.63
CA ARG B 215 8.15 22.90 -4.73
C ARG B 215 7.29 23.23 -5.96
N ILE B 216 7.94 23.40 -7.11
CA ILE B 216 7.21 23.73 -8.33
C ILE B 216 7.80 22.90 -9.48
N PRO B 217 6.94 22.25 -10.31
CA PRO B 217 7.48 21.49 -11.44
C PRO B 217 7.97 22.60 -12.37
N TYR B 218 9.26 22.63 -12.61
CA TYR B 218 9.89 23.67 -13.40
C TYR B 218 10.97 23.05 -14.26
N PRO B 219 10.78 23.06 -15.59
CA PRO B 219 11.82 22.47 -16.44
C PRO B 219 12.90 23.49 -16.75
N LYS B 220 14.13 23.19 -16.34
CA LYS B 220 15.26 24.06 -16.63
C LYS B 220 15.77 23.59 -18.02
N ALA B 221 16.70 24.32 -18.61
CA ALA B 221 17.20 24.00 -19.96
C ALA B 221 17.56 22.54 -20.18
N GLY B 222 16.96 21.94 -21.21
CA GLY B 222 17.23 20.55 -21.55
C GLY B 222 16.50 19.50 -20.71
N ALA B 223 15.75 19.93 -19.71
CA ALA B 223 15.06 18.97 -18.85
C ALA B 223 13.77 18.43 -19.46
N GLU B 224 13.18 17.46 -18.77
CA GLU B 224 11.91 16.87 -19.19
C GLU B 224 10.85 17.99 -19.07
N ASN B 225 10.07 18.18 -20.14
CA ASN B 225 9.03 19.21 -20.22
C ASN B 225 7.63 18.68 -19.95
N PRO B 226 6.70 19.57 -19.64
CA PRO B 226 5.34 19.11 -19.41
C PRO B 226 4.79 18.69 -20.79
N THR B 227 3.82 17.79 -20.79
CA THR B 227 3.21 17.42 -22.06
C THR B 227 1.83 18.07 -22.01
N VAL B 228 1.20 18.21 -23.18
CA VAL B 228 -0.08 18.88 -23.26
C VAL B 228 -1.05 18.11 -24.12
N LYS B 229 -2.33 18.25 -23.78
CA LYS B 229 -3.43 17.66 -24.54
C LYS B 229 -4.44 18.77 -24.71
N PHE B 230 -5.11 18.80 -25.86
CA PHE B 230 -6.11 19.82 -26.14
C PHE B 230 -7.46 19.17 -26.41
N PHE B 231 -8.51 19.64 -25.74
CA PHE B 231 -9.84 19.07 -25.93
C PHE B 231 -10.90 20.10 -26.22
N VAL B 232 -11.94 19.68 -26.94
CA VAL B 232 -13.06 20.57 -27.17
C VAL B 232 -14.25 19.84 -26.58
N VAL B 233 -14.87 20.45 -25.57
CA VAL B 233 -16.04 19.90 -24.92
C VAL B 233 -17.32 20.47 -25.53
N ASP B 234 -18.28 19.59 -25.82
CA ASP B 234 -19.54 20.05 -26.38
C ASP B 234 -20.41 20.27 -25.14
N THR B 235 -20.65 21.54 -24.78
CA THR B 235 -21.42 21.76 -23.54
C THR B 235 -22.93 21.59 -23.63
N ARG B 236 -23.44 21.34 -24.82
CA ARG B 236 -24.88 21.20 -24.98
C ARG B 236 -25.40 19.95 -24.24
N THR B 237 -24.55 18.95 -24.12
CA THR B 237 -24.91 17.68 -23.49
C THR B 237 -24.60 17.57 -22.00
N LEU B 238 -24.00 18.62 -21.41
CA LEU B 238 -23.70 18.55 -19.98
C LEU B 238 -24.97 18.37 -19.21
N SER B 239 -24.97 17.41 -18.30
CA SER B 239 -26.14 17.13 -17.48
C SER B 239 -25.60 16.26 -16.35
N PRO B 240 -26.23 16.33 -15.16
CA PRO B 240 -25.71 15.49 -14.07
C PRO B 240 -25.55 13.99 -14.37
N ASN B 241 -26.44 13.41 -15.15
CA ASN B 241 -26.31 11.98 -15.43
C ASN B 241 -25.82 11.64 -16.82
N ALA B 242 -25.11 12.60 -17.43
CA ALA B 242 -24.56 12.42 -18.75
C ALA B 242 -23.04 12.42 -18.65
N SER B 243 -22.38 11.63 -19.49
CA SER B 243 -20.93 11.67 -19.50
C SER B 243 -20.57 13.02 -20.15
N VAL B 244 -19.28 13.32 -20.24
CA VAL B 244 -18.84 14.54 -20.88
C VAL B 244 -18.52 14.20 -22.33
N THR B 245 -19.06 14.96 -23.27
CA THR B 245 -18.78 14.75 -24.67
C THR B 245 -17.59 15.65 -25.06
N SER B 246 -16.45 15.04 -25.34
CA SER B 246 -15.28 15.82 -25.71
C SER B 246 -14.47 15.15 -26.79
N TYR B 247 -13.66 15.95 -27.47
CA TYR B 247 -12.84 15.43 -28.55
C TYR B 247 -11.43 15.97 -28.38
N GLN B 248 -10.45 15.10 -28.45
CA GLN B 248 -9.06 15.55 -28.33
C GLN B 248 -8.49 15.87 -29.70
N ILE B 249 -7.94 17.07 -29.86
CA ILE B 249 -7.34 17.47 -31.13
C ILE B 249 -5.83 17.36 -30.93
N VAL B 250 -5.19 16.52 -31.72
CA VAL B 250 -3.76 16.34 -31.63
C VAL B 250 -3.07 17.21 -32.67
N PRO B 251 -1.79 17.55 -32.43
CA PRO B 251 -1.08 18.39 -33.41
C PRO B 251 -0.78 17.63 -34.70
N PRO B 252 -0.47 18.38 -35.78
CA PRO B 252 -0.14 17.78 -37.07
C PRO B 252 1.10 16.93 -36.87
N ALA B 253 1.25 15.91 -37.71
CA ALA B 253 2.39 15.01 -37.60
C ALA B 253 3.76 15.66 -37.58
N SER B 254 3.95 16.79 -38.27
CA SER B 254 5.28 17.43 -38.32
C SER B 254 5.70 18.01 -36.97
N VAL B 255 4.76 18.05 -36.03
CA VAL B 255 5.03 18.56 -34.70
C VAL B 255 4.86 17.43 -33.67
N LEU B 256 3.92 16.51 -33.95
CA LEU B 256 3.63 15.37 -33.09
C LEU B 256 4.81 14.46 -32.92
N ILE B 257 5.73 14.52 -33.88
CA ILE B 257 6.92 13.66 -33.90
C ILE B 257 7.91 13.80 -32.75
N GLY B 258 7.79 14.88 -31.98
CA GLY B 258 8.72 15.07 -30.88
C GLY B 258 8.14 16.07 -29.90
N ASP B 259 8.95 16.55 -28.95
CA ASP B 259 8.45 17.49 -27.95
C ASP B 259 7.94 18.76 -28.65
N HIS B 260 6.82 19.26 -28.14
CA HIS B 260 6.20 20.44 -28.72
C HIS B 260 5.42 21.20 -27.64
N TYR B 261 4.89 22.35 -28.04
CA TYR B 261 4.09 23.21 -27.19
C TYR B 261 2.85 23.64 -27.95
N LEU B 262 1.76 23.90 -27.23
CA LEU B 262 0.56 24.45 -27.83
C LEU B 262 0.83 25.92 -27.53
N CYS B 263 0.79 26.80 -28.52
CA CYS B 263 1.07 28.18 -28.18
C CYS B 263 -0.03 29.15 -28.51
N GLY B 264 -1.13 28.64 -29.04
CA GLY B 264 -2.22 29.52 -29.40
C GLY B 264 -3.51 28.81 -29.77
N VAL B 265 -4.62 29.44 -29.36
CA VAL B 265 -5.97 28.94 -29.63
C VAL B 265 -6.82 30.13 -30.08
N THR B 266 -7.44 29.98 -31.25
CA THR B 266 -8.32 31.02 -31.79
C THR B 266 -9.59 30.44 -32.36
N TRP B 267 -10.70 30.78 -31.73
CA TRP B 267 -11.98 30.33 -32.26
C TRP B 267 -12.26 31.20 -33.49
N VAL B 268 -12.65 30.55 -34.59
CA VAL B 268 -12.94 31.22 -35.86
C VAL B 268 -14.47 31.37 -36.00
N THR B 269 -15.20 30.27 -35.94
CA THR B 269 -16.66 30.29 -35.98
C THR B 269 -17.11 29.23 -34.95
N GLU B 270 -18.41 28.99 -34.82
CA GLU B 270 -18.88 27.97 -33.88
C GLU B 270 -18.42 26.58 -34.28
N GLU B 271 -18.02 26.41 -35.53
CA GLU B 271 -17.61 25.09 -36.02
C GLU B 271 -16.19 25.05 -36.60
N ARG B 272 -15.38 26.05 -36.27
CA ARG B 272 -14.01 26.10 -36.77
C ARG B 272 -13.07 26.70 -35.73
N ILE B 273 -12.02 25.96 -35.40
CA ILE B 273 -11.07 26.43 -34.41
C ILE B 273 -9.67 26.34 -34.98
N SER B 274 -8.85 27.31 -34.60
CA SER B 274 -7.48 27.38 -35.08
C SER B 274 -6.53 27.13 -33.94
N LEU B 275 -5.69 26.12 -34.12
CA LEU B 275 -4.70 25.77 -33.11
C LEU B 275 -3.33 26.07 -33.65
N GLN B 276 -2.50 26.70 -32.84
CA GLN B 276 -1.14 27.00 -33.24
C GLN B 276 -0.21 26.20 -32.32
N TRP B 277 0.69 25.41 -32.93
CA TRP B 277 1.62 24.55 -32.20
C TRP B 277 3.03 24.92 -32.65
N ILE B 278 4.02 24.60 -31.80
CA ILE B 278 5.41 24.88 -32.12
C ILE B 278 6.28 23.73 -31.59
N ARG B 279 7.33 23.37 -32.33
CA ARG B 279 8.20 22.31 -31.87
C ARG B 279 8.99 22.84 -30.71
N ARG B 280 9.48 21.94 -29.88
CA ARG B 280 10.29 22.36 -28.76
C ARG B 280 11.46 23.23 -29.23
N ALA B 281 11.99 23.02 -30.45
CA ALA B 281 13.10 23.88 -30.90
C ALA B 281 12.66 25.35 -31.16
N GLN B 282 11.37 25.55 -31.38
CA GLN B 282 10.81 26.88 -31.60
C GLN B 282 11.18 27.66 -32.86
N ASN B 283 11.63 26.94 -33.89
CA ASN B 283 11.92 27.59 -35.18
C ASN B 283 11.01 26.98 -36.26
N TYR B 284 9.98 26.28 -35.79
CA TYR B 284 9.00 25.63 -36.67
C TYR B 284 7.66 25.64 -35.94
N SER B 285 6.67 26.30 -36.51
CA SER B 285 5.34 26.36 -35.89
C SER B 285 4.32 26.03 -36.96
N ILE B 286 3.14 25.61 -36.53
CA ILE B 286 2.12 25.32 -37.49
C ILE B 286 0.74 25.66 -36.97
N ILE B 287 -0.08 26.21 -37.86
CA ILE B 287 -1.46 26.55 -37.54
C ILE B 287 -2.27 25.45 -38.19
N ASP B 288 -3.17 24.85 -37.40
CA ASP B 288 -4.03 23.74 -37.84
C ASP B 288 -5.46 24.21 -37.61
N ILE B 289 -6.20 24.37 -38.69
CA ILE B 289 -7.57 24.86 -38.64
C ILE B 289 -8.53 23.68 -38.75
N CYS B 290 -9.17 23.34 -37.64
CA CYS B 290 -10.06 22.19 -37.56
C CYS B 290 -11.54 22.53 -37.59
N ASP B 291 -12.26 21.76 -38.39
CA ASP B 291 -13.68 21.95 -38.57
C ASP B 291 -14.52 20.87 -37.91
N TYR B 292 -15.60 21.29 -37.28
CA TYR B 292 -16.51 20.39 -36.60
C TYR B 292 -17.31 19.59 -37.62
N ASP B 293 -17.30 18.27 -37.46
CA ASP B 293 -18.07 17.38 -38.34
C ASP B 293 -19.37 17.12 -37.58
N GLU B 294 -20.45 17.75 -38.01
CA GLU B 294 -21.73 17.61 -37.32
C GLU B 294 -22.25 16.17 -37.20
N SER B 295 -21.86 15.30 -38.11
CA SER B 295 -22.35 13.93 -38.06
C SER B 295 -21.63 13.02 -37.05
N THR B 296 -20.44 13.41 -36.60
CA THR B 296 -19.68 12.57 -35.66
C THR B 296 -19.19 13.29 -34.41
N GLY B 297 -19.25 14.62 -34.42
CA GLY B 297 -18.79 15.36 -33.26
C GLY B 297 -17.30 15.53 -33.23
N ARG B 298 -16.59 15.09 -34.26
CA ARG B 298 -15.16 15.28 -34.21
C ARG B 298 -14.68 16.55 -34.89
N TRP B 299 -13.46 16.96 -34.55
CA TRP B 299 -12.87 18.18 -35.13
C TRP B 299 -11.79 17.71 -36.08
N ILE B 300 -12.08 17.90 -37.36
CA ILE B 300 -11.24 17.43 -38.44
C ILE B 300 -10.20 18.39 -38.96
N SER B 301 -9.01 17.85 -39.13
CA SER B 301 -7.89 18.62 -39.62
C SER B 301 -7.63 18.20 -41.08
N SER B 302 -7.01 19.08 -41.87
CA SER B 302 -6.68 18.75 -43.26
C SER B 302 -5.39 19.45 -43.62
N VAL B 303 -4.54 18.76 -44.38
CA VAL B 303 -3.27 19.37 -44.76
C VAL B 303 -3.48 20.68 -45.49
N ALA B 304 -4.61 20.80 -46.19
CA ALA B 304 -4.91 22.02 -46.94
C ALA B 304 -5.11 23.21 -45.99
N ARG B 305 -5.61 22.94 -44.78
CA ARG B 305 -5.83 24.01 -43.79
C ARG B 305 -4.71 24.14 -42.76
N GLN B 306 -3.52 23.70 -43.11
CA GLN B 306 -2.37 23.80 -42.23
C GLN B 306 -1.41 24.83 -42.79
N HIS B 307 -0.88 25.67 -41.92
CA HIS B 307 0.03 26.70 -42.39
C HIS B 307 1.29 26.70 -41.58
N ILE B 308 2.41 26.48 -42.26
CA ILE B 308 3.69 26.42 -41.58
C ILE B 308 4.44 27.74 -41.53
N GLU B 309 5.08 28.02 -40.39
CA GLU B 309 5.88 29.24 -40.23
C GLU B 309 7.22 28.80 -39.67
N ILE B 310 8.31 29.18 -40.32
CA ILE B 310 9.60 28.76 -39.82
C ILE B 310 10.53 29.95 -39.75
N SER B 311 11.67 29.73 -39.14
CA SER B 311 12.70 30.74 -39.08
C SER B 311 14.01 29.99 -39.31
N THR B 312 14.84 30.48 -40.22
CA THR B 312 16.11 29.83 -40.50
C THR B 312 17.24 30.58 -39.81
N THR B 313 16.96 31.81 -39.38
CA THR B 313 17.99 32.62 -38.72
C THR B 313 17.84 32.72 -37.21
N GLY B 314 16.70 32.25 -36.69
CA GLY B 314 16.49 32.29 -35.26
C GLY B 314 15.25 31.52 -34.89
N TRP B 315 14.39 32.16 -34.09
CA TRP B 315 13.14 31.56 -33.63
C TRP B 315 11.94 32.18 -34.35
N VAL B 316 10.77 31.60 -34.15
CA VAL B 316 9.54 32.11 -34.76
C VAL B 316 8.84 33.13 -33.85
N GLY B 317 8.58 34.32 -34.40
CA GLY B 317 7.88 35.38 -33.68
C GLY B 317 8.75 36.20 -32.75
N ARG B 318 8.12 37.05 -31.94
CA ARG B 318 8.89 37.87 -31.03
C ARG B 318 9.20 37.02 -29.80
N PHE B 319 8.17 36.56 -29.10
CA PHE B 319 8.36 35.70 -27.95
C PHE B 319 7.60 34.41 -28.21
N ARG B 320 6.66 34.50 -29.15
CA ARG B 320 5.85 33.38 -29.56
C ARG B 320 5.39 33.77 -30.93
N PRO B 321 4.94 32.80 -31.72
CA PRO B 321 4.47 33.17 -33.06
C PRO B 321 3.28 34.11 -32.94
N ALA B 322 3.13 35.03 -33.88
CA ALA B 322 2.00 35.96 -33.82
C ALA B 322 0.71 35.21 -34.07
N GLU B 323 -0.38 35.72 -33.53
CA GLU B 323 -1.66 35.04 -33.67
C GLU B 323 -2.39 35.42 -34.95
N PRO B 324 -3.13 34.47 -35.52
CA PRO B 324 -3.89 34.73 -36.74
C PRO B 324 -5.16 35.53 -36.41
N HIS B 325 -5.57 36.41 -37.32
CA HIS B 325 -6.78 37.19 -37.11
C HIS B 325 -7.69 36.81 -38.26
N PHE B 326 -8.72 36.03 -37.95
CA PHE B 326 -9.64 35.54 -38.96
C PHE B 326 -10.77 36.48 -39.37
N THR B 327 -11.20 36.33 -40.61
CA THR B 327 -12.34 37.10 -41.10
C THR B 327 -13.54 36.48 -40.41
N SER B 328 -14.65 37.20 -40.44
CA SER B 328 -15.89 36.77 -39.81
C SER B 328 -16.35 35.39 -40.30
N ASP B 329 -16.10 35.10 -41.57
CA ASP B 329 -16.51 33.82 -42.16
C ASP B 329 -15.48 32.72 -41.94
N GLY B 330 -14.26 33.12 -41.59
CA GLY B 330 -13.20 32.15 -41.35
C GLY B 330 -12.51 31.61 -42.60
N ASN B 331 -12.77 32.19 -43.77
CA ASN B 331 -12.14 31.68 -44.97
C ASN B 331 -10.75 32.18 -45.27
N SER B 332 -10.34 33.22 -44.54
CA SER B 332 -8.97 33.73 -44.67
C SER B 332 -8.62 34.39 -43.34
N PHE B 333 -7.34 34.72 -43.18
CA PHE B 333 -6.90 35.36 -41.95
C PHE B 333 -5.69 36.19 -42.23
N TYR B 334 -5.41 37.10 -41.31
CA TYR B 334 -4.27 37.98 -41.42
C TYR B 334 -3.36 37.68 -40.25
N LYS B 335 -2.07 37.59 -40.52
CA LYS B 335 -1.11 37.30 -39.45
C LYS B 335 0.24 37.91 -39.73
N ILE B 336 0.85 38.40 -38.67
CA ILE B 336 2.18 38.98 -38.79
C ILE B 336 3.23 37.88 -38.87
N ILE B 337 4.11 37.98 -39.87
CA ILE B 337 5.21 37.03 -40.07
C ILE B 337 6.40 37.81 -40.67
N SER B 338 7.59 37.28 -40.55
CA SER B 338 8.76 37.94 -41.14
C SER B 338 8.68 37.83 -42.66
N ASN B 339 8.96 38.93 -43.36
CA ASN B 339 8.92 38.91 -44.82
C ASN B 339 10.31 38.55 -45.35
N GLU B 340 10.50 38.66 -46.66
CA GLU B 340 11.79 38.34 -47.30
C GLU B 340 12.96 39.18 -46.84
N GLU B 341 12.67 40.37 -46.31
CA GLU B 341 13.72 41.27 -45.83
C GLU B 341 13.96 41.13 -44.35
N GLY B 342 13.24 40.22 -43.70
CA GLY B 342 13.44 40.05 -42.28
C GLY B 342 12.64 41.01 -41.43
N TYR B 343 11.64 41.68 -42.00
CA TYR B 343 10.83 42.57 -41.20
C TYR B 343 9.45 41.97 -41.02
N LYS B 344 8.92 42.07 -39.81
CA LYS B 344 7.60 41.51 -39.52
C LYS B 344 6.47 42.37 -40.01
N HIS B 345 5.71 41.80 -40.94
CA HIS B 345 4.59 42.47 -41.58
C HIS B 345 3.34 41.60 -41.66
N ILE B 346 2.21 42.23 -41.98
CA ILE B 346 0.96 41.51 -42.06
C ILE B 346 0.82 40.77 -43.38
N CYS B 347 0.60 39.47 -43.32
CA CYS B 347 0.38 38.68 -44.53
C CYS B 347 -1.07 38.22 -44.54
N HIS B 348 -1.68 38.19 -45.72
CA HIS B 348 -3.07 37.75 -45.86
C HIS B 348 -3.04 36.30 -46.29
N PHE B 349 -3.68 35.41 -45.52
CA PHE B 349 -3.72 33.98 -45.84
C PHE B 349 -5.13 33.52 -46.18
N GLN B 350 -5.23 32.58 -47.11
CA GLN B 350 -6.53 32.03 -47.42
C GLN B 350 -6.49 30.79 -46.54
N THR B 351 -7.56 30.55 -45.78
CA THR B 351 -7.57 29.39 -44.88
C THR B 351 -7.16 28.07 -45.52
N ASP B 352 -7.55 27.82 -46.77
CA ASP B 352 -7.18 26.55 -47.39
C ASP B 352 -6.13 26.61 -48.51
N LYS B 353 -5.30 27.65 -48.49
CA LYS B 353 -4.24 27.82 -49.48
C LYS B 353 -2.91 28.13 -48.78
N SER B 354 -1.80 27.68 -49.33
CA SER B 354 -0.52 27.90 -48.65
C SER B 354 0.19 29.23 -48.84
N ASN B 355 -0.01 29.88 -49.98
CA ASN B 355 0.68 31.15 -50.25
C ASN B 355 -0.04 32.34 -49.66
N CYS B 356 0.71 33.33 -49.19
CA CYS B 356 0.07 34.52 -48.64
C CYS B 356 0.58 35.77 -49.33
N THR B 357 -0.19 36.84 -49.18
CA THR B 357 0.19 38.09 -49.78
C THR B 357 0.41 39.11 -48.67
N PHE B 358 1.57 39.76 -48.69
CA PHE B 358 1.85 40.78 -47.69
C PHE B 358 1.06 42.05 -47.99
N ILE B 359 0.44 42.62 -46.96
CA ILE B 359 -0.30 43.84 -47.18
C ILE B 359 0.44 45.05 -46.61
N THR B 360 1.53 44.80 -45.87
CA THR B 360 2.35 45.89 -45.35
C THR B 360 3.79 45.54 -45.73
N LYS B 361 4.65 46.54 -45.86
CA LYS B 361 6.03 46.30 -46.25
C LYS B 361 6.86 47.54 -45.95
N GLY B 362 8.11 47.36 -45.58
CA GLY B 362 8.96 48.50 -45.28
C GLY B 362 9.99 48.15 -44.24
N ALA B 363 10.93 49.08 -44.00
CA ALA B 363 11.98 48.88 -43.00
C ALA B 363 11.49 49.35 -41.65
N TRP B 364 10.43 48.71 -41.19
CA TRP B 364 9.80 48.98 -39.91
C TRP B 364 8.94 47.73 -39.68
N GLU B 365 8.27 47.63 -38.55
CA GLU B 365 7.50 46.41 -38.30
C GLU B 365 6.10 46.68 -37.76
N VAL B 366 5.18 45.76 -38.06
CA VAL B 366 3.84 45.84 -37.51
C VAL B 366 3.96 45.20 -36.10
N ILE B 367 3.43 45.88 -35.09
CA ILE B 367 3.51 45.41 -33.70
C ILE B 367 2.41 44.41 -33.44
N GLY B 368 1.21 44.76 -33.88
CA GLY B 368 0.09 43.89 -33.70
C GLY B 368 -1.11 44.31 -34.51
N ILE B 369 -1.98 43.34 -34.77
CA ILE B 369 -3.22 43.55 -35.49
C ILE B 369 -4.25 43.78 -34.40
N GLU B 370 -4.91 44.94 -34.43
CA GLU B 370 -5.88 45.29 -33.40
C GLU B 370 -7.34 44.97 -33.64
N ALA B 371 -7.80 45.14 -34.87
CA ALA B 371 -9.20 44.88 -35.18
C ALA B 371 -9.36 44.63 -36.66
N LEU B 372 -10.44 43.95 -37.02
CA LEU B 372 -10.68 43.60 -38.40
C LEU B 372 -12.16 43.62 -38.71
N THR B 373 -12.53 44.28 -39.82
CA THR B 373 -13.92 44.30 -40.27
C THR B 373 -13.90 43.76 -41.70
N SER B 374 -15.05 43.67 -42.35
CA SER B 374 -15.05 43.16 -43.73
C SER B 374 -14.31 44.12 -44.67
N ASP B 375 -14.23 45.39 -44.28
CA ASP B 375 -13.59 46.41 -45.12
C ASP B 375 -12.23 46.94 -44.71
N TYR B 376 -11.93 46.87 -43.42
CA TYR B 376 -10.66 47.41 -42.97
C TYR B 376 -9.94 46.55 -41.93
N LEU B 377 -8.64 46.81 -41.81
CA LEU B 377 -7.83 46.13 -40.83
C LEU B 377 -7.08 47.23 -40.09
N TYR B 378 -7.15 47.20 -38.76
CA TYR B 378 -6.47 48.19 -37.95
C TYR B 378 -5.28 47.53 -37.29
N TYR B 379 -4.16 48.24 -37.26
CA TYR B 379 -2.98 47.70 -36.66
C TYR B 379 -2.08 48.78 -36.09
N ILE B 380 -1.16 48.36 -35.24
CA ILE B 380 -0.21 49.25 -34.64
C ILE B 380 1.16 48.95 -35.25
N SER B 381 1.92 50.00 -35.59
CA SER B 381 3.27 49.78 -36.12
C SER B 381 4.15 50.94 -35.69
N ASN B 382 5.45 50.79 -35.90
CA ASN B 382 6.41 51.83 -35.58
C ASN B 382 6.97 52.45 -36.87
N GLU B 383 6.12 52.51 -37.88
CA GLU B 383 6.50 53.09 -39.17
C GLU B 383 6.74 54.60 -39.08
N HIS B 384 5.89 55.32 -38.35
CA HIS B 384 6.01 56.77 -38.29
C HIS B 384 7.39 57.32 -37.94
N LYS B 385 7.89 58.21 -38.80
CA LYS B 385 9.20 58.86 -38.61
C LYS B 385 10.29 57.83 -38.57
N GLY B 386 9.96 56.59 -38.93
CA GLY B 386 10.97 55.55 -38.88
C GLY B 386 11.55 55.37 -37.47
N MET B 387 10.79 55.63 -36.42
CA MET B 387 11.36 55.41 -35.08
C MET B 387 10.77 54.15 -34.44
N PRO B 388 11.63 53.14 -34.28
CA PRO B 388 11.25 51.85 -33.70
C PRO B 388 10.57 51.91 -32.34
N GLY B 389 10.88 52.97 -31.58
CA GLY B 389 10.34 53.18 -30.24
C GLY B 389 9.05 53.99 -30.16
N GLY B 390 8.45 54.23 -31.31
CA GLY B 390 7.17 54.93 -31.38
C GLY B 390 6.11 53.90 -31.82
N ARG B 391 4.83 54.20 -31.61
CA ARG B 391 3.72 53.32 -31.98
C ARG B 391 2.52 54.14 -32.43
N ASN B 392 1.94 53.79 -33.57
CA ASN B 392 0.76 54.49 -34.06
C ASN B 392 -0.23 53.51 -34.64
N LEU B 393 -1.50 53.92 -34.63
CA LEU B 393 -2.61 53.13 -35.15
C LEU B 393 -2.85 53.46 -36.61
N TYR B 394 -2.85 52.45 -37.47
CA TYR B 394 -3.09 52.61 -38.90
C TYR B 394 -4.32 51.82 -39.30
N ARG B 395 -4.92 52.21 -40.42
CA ARG B 395 -6.08 51.52 -40.93
C ARG B 395 -5.78 51.22 -42.39
N ILE B 396 -5.92 49.96 -42.77
CA ILE B 396 -5.64 49.63 -44.15
C ILE B 396 -6.88 49.10 -44.85
N GLN B 397 -7.10 49.56 -46.08
CA GLN B 397 -8.26 49.14 -46.85
C GLN B 397 -8.03 47.73 -47.39
N LEU B 398 -8.93 46.81 -47.06
CA LEU B 398 -8.77 45.42 -47.49
C LEU B 398 -8.85 45.13 -48.98
N ASN B 399 -9.61 45.96 -49.69
CA ASN B 399 -9.76 45.80 -51.14
C ASN B 399 -8.64 46.48 -51.91
N ASP B 400 -7.84 47.30 -51.22
CA ASP B 400 -6.74 48.01 -51.87
C ASP B 400 -5.69 48.34 -50.81
N TYR B 401 -4.77 47.41 -50.61
CA TYR B 401 -3.71 47.52 -49.61
C TYR B 401 -2.87 48.77 -49.74
N THR B 402 -2.98 49.48 -50.87
CA THR B 402 -2.16 50.68 -51.02
C THR B 402 -2.79 51.84 -50.25
N LYS B 403 -4.08 51.72 -49.95
CA LYS B 403 -4.79 52.73 -49.20
C LYS B 403 -4.62 52.49 -47.69
N VAL B 404 -3.60 53.10 -47.11
CA VAL B 404 -3.33 52.98 -45.67
C VAL B 404 -3.34 54.37 -45.08
N THR B 405 -4.00 54.53 -43.94
CA THR B 405 -4.08 55.81 -43.26
C THR B 405 -3.57 55.69 -41.84
N CYS B 406 -2.88 56.71 -41.36
CA CYS B 406 -2.43 56.69 -39.97
C CYS B 406 -3.48 57.48 -39.19
N LEU B 407 -4.14 56.83 -38.25
CA LEU B 407 -5.19 57.48 -37.46
C LEU B 407 -4.71 58.28 -36.25
N SER B 408 -3.52 57.97 -35.75
CA SER B 408 -3.04 58.65 -34.55
C SER B 408 -1.81 59.54 -34.70
N CYS B 409 -1.07 59.36 -35.79
CA CYS B 409 0.18 60.09 -36.07
C CYS B 409 0.15 61.61 -35.88
N GLU B 410 -0.90 62.25 -36.36
CA GLU B 410 -0.95 63.72 -36.26
C GLU B 410 -1.89 64.33 -35.23
N LEU B 411 -2.48 63.51 -34.36
CA LEU B 411 -3.38 64.05 -33.37
C LEU B 411 -2.70 65.04 -32.44
N ASN B 412 -1.58 64.63 -31.87
CA ASN B 412 -0.79 65.47 -30.96
C ASN B 412 0.64 65.04 -31.17
N PRO B 413 1.22 65.40 -32.32
CA PRO B 413 2.61 65.07 -32.71
C PRO B 413 3.75 65.23 -31.72
N GLU B 414 3.71 66.24 -30.87
CA GLU B 414 4.78 66.44 -29.91
C GLU B 414 4.50 65.71 -28.59
N ARG B 415 3.24 65.65 -28.20
CA ARG B 415 2.87 65.01 -26.95
C ARG B 415 2.72 63.50 -27.07
N CYS B 416 2.22 63.07 -28.23
CA CYS B 416 1.90 61.65 -28.45
C CYS B 416 2.57 60.94 -29.60
N GLN B 417 3.54 60.08 -29.30
CA GLN B 417 4.24 59.31 -30.32
C GLN B 417 4.18 57.80 -30.04
N TYR B 418 3.49 57.42 -28.97
CA TYR B 418 3.39 55.98 -28.58
C TYR B 418 1.97 55.67 -28.16
N TYR B 419 1.24 54.96 -29.02
CA TYR B 419 -0.14 54.64 -28.77
C TYR B 419 -0.47 53.15 -28.72
N SER B 420 -1.57 52.83 -28.02
CA SER B 420 -2.16 51.50 -28.02
C SER B 420 -3.62 51.87 -28.28
N ALA B 421 -4.44 50.90 -28.66
CA ALA B 421 -5.84 51.18 -28.96
C ALA B 421 -6.76 50.06 -28.49
N SER B 422 -8.02 50.39 -28.28
CA SER B 422 -9.01 49.41 -27.86
C SER B 422 -10.28 49.66 -28.65
N PHE B 423 -10.66 48.70 -29.50
CA PHE B 423 -11.86 48.85 -30.31
C PHE B 423 -13.13 48.22 -29.73
N SER B 424 -14.26 48.86 -30.00
CA SER B 424 -15.55 48.35 -29.56
C SER B 424 -15.86 47.14 -30.46
N ASN B 425 -16.96 46.44 -30.17
CA ASN B 425 -17.37 45.32 -31.01
C ASN B 425 -17.66 45.86 -32.41
N LYS B 426 -17.25 45.12 -33.42
CA LYS B 426 -17.44 45.50 -34.82
C LYS B 426 -16.61 46.75 -35.17
N ALA B 427 -15.69 47.12 -34.29
CA ALA B 427 -14.80 48.26 -34.49
C ALA B 427 -15.47 49.58 -34.84
N LYS B 428 -16.65 49.84 -34.28
CA LYS B 428 -17.34 51.10 -34.58
C LYS B 428 -16.68 52.31 -33.91
N TYR B 429 -16.05 52.07 -32.76
CA TYR B 429 -15.37 53.12 -32.03
C TYR B 429 -14.05 52.59 -31.49
N TYR B 430 -13.16 53.52 -31.15
CA TYR B 430 -11.92 53.10 -30.56
C TYR B 430 -11.41 54.09 -29.54
N GLN B 431 -10.81 53.56 -28.49
CA GLN B 431 -10.21 54.41 -27.50
C GLN B 431 -8.75 54.44 -27.90
N LEU B 432 -8.17 55.62 -27.94
CA LEU B 432 -6.75 55.72 -28.23
C LEU B 432 -6.08 55.99 -26.91
N ARG B 433 -4.97 55.30 -26.68
CA ARG B 433 -4.20 55.44 -25.46
C ARG B 433 -2.80 55.92 -25.79
N CYS B 434 -2.55 57.20 -25.55
CA CYS B 434 -1.26 57.84 -25.80
C CYS B 434 -0.41 57.75 -24.51
N PHE B 435 0.75 57.12 -24.59
CA PHE B 435 1.61 56.95 -23.43
C PHE B 435 2.83 57.85 -23.30
N GLY B 436 3.05 58.71 -24.28
CA GLY B 436 4.18 59.62 -24.25
C GLY B 436 4.59 60.10 -25.63
N PRO B 437 5.66 60.92 -25.74
CA PRO B 437 6.54 61.42 -24.67
C PRO B 437 5.98 62.41 -23.65
N GLY B 438 4.83 63.03 -23.93
CA GLY B 438 4.22 63.95 -22.98
C GLY B 438 3.37 63.15 -21.98
N LEU B 439 2.53 63.81 -21.21
CA LEU B 439 1.72 63.10 -20.25
C LEU B 439 0.68 62.23 -20.96
N PRO B 440 0.42 61.04 -20.39
CA PRO B 440 -0.57 60.14 -21.02
C PRO B 440 -1.89 60.85 -21.35
N LEU B 441 -2.45 60.48 -22.49
CA LEU B 441 -3.69 61.08 -22.98
C LEU B 441 -4.64 60.01 -23.53
N TYR B 442 -5.84 59.91 -22.94
CA TYR B 442 -6.81 58.92 -23.36
C TYR B 442 -7.97 59.62 -24.08
N THR B 443 -8.25 59.18 -25.29
CA THR B 443 -9.30 59.79 -26.09
C THR B 443 -10.20 58.74 -26.72
N LEU B 444 -11.42 59.15 -27.08
CA LEU B 444 -12.39 58.28 -27.71
C LEU B 444 -12.67 58.76 -29.12
N HIS B 445 -12.79 57.82 -30.06
CA HIS B 445 -13.02 58.18 -31.45
C HIS B 445 -14.07 57.34 -32.16
N SER B 446 -14.58 57.89 -33.24
CA SER B 446 -15.56 57.21 -34.07
C SER B 446 -14.81 56.68 -35.30
N SER B 447 -14.99 55.41 -35.62
CA SER B 447 -14.33 54.82 -36.78
C SER B 447 -14.95 55.28 -38.11
N SER B 448 -16.24 55.57 -38.12
CA SER B 448 -16.90 55.98 -39.36
C SER B 448 -16.45 57.33 -39.89
N SER B 449 -16.11 58.24 -38.99
CA SER B 449 -15.67 59.58 -39.39
C SER B 449 -14.26 59.92 -38.88
N ASP B 450 -13.76 59.11 -37.96
CA ASP B 450 -12.45 59.37 -37.34
C ASP B 450 -12.42 60.70 -36.60
N LYS B 451 -13.58 61.11 -36.10
CA LYS B 451 -13.68 62.34 -35.32
C LYS B 451 -13.25 61.93 -33.91
N GLU B 452 -12.65 62.86 -33.17
CA GLU B 452 -12.18 62.55 -31.83
C GLU B 452 -13.21 62.49 -30.71
N LEU B 453 -14.48 62.68 -31.01
CA LEU B 453 -15.52 62.62 -29.97
C LEU B 453 -15.20 63.32 -28.65
N ARG B 454 -14.22 62.81 -27.90
CA ARG B 454 -13.86 63.44 -26.63
C ARG B 454 -12.59 62.93 -25.95
N VAL B 455 -12.10 63.76 -25.04
CA VAL B 455 -10.92 63.44 -24.24
C VAL B 455 -11.49 62.75 -23.01
N LEU B 456 -10.95 61.58 -22.67
CA LEU B 456 -11.41 60.82 -21.51
C LEU B 456 -10.58 61.13 -20.26
N GLU B 457 -9.29 61.38 -20.45
CA GLU B 457 -8.39 61.72 -19.35
C GLU B 457 -7.16 62.34 -19.98
N ASP B 458 -6.85 63.58 -19.57
CA ASP B 458 -5.70 64.27 -20.12
C ASP B 458 -4.63 64.57 -19.09
N ASN B 459 -4.82 64.09 -17.86
CA ASN B 459 -3.84 64.31 -16.80
C ASN B 459 -3.53 65.77 -16.51
N SER B 460 -4.55 66.62 -16.60
CA SER B 460 -4.36 68.04 -16.30
C SER B 460 -3.90 68.14 -14.83
N ALA B 461 -4.45 67.30 -13.96
CA ALA B 461 -4.08 67.32 -12.55
C ALA B 461 -2.56 67.15 -12.40
N LEU B 462 -2.03 66.10 -13.01
CA LEU B 462 -0.59 65.84 -12.94
C LEU B 462 0.22 66.96 -13.56
N ASP B 463 -0.17 67.39 -14.74
CA ASP B 463 0.54 68.45 -15.43
C ASP B 463 0.84 69.64 -14.52
N LYS B 464 -0.17 70.08 -13.78
CA LYS B 464 -0.06 71.20 -12.86
C LYS B 464 1.04 70.88 -11.82
N MET B 465 0.81 69.82 -11.03
CA MET B 465 1.77 69.40 -10.02
C MET B 465 3.21 69.49 -10.50
N LEU B 466 3.47 68.98 -11.71
CA LEU B 466 4.81 68.98 -12.26
C LEU B 466 5.46 70.29 -12.63
N GLN B 467 4.69 71.37 -12.72
CA GLN B 467 5.30 72.64 -13.08
C GLN B 467 6.15 73.19 -11.95
N ASP B 468 5.81 72.82 -10.72
CA ASP B 468 6.56 73.30 -9.57
C ASP B 468 7.82 72.46 -9.29
N VAL B 469 8.07 71.42 -10.09
CA VAL B 469 9.23 70.59 -9.87
C VAL B 469 10.24 70.66 -11.01
N GLN B 470 11.49 70.43 -10.69
CA GLN B 470 12.58 70.46 -11.66
C GLN B 470 12.71 69.08 -12.34
N MET B 471 11.79 68.79 -13.25
CA MET B 471 11.80 67.53 -13.98
C MET B 471 12.96 67.41 -14.97
N PRO B 472 13.49 66.19 -15.14
CA PRO B 472 14.58 65.98 -16.08
C PRO B 472 13.95 65.86 -17.46
N SER B 473 14.77 65.82 -18.51
CA SER B 473 14.23 65.67 -19.85
C SER B 473 14.69 64.33 -20.40
N LYS B 474 13.94 63.79 -21.36
CA LYS B 474 14.28 62.52 -21.96
C LYS B 474 14.57 62.75 -23.44
N LYS B 475 15.80 62.46 -23.86
CA LYS B 475 16.19 62.66 -25.25
C LYS B 475 16.47 61.34 -25.97
N LEU B 476 15.95 61.20 -27.18
CA LEU B 476 16.19 60.00 -27.99
C LEU B 476 17.00 60.35 -29.21
N ASP B 477 17.94 59.49 -29.56
CA ASP B 477 18.75 59.73 -30.75
C ASP B 477 19.41 58.42 -31.16
N VAL B 478 20.26 58.49 -32.17
CA VAL B 478 20.92 57.31 -32.69
C VAL B 478 22.44 57.41 -32.71
N ILE B 479 23.07 56.25 -32.88
CA ILE B 479 24.52 56.15 -33.02
C ILE B 479 24.73 54.98 -33.96
N ASN B 480 25.93 54.88 -34.50
CA ASN B 480 26.25 53.80 -35.42
C ASN B 480 27.22 52.83 -34.78
N LEU B 481 26.89 51.54 -34.84
CA LEU B 481 27.78 50.50 -34.31
C LEU B 481 27.90 49.47 -35.41
N HIS B 482 29.13 49.17 -35.82
CA HIS B 482 29.38 48.18 -36.87
C HIS B 482 28.62 48.53 -38.15
N GLY B 483 28.36 49.82 -38.35
CA GLY B 483 27.66 50.24 -39.56
C GLY B 483 26.14 50.12 -39.52
N THR B 484 25.58 49.97 -38.33
CA THR B 484 24.14 49.87 -38.18
C THR B 484 23.71 50.96 -37.22
N LYS B 485 22.64 51.67 -37.52
CA LYS B 485 22.22 52.69 -36.60
C LYS B 485 21.32 52.07 -35.51
N PHE B 486 21.59 52.45 -34.28
CA PHE B 486 20.84 51.95 -33.13
C PHE B 486 20.36 53.14 -32.33
N TRP B 487 19.26 52.94 -31.61
CA TRP B 487 18.70 54.01 -30.81
C TRP B 487 19.08 54.01 -29.33
N TYR B 488 19.10 55.20 -28.73
CA TYR B 488 19.37 55.30 -27.31
C TYR B 488 18.55 56.45 -26.75
N GLN B 489 18.41 56.46 -25.43
CA GLN B 489 17.73 57.54 -24.78
C GLN B 489 18.57 57.97 -23.61
N MET B 490 18.47 59.24 -23.25
CA MET B 490 19.20 59.72 -22.09
C MET B 490 18.20 60.52 -21.30
N ILE B 491 18.16 60.31 -20.00
CA ILE B 491 17.28 61.08 -19.13
C ILE B 491 18.28 62.11 -18.60
N LEU B 492 18.07 63.38 -18.96
CA LEU B 492 18.98 64.44 -18.57
C LEU B 492 18.53 65.29 -17.38
N PRO B 493 19.43 65.53 -16.42
CA PRO B 493 19.12 66.34 -15.23
C PRO B 493 18.60 67.72 -15.64
N PRO B 494 17.80 68.36 -14.77
CA PRO B 494 17.24 69.68 -15.08
C PRO B 494 18.43 70.66 -15.21
N HIS B 495 18.21 71.80 -15.85
CA HIS B 495 19.29 72.79 -16.04
C HIS B 495 20.51 72.09 -16.58
N PHE B 496 20.31 71.12 -17.47
CA PHE B 496 21.43 70.39 -18.03
C PHE B 496 22.43 71.31 -18.71
N ASP B 497 23.65 71.39 -18.17
CA ASP B 497 24.68 72.23 -18.76
C ASP B 497 25.70 71.45 -19.58
N LYS B 498 25.65 71.65 -20.89
CA LYS B 498 26.53 71.03 -21.87
C LYS B 498 28.00 70.95 -21.43
N SER B 499 28.44 71.99 -20.73
CA SER B 499 29.80 72.12 -20.25
C SER B 499 30.20 71.14 -19.15
N LYS B 500 29.38 71.10 -18.10
CA LYS B 500 29.60 70.24 -16.93
C LYS B 500 29.65 68.73 -17.23
N LYS B 501 30.45 68.01 -16.45
CA LYS B 501 30.58 66.56 -16.61
C LYS B 501 29.68 65.87 -15.59
N TYR B 502 28.83 64.97 -16.06
CA TYR B 502 27.89 64.28 -15.17
C TYR B 502 28.15 62.80 -15.05
N PRO B 503 27.85 62.22 -13.87
CA PRO B 503 28.06 60.78 -13.77
C PRO B 503 27.00 60.17 -14.68
N LEU B 504 27.21 58.93 -15.09
CA LEU B 504 26.30 58.27 -16.02
C LEU B 504 25.88 56.90 -15.53
N LEU B 505 24.58 56.64 -15.52
CA LEU B 505 24.08 55.31 -15.13
C LEU B 505 23.46 54.71 -16.37
N ILE B 506 23.91 53.53 -16.75
CA ILE B 506 23.33 52.84 -17.90
C ILE B 506 22.28 51.90 -17.30
N GLU B 507 21.02 52.03 -17.72
CA GLU B 507 19.98 51.13 -17.24
C GLU B 507 19.80 50.16 -18.40
N VAL B 508 20.00 48.89 -18.14
CA VAL B 508 19.95 47.90 -19.23
C VAL B 508 18.98 46.74 -19.03
N TYR B 509 18.43 46.24 -20.14
CA TYR B 509 17.63 45.02 -20.08
C TYR B 509 18.31 44.18 -21.13
N ALA B 510 18.15 44.56 -22.40
CA ALA B 510 18.81 43.93 -23.53
C ALA B 510 18.57 42.46 -23.85
N GLY B 511 17.46 41.91 -23.37
CA GLY B 511 17.18 40.53 -23.70
C GLY B 511 16.67 40.48 -25.14
N PRO B 512 16.59 39.28 -25.73
CA PRO B 512 16.11 39.13 -27.10
C PRO B 512 14.74 39.76 -27.27
N CYS B 513 14.62 40.59 -28.31
CA CYS B 513 13.40 41.33 -28.65
C CYS B 513 13.00 42.37 -27.60
N SER B 514 13.97 42.82 -26.81
CA SER B 514 13.66 43.83 -25.82
C SER B 514 13.65 45.22 -26.49
N GLN B 515 13.07 46.18 -25.79
CA GLN B 515 13.08 47.55 -26.26
C GLN B 515 13.10 48.43 -25.03
N LYS B 516 14.28 48.98 -24.73
CA LYS B 516 14.43 49.85 -23.57
C LYS B 516 14.43 51.31 -23.99
N VAL B 517 14.42 51.54 -25.29
CA VAL B 517 14.42 52.91 -25.80
C VAL B 517 13.10 53.17 -26.49
N ASP B 518 12.28 54.01 -25.87
CA ASP B 518 11.00 54.32 -26.45
C ASP B 518 10.56 55.72 -26.06
N THR B 519 9.38 56.11 -26.52
CA THR B 519 8.85 57.43 -26.24
C THR B 519 7.78 57.42 -25.16
N VAL B 520 7.81 56.41 -24.28
CA VAL B 520 6.82 56.32 -23.22
C VAL B 520 7.16 57.27 -22.07
N PHE B 521 6.15 57.92 -21.50
CA PHE B 521 6.40 58.81 -20.37
C PHE B 521 6.43 57.98 -19.10
N ARG B 522 7.49 58.13 -18.30
CA ARG B 522 7.59 57.36 -17.04
C ARG B 522 8.15 58.16 -15.87
N LEU B 523 7.54 57.97 -14.71
CA LEU B 523 8.03 58.58 -13.47
C LEU B 523 8.71 57.37 -12.85
N SER B 524 10.04 57.33 -12.93
CA SER B 524 10.80 56.19 -12.43
C SER B 524 11.93 56.54 -11.49
N TRP B 525 12.64 55.51 -11.05
CA TRP B 525 13.79 55.71 -10.20
C TRP B 525 14.74 56.62 -10.98
N ALA B 526 14.84 56.40 -12.29
CA ALA B 526 15.72 57.22 -13.14
C ALA B 526 15.35 58.71 -13.10
N THR B 527 14.06 58.99 -12.99
CA THR B 527 13.60 60.36 -12.93
C THR B 527 14.22 61.04 -11.71
N TYR B 528 14.13 60.36 -10.56
CA TYR B 528 14.70 60.86 -9.32
C TYR B 528 16.20 61.02 -9.46
N LEU B 529 16.90 59.97 -9.92
CA LEU B 529 18.34 60.04 -10.09
C LEU B 529 18.80 61.26 -10.93
N ALA B 530 18.00 61.61 -11.92
CA ALA B 530 18.34 62.74 -12.79
C ALA B 530 17.98 64.06 -12.12
N SER B 531 16.71 64.18 -11.73
CA SER B 531 16.19 65.38 -11.10
C SER B 531 16.92 65.79 -9.82
N THR B 532 17.02 64.87 -8.86
CA THR B 532 17.66 65.17 -7.59
C THR B 532 19.16 64.96 -7.50
N GLU B 533 19.65 63.82 -7.97
CA GLU B 533 21.08 63.52 -7.86
C GLU B 533 21.97 63.94 -9.03
N ASN B 534 21.37 64.51 -10.06
CA ASN B 534 22.12 64.97 -11.24
C ASN B 534 22.90 63.92 -12.00
N ILE B 535 22.32 62.74 -12.09
CA ILE B 535 22.94 61.63 -12.81
C ILE B 535 22.22 61.50 -14.14
N ILE B 536 22.99 61.28 -15.21
CA ILE B 536 22.40 61.07 -16.51
C ILE B 536 22.07 59.58 -16.53
N VAL B 537 20.86 59.22 -16.95
CA VAL B 537 20.52 57.80 -17.01
C VAL B 537 20.20 57.47 -18.48
N ALA B 538 21.02 56.63 -19.08
CA ALA B 538 20.84 56.25 -20.48
C ALA B 538 20.52 54.77 -20.69
N SER B 539 19.90 54.48 -21.83
CA SER B 539 19.58 53.11 -22.23
C SER B 539 19.89 53.00 -23.71
N PHE B 540 20.21 51.79 -24.15
CA PHE B 540 20.60 51.54 -25.53
C PHE B 540 20.05 50.22 -26.03
N ASP B 541 19.47 50.21 -27.23
CA ASP B 541 18.96 48.99 -27.83
C ASP B 541 19.92 48.61 -28.95
N GLY B 542 20.72 47.58 -28.69
CA GLY B 542 21.69 47.10 -29.65
C GLY B 542 21.26 45.80 -30.32
N ARG B 543 22.23 44.97 -30.67
CA ARG B 543 21.93 43.70 -31.33
C ARG B 543 21.11 42.83 -30.39
N GLY B 544 20.15 42.13 -30.96
CA GLY B 544 19.27 41.28 -30.18
C GLY B 544 17.98 42.02 -29.81
N SER B 545 18.00 43.36 -29.89
CA SER B 545 16.81 44.13 -29.55
C SER B 545 15.73 43.92 -30.60
N GLY B 546 14.48 44.22 -30.26
CA GLY B 546 13.41 43.97 -31.22
C GLY B 546 12.85 45.15 -32.00
N TYR B 547 11.82 44.83 -32.79
CA TYR B 547 11.07 45.81 -33.59
C TYR B 547 11.86 46.52 -34.67
N GLN B 548 13.04 45.99 -34.99
CA GLN B 548 13.89 46.58 -36.02
C GLN B 548 14.29 45.55 -37.05
N GLY B 549 13.48 44.49 -37.18
CA GLY B 549 13.78 43.45 -38.14
C GLY B 549 14.61 42.32 -37.55
N ASP B 550 14.58 41.18 -38.23
CA ASP B 550 15.29 39.98 -37.79
C ASP B 550 16.82 40.02 -37.86
N LYS B 551 17.40 40.80 -38.78
CA LYS B 551 18.85 40.85 -38.85
C LYS B 551 19.39 41.31 -37.50
N ILE B 552 18.74 42.33 -36.93
CA ILE B 552 19.14 42.87 -35.64
C ILE B 552 18.75 41.92 -34.51
N MET B 553 17.49 41.51 -34.51
CA MET B 553 17.00 40.66 -33.44
C MET B 553 17.66 39.30 -33.31
N HIS B 554 17.83 38.58 -34.42
CA HIS B 554 18.41 37.25 -34.39
C HIS B 554 19.93 37.26 -34.33
N ALA B 555 20.52 38.44 -34.21
CA ALA B 555 21.97 38.55 -34.13
C ALA B 555 22.51 37.75 -32.95
N ILE B 556 21.75 37.67 -31.86
CA ILE B 556 22.26 36.89 -30.72
C ILE B 556 21.72 35.48 -30.66
N ASN B 557 21.11 35.02 -31.75
CA ASN B 557 20.61 33.65 -31.77
C ASN B 557 21.73 32.68 -31.39
N ARG B 558 21.43 31.75 -30.49
CA ARG B 558 22.38 30.75 -30.00
C ARG B 558 23.64 31.32 -29.35
N ARG B 559 23.62 32.60 -29.02
CA ARG B 559 24.77 33.18 -28.38
C ARG B 559 24.43 34.29 -27.39
N LEU B 560 23.52 33.98 -26.47
CA LEU B 560 23.17 34.97 -25.46
C LEU B 560 24.43 35.35 -24.68
N GLY B 561 24.52 36.60 -24.26
CA GLY B 561 25.65 37.04 -23.49
C GLY B 561 26.82 37.51 -24.32
N THR B 562 26.65 37.62 -25.64
CA THR B 562 27.75 38.08 -26.49
C THR B 562 27.53 39.49 -27.05
N PHE B 563 26.94 39.59 -28.23
CA PHE B 563 26.73 40.88 -28.87
C PHE B 563 25.91 41.90 -28.11
N GLU B 564 24.82 41.48 -27.46
CA GLU B 564 24.02 42.45 -26.73
C GLU B 564 24.85 43.05 -25.58
N VAL B 565 25.74 42.26 -24.99
CA VAL B 565 26.62 42.74 -23.91
C VAL B 565 27.70 43.68 -24.48
N GLU B 566 28.29 43.24 -25.59
CA GLU B 566 29.34 44.02 -26.25
C GLU B 566 28.83 45.36 -26.75
N ASP B 567 27.60 45.36 -27.28
CA ASP B 567 27.01 46.59 -27.77
C ASP B 567 26.73 47.58 -26.67
N GLN B 568 26.36 47.09 -25.48
CA GLN B 568 26.16 48.00 -24.35
C GLN B 568 27.50 48.67 -23.99
N ILE B 569 28.59 47.91 -24.08
CA ILE B 569 29.91 48.46 -23.75
C ILE B 569 30.33 49.53 -24.76
N GLU B 570 30.18 49.21 -26.04
CA GLU B 570 30.52 50.13 -27.14
C GLU B 570 29.70 51.41 -27.14
N ALA B 571 28.39 51.28 -26.94
CA ALA B 571 27.52 52.45 -26.90
C ALA B 571 27.95 53.37 -25.77
N THR B 572 28.23 52.78 -24.61
CA THR B 572 28.64 53.53 -23.43
C THR B 572 29.97 54.25 -23.67
N ARG B 573 30.86 53.55 -24.36
CA ARG B 573 32.17 54.10 -24.69
C ARG B 573 31.94 55.37 -25.49
N GLN B 574 31.05 55.31 -26.48
CA GLN B 574 30.73 56.48 -27.29
C GLN B 574 30.07 57.56 -26.44
N PHE B 575 29.28 57.14 -25.46
CA PHE B 575 28.62 58.13 -24.61
C PHE B 575 29.67 58.89 -23.81
N SER B 576 30.65 58.16 -23.26
CA SER B 576 31.68 58.78 -22.46
C SER B 576 32.55 59.77 -23.21
N LYS B 577 32.43 59.78 -24.54
CA LYS B 577 33.21 60.69 -25.37
C LYS B 577 32.38 61.90 -25.77
N MET B 578 31.16 62.00 -25.26
CA MET B 578 30.29 63.12 -25.62
C MET B 578 30.63 64.41 -24.88
N GLY B 579 31.69 64.37 -24.07
CA GLY B 579 32.10 65.57 -23.36
C GLY B 579 31.35 65.94 -22.10
N PHE B 580 30.07 65.59 -22.00
CA PHE B 580 29.31 65.93 -20.79
C PHE B 580 29.20 64.74 -19.83
N VAL B 581 29.97 63.69 -20.10
CA VAL B 581 29.99 62.50 -19.26
C VAL B 581 31.29 62.37 -18.46
N ASP B 582 31.17 62.27 -17.15
CA ASP B 582 32.34 62.10 -16.32
C ASP B 582 32.70 60.62 -16.41
N ASP B 583 33.70 60.32 -17.24
CA ASP B 583 34.09 58.93 -17.44
C ASP B 583 34.65 58.27 -16.18
N LYS B 584 34.84 59.03 -15.11
CA LYS B 584 35.34 58.45 -13.87
C LYS B 584 34.16 57.90 -13.07
N ARG B 585 32.95 58.26 -13.49
CA ARG B 585 31.77 57.81 -12.79
C ARG B 585 30.68 57.28 -13.71
N ILE B 586 30.90 56.06 -14.19
CA ILE B 586 29.96 55.37 -15.07
C ILE B 586 29.52 54.07 -14.41
N ALA B 587 28.20 53.89 -14.25
CA ALA B 587 27.66 52.67 -13.62
C ALA B 587 26.66 52.00 -14.56
N ILE B 588 26.29 50.77 -14.26
CA ILE B 588 25.30 50.06 -15.06
C ILE B 588 24.45 49.20 -14.12
N TRP B 589 23.16 49.09 -14.41
CA TRP B 589 22.28 48.29 -13.58
C TRP B 589 21.15 47.71 -14.42
N GLY B 590 20.55 46.63 -13.89
CA GLY B 590 19.45 46.00 -14.58
C GLY B 590 18.83 44.90 -13.72
N TRP B 591 17.65 44.47 -14.15
CA TRP B 591 16.86 43.45 -13.48
C TRP B 591 16.62 42.29 -14.46
N SER B 592 16.68 41.06 -13.94
CA SER B 592 16.44 39.85 -14.72
C SER B 592 17.43 39.71 -15.88
N TYR B 593 16.96 39.73 -17.13
CA TYR B 593 17.94 39.65 -18.22
C TYR B 593 18.91 40.85 -18.07
N GLY B 594 18.36 41.96 -17.60
CA GLY B 594 19.16 43.15 -17.38
C GLY B 594 20.22 42.95 -16.30
N GLY B 595 19.94 42.08 -15.33
CA GLY B 595 20.90 41.81 -14.28
C GLY B 595 22.00 40.92 -14.86
N TYR B 596 21.61 40.02 -15.76
CA TYR B 596 22.56 39.14 -16.44
C TYR B 596 23.51 39.99 -17.31
N VAL B 597 22.94 40.88 -18.12
CA VAL B 597 23.78 41.74 -18.97
C VAL B 597 24.67 42.66 -18.11
N THR B 598 24.11 43.25 -17.05
CA THR B 598 24.92 44.10 -16.16
C THR B 598 26.11 43.31 -15.65
N SER B 599 25.86 42.07 -15.23
CA SER B 599 26.95 41.23 -14.70
C SER B 599 27.98 40.89 -15.75
N MET B 600 27.50 40.50 -16.93
CA MET B 600 28.41 40.17 -18.02
C MET B 600 29.24 41.40 -18.41
N VAL B 601 28.63 42.59 -18.41
CA VAL B 601 29.36 43.81 -18.75
C VAL B 601 30.43 44.07 -17.68
N LEU B 602 30.07 43.94 -16.41
CA LEU B 602 31.05 44.16 -15.35
C LEU B 602 32.18 43.13 -15.39
N GLY B 603 31.86 41.93 -15.85
CA GLY B 603 32.86 40.89 -15.94
C GLY B 603 33.64 40.90 -17.25
N ALA B 604 33.36 41.89 -18.11
CA ALA B 604 34.04 42.01 -19.40
C ALA B 604 35.46 42.59 -19.25
N GLY B 605 35.70 43.35 -18.18
CA GLY B 605 37.01 43.94 -17.97
C GLY B 605 37.34 45.08 -18.92
N SER B 606 36.32 45.84 -19.30
CA SER B 606 36.47 46.96 -20.23
C SER B 606 36.99 48.25 -19.61
N GLY B 607 37.14 48.28 -18.29
CA GLY B 607 37.61 49.49 -17.64
C GLY B 607 36.62 50.64 -17.76
N VAL B 608 35.52 50.43 -18.48
CA VAL B 608 34.54 51.49 -18.68
C VAL B 608 33.65 51.76 -17.47
N PHE B 609 33.23 50.71 -16.78
CA PHE B 609 32.33 50.87 -15.65
C PHE B 609 32.97 50.74 -14.27
N LYS B 610 32.70 51.73 -13.43
CA LYS B 610 33.23 51.75 -12.07
C LYS B 610 32.45 50.79 -11.14
N CYS B 611 31.13 50.71 -11.31
CA CYS B 611 30.29 49.88 -10.45
C CYS B 611 29.02 49.45 -11.16
N GLY B 612 28.35 48.44 -10.61
CA GLY B 612 27.11 47.97 -11.22
C GLY B 612 26.23 47.25 -10.21
N ILE B 613 24.93 47.16 -10.50
CA ILE B 613 23.95 46.51 -9.61
C ILE B 613 23.12 45.57 -10.47
N ALA B 614 23.15 44.29 -10.13
CA ALA B 614 22.33 43.29 -10.83
C ALA B 614 21.22 42.85 -9.87
N VAL B 615 19.98 42.90 -10.34
CA VAL B 615 18.85 42.49 -9.50
C VAL B 615 18.25 41.22 -10.13
N ALA B 616 18.11 40.18 -9.30
CA ALA B 616 17.55 38.89 -9.74
C ALA B 616 18.07 38.46 -11.11
N PRO B 617 19.38 38.49 -11.29
CA PRO B 617 20.01 38.10 -12.56
C PRO B 617 20.02 36.61 -12.89
N VAL B 618 19.97 36.32 -14.18
CA VAL B 618 20.20 34.97 -14.65
C VAL B 618 21.75 34.96 -14.58
N SER B 619 22.36 33.86 -14.15
CA SER B 619 23.82 33.80 -14.09
C SER B 619 24.37 32.67 -14.96
N LYS B 620 23.51 31.68 -15.23
CA LYS B 620 23.85 30.51 -16.03
C LYS B 620 22.59 29.99 -16.72
N TRP B 621 22.64 29.92 -18.05
CA TRP B 621 21.45 29.53 -18.79
C TRP B 621 20.86 28.18 -18.48
N GLU B 622 21.69 27.22 -18.07
CA GLU B 622 21.16 25.90 -17.73
C GLU B 622 20.26 26.02 -16.46
N TYR B 623 20.34 27.12 -15.72
CA TYR B 623 19.48 27.28 -14.54
C TYR B 623 18.11 27.88 -14.91
N TYR B 624 17.98 28.47 -16.10
CA TYR B 624 16.71 29.07 -16.48
C TYR B 624 15.77 28.07 -17.13
N ASP B 625 14.52 28.47 -17.40
CA ASP B 625 13.56 27.50 -17.91
C ASP B 625 13.77 27.12 -19.35
N SER B 626 13.28 25.94 -19.67
CA SER B 626 13.44 25.37 -21.00
C SER B 626 12.86 26.18 -22.16
N VAL B 627 11.59 26.59 -22.04
CA VAL B 627 10.91 27.32 -23.11
C VAL B 627 11.66 28.59 -23.53
N TYR B 628 11.98 29.43 -22.56
CA TYR B 628 12.68 30.66 -22.89
C TYR B 628 14.10 30.39 -23.33
N THR B 629 14.83 29.62 -22.52
CA THR B 629 16.23 29.39 -22.81
C THR B 629 16.52 28.71 -24.13
N GLU B 630 15.80 27.63 -24.40
CA GLU B 630 16.03 26.89 -25.64
C GLU B 630 15.63 27.66 -26.89
N ARG B 631 14.66 28.56 -26.73
CA ARG B 631 14.20 29.39 -27.84
C ARG B 631 15.38 30.12 -28.45
N TYR B 632 16.28 30.60 -27.61
CA TYR B 632 17.43 31.36 -28.09
C TYR B 632 18.74 30.62 -28.03
N MET B 633 18.79 29.51 -27.32
CA MET B 633 20.08 28.84 -27.15
C MET B 633 20.16 27.39 -27.57
N GLY B 634 19.03 26.81 -27.96
CA GLY B 634 19.02 25.42 -28.32
C GLY B 634 19.22 24.59 -27.06
N LEU B 635 19.72 23.36 -27.21
CA LEU B 635 19.93 22.42 -26.10
C LEU B 635 21.36 22.45 -25.55
N PRO B 636 21.51 22.28 -24.23
CA PRO B 636 22.82 22.28 -23.60
C PRO B 636 23.55 20.96 -23.72
N THR B 637 23.59 20.41 -24.93
CA THR B 637 24.27 19.15 -25.15
C THR B 637 25.46 19.34 -26.08
N PRO B 638 26.43 18.42 -26.02
CA PRO B 638 27.58 18.58 -26.91
C PRO B 638 27.15 18.53 -28.39
N GLU B 639 26.13 17.73 -28.68
CA GLU B 639 25.60 17.61 -30.04
C GLU B 639 24.96 18.91 -30.52
N ASP B 640 24.60 19.79 -29.59
CA ASP B 640 23.95 21.03 -29.99
C ASP B 640 24.72 22.30 -29.64
N ASN B 641 24.34 22.95 -28.54
CA ASN B 641 24.97 24.22 -28.18
C ASN B 641 25.67 24.31 -26.83
N LEU B 642 26.06 23.18 -26.24
CA LEU B 642 26.72 23.20 -24.93
C LEU B 642 27.87 24.20 -24.82
N ASP B 643 28.73 24.29 -25.84
CA ASP B 643 29.86 25.22 -25.79
C ASP B 643 29.51 26.67 -25.51
N TYR B 644 28.42 27.16 -26.11
CA TYR B 644 28.03 28.56 -25.88
C TYR B 644 27.27 28.76 -24.58
N TYR B 645 26.79 27.66 -24.03
CA TYR B 645 26.12 27.68 -22.74
C TYR B 645 27.27 27.83 -21.73
N ARG B 646 28.32 27.05 -21.93
CA ARG B 646 29.46 27.05 -21.01
C ARG B 646 30.20 28.36 -20.85
N ASN B 647 30.44 29.08 -21.93
CA ASN B 647 31.16 30.33 -21.79
C ASN B 647 30.32 31.59 -21.75
N SER B 648 29.03 31.43 -21.44
CA SER B 648 28.14 32.59 -21.32
C SER B 648 27.62 32.74 -19.88
N THR B 649 28.28 32.07 -18.94
CA THR B 649 27.88 32.18 -17.54
C THR B 649 28.56 33.41 -16.98
N VAL B 650 27.95 33.99 -15.97
CA VAL B 650 28.57 35.15 -15.33
C VAL B 650 29.76 34.65 -14.54
N MET B 651 29.66 33.44 -13.99
CA MET B 651 30.75 32.89 -13.19
C MET B 651 32.06 32.77 -13.98
N SER B 652 31.96 32.49 -15.29
CA SER B 652 33.15 32.37 -16.14
C SER B 652 33.97 33.66 -16.22
N ARG B 653 33.38 34.77 -15.79
CA ARG B 653 34.03 36.08 -15.81
C ARG B 653 34.32 36.60 -14.40
N ALA B 654 34.24 35.73 -13.40
CA ALA B 654 34.43 36.16 -12.01
C ALA B 654 35.71 36.97 -11.73
N GLU B 655 36.83 36.51 -12.26
CA GLU B 655 38.11 37.18 -12.06
C GLU B 655 38.11 38.66 -12.40
N ASN B 656 37.35 39.02 -13.43
CA ASN B 656 37.29 40.41 -13.86
C ASN B 656 36.50 41.36 -12.94
N PHE B 657 35.82 40.79 -11.95
CA PHE B 657 35.04 41.61 -11.01
C PHE B 657 35.91 42.28 -9.96
N LYS B 658 37.17 41.89 -9.90
CA LYS B 658 38.10 42.48 -8.93
C LYS B 658 38.31 43.95 -9.27
N GLN B 659 37.99 44.32 -10.50
CA GLN B 659 38.20 45.69 -10.94
C GLN B 659 36.99 46.60 -10.77
N VAL B 660 35.88 46.06 -10.29
CA VAL B 660 34.69 46.88 -10.14
C VAL B 660 33.99 46.71 -8.80
N GLU B 661 33.08 47.62 -8.51
CA GLU B 661 32.28 47.57 -7.29
C GLU B 661 30.96 46.93 -7.73
N TYR B 662 30.57 45.83 -7.11
CA TYR B 662 29.35 45.13 -7.52
C TYR B 662 28.34 44.90 -6.39
N LEU B 663 27.06 45.06 -6.69
CA LEU B 663 25.99 44.81 -5.73
C LEU B 663 25.04 43.81 -6.40
N LEU B 664 24.90 42.65 -5.78
CA LEU B 664 24.06 41.55 -6.29
C LEU B 664 22.81 41.47 -5.38
N ILE B 665 21.62 41.55 -5.97
CA ILE B 665 20.39 41.52 -5.19
C ILE B 665 19.47 40.42 -5.69
N HIS B 666 18.82 39.70 -4.77
CA HIS B 666 17.90 38.63 -5.20
C HIS B 666 16.86 38.32 -4.11
N GLY B 667 15.62 38.06 -4.53
CA GLY B 667 14.56 37.70 -3.59
C GLY B 667 14.66 36.20 -3.35
N THR B 668 14.58 35.77 -2.09
CA THR B 668 14.75 34.35 -1.80
C THR B 668 13.62 33.47 -2.29
N ALA B 669 12.47 34.06 -2.59
CA ALA B 669 11.32 33.29 -3.04
C ALA B 669 11.04 33.54 -4.51
N ASP B 670 12.11 33.78 -5.27
CA ASP B 670 11.97 34.02 -6.71
C ASP B 670 11.73 32.68 -7.39
N ASP B 671 10.51 32.51 -7.91
CA ASP B 671 10.11 31.27 -8.56
C ASP B 671 10.49 31.24 -10.04
N ASN B 672 10.97 32.38 -10.55
CA ASN B 672 11.24 32.54 -11.98
C ASN B 672 12.75 32.39 -12.23
N VAL B 673 13.51 33.40 -11.78
CA VAL B 673 14.97 33.32 -11.84
C VAL B 673 15.30 32.92 -10.39
N HIS B 674 15.61 31.64 -10.22
CA HIS B 674 15.82 31.13 -8.88
C HIS B 674 16.97 31.74 -8.12
N PHE B 675 16.78 31.89 -6.81
CA PHE B 675 17.81 32.46 -5.92
C PHE B 675 19.12 31.72 -6.19
N GLN B 676 18.98 30.43 -6.51
CA GLN B 676 20.12 29.57 -6.88
C GLN B 676 21.09 30.27 -7.85
N GLN B 677 20.54 31.03 -8.80
CA GLN B 677 21.36 31.71 -9.82
C GLN B 677 22.33 32.68 -9.13
N SER B 678 21.83 33.49 -8.20
CA SER B 678 22.73 34.39 -7.49
C SER B 678 23.57 33.66 -6.44
N ALA B 679 23.02 32.59 -5.87
CA ALA B 679 23.79 31.83 -4.88
C ALA B 679 25.01 31.19 -5.58
N GLN B 680 24.84 30.71 -6.80
CA GLN B 680 25.97 30.09 -7.50
C GLN B 680 26.96 31.15 -7.99
N LEU B 681 26.43 32.31 -8.38
CA LEU B 681 27.29 33.40 -8.82
C LEU B 681 28.13 33.92 -7.65
N SER B 682 27.49 34.21 -6.49
CA SER B 682 28.25 34.70 -5.33
C SER B 682 29.33 33.69 -4.92
N LYS B 683 28.97 32.41 -4.99
CA LYS B 683 29.92 31.34 -4.63
C LYS B 683 31.15 31.40 -5.54
N ALA B 684 30.94 31.60 -6.84
CA ALA B 684 32.07 31.68 -7.78
C ALA B 684 32.92 32.93 -7.51
N LEU B 685 32.27 34.05 -7.21
CA LEU B 685 33.02 35.28 -6.89
C LEU B 685 33.84 35.08 -5.60
N VAL B 686 33.27 34.39 -4.62
CA VAL B 686 33.98 34.12 -3.36
C VAL B 686 35.19 33.25 -3.64
N ASP B 687 34.98 32.21 -4.44
CA ASP B 687 36.05 31.30 -4.81
C ASP B 687 37.18 32.00 -5.54
N ALA B 688 36.85 33.07 -6.26
CA ALA B 688 37.85 33.80 -7.02
C ALA B 688 38.48 34.94 -6.21
N GLY B 689 38.05 35.09 -4.95
CA GLY B 689 38.61 36.13 -4.08
C GLY B 689 38.15 37.54 -4.39
N VAL B 690 36.96 37.65 -4.97
CA VAL B 690 36.34 38.93 -5.35
C VAL B 690 35.48 39.49 -4.24
N ASP B 691 35.73 40.72 -3.78
CA ASP B 691 34.84 41.26 -2.77
C ASP B 691 33.72 41.98 -3.53
N PHE B 692 32.54 41.93 -2.96
CA PHE B 692 31.37 42.54 -3.58
C PHE B 692 30.33 42.65 -2.48
N GLN B 693 29.20 43.26 -2.81
CA GLN B 693 28.11 43.41 -1.86
C GLN B 693 26.90 42.59 -2.32
N THR B 694 26.08 42.27 -1.34
CA THR B 694 24.92 41.45 -1.59
C THR B 694 23.74 42.00 -0.80
N MET B 695 22.53 41.59 -1.17
CA MET B 695 21.32 41.94 -0.43
C MET B 695 20.30 40.90 -0.83
N TRP B 696 19.90 40.05 0.11
CA TRP B 696 18.85 39.09 -0.23
C TRP B 696 17.59 39.78 0.26
N TYR B 697 16.45 39.41 -0.29
CA TYR B 697 15.17 39.93 0.15
C TYR B 697 14.28 38.74 0.51
N THR B 698 14.17 38.50 1.80
CA THR B 698 13.37 37.39 2.31
C THR B 698 11.95 37.29 1.79
N ASP B 699 11.60 36.14 1.20
CA ASP B 699 10.26 35.87 0.73
C ASP B 699 9.75 36.75 -0.41
N GLU B 700 10.63 37.52 -1.03
CA GLU B 700 10.21 38.36 -2.14
C GLU B 700 10.40 37.55 -3.41
N ASP B 701 9.57 37.81 -4.41
CA ASP B 701 9.69 37.06 -5.64
C ASP B 701 10.43 37.83 -6.72
N HIS B 702 10.21 37.49 -7.98
CA HIS B 702 10.98 38.12 -9.03
C HIS B 702 10.75 39.63 -9.11
N GLY B 703 9.60 40.08 -8.61
CA GLY B 703 9.33 41.53 -8.67
C GLY B 703 9.82 42.30 -7.47
N ILE B 704 10.17 41.62 -6.36
CA ILE B 704 10.62 42.29 -5.14
C ILE B 704 9.65 43.48 -5.02
N ALA B 705 8.38 43.10 -5.10
CA ALA B 705 7.25 44.00 -5.18
C ALA B 705 6.44 44.40 -3.97
N SER B 706 6.66 43.77 -2.81
CA SER B 706 5.88 44.16 -1.65
C SER B 706 6.17 45.64 -1.42
N ASN B 707 5.22 46.35 -0.83
CA ASN B 707 5.44 47.76 -0.59
C ASN B 707 6.74 48.03 0.15
N MET B 708 7.00 47.31 1.23
CA MET B 708 8.22 47.61 1.95
C MET B 708 9.51 47.23 1.21
N ALA B 709 9.52 46.10 0.51
CA ALA B 709 10.74 45.67 -0.20
C ALA B 709 11.04 46.60 -1.38
N HIS B 710 9.98 47.07 -2.03
CA HIS B 710 10.10 47.98 -3.16
C HIS B 710 10.77 49.26 -2.65
N GLN B 711 10.29 49.79 -1.53
CA GLN B 711 10.93 51.00 -1.00
C GLN B 711 12.34 50.71 -0.54
N HIS B 712 12.54 49.53 0.04
CA HIS B 712 13.85 49.19 0.54
C HIS B 712 14.92 49.00 -0.53
N ILE B 713 14.58 48.28 -1.59
CA ILE B 713 15.58 48.02 -2.63
C ILE B 713 16.04 49.27 -3.37
N TYR B 714 15.13 50.17 -3.70
CA TYR B 714 15.53 51.41 -4.38
C TYR B 714 16.33 52.33 -3.47
N THR B 715 15.99 52.34 -2.19
CA THR B 715 16.72 53.14 -1.22
C THR B 715 18.13 52.56 -1.12
N HIS B 716 18.24 51.24 -1.03
CA HIS B 716 19.54 50.60 -0.92
C HIS B 716 20.36 50.86 -2.19
N MET B 717 19.74 50.75 -3.35
CA MET B 717 20.48 50.96 -4.57
C MET B 717 20.93 52.41 -4.73
N SER B 718 20.14 53.36 -4.23
CA SER B 718 20.49 54.76 -4.34
C SER B 718 21.74 55.05 -3.52
N HIS B 719 21.79 54.50 -2.31
CA HIS B 719 22.93 54.69 -1.42
C HIS B 719 24.18 54.12 -2.04
N PHE B 720 24.05 52.93 -2.62
CA PHE B 720 25.18 52.28 -3.26
C PHE B 720 25.71 53.15 -4.41
N LEU B 721 24.79 53.61 -5.26
CA LEU B 721 25.16 54.45 -6.41
C LEU B 721 25.83 55.74 -5.94
N LYS B 722 25.20 56.43 -5.01
CA LYS B 722 25.76 57.68 -4.53
C LYS B 722 27.15 57.46 -3.92
N GLN B 723 27.34 56.36 -3.21
CA GLN B 723 28.66 56.11 -2.63
C GLN B 723 29.64 55.85 -3.78
N CYS B 724 29.20 55.12 -4.80
CA CYS B 724 30.06 54.84 -5.95
C CYS B 724 30.42 56.14 -6.67
N PHE B 725 29.49 57.08 -6.72
CA PHE B 725 29.72 58.33 -7.41
C PHE B 725 30.16 59.48 -6.50
N SER B 726 30.50 59.16 -5.25
CA SER B 726 30.93 60.16 -4.28
C SER B 726 29.93 61.30 -4.14
N LEU B 727 28.65 60.95 -4.18
CA LEU B 727 27.58 61.91 -4.05
C LEU B 727 27.09 61.92 -2.62
N PRO B 728 27.09 63.10 -1.97
CA PRO B 728 26.62 63.16 -0.60
C PRO B 728 25.08 63.06 -0.53
N SER C 1 -31.30 -68.53 26.39
CA SER C 1 -31.40 -67.53 27.49
C SER C 1 -30.72 -66.20 27.19
N ARG C 2 -29.51 -66.02 27.71
CA ARG C 2 -28.72 -64.79 27.54
C ARG C 2 -28.71 -63.98 26.23
N ARG C 3 -28.59 -62.68 26.43
CA ARG C 3 -28.54 -61.63 25.41
C ARG C 3 -27.34 -61.73 24.46
N THR C 4 -27.39 -60.96 23.38
CA THR C 4 -26.26 -60.90 22.43
C THR C 4 -25.78 -59.46 22.47
N TYR C 5 -24.55 -59.22 22.01
CA TYR C 5 -23.98 -57.88 21.98
C TYR C 5 -24.60 -57.21 20.75
N THR C 6 -25.43 -56.20 20.99
CA THR C 6 -26.16 -55.53 19.91
C THR C 6 -25.52 -54.27 19.36
N LEU C 7 -26.05 -53.76 18.24
CA LEU C 7 -25.50 -52.55 17.63
C LEU C 7 -25.60 -51.41 18.64
N THR C 8 -26.74 -51.32 19.29
CA THR C 8 -26.97 -50.30 20.31
C THR C 8 -25.95 -50.41 21.46
N ASP C 9 -25.66 -51.62 21.91
CA ASP C 9 -24.68 -51.76 22.98
C ASP C 9 -23.39 -51.10 22.51
N TYR C 10 -23.00 -51.39 21.28
CA TYR C 10 -21.77 -50.82 20.76
C TYR C 10 -21.89 -49.29 20.63
N LEU C 11 -22.96 -48.82 19.99
CA LEU C 11 -23.12 -47.40 19.76
C LEU C 11 -23.33 -46.55 21.01
N LYS C 12 -24.05 -47.09 22.00
CA LYS C 12 -24.28 -46.34 23.23
C LYS C 12 -23.25 -46.67 24.30
N SER C 13 -22.27 -47.50 23.97
CA SER C 13 -21.23 -47.91 24.91
C SER C 13 -21.84 -48.36 26.24
N THR C 14 -22.85 -49.23 26.16
CA THR C 14 -23.50 -49.72 27.37
C THR C 14 -22.56 -50.62 28.17
N PHE C 15 -21.53 -51.16 27.52
CA PHE C 15 -20.55 -51.98 28.22
C PHE C 15 -19.32 -51.10 28.34
N ARG C 16 -19.01 -50.69 29.56
CA ARG C 16 -17.89 -49.80 29.78
C ARG C 16 -16.61 -50.50 30.21
N VAL C 17 -15.55 -50.24 29.47
CA VAL C 17 -14.23 -50.80 29.77
C VAL C 17 -13.48 -49.71 30.55
N LYS C 18 -13.08 -50.03 31.77
CA LYS C 18 -12.39 -49.05 32.59
C LYS C 18 -10.88 -49.10 32.41
N PHE C 19 -10.24 -48.00 32.78
CA PHE C 19 -8.81 -47.87 32.69
C PHE C 19 -8.34 -47.18 33.96
N TYR C 20 -7.06 -46.87 34.04
CA TYR C 20 -6.52 -46.21 35.21
C TYR C 20 -5.37 -45.28 34.80
N THR C 21 -5.70 -44.01 34.64
CA THR C 21 -4.68 -43.04 34.23
C THR C 21 -4.07 -42.37 35.44
N LEU C 22 -2.76 -42.51 35.60
CA LEU C 22 -2.10 -41.86 36.72
C LEU C 22 -1.00 -40.98 36.14
N GLN C 23 -0.48 -40.11 36.99
CA GLN C 23 0.60 -39.21 36.63
C GLN C 23 1.70 -39.31 37.68
N TRP C 24 2.82 -39.90 37.31
CA TRP C 24 3.95 -40.03 38.21
C TRP C 24 4.48 -38.63 38.49
N ILE C 25 4.75 -38.30 39.76
CA ILE C 25 5.26 -36.98 40.12
C ILE C 25 6.58 -37.03 40.88
N SER C 26 7.09 -38.24 41.07
CA SER C 26 8.37 -38.42 41.75
C SER C 26 8.81 -39.84 41.43
N ASP C 27 9.83 -40.31 42.12
CA ASP C 27 10.30 -41.66 41.90
C ASP C 27 9.42 -42.69 42.61
N HIS C 28 8.50 -42.22 43.44
CA HIS C 28 7.63 -43.15 44.19
C HIS C 28 6.20 -42.68 44.47
N GLU C 29 5.77 -41.60 43.82
CA GLU C 29 4.41 -41.09 44.03
C GLU C 29 3.72 -40.76 42.72
N TYR C 30 2.39 -40.90 42.70
CA TYR C 30 1.64 -40.57 41.50
C TYR C 30 0.27 -39.98 41.84
N LEU C 31 -0.23 -39.15 40.93
CA LEU C 31 -1.52 -38.54 41.13
C LEU C 31 -2.54 -39.32 40.33
N TYR C 32 -3.76 -39.36 40.83
CA TYR C 32 -4.83 -40.08 40.16
C TYR C 32 -6.10 -39.29 40.43
N LYS C 33 -6.85 -39.02 39.39
CA LYS C 33 -8.09 -38.26 39.53
C LYS C 33 -9.28 -39.20 39.57
N GLN C 34 -9.94 -39.29 40.73
CA GLN C 34 -11.10 -40.15 40.86
C GLN C 34 -12.33 -39.27 40.97
N GLU C 35 -13.33 -39.57 40.14
CA GLU C 35 -14.57 -38.81 40.12
C GLU C 35 -14.21 -37.41 39.62
N ASN C 36 -13.57 -36.62 40.48
CA ASN C 36 -13.17 -35.27 40.11
C ASN C 36 -12.10 -34.72 41.04
N ASN C 37 -11.71 -35.50 42.04
CA ASN C 37 -10.68 -35.05 42.95
C ASN C 37 -9.36 -35.72 42.64
N ILE C 38 -8.27 -35.05 43.00
CA ILE C 38 -6.94 -35.57 42.73
C ILE C 38 -6.36 -36.20 43.98
N LEU C 39 -6.00 -37.47 43.89
CA LEU C 39 -5.45 -38.20 45.02
C LEU C 39 -3.96 -38.45 44.83
N LEU C 40 -3.19 -38.36 45.91
CA LEU C 40 -1.77 -38.62 45.83
C LEU C 40 -1.55 -40.01 46.43
N PHE C 41 -0.89 -40.87 45.67
CA PHE C 41 -0.60 -42.22 46.12
C PHE C 41 0.89 -42.35 46.30
N ASN C 42 1.26 -43.01 47.39
CA ASN C 42 2.65 -43.27 47.71
C ASN C 42 2.85 -44.75 47.43
N ALA C 43 3.59 -45.07 46.37
CA ALA C 43 3.84 -46.46 45.99
C ALA C 43 4.76 -47.18 46.98
N GLU C 44 5.60 -46.42 47.66
CA GLU C 44 6.53 -47.01 48.62
C GLU C 44 5.82 -47.49 49.89
N TYR C 45 5.01 -46.64 50.49
CA TYR C 45 4.31 -46.99 51.73
C TYR C 45 2.91 -47.53 51.51
N GLY C 46 2.42 -47.43 50.28
CA GLY C 46 1.09 -47.92 49.96
C GLY C 46 -0.03 -47.02 50.44
N ASN C 47 0.29 -45.93 51.12
CA ASN C 47 -0.74 -45.02 51.62
C ASN C 47 -1.04 -43.94 50.59
N SER C 48 -2.22 -43.33 50.72
CA SER C 48 -2.63 -42.25 49.82
C SER C 48 -3.24 -41.11 50.63
N SER C 49 -3.70 -40.08 49.93
CA SER C 49 -4.32 -38.91 50.56
C SER C 49 -4.79 -37.95 49.49
N ILE C 50 -5.90 -37.28 49.73
CA ILE C 50 -6.44 -36.33 48.76
C ILE C 50 -5.49 -35.17 48.54
N PHE C 51 -5.11 -34.94 47.28
CA PHE C 51 -4.19 -33.86 46.92
C PHE C 51 -4.95 -32.54 46.90
N LEU C 52 -6.16 -32.57 46.35
CA LEU C 52 -7.02 -31.40 46.32
C LEU C 52 -8.41 -31.90 45.95
N GLU C 53 -9.39 -31.51 46.75
CA GLU C 53 -10.75 -31.95 46.57
C GLU C 53 -11.53 -31.47 45.37
N ASN C 54 -12.62 -32.19 45.13
CA ASN C 54 -13.56 -31.93 44.05
C ASN C 54 -14.00 -30.47 44.08
N SER C 55 -14.21 -29.95 45.29
CA SER C 55 -14.67 -28.58 45.50
C SER C 55 -13.67 -27.47 45.15
N THR C 56 -13.23 -27.46 43.89
CA THR C 56 -12.30 -26.45 43.40
C THR C 56 -12.38 -26.39 41.88
N PHE C 57 -13.11 -27.34 41.31
CA PHE C 57 -13.29 -27.43 39.87
C PHE C 57 -14.57 -26.71 39.44
N ASP C 58 -14.54 -25.40 39.51
CA ASP C 58 -15.68 -24.57 39.15
C ASP C 58 -15.87 -24.53 37.63
N GLU C 59 -17.06 -24.95 37.18
CA GLU C 59 -17.37 -24.96 35.76
C GLU C 59 -17.44 -23.54 35.18
N LEU C 60 -16.42 -23.18 34.42
CA LEU C 60 -16.33 -21.87 33.79
C LEU C 60 -16.64 -21.99 32.29
N GLY C 61 -17.62 -22.82 31.97
CA GLY C 61 -18.00 -23.02 30.58
C GLY C 61 -19.03 -24.13 30.45
N TYR C 62 -18.57 -25.38 30.56
CA TYR C 62 -19.44 -26.54 30.49
C TYR C 62 -18.97 -27.54 31.55
N SER C 63 -17.91 -28.27 31.22
CA SER C 63 -17.31 -29.23 32.13
C SER C 63 -15.85 -28.81 32.25
N THR C 64 -14.96 -29.71 32.68
CA THR C 64 -13.57 -29.30 32.83
C THR C 64 -12.42 -30.29 32.67
N ASN C 65 -11.36 -29.91 33.37
CA ASN C 65 -10.07 -30.55 33.53
C ASN C 65 -9.37 -31.58 32.64
N ASP C 66 -8.08 -31.61 32.96
CA ASP C 66 -6.99 -32.41 32.46
C ASP C 66 -5.95 -31.60 33.21
N TYR C 67 -5.63 -32.02 34.42
CA TYR C 67 -4.71 -31.28 35.26
C TYR C 67 -3.24 -31.54 35.04
N SER C 68 -2.43 -30.61 35.52
CA SER C 68 -1.00 -30.75 35.43
C SER C 68 -0.46 -30.02 36.64
N VAL C 69 0.16 -30.75 37.56
CA VAL C 69 0.71 -30.12 38.74
C VAL C 69 2.17 -29.77 38.49
N SER C 70 2.59 -28.59 38.93
CA SER C 70 3.98 -28.18 38.75
C SER C 70 4.89 -29.14 39.49
N PRO C 71 6.06 -29.43 38.93
CA PRO C 71 6.97 -30.36 39.59
C PRO C 71 7.32 -30.05 41.05
N ASP C 72 7.29 -28.79 41.45
CA ASP C 72 7.60 -28.48 42.84
C ASP C 72 6.34 -28.55 43.68
N ARG C 73 5.25 -28.91 43.01
CA ARG C 73 3.94 -29.07 43.61
C ARG C 73 3.39 -27.83 44.30
N GLN C 74 3.85 -26.65 43.88
CA GLN C 74 3.35 -25.42 44.46
C GLN C 74 2.13 -24.91 43.69
N PHE C 75 1.94 -25.41 42.47
CA PHE C 75 0.82 -24.98 41.63
C PHE C 75 0.22 -26.14 40.83
N ILE C 76 -1.00 -25.93 40.35
CA ILE C 76 -1.68 -26.92 39.53
C ILE C 76 -2.36 -26.18 38.40
N LEU C 77 -2.20 -26.71 37.20
CA LEU C 77 -2.78 -26.13 35.99
C LEU C 77 -4.05 -26.90 35.66
N PHE C 78 -5.14 -26.18 35.44
CA PHE C 78 -6.43 -26.79 35.09
C PHE C 78 -6.76 -26.47 33.65
N GLU C 79 -7.04 -27.51 32.87
CA GLU C 79 -7.35 -27.35 31.45
C GLU C 79 -8.81 -27.62 31.14
N TYR C 80 -9.44 -26.70 30.43
CA TYR C 80 -10.84 -26.84 30.05
C TYR C 80 -11.13 -25.97 28.83
N ASN C 81 -12.39 -25.97 28.40
CA ASN C 81 -12.80 -25.17 27.25
C ASN C 81 -12.08 -25.64 25.99
N TYR C 82 -11.88 -26.96 25.91
CA TYR C 82 -11.20 -27.65 24.82
C TYR C 82 -11.85 -27.45 23.44
N VAL C 83 -11.06 -27.00 22.45
CA VAL C 83 -11.55 -26.81 21.08
C VAL C 83 -10.63 -27.61 20.17
N LYS C 84 -11.13 -28.70 19.58
CA LYS C 84 -10.33 -29.54 18.71
C LYS C 84 -9.94 -28.92 17.38
N GLN C 85 -8.73 -29.24 16.94
CA GLN C 85 -8.28 -28.78 15.64
C GLN C 85 -8.08 -30.06 14.84
N TRP C 86 -6.83 -30.54 14.72
CA TRP C 86 -6.60 -31.75 13.95
C TRP C 86 -6.56 -33.01 14.85
N ARG C 87 -5.78 -34.01 14.47
CA ARG C 87 -5.72 -35.25 15.26
C ARG C 87 -5.26 -35.05 16.71
N HIS C 88 -4.19 -34.28 16.90
CA HIS C 88 -3.66 -34.02 18.25
C HIS C 88 -3.82 -32.56 18.72
N SER C 89 -3.84 -31.62 17.78
CA SER C 89 -3.94 -30.22 18.15
C SER C 89 -5.31 -29.77 18.64
N TYR C 90 -5.28 -28.72 19.47
CA TYR C 90 -6.49 -28.13 20.02
C TYR C 90 -6.09 -26.85 20.77
N THR C 91 -7.07 -26.02 21.12
CA THR C 91 -6.78 -24.86 21.93
C THR C 91 -7.65 -25.07 23.17
N ALA C 92 -7.31 -24.41 24.26
CA ALA C 92 -8.09 -24.53 25.47
C ALA C 92 -7.80 -23.36 26.37
N SER C 93 -8.56 -23.27 27.46
CA SER C 93 -8.38 -22.24 28.46
C SER C 93 -7.71 -22.91 29.64
N TYR C 94 -6.90 -22.15 30.36
CA TYR C 94 -6.20 -22.67 31.53
C TYR C 94 -6.27 -21.71 32.71
N ASP C 95 -6.34 -22.29 33.89
CA ASP C 95 -6.34 -21.51 35.11
C ASP C 95 -5.31 -22.10 36.04
N ILE C 96 -4.59 -21.24 36.75
CA ILE C 96 -3.56 -21.71 37.66
C ILE C 96 -4.06 -21.54 39.08
N TYR C 97 -3.92 -22.59 39.87
CA TYR C 97 -4.35 -22.58 41.24
C TYR C 97 -3.12 -22.66 42.14
N ASP C 98 -2.99 -21.68 43.02
CA ASP C 98 -1.87 -21.62 43.95
C ASP C 98 -2.15 -22.60 45.09
N LEU C 99 -1.40 -23.69 45.13
CA LEU C 99 -1.61 -24.72 46.16
C LEU C 99 -1.10 -24.30 47.55
N ASN C 100 -0.39 -23.18 47.61
CA ASN C 100 0.14 -22.67 48.89
C ASN C 100 -0.98 -21.88 49.55
N LYS C 101 -1.31 -20.73 48.97
CA LYS C 101 -2.37 -19.88 49.50
C LYS C 101 -3.72 -20.51 49.19
N ARG C 102 -3.68 -21.58 48.39
CA ARG C 102 -4.88 -22.29 48.01
C ARG C 102 -5.91 -21.31 47.43
N GLN C 103 -5.49 -20.61 46.38
CA GLN C 103 -6.33 -19.63 45.68
C GLN C 103 -6.05 -19.66 44.18
N LEU C 104 -7.06 -19.29 43.40
CA LEU C 104 -6.95 -19.26 41.96
C LEU C 104 -6.33 -17.94 41.51
N ILE C 105 -5.25 -18.02 40.73
CA ILE C 105 -4.56 -16.82 40.23
C ILE C 105 -5.50 -16.08 39.28
N THR C 106 -5.78 -14.82 39.58
CA THR C 106 -6.68 -14.03 38.74
C THR C 106 -5.96 -12.95 37.93
N GLU C 107 -4.71 -12.68 38.26
CA GLU C 107 -3.92 -11.68 37.54
C GLU C 107 -2.92 -12.39 36.64
N GLU C 108 -2.59 -11.77 35.51
CA GLU C 108 -1.64 -12.35 34.57
C GLU C 108 -2.07 -13.76 34.14
N ARG C 109 -3.34 -13.90 33.77
CA ARG C 109 -3.89 -15.18 33.37
C ARG C 109 -3.43 -15.68 32.01
N ILE C 110 -3.42 -17.00 31.85
CA ILE C 110 -3.05 -17.60 30.58
C ILE C 110 -4.15 -17.21 29.61
N PRO C 111 -3.78 -16.74 28.41
CA PRO C 111 -4.72 -16.32 27.37
C PRO C 111 -5.75 -17.38 27.01
N ASN C 112 -6.87 -16.94 26.45
CA ASN C 112 -7.89 -17.88 26.02
C ASN C 112 -7.38 -18.33 24.65
N ASN C 113 -7.70 -19.55 24.26
CA ASN C 113 -7.25 -20.06 22.96
C ASN C 113 -5.75 -20.36 22.94
N THR C 114 -5.19 -20.75 24.09
CA THR C 114 -3.79 -21.11 24.12
C THR C 114 -3.68 -22.41 23.34
N GLN C 115 -2.61 -22.54 22.55
CA GLN C 115 -2.39 -23.72 21.70
C GLN C 115 -1.59 -24.82 22.37
N TRP C 116 -0.71 -24.41 23.27
CA TRP C 116 0.10 -25.36 23.98
C TRP C 116 0.62 -24.70 25.24
N ILE C 117 0.78 -25.49 26.27
CA ILE C 117 1.30 -24.98 27.53
C ILE C 117 1.93 -26.14 28.29
N THR C 118 3.00 -25.83 29.01
CA THR C 118 3.69 -26.83 29.79
C THR C 118 4.55 -26.23 30.88
N TRP C 119 4.62 -26.94 32.00
CA TRP C 119 5.47 -26.52 33.11
C TRP C 119 6.90 -26.89 32.70
N SER C 120 7.85 -26.28 33.37
CA SER C 120 9.25 -26.62 33.17
C SER C 120 9.36 -27.97 33.94
N PRO C 121 10.47 -28.72 33.74
CA PRO C 121 10.66 -30.02 34.41
C PRO C 121 10.91 -29.94 35.93
N VAL C 122 11.31 -28.76 36.38
CA VAL C 122 11.57 -28.49 37.79
C VAL C 122 10.92 -27.14 38.10
N GLY C 123 10.83 -26.80 39.38
CA GLY C 123 10.24 -25.54 39.76
C GLY C 123 8.83 -25.35 39.22
N HIS C 124 8.50 -24.13 38.82
CA HIS C 124 7.17 -23.85 38.28
C HIS C 124 7.10 -22.81 37.16
N LYS C 125 8.03 -22.88 36.21
CA LYS C 125 7.98 -21.96 35.08
C LYS C 125 6.97 -22.56 34.09
N LEU C 126 6.39 -21.69 33.28
CA LEU C 126 5.45 -22.09 32.27
C LEU C 126 5.88 -21.54 30.92
N ALA C 127 5.72 -22.34 29.87
CA ALA C 127 5.98 -21.88 28.51
C ALA C 127 4.71 -22.21 27.75
N TYR C 128 4.19 -21.26 26.99
CA TYR C 128 2.99 -21.52 26.23
C TYR C 128 3.00 -20.87 24.85
N VAL C 129 2.16 -21.37 23.98
CA VAL C 129 2.05 -20.86 22.63
C VAL C 129 0.66 -20.28 22.46
N TRP C 130 0.60 -19.06 21.96
CA TRP C 130 -0.67 -18.38 21.74
C TRP C 130 -0.50 -17.54 20.47
N ASN C 131 -1.42 -17.71 19.52
CA ASN C 131 -1.32 -16.99 18.26
C ASN C 131 -0.02 -17.30 17.56
N ASN C 132 0.41 -18.56 17.67
CA ASN C 132 1.64 -19.01 17.02
C ASN C 132 2.96 -18.46 17.56
N ASP C 133 2.91 -17.79 18.71
CA ASP C 133 4.11 -17.26 19.34
C ASP C 133 4.29 -17.84 20.72
N ILE C 134 5.55 -17.95 21.13
CA ILE C 134 5.92 -18.51 22.43
C ILE C 134 6.08 -17.43 23.51
N TYR C 135 5.57 -17.75 24.69
CA TYR C 135 5.61 -16.88 25.87
C TYR C 135 6.09 -17.70 27.06
N VAL C 136 6.79 -17.05 27.99
CA VAL C 136 7.30 -17.73 29.17
C VAL C 136 6.93 -16.97 30.45
N LYS C 137 6.37 -17.68 31.43
CA LYS C 137 6.01 -17.07 32.73
C LYS C 137 6.88 -17.69 33.80
N ASN C 138 7.74 -16.89 34.43
CA ASN C 138 8.60 -17.43 35.49
C ASN C 138 7.79 -17.70 36.74
N GLU C 139 6.74 -16.91 36.92
CA GLU C 139 5.85 -17.06 38.06
C GLU C 139 4.42 -17.02 37.55
N PRO C 140 3.54 -17.85 38.11
CA PRO C 140 2.16 -17.86 37.65
C PRO C 140 1.45 -16.52 37.79
N ASN C 141 1.90 -15.67 38.70
CA ASN C 141 1.26 -14.37 38.89
C ASN C 141 1.97 -13.21 38.18
N LEU C 142 3.12 -13.49 37.60
CA LEU C 142 3.89 -12.47 36.88
C LEU C 142 3.52 -12.43 35.39
N SER C 143 3.78 -11.28 34.75
CA SER C 143 3.49 -11.14 33.33
C SER C 143 4.42 -12.03 32.53
N SER C 144 3.90 -12.63 31.48
CA SER C 144 4.70 -13.51 30.65
C SER C 144 5.61 -12.70 29.73
N GLN C 145 6.75 -13.29 29.36
CA GLN C 145 7.72 -12.66 28.48
C GLN C 145 7.49 -13.25 27.09
N ARG C 146 7.29 -12.40 26.09
CA ARG C 146 7.10 -12.93 24.74
C ARG C 146 8.47 -13.34 24.21
N ILE C 147 8.52 -14.52 23.61
CA ILE C 147 9.76 -15.08 23.07
C ILE C 147 9.91 -14.91 21.57
N THR C 148 8.81 -15.00 20.84
CA THR C 148 8.86 -14.88 19.40
C THR C 148 7.82 -13.89 18.90
N TRP C 149 8.13 -13.21 17.80
CA TRP C 149 7.25 -12.18 17.24
C TRP C 149 6.86 -12.44 15.80
N THR C 150 7.19 -13.62 15.29
CA THR C 150 6.89 -13.95 13.91
C THR C 150 5.64 -14.79 13.69
N GLY C 151 5.03 -15.28 14.77
CA GLY C 151 3.85 -16.12 14.63
C GLY C 151 2.82 -15.53 13.69
N LYS C 152 2.35 -16.35 12.76
CA LYS C 152 1.35 -15.87 11.80
C LYS C 152 0.51 -17.02 11.26
N GLU C 153 -0.80 -16.87 11.43
CA GLU C 153 -1.76 -17.87 11.01
C GLU C 153 -1.49 -18.39 9.60
N ASN C 154 -1.42 -19.71 9.49
CA ASN C 154 -1.19 -20.40 8.23
C ASN C 154 0.16 -20.10 7.60
N VAL C 155 1.07 -19.47 8.33
CA VAL C 155 2.36 -19.17 7.72
C VAL C 155 3.54 -19.53 8.60
N ILE C 156 3.59 -18.92 9.78
CA ILE C 156 4.68 -19.15 10.70
C ILE C 156 4.22 -19.72 12.02
N TYR C 157 4.74 -20.89 12.35
CA TYR C 157 4.41 -21.60 13.60
C TYR C 157 5.62 -21.68 14.52
N ASN C 158 5.54 -21.05 15.69
CA ASN C 158 6.62 -21.08 16.67
C ASN C 158 6.18 -21.90 17.90
N GLY C 159 6.85 -23.02 18.15
CA GLY C 159 6.51 -23.80 19.33
C GLY C 159 5.42 -24.84 19.19
N VAL C 160 4.74 -24.86 18.05
CA VAL C 160 3.72 -25.87 17.73
C VAL C 160 3.93 -26.23 16.27
N THR C 161 3.51 -27.42 15.90
CA THR C 161 3.68 -27.94 14.54
C THR C 161 2.61 -27.44 13.55
N ASP C 162 2.95 -27.49 12.26
CA ASP C 162 1.99 -27.16 11.21
C ASP C 162 1.24 -28.47 10.97
N TRP C 163 0.34 -28.51 9.99
CA TRP C 163 -0.45 -29.71 9.75
C TRP C 163 0.33 -31.00 9.53
N VAL C 164 1.30 -30.97 8.61
CA VAL C 164 1.98 -32.21 8.29
C VAL C 164 2.96 -32.69 9.37
N TYR C 165 3.58 -31.77 10.11
CA TYR C 165 4.49 -32.18 11.19
C TYR C 165 3.65 -32.78 12.33
N GLU C 166 2.48 -32.19 12.56
CA GLU C 166 1.60 -32.72 13.60
C GLU C 166 1.18 -34.16 13.27
N GLU C 167 0.60 -34.35 12.09
CA GLU C 167 0.12 -35.68 11.69
C GLU C 167 1.16 -36.74 11.39
N GLU C 168 2.18 -36.39 10.61
CA GLU C 168 3.15 -37.38 10.14
C GLU C 168 4.54 -37.46 10.75
N VAL C 169 4.97 -36.42 11.46
CA VAL C 169 6.32 -36.39 12.00
C VAL C 169 6.39 -36.54 13.52
N PHE C 170 5.78 -35.61 14.25
CA PHE C 170 5.79 -35.61 15.71
C PHE C 170 4.61 -36.35 16.36
N SER C 171 3.55 -36.57 15.60
CA SER C 171 2.33 -37.18 16.14
C SER C 171 2.02 -36.40 17.40
N ALA C 172 2.14 -35.08 17.30
CA ALA C 172 1.90 -34.18 18.43
C ALA C 172 1.83 -32.77 17.87
N TYR C 173 1.26 -31.87 18.66
CA TYR C 173 1.11 -30.47 18.28
C TYR C 173 2.23 -29.62 18.87
N SER C 174 2.76 -30.08 20.00
CA SER C 174 3.82 -29.38 20.72
C SER C 174 5.14 -29.39 19.97
N ALA C 175 5.87 -28.27 20.02
CA ALA C 175 7.20 -28.18 19.40
C ALA C 175 8.09 -27.37 20.31
N LEU C 176 8.01 -27.66 21.59
CA LEU C 176 8.86 -27.01 22.57
C LEU C 176 9.31 -28.06 23.58
N TRP C 177 10.56 -27.90 24.01
CA TRP C 177 11.20 -28.83 24.93
C TRP C 177 12.05 -28.11 25.97
N TRP C 178 11.64 -28.15 27.23
CA TRP C 178 12.43 -27.56 28.30
C TRP C 178 13.60 -28.49 28.62
N SER C 179 14.73 -27.91 29.04
CA SER C 179 15.90 -28.71 29.45
C SER C 179 15.53 -29.31 30.83
N PRO C 180 16.21 -30.38 31.27
CA PRO C 180 15.92 -31.04 32.56
C PRO C 180 15.79 -30.14 33.78
N ASN C 181 16.68 -29.16 33.91
CA ASN C 181 16.58 -28.27 35.06
C ASN C 181 16.02 -26.88 34.70
N GLY C 182 15.28 -26.80 33.59
CA GLY C 182 14.64 -25.56 33.17
C GLY C 182 15.50 -24.37 32.75
N THR C 183 16.79 -24.60 32.53
CA THR C 183 17.67 -23.51 32.13
C THR C 183 17.29 -23.05 30.73
N PHE C 184 17.16 -24.01 29.83
CA PHE C 184 16.87 -23.74 28.43
C PHE C 184 15.52 -24.17 27.93
N LEU C 185 15.00 -23.44 26.96
CA LEU C 185 13.74 -23.82 26.33
C LEU C 185 14.01 -23.94 24.84
N ALA C 186 13.97 -25.17 24.30
CA ALA C 186 14.20 -25.37 22.89
C ALA C 186 12.87 -25.34 22.16
N TYR C 187 12.87 -24.87 20.92
CA TYR C 187 11.62 -24.85 20.18
C TYR C 187 11.87 -24.90 18.70
N ALA C 188 10.86 -25.33 17.96
CA ALA C 188 10.97 -25.36 16.52
C ALA C 188 10.02 -24.32 15.90
N GLN C 189 10.44 -23.77 14.77
CA GLN C 189 9.62 -22.82 14.03
C GLN C 189 9.42 -23.42 12.65
N PHE C 190 8.16 -23.49 12.24
CA PHE C 190 7.82 -24.04 10.95
C PHE C 190 7.38 -22.90 10.04
N ASN C 191 7.81 -22.97 8.79
CA ASN C 191 7.49 -21.91 7.84
C ASN C 191 6.74 -22.48 6.66
N ASP C 192 5.43 -22.23 6.59
CA ASP C 192 4.62 -22.76 5.51
C ASP C 192 4.33 -21.81 4.34
N THR C 193 5.14 -20.77 4.23
CA THR C 193 4.94 -19.76 3.18
C THR C 193 4.68 -20.30 1.78
N GLU C 194 5.49 -21.25 1.33
CA GLU C 194 5.34 -21.80 -0.02
C GLU C 194 4.51 -23.08 -0.15
N VAL C 195 3.89 -23.52 0.94
CA VAL C 195 3.10 -24.76 0.89
C VAL C 195 1.73 -24.45 0.35
N PRO C 196 1.28 -25.23 -0.64
CA PRO C 196 -0.04 -24.98 -1.22
C PRO C 196 -1.12 -25.21 -0.19
N LEU C 197 -2.26 -24.58 -0.42
CA LEU C 197 -3.38 -24.70 0.49
C LEU C 197 -4.43 -25.65 -0.01
N ILE C 198 -4.88 -26.55 0.88
CA ILE C 198 -6.01 -27.40 0.52
C ILE C 198 -7.18 -26.54 1.01
N GLU C 199 -8.23 -26.46 0.22
CA GLU C 199 -9.38 -25.66 0.61
C GLU C 199 -10.64 -26.50 0.49
N TYR C 200 -11.53 -26.38 1.47
CA TYR C 200 -12.80 -27.11 1.41
C TYR C 200 -13.85 -26.36 2.18
N SER C 201 -15.11 -26.57 1.81
CA SER C 201 -16.22 -25.90 2.49
C SER C 201 -16.52 -26.47 3.86
N PHE C 202 -16.90 -25.61 4.80
CA PHE C 202 -17.33 -26.06 6.13
C PHE C 202 -18.67 -25.32 6.24
N TYR C 203 -19.73 -26.09 6.44
CA TYR C 203 -21.07 -25.54 6.46
C TYR C 203 -21.54 -24.93 7.77
N SER C 204 -21.02 -25.46 8.88
CA SER C 204 -21.33 -24.96 10.21
C SER C 204 -22.79 -25.16 10.60
N ASP C 205 -23.20 -24.46 11.64
CA ASP C 205 -24.58 -24.53 12.10
C ASP C 205 -25.51 -24.09 10.98
N GLU C 206 -26.67 -24.70 10.95
CA GLU C 206 -27.70 -24.43 9.98
C GLU C 206 -27.99 -22.92 9.83
N SER C 207 -27.76 -22.17 10.89
CA SER C 207 -27.99 -20.74 10.85
C SER C 207 -27.02 -19.95 9.97
N LEU C 208 -25.85 -20.53 9.66
CA LEU C 208 -24.83 -19.84 8.85
C LEU C 208 -25.33 -19.77 7.42
N GLN C 209 -25.57 -18.55 6.92
CA GLN C 209 -26.11 -18.37 5.59
C GLN C 209 -25.18 -18.74 4.44
N TYR C 210 -23.91 -18.42 4.61
CA TYR C 210 -22.88 -18.72 3.61
C TYR C 210 -21.82 -19.66 4.18
N PRO C 211 -21.53 -20.75 3.47
CA PRO C 211 -20.53 -21.72 3.94
C PRO C 211 -19.18 -21.03 4.04
N LYS C 212 -18.33 -21.50 4.93
CA LYS C 212 -17.00 -20.90 5.02
C LYS C 212 -16.05 -21.82 4.28
N THR C 213 -14.89 -21.30 3.94
CA THR C 213 -13.92 -22.15 3.25
C THR C 213 -12.76 -22.28 4.19
N VAL C 214 -12.45 -23.52 4.56
CA VAL C 214 -11.30 -23.79 5.44
C VAL C 214 -10.10 -23.86 4.51
N ARG C 215 -8.97 -23.30 4.94
CA ARG C 215 -7.76 -23.32 4.12
C ARG C 215 -6.63 -23.76 5.03
N ILE C 216 -5.87 -24.77 4.62
CA ILE C 216 -4.79 -25.29 5.46
C ILE C 216 -3.57 -25.51 4.58
N PRO C 217 -2.38 -25.11 5.06
CA PRO C 217 -1.16 -25.33 4.26
C PRO C 217 -0.93 -26.84 4.40
N TYR C 218 -1.05 -27.55 3.30
CA TYR C 218 -0.95 -29.00 3.31
C TYR C 218 -0.18 -29.41 2.05
N PRO C 219 1.03 -29.97 2.21
CA PRO C 219 1.79 -30.39 1.04
C PRO C 219 1.41 -31.80 0.57
N LYS C 220 0.93 -31.90 -0.68
CA LYS C 220 0.55 -33.17 -1.26
C LYS C 220 1.86 -33.74 -1.85
N ALA C 221 1.82 -34.99 -2.31
CA ALA C 221 3.02 -35.65 -2.80
C ALA C 221 3.77 -34.80 -3.81
N GLY C 222 5.05 -34.56 -3.53
CA GLY C 222 5.89 -33.79 -4.44
C GLY C 222 5.79 -32.28 -4.36
N ALA C 223 4.92 -31.77 -3.51
CA ALA C 223 4.75 -30.33 -3.40
C ALA C 223 5.78 -29.66 -2.51
N GLU C 224 5.81 -28.34 -2.55
CA GLU C 224 6.70 -27.55 -1.72
C GLU C 224 6.31 -27.87 -0.26
N ASN C 225 7.32 -28.11 0.58
CA ASN C 225 7.14 -28.49 1.99
C ASN C 225 7.44 -27.37 2.97
N PRO C 226 7.02 -27.52 4.23
CA PRO C 226 7.33 -26.46 5.17
C PRO C 226 8.84 -26.57 5.44
N THR C 227 9.45 -25.47 5.87
CA THR C 227 10.85 -25.49 6.21
C THR C 227 10.86 -25.34 7.72
N VAL C 228 11.95 -25.70 8.36
CA VAL C 228 12.03 -25.66 9.81
C VAL C 228 13.34 -25.05 10.31
N LYS C 229 13.28 -24.46 11.48
CA LYS C 229 14.44 -23.89 12.15
C LYS C 229 14.31 -24.33 13.59
N PHE C 230 15.45 -24.55 14.24
CA PHE C 230 15.45 -25.01 15.62
C PHE C 230 16.24 -24.03 16.46
N PHE C 231 15.67 -23.67 17.61
CA PHE C 231 16.31 -22.72 18.50
C PHE C 231 16.38 -23.15 19.97
N VAL C 232 17.42 -22.71 20.66
CA VAL C 232 17.53 -22.97 22.08
C VAL C 232 17.56 -21.62 22.78
N VAL C 233 16.57 -21.37 23.62
CA VAL C 233 16.49 -20.12 24.35
C VAL C 233 17.06 -20.30 25.74
N ASP C 234 17.89 -19.35 26.17
CA ASP C 234 18.45 -19.40 27.51
C ASP C 234 17.47 -18.57 28.33
N THR C 235 16.64 -19.24 29.13
CA THR C 235 15.63 -18.55 29.91
C THR C 235 16.13 -17.79 31.14
N ARG C 236 17.41 -17.92 31.48
CA ARG C 236 17.97 -17.25 32.65
C ARG C 236 17.98 -15.72 32.49
N THR C 237 18.06 -15.23 31.26
CA THR C 237 18.10 -13.78 31.06
C THR C 237 16.76 -13.15 30.71
N LEU C 238 15.70 -13.94 30.67
CA LEU C 238 14.40 -13.38 30.33
C LEU C 238 13.99 -12.34 31.36
N SER C 239 13.75 -11.11 30.91
CA SER C 239 13.30 -10.01 31.77
C SER C 239 12.59 -9.01 30.87
N PRO C 240 11.63 -8.27 31.44
CA PRO C 240 10.92 -7.30 30.61
C PRO C 240 11.78 -6.40 29.72
N ASN C 241 12.92 -5.93 30.22
CA ASN C 241 13.74 -5.06 29.39
C ASN C 241 15.00 -5.68 28.81
N ALA C 242 15.00 -7.01 28.73
CA ALA C 242 16.12 -7.73 28.15
C ALA C 242 15.69 -8.32 26.80
N SER C 243 16.67 -8.56 25.92
CA SER C 243 16.38 -9.19 24.65
C SER C 243 16.33 -10.68 24.97
N VAL C 244 15.92 -11.48 23.99
CA VAL C 244 15.85 -12.94 24.21
C VAL C 244 17.19 -13.50 23.75
N THR C 245 17.86 -14.25 24.63
CA THR C 245 19.14 -14.89 24.28
C THR C 245 18.74 -16.24 23.66
N SER C 246 19.05 -16.44 22.37
CA SER C 246 18.69 -17.66 21.66
C SER C 246 19.80 -18.07 20.70
N TYR C 247 19.89 -19.36 20.43
CA TYR C 247 20.90 -19.84 19.51
C TYR C 247 20.23 -20.77 18.52
N GLN C 248 20.51 -20.59 17.23
CA GLN C 248 19.91 -21.46 16.21
C GLN C 248 20.83 -22.62 15.93
N ILE C 249 20.29 -23.84 16.02
CA ILE C 249 21.07 -25.04 15.74
C ILE C 249 20.59 -25.54 14.40
N VAL C 250 21.53 -25.64 13.47
CA VAL C 250 21.27 -26.04 12.10
C VAL C 250 21.59 -27.52 11.90
N PRO C 251 20.93 -28.18 10.94
CA PRO C 251 21.25 -29.60 10.76
C PRO C 251 22.64 -29.85 10.15
N PRO C 252 23.16 -31.09 10.25
CA PRO C 252 24.46 -31.45 9.69
C PRO C 252 24.45 -31.20 8.19
N ALA C 253 25.62 -30.94 7.61
CA ALA C 253 25.71 -30.69 6.18
C ALA C 253 25.02 -31.73 5.29
N SER C 254 25.09 -33.00 5.68
CA SER C 254 24.49 -34.07 4.89
C SER C 254 22.98 -34.04 4.80
N VAL C 255 22.36 -33.23 5.65
CA VAL C 255 20.91 -33.09 5.63
C VAL C 255 20.55 -31.68 5.14
N LEU C 256 21.34 -30.70 5.58
CA LEU C 256 21.15 -29.31 5.20
C LEU C 256 21.17 -29.15 3.68
N ILE C 257 21.80 -30.09 3.00
CA ILE C 257 21.94 -30.07 1.54
C ILE C 257 20.64 -29.92 0.76
N GLY C 258 19.61 -30.64 1.16
CA GLY C 258 18.35 -30.57 0.45
C GLY C 258 17.19 -30.52 1.42
N ASP C 259 15.99 -30.77 0.93
CA ASP C 259 14.81 -30.74 1.79
C ASP C 259 14.99 -31.77 2.90
N HIS C 260 14.55 -31.41 4.10
CA HIS C 260 14.66 -32.30 5.25
C HIS C 260 13.55 -32.03 6.27
N TYR C 261 13.57 -32.81 7.34
CA TYR C 261 12.61 -32.67 8.42
C TYR C 261 13.35 -32.84 9.73
N LEU C 262 12.85 -32.17 10.77
CA LEU C 262 13.37 -32.35 12.10
C LEU C 262 12.44 -33.45 12.61
N CYS C 263 12.94 -34.60 13.05
CA CYS C 263 11.97 -35.60 13.50
C CYS C 263 12.09 -35.99 14.96
N GLY C 264 13.05 -35.41 15.67
CA GLY C 264 13.18 -35.77 17.07
C GLY C 264 14.08 -34.85 17.85
N VAL C 265 13.72 -34.68 19.12
CA VAL C 265 14.48 -33.84 20.04
C VAL C 265 14.58 -34.54 21.40
N THR C 266 15.80 -34.67 21.91
CA THR C 266 15.99 -35.30 23.21
C THR C 266 17.01 -34.57 24.05
N TRP C 267 16.56 -34.03 25.18
CA TRP C 267 17.47 -33.37 26.09
C TRP C 267 18.27 -34.50 26.77
N VAL C 268 19.58 -34.35 26.81
CA VAL C 268 20.47 -35.35 27.40
C VAL C 268 20.89 -34.92 28.80
N THR C 269 21.41 -33.71 28.91
CA THR C 269 21.81 -33.13 30.20
C THR C 269 21.51 -31.64 30.01
N GLU C 270 21.78 -30.84 31.03
CA GLU C 270 21.53 -29.39 30.92
C GLU C 270 22.38 -28.76 29.85
N GLU C 271 23.48 -29.40 29.49
CA GLU C 271 24.38 -28.83 28.51
C GLU C 271 24.54 -29.68 27.26
N ARG C 272 23.62 -30.63 27.05
CA ARG C 272 23.72 -31.46 25.87
C ARG C 272 22.35 -31.79 25.32
N ILE C 273 22.17 -31.57 24.03
CA ILE C 273 20.88 -31.86 23.41
C ILE C 273 21.04 -32.70 22.16
N SER C 274 20.11 -33.61 21.93
CA SER C 274 20.16 -34.51 20.79
C SER C 274 19.05 -34.23 19.80
N LEU C 275 19.45 -33.84 18.58
CA LEU C 275 18.49 -33.56 17.51
C LEU C 275 18.57 -34.66 16.47
N GLN C 276 17.42 -35.13 16.04
CA GLN C 276 17.38 -36.16 15.03
C GLN C 276 16.73 -35.56 13.78
N TRP C 277 17.43 -35.65 12.66
CA TRP C 277 16.98 -35.10 11.38
C TRP C 277 16.88 -36.19 10.35
N ILE C 278 16.04 -35.98 9.34
CA ILE C 278 15.89 -36.93 8.26
C ILE C 278 15.71 -36.20 6.95
N ARG C 279 16.28 -36.76 5.89
CA ARG C 279 16.15 -36.19 4.58
C ARG C 279 14.72 -36.39 4.11
N ARG C 280 14.32 -35.58 3.15
CA ARG C 280 12.95 -35.69 2.65
C ARG C 280 12.64 -37.09 2.12
N ALA C 281 13.64 -37.78 1.57
CA ALA C 281 13.39 -39.13 1.05
C ALA C 281 13.11 -40.13 2.18
N GLN C 282 13.57 -39.81 3.36
CA GLN C 282 13.37 -40.59 4.55
C GLN C 282 14.02 -41.97 4.59
N ASN C 283 15.19 -42.08 3.95
CA ASN C 283 15.93 -43.32 3.98
C ASN C 283 17.33 -42.99 4.51
N TYR C 284 17.44 -41.81 5.09
CA TYR C 284 18.68 -41.31 5.64
C TYR C 284 18.33 -40.41 6.82
N SER C 285 18.83 -40.76 8.00
CA SER C 285 18.55 -40.03 9.23
C SER C 285 19.85 -39.78 9.97
N ILE C 286 19.93 -38.70 10.74
CA ILE C 286 21.14 -38.44 11.49
C ILE C 286 20.83 -37.82 12.84
N ILE C 287 21.55 -38.26 13.86
CA ILE C 287 21.43 -37.75 15.21
C ILE C 287 22.65 -36.84 15.38
N ASP C 288 22.39 -35.61 15.83
CA ASP C 288 23.45 -34.64 16.04
C ASP C 288 23.39 -34.29 17.52
N ILE C 289 24.45 -34.59 18.27
CA ILE C 289 24.46 -34.31 19.69
C ILE C 289 25.25 -33.04 19.95
N CYS C 290 24.52 -31.97 20.27
CA CYS C 290 25.11 -30.64 20.47
C CYS C 290 25.38 -30.28 21.93
N ASP C 291 26.57 -29.75 22.16
CA ASP C 291 27.01 -29.37 23.49
C ASP C 291 27.08 -27.88 23.70
N TYR C 292 26.58 -27.46 24.83
CA TYR C 292 26.62 -26.04 25.17
C TYR C 292 28.03 -25.59 25.51
N ASP C 293 28.45 -24.48 24.92
CA ASP C 293 29.77 -23.91 25.18
C ASP C 293 29.52 -22.77 26.14
N GLU C 294 29.87 -22.97 27.40
CA GLU C 294 29.63 -21.98 28.44
C GLU C 294 30.24 -20.61 28.21
N SER C 295 31.34 -20.54 27.47
CA SER C 295 31.99 -19.26 27.27
C SER C 295 31.33 -18.37 26.20
N THR C 296 30.56 -18.97 25.30
CA THR C 296 29.92 -18.23 24.22
C THR C 296 28.40 -18.40 24.15
N GLY C 297 27.86 -19.39 24.85
CA GLY C 297 26.44 -19.63 24.78
C GLY C 297 26.03 -20.35 23.50
N ARG C 298 27.02 -20.79 22.74
CA ARG C 298 26.77 -21.52 21.49
C ARG C 298 26.55 -23.02 21.78
N TRP C 299 25.83 -23.70 20.89
CA TRP C 299 25.58 -25.14 21.00
C TRP C 299 26.36 -25.73 19.83
N ILE C 300 27.44 -26.43 20.16
CA ILE C 300 28.35 -26.97 19.16
C ILE C 300 28.16 -28.41 18.78
N SER C 301 28.19 -28.65 17.48
CA SER C 301 28.01 -29.95 16.88
C SER C 301 29.40 -30.51 16.56
N SER C 302 29.54 -31.82 16.55
CA SER C 302 30.83 -32.45 16.24
C SER C 302 30.60 -33.67 15.38
N VAL C 303 31.40 -33.85 14.32
CA VAL C 303 31.24 -35.03 13.48
C VAL C 303 31.34 -36.31 14.31
N ALA C 304 32.16 -36.29 15.36
CA ALA C 304 32.32 -37.45 16.23
C ALA C 304 31.04 -37.80 17.01
N ARG C 305 30.17 -36.80 17.22
CA ARG C 305 28.93 -37.02 17.95
C ARG C 305 27.69 -37.10 17.05
N GLN C 306 27.90 -37.44 15.78
CA GLN C 306 26.81 -37.57 14.84
C GLN C 306 26.64 -39.03 14.51
N HIS C 307 25.39 -39.48 14.43
CA HIS C 307 25.09 -40.88 14.15
C HIS C 307 24.09 -41.03 13.05
N ILE C 308 24.57 -41.65 11.97
CA ILE C 308 23.79 -41.85 10.76
C ILE C 308 23.04 -43.17 10.72
N GLU C 309 21.81 -43.13 10.22
CA GLU C 309 21.04 -44.35 10.09
C GLU C 309 20.45 -44.30 8.69
N ILE C 310 20.63 -45.36 7.91
CA ILE C 310 20.10 -45.37 6.56
C ILE C 310 19.39 -46.66 6.30
N SER C 311 18.63 -46.69 5.22
CA SER C 311 17.92 -47.90 4.82
C SER C 311 18.09 -48.04 3.32
N THR C 312 18.60 -49.19 2.89
CA THR C 312 18.77 -49.43 1.47
C THR C 312 17.56 -50.18 0.93
N THR C 313 16.77 -50.79 1.81
CA THR C 313 15.61 -51.55 1.37
C THR C 313 14.27 -50.81 1.46
N GLY C 314 14.25 -49.69 2.17
CA GLY C 314 13.01 -48.95 2.28
C GLY C 314 13.26 -47.63 2.98
N TRP C 315 12.50 -47.40 4.05
CA TRP C 315 12.63 -46.18 4.82
C TRP C 315 13.21 -46.49 6.19
N VAL C 316 13.62 -45.44 6.90
CA VAL C 316 14.20 -45.60 8.23
C VAL C 316 13.12 -45.62 9.29
N GLY C 317 13.18 -46.62 10.17
CA GLY C 317 12.20 -46.72 11.26
C GLY C 317 10.83 -47.25 10.87
N ARG C 318 9.92 -47.27 11.82
CA ARG C 318 8.58 -47.75 11.54
C ARG C 318 7.81 -46.66 10.82
N PHE C 319 7.55 -45.54 11.51
CA PHE C 319 6.85 -44.38 10.95
C PHE C 319 7.74 -43.15 11.10
N ARG C 320 8.93 -43.38 11.63
CA ARG C 320 9.95 -42.36 11.87
C ARG C 320 11.07 -43.11 12.57
N PRO C 321 12.30 -42.57 12.53
CA PRO C 321 13.38 -43.29 13.21
C PRO C 321 13.08 -43.43 14.70
N ALA C 322 13.56 -44.52 15.29
CA ALA C 322 13.35 -44.74 16.71
C ALA C 322 14.14 -43.68 17.44
N GLU C 323 13.73 -43.36 18.66
CA GLU C 323 14.41 -42.33 19.45
C GLU C 323 15.54 -42.88 20.29
N PRO C 324 16.59 -42.07 20.52
CA PRO C 324 17.73 -42.49 21.33
C PRO C 324 17.38 -42.32 22.80
N HIS C 325 17.81 -43.27 23.63
CA HIS C 325 17.55 -43.17 25.06
C HIS C 325 18.93 -43.07 25.71
N PHE C 326 19.25 -41.88 26.20
CA PHE C 326 20.55 -41.63 26.81
C PHE C 326 20.69 -42.00 28.28
N THR C 327 21.92 -42.35 28.65
CA THR C 327 22.26 -42.64 30.05
C THR C 327 22.27 -41.29 30.78
N SER C 328 22.23 -41.32 32.11
CA SER C 328 22.24 -40.09 32.89
C SER C 328 23.39 -39.15 32.57
N ASP C 329 24.57 -39.72 32.30
CA ASP C 329 25.77 -38.94 31.98
C ASP C 329 25.83 -38.47 30.52
N GLY C 330 24.95 -39.00 29.69
CA GLY C 330 24.93 -38.62 28.30
C GLY C 330 26.11 -39.14 27.50
N ASN C 331 26.91 -40.02 28.08
CA ASN C 331 28.06 -40.52 27.33
C ASN C 331 27.71 -41.67 26.40
N SER C 332 26.52 -42.24 26.56
CA SER C 332 26.09 -43.30 25.67
C SER C 332 24.58 -43.32 25.61
N PHE C 333 24.04 -44.02 24.62
CA PHE C 333 22.61 -44.13 24.47
C PHE C 333 22.25 -45.46 23.83
N TYR C 334 20.99 -45.84 24.00
CA TYR C 334 20.43 -47.07 23.45
C TYR C 334 19.35 -46.66 22.45
N LYS C 335 19.27 -47.37 21.35
CA LYS C 335 18.31 -47.04 20.31
C LYS C 335 18.01 -48.24 19.43
N ILE C 336 16.74 -48.36 19.06
CA ILE C 336 16.29 -49.44 18.20
C ILE C 336 16.64 -49.14 16.76
N ILE C 337 17.25 -50.12 16.10
CA ILE C 337 17.62 -50.01 14.68
C ILE C 337 17.45 -51.40 14.10
N SER C 338 17.42 -51.50 12.78
CA SER C 338 17.28 -52.78 12.13
C SER C 338 18.62 -53.48 12.19
N ASN C 339 18.61 -54.77 12.53
CA ASN C 339 19.88 -55.47 12.58
C ASN C 339 20.18 -56.05 11.20
N GLU C 340 21.24 -56.84 11.11
CA GLU C 340 21.66 -57.43 9.83
C GLU C 340 20.55 -58.22 9.15
N GLU C 341 19.69 -58.84 9.94
CA GLU C 341 18.59 -59.64 9.41
C GLU C 341 17.29 -58.91 9.17
N GLY C 342 17.28 -57.60 9.41
CA GLY C 342 16.06 -56.85 9.19
C GLY C 342 15.14 -56.75 10.38
N TYR C 343 15.53 -57.32 11.53
CA TYR C 343 14.71 -57.25 12.72
C TYR C 343 15.15 -56.08 13.59
N LYS C 344 14.16 -55.35 14.12
CA LYS C 344 14.39 -54.16 14.96
C LYS C 344 14.83 -54.55 16.37
N HIS C 345 16.07 -54.20 16.73
CA HIS C 345 16.61 -54.55 18.04
C HIS C 345 17.35 -53.40 18.69
N ILE C 346 17.65 -53.54 19.97
CA ILE C 346 18.34 -52.48 20.69
C ILE C 346 19.84 -52.45 20.48
N CYS C 347 20.38 -51.30 20.07
CA CYS C 347 21.82 -51.18 19.87
C CYS C 347 22.34 -50.16 20.88
N HIS C 348 23.52 -50.45 21.43
CA HIS C 348 24.14 -49.56 22.40
C HIS C 348 25.14 -48.71 21.67
N PHE C 349 25.02 -47.39 21.79
CA PHE C 349 25.93 -46.46 21.14
C PHE C 349 26.69 -45.65 22.16
N GLN C 350 27.93 -45.31 21.84
CA GLN C 350 28.71 -44.44 22.71
C GLN C 350 28.53 -43.08 22.00
N THR C 351 28.30 -42.02 22.77
CA THR C 351 28.06 -40.70 22.20
C THR C 351 29.05 -40.25 21.12
N ASP C 352 30.33 -40.43 21.36
CA ASP C 352 31.35 -40.02 20.38
C ASP C 352 32.00 -41.13 19.57
N LYS C 353 31.33 -42.26 19.41
CA LYS C 353 31.86 -43.38 18.62
C LYS C 353 30.82 -43.76 17.57
N SER C 354 31.23 -44.24 16.40
CA SER C 354 30.24 -44.58 15.38
C SER C 354 29.70 -46.01 15.41
N ASN C 355 30.44 -46.94 16.01
CA ASN C 355 30.00 -48.32 16.04
C ASN C 355 29.10 -48.62 17.24
N CYS C 356 28.07 -49.43 17.02
CA CYS C 356 27.19 -49.78 18.12
C CYS C 356 27.20 -51.29 18.32
N THR C 357 26.72 -51.71 19.47
CA THR C 357 26.67 -53.12 19.82
C THR C 357 25.24 -53.50 20.14
N PHE C 358 24.71 -54.51 19.46
CA PHE C 358 23.36 -54.95 19.72
C PHE C 358 23.26 -55.65 21.07
N ILE C 359 22.19 -55.38 21.82
CA ILE C 359 22.04 -55.99 23.12
C ILE C 359 20.89 -56.98 23.14
N THR C 360 20.14 -57.04 22.04
CA THR C 360 19.05 -57.99 21.88
C THR C 360 19.12 -58.49 20.45
N LYS C 361 18.61 -59.69 20.21
CA LYS C 361 18.60 -60.30 18.88
C LYS C 361 17.51 -61.36 18.84
N GLY C 362 17.09 -61.73 17.64
CA GLY C 362 16.07 -62.75 17.49
C GLY C 362 15.10 -62.46 16.36
N ALA C 363 14.27 -63.45 16.03
CA ALA C 363 13.28 -63.32 14.96
C ALA C 363 12.01 -62.76 15.56
N TRP C 364 12.14 -61.59 16.17
CA TRP C 364 11.04 -60.86 16.80
C TRP C 364 11.55 -59.42 16.89
N GLU C 365 10.73 -58.51 17.39
CA GLU C 365 11.19 -57.13 17.46
C GLU C 365 10.92 -56.39 18.75
N VAL C 366 11.85 -55.50 19.09
CA VAL C 366 11.70 -54.63 20.23
C VAL C 366 10.78 -53.50 19.69
N ILE C 367 9.72 -53.21 20.44
CA ILE C 367 8.74 -52.20 20.05
C ILE C 367 9.21 -50.83 20.49
N GLY C 368 9.72 -50.74 21.71
CA GLY C 368 10.20 -49.47 22.22
C GLY C 368 10.98 -49.66 23.51
N ILE C 369 11.82 -48.69 23.81
CA ILE C 369 12.60 -48.67 25.04
C ILE C 369 11.76 -47.82 25.99
N GLU C 370 11.42 -48.39 27.16
CA GLU C 370 10.57 -47.74 28.15
C GLU C 370 11.25 -46.95 29.25
N ALA C 371 12.35 -47.48 29.78
CA ALA C 371 13.07 -46.82 30.86
C ALA C 371 14.51 -47.29 30.91
N LEU C 372 15.37 -46.47 31.50
CA LEU C 372 16.77 -46.82 31.60
C LEU C 372 17.34 -46.35 32.93
N THR C 373 18.12 -47.21 33.58
CA THR C 373 18.76 -46.81 34.84
C THR C 373 20.22 -47.13 34.62
N SER C 374 21.06 -46.95 35.63
CA SER C 374 22.48 -47.25 35.43
C SER C 374 22.72 -48.76 35.33
N ASP C 375 21.78 -49.56 35.82
CA ASP C 375 21.97 -51.00 35.78
C ASP C 375 21.07 -51.76 34.83
N TYR C 376 19.89 -51.21 34.56
CA TYR C 376 18.93 -51.90 33.71
C TYR C 376 18.27 -51.06 32.62
N LEU C 377 17.80 -51.76 31.59
CA LEU C 377 17.05 -51.13 30.51
C LEU C 377 15.76 -51.93 30.42
N TYR C 378 14.64 -51.24 30.40
CA TYR C 378 13.33 -51.87 30.30
C TYR C 378 12.74 -51.60 28.93
N TYR C 379 12.25 -52.66 28.28
CA TYR C 379 11.67 -52.48 26.95
C TYR C 379 10.47 -53.36 26.71
N ILE C 380 9.73 -53.04 25.66
CA ILE C 380 8.54 -53.77 25.25
C ILE C 380 8.93 -54.52 23.97
N SER C 381 8.58 -55.81 23.87
CA SER C 381 8.87 -56.56 22.62
C SER C 381 7.76 -57.57 22.36
N ASN C 382 7.76 -58.17 21.16
CA ASN C 382 6.76 -59.18 20.85
C ASN C 382 7.40 -60.58 20.84
N GLU C 383 8.49 -60.73 21.58
CA GLU C 383 9.18 -62.02 21.64
C GLU C 383 8.34 -63.18 22.17
N HIS C 384 7.57 -62.94 23.23
CA HIS C 384 6.82 -64.01 23.88
C HIS C 384 5.90 -64.86 23.00
N LYS C 385 6.09 -66.17 23.11
CA LYS C 385 5.31 -67.15 22.36
C LYS C 385 5.42 -66.92 20.86
N GLY C 386 6.40 -66.13 20.44
CA GLY C 386 6.56 -65.86 19.02
C GLY C 386 5.35 -65.21 18.36
N MET C 387 4.54 -64.49 19.14
CA MET C 387 3.35 -63.84 18.58
C MET C 387 3.63 -62.35 18.31
N PRO C 388 3.74 -61.96 17.04
CA PRO C 388 4.03 -60.56 16.73
C PRO C 388 2.97 -59.57 17.22
N GLY C 389 1.78 -60.09 17.50
CA GLY C 389 0.67 -59.30 17.98
C GLY C 389 0.49 -59.26 19.49
N GLY C 390 1.50 -59.72 20.22
CA GLY C 390 1.46 -59.67 21.67
C GLY C 390 2.56 -58.68 22.07
N ARG C 391 2.51 -58.21 23.31
CA ARG C 391 3.47 -57.24 23.82
C ARG C 391 3.79 -57.50 25.29
N ASN C 392 5.07 -57.55 25.64
CA ASN C 392 5.43 -57.75 27.03
C ASN C 392 6.59 -56.88 27.45
N LEU C 393 6.66 -56.61 28.75
CA LEU C 393 7.73 -55.80 29.33
C LEU C 393 8.91 -56.69 29.77
N TYR C 394 10.10 -56.34 29.29
CA TYR C 394 11.32 -57.07 29.62
C TYR C 394 12.36 -56.15 30.25
N ARG C 395 13.28 -56.75 31.00
CA ARG C 395 14.33 -56.00 31.62
C ARG C 395 15.63 -56.72 31.33
N ILE C 396 16.60 -55.98 30.84
CA ILE C 396 17.87 -56.56 30.51
C ILE C 396 18.95 -55.90 31.37
N GLN C 397 19.95 -56.67 31.81
CA GLN C 397 21.00 -56.11 32.64
C GLN C 397 22.06 -55.51 31.76
N LEU C 398 22.37 -54.24 31.98
CA LEU C 398 23.33 -53.52 31.14
C LEU C 398 24.76 -54.05 31.08
N ASN C 399 25.18 -54.79 32.10
CA ASN C 399 26.54 -55.34 32.10
C ASN C 399 26.53 -56.82 31.74
N ASP C 400 25.38 -57.33 31.35
CA ASP C 400 25.27 -58.74 31.00
C ASP C 400 23.97 -58.95 30.22
N TYR C 401 24.07 -58.91 28.90
CA TYR C 401 22.90 -59.05 28.03
C TYR C 401 22.25 -60.43 28.07
N THR C 402 22.80 -61.30 28.91
CA THR C 402 22.27 -62.64 29.07
C THR C 402 21.17 -62.57 30.11
N LYS C 403 21.33 -61.67 31.07
CA LYS C 403 20.32 -61.52 32.11
C LYS C 403 19.13 -60.70 31.62
N VAL C 404 18.26 -61.34 30.84
CA VAL C 404 17.06 -60.72 30.32
C VAL C 404 15.90 -61.45 30.97
N THR C 405 15.00 -60.69 31.56
CA THR C 405 13.86 -61.26 32.24
C THR C 405 12.57 -60.62 31.76
N CYS C 406 11.55 -61.44 31.52
CA CYS C 406 10.28 -60.89 31.12
C CYS C 406 9.47 -60.64 32.37
N LEU C 407 9.14 -59.37 32.61
CA LEU C 407 8.40 -58.97 33.80
C LEU C 407 6.89 -59.18 33.75
N SER C 408 6.33 -59.30 32.56
CA SER C 408 4.90 -59.42 32.45
C SER C 408 4.38 -60.71 31.82
N CYS C 409 5.23 -61.44 31.12
CA CYS C 409 4.85 -62.67 30.41
C CYS C 409 4.00 -63.68 31.17
N GLU C 410 4.35 -63.95 32.42
CA GLU C 410 3.62 -64.95 33.18
C GLU C 410 2.73 -64.45 34.32
N LEU C 411 2.48 -63.14 34.38
CA LEU C 411 1.64 -62.60 35.44
C LEU C 411 0.22 -63.12 35.38
N ASN C 412 -0.35 -63.15 34.17
CA ASN C 412 -1.70 -63.66 33.91
C ASN C 412 -1.67 -64.06 32.43
N PRO C 413 -0.94 -65.13 32.11
CA PRO C 413 -0.77 -65.68 30.76
C PRO C 413 -1.96 -65.81 29.82
N GLU C 414 -3.11 -66.20 30.34
CA GLU C 414 -4.30 -66.36 29.50
C GLU C 414 -5.04 -65.04 29.31
N ARG C 415 -5.03 -64.19 30.32
CA ARG C 415 -5.74 -62.94 30.26
C ARG C 415 -4.94 -61.77 29.66
N CYS C 416 -3.64 -61.81 29.90
CA CYS C 416 -2.76 -60.72 29.50
C CYS C 416 -1.57 -61.07 28.66
N GLN C 417 -1.64 -60.71 27.37
CA GLN C 417 -0.54 -60.97 26.44
C GLN C 417 -0.14 -59.70 25.68
N TYR C 418 -0.79 -58.58 26.00
CA TYR C 418 -0.50 -57.30 25.31
C TYR C 418 -0.42 -56.18 26.35
N TYR C 419 0.81 -55.81 26.71
CA TYR C 419 1.04 -54.78 27.74
C TYR C 419 1.73 -53.50 27.27
N SER C 420 1.53 -52.44 28.05
CA SER C 420 2.29 -51.20 27.86
C SER C 420 2.63 -50.90 29.33
N ALA C 421 3.66 -50.11 29.57
CA ALA C 421 4.06 -49.82 30.95
C ALA C 421 4.34 -48.34 31.13
N SER C 422 4.27 -47.87 32.37
CA SER C 422 4.57 -46.48 32.68
C SER C 422 5.41 -46.49 33.94
N PHE C 423 6.65 -46.02 33.84
CA PHE C 423 7.57 -46.00 34.97
C PHE C 423 7.61 -44.68 35.71
N SER C 424 7.85 -44.76 37.01
CA SER C 424 7.96 -43.56 37.83
C SER C 424 9.34 -42.97 37.53
N ASN C 425 9.65 -41.82 38.12
CA ASN C 425 10.97 -41.23 37.92
C ASN C 425 11.99 -42.24 38.47
N LYS C 426 13.11 -42.36 37.78
CA LYS C 426 14.18 -43.28 38.19
C LYS C 426 13.76 -44.75 38.13
N ALA C 427 12.63 -45.01 37.49
CA ALA C 427 12.14 -46.36 37.30
C ALA C 427 12.05 -47.25 38.55
N LYS C 428 11.77 -46.66 39.70
CA LYS C 428 11.65 -47.45 40.94
C LYS C 428 10.34 -48.24 40.99
N TYR C 429 9.33 -47.75 40.28
CA TYR C 429 8.04 -48.42 40.20
C TYR C 429 7.49 -48.31 38.78
N TYR C 430 6.57 -49.20 38.42
CA TYR C 430 5.97 -49.13 37.11
C TYR C 430 4.54 -49.61 37.14
N GLN C 431 3.71 -49.00 36.32
CA GLN C 431 2.34 -49.41 36.20
C GLN C 431 2.34 -50.32 34.98
N LEU C 432 1.67 -51.48 35.07
CA LEU C 432 1.55 -52.36 33.92
C LEU C 432 0.16 -52.22 33.43
N ARG C 433 0.01 -52.08 32.11
CA ARG C 433 -1.31 -51.94 31.53
C ARG C 433 -1.52 -53.08 30.58
N CYS C 434 -2.41 -53.99 30.95
CA CYS C 434 -2.77 -55.17 30.18
C CYS C 434 -4.00 -54.84 29.37
N PHE C 435 -3.90 -54.97 28.05
CA PHE C 435 -5.02 -54.62 27.17
C PHE C 435 -5.80 -55.78 26.58
N GLY C 436 -5.32 -57.01 26.82
CA GLY C 436 -6.02 -58.16 26.28
C GLY C 436 -5.15 -59.39 26.29
N PRO C 437 -5.63 -60.53 25.77
CA PRO C 437 -6.95 -60.79 25.17
C PRO C 437 -8.14 -60.80 26.11
N GLY C 438 -7.88 -60.91 27.41
CA GLY C 438 -8.95 -60.88 28.40
C GLY C 438 -9.28 -59.45 28.76
N LEU C 439 -10.07 -59.23 29.80
CA LEU C 439 -10.43 -57.86 30.18
C LEU C 439 -9.21 -57.05 30.64
N PRO C 440 -9.15 -55.75 30.24
CA PRO C 440 -8.03 -54.89 30.61
C PRO C 440 -7.76 -54.92 32.11
N LEU C 441 -6.49 -54.96 32.46
CA LEU C 441 -6.09 -55.02 33.85
C LEU C 441 -4.90 -54.11 34.11
N TYR C 442 -5.05 -53.21 35.08
CA TYR C 442 -3.99 -52.27 35.44
C TYR C 442 -3.43 -52.56 36.82
N THR C 443 -2.12 -52.74 36.88
CA THR C 443 -1.48 -53.07 38.14
C THR C 443 -0.23 -52.23 38.41
N LEU C 444 0.14 -52.17 39.68
CA LEU C 444 1.30 -51.41 40.13
C LEU C 444 2.38 -52.39 40.58
N HIS C 445 3.63 -52.11 40.22
CA HIS C 445 4.75 -52.96 40.59
C HIS C 445 5.97 -52.24 41.10
N SER C 446 6.77 -52.97 41.85
CA SER C 446 8.02 -52.44 42.40
C SER C 446 9.16 -52.96 41.54
N SER C 447 10.05 -52.06 41.12
CA SER C 447 11.17 -52.50 40.28
C SER C 447 12.25 -53.21 41.09
N SER C 448 12.29 -52.96 42.39
CA SER C 448 13.32 -53.59 43.23
C SER C 448 12.97 -55.04 43.52
N SER C 449 11.72 -55.27 43.90
CA SER C 449 11.25 -56.62 44.24
C SER C 449 10.45 -57.30 43.13
N ASP C 450 9.92 -56.50 42.20
CA ASP C 450 9.12 -57.01 41.09
C ASP C 450 7.81 -57.63 41.54
N LYS C 451 7.34 -57.21 42.72
CA LYS C 451 6.08 -57.70 43.26
C LYS C 451 4.95 -56.81 42.79
N GLU C 452 3.77 -57.38 42.65
CA GLU C 452 2.58 -56.61 42.27
C GLU C 452 2.08 -55.97 43.54
N LEU C 453 2.35 -54.68 43.68
CA LEU C 453 1.97 -53.90 44.86
C LEU C 453 0.47 -53.75 44.97
N ARG C 454 -0.20 -53.74 43.82
CA ARG C 454 -1.64 -53.60 43.85
C ARG C 454 -2.33 -53.67 42.50
N VAL C 455 -3.64 -53.89 42.57
CA VAL C 455 -4.49 -53.96 41.42
C VAL C 455 -5.17 -52.62 41.39
N LEU C 456 -4.90 -51.84 40.33
CA LEU C 456 -5.49 -50.51 40.20
C LEU C 456 -6.86 -50.57 39.56
N GLU C 457 -7.02 -51.46 38.58
CA GLU C 457 -8.31 -51.60 37.91
C GLU C 457 -8.37 -52.99 37.30
N ASP C 458 -9.38 -53.77 37.67
CA ASP C 458 -9.50 -55.13 37.15
C ASP C 458 -10.75 -55.37 36.33
N ASN C 459 -11.53 -54.32 36.09
CA ASN C 459 -12.75 -54.39 35.31
C ASN C 459 -13.73 -55.47 35.76
N SER C 460 -13.72 -55.77 37.06
CA SER C 460 -14.61 -56.79 37.57
C SER C 460 -16.06 -56.43 37.23
N ALA C 461 -16.39 -55.14 37.19
CA ALA C 461 -17.75 -54.73 36.86
C ALA C 461 -18.15 -55.16 35.43
N LEU C 462 -17.23 -54.98 34.48
CA LEU C 462 -17.50 -55.35 33.10
C LEU C 462 -17.67 -56.86 33.00
N ASP C 463 -16.81 -57.56 33.72
CA ASP C 463 -16.82 -59.01 33.76
C ASP C 463 -18.22 -59.51 34.10
N LYS C 464 -18.86 -58.90 35.10
CA LYS C 464 -20.21 -59.31 35.49
C LYS C 464 -21.19 -59.00 34.38
N MET C 465 -21.06 -57.80 33.83
CA MET C 465 -21.95 -57.37 32.78
C MET C 465 -21.89 -58.31 31.59
N LEU C 466 -20.68 -58.77 31.26
CA LEU C 466 -20.49 -59.66 30.13
C LEU C 466 -20.92 -61.12 30.31
N GLN C 467 -20.92 -61.62 31.55
CA GLN C 467 -21.31 -63.02 31.73
C GLN C 467 -22.76 -63.22 31.33
N ASP C 468 -23.50 -62.13 31.23
CA ASP C 468 -24.91 -62.18 30.86
C ASP C 468 -25.18 -61.97 29.36
N VAL C 469 -24.14 -62.03 28.53
CA VAL C 469 -24.32 -61.85 27.09
C VAL C 469 -23.53 -62.88 26.31
N GLN C 470 -24.03 -63.25 25.13
CA GLN C 470 -23.35 -64.22 24.29
C GLN C 470 -22.24 -63.52 23.49
N MET C 471 -21.03 -63.56 24.02
CA MET C 471 -19.90 -62.92 23.35
C MET C 471 -19.25 -63.80 22.30
N PRO C 472 -18.71 -63.17 21.25
CA PRO C 472 -18.07 -63.97 20.22
C PRO C 472 -16.65 -64.23 20.73
N SER C 473 -15.90 -65.08 20.06
CA SER C 473 -14.54 -65.36 20.50
C SER C 473 -13.56 -64.90 19.44
N LYS C 474 -12.41 -64.42 19.87
CA LYS C 474 -11.39 -63.97 18.95
C LYS C 474 -10.28 -64.99 18.94
N LYS C 475 -9.98 -65.55 17.77
CA LYS C 475 -8.91 -66.53 17.65
C LYS C 475 -7.86 -66.06 16.68
N LEU C 476 -6.60 -66.31 17.03
CA LEU C 476 -5.47 -65.96 16.21
C LEU C 476 -4.76 -67.21 15.73
N ASP C 477 -4.29 -67.17 14.50
CA ASP C 477 -3.59 -68.30 13.94
C ASP C 477 -2.76 -67.83 12.76
N VAL C 478 -2.13 -68.78 12.09
CA VAL C 478 -1.28 -68.46 10.97
C VAL C 478 -1.71 -69.22 9.72
N ILE C 479 -1.34 -68.67 8.57
CA ILE C 479 -1.56 -69.31 7.27
C ILE C 479 -0.29 -69.01 6.52
N ASN C 480 0.01 -69.79 5.49
CA ASN C 480 1.24 -69.58 4.74
C ASN C 480 1.01 -68.98 3.38
N LEU C 481 1.81 -67.96 3.07
CA LEU C 481 1.76 -67.28 1.78
C LEU C 481 3.20 -67.06 1.37
N HIS C 482 3.55 -67.43 0.15
CA HIS C 482 4.91 -67.25 -0.34
C HIS C 482 5.92 -67.93 0.60
N GLY C 483 5.52 -69.04 1.21
CA GLY C 483 6.41 -69.73 2.11
C GLY C 483 6.57 -69.05 3.46
N THR C 484 5.95 -67.89 3.65
CA THR C 484 6.04 -67.17 4.92
C THR C 484 4.74 -67.34 5.69
N LYS C 485 4.85 -67.43 7.02
CA LYS C 485 3.67 -67.56 7.85
C LYS C 485 3.24 -66.15 8.22
N PHE C 486 1.97 -65.85 7.98
CA PHE C 486 1.42 -64.54 8.29
C PHE C 486 0.25 -64.81 9.23
N TRP C 487 0.03 -63.90 10.16
CA TRP C 487 -1.05 -64.06 11.14
C TRP C 487 -2.39 -63.50 10.74
N TYR C 488 -3.44 -64.10 11.27
CA TYR C 488 -4.79 -63.63 11.05
C TYR C 488 -5.56 -63.84 12.34
N GLN C 489 -6.69 -63.17 12.45
CA GLN C 489 -7.56 -63.31 13.60
C GLN C 489 -8.95 -63.40 13.03
N MET C 490 -9.84 -64.06 13.77
CA MET C 490 -11.23 -64.21 13.34
C MET C 490 -12.08 -64.00 14.57
N ILE C 491 -13.12 -63.18 14.45
CA ILE C 491 -14.03 -62.95 15.54
C ILE C 491 -15.17 -63.93 15.22
N LEU C 492 -15.28 -64.97 16.04
CA LEU C 492 -16.29 -66.00 15.83
C LEU C 492 -17.58 -65.85 16.62
N PRO C 493 -18.72 -66.00 15.94
CA PRO C 493 -20.04 -65.87 16.59
C PRO C 493 -20.13 -66.85 17.77
N PRO C 494 -20.95 -66.50 18.78
CA PRO C 494 -21.15 -67.32 19.98
C PRO C 494 -21.60 -68.72 19.55
N HIS C 495 -21.22 -69.73 20.33
CA HIS C 495 -21.58 -71.11 19.99
C HIS C 495 -21.20 -71.38 18.55
N PHE C 496 -20.01 -70.94 18.17
CA PHE C 496 -19.55 -71.13 16.80
C PHE C 496 -19.94 -72.52 16.36
N ASP C 497 -20.89 -72.58 15.43
CA ASP C 497 -21.37 -73.85 14.93
C ASP C 497 -20.25 -74.84 14.69
N LYS C 498 -19.76 -74.94 13.45
CA LYS C 498 -18.72 -75.93 13.20
C LYS C 498 -18.27 -76.02 11.76
N SER C 499 -19.04 -76.77 10.99
CA SER C 499 -18.79 -76.97 9.58
C SER C 499 -19.86 -76.15 8.87
N LYS C 500 -20.82 -75.66 9.65
CA LYS C 500 -21.90 -74.82 9.12
C LYS C 500 -21.23 -73.64 8.41
N LYS C 501 -21.94 -73.01 7.48
CA LYS C 501 -21.39 -71.90 6.71
C LYS C 501 -21.81 -70.49 7.17
N TYR C 502 -20.83 -69.64 7.47
CA TYR C 502 -21.12 -68.28 7.91
C TYR C 502 -20.64 -67.23 6.91
N PRO C 503 -21.32 -66.08 6.87
CA PRO C 503 -20.89 -65.01 5.95
C PRO C 503 -19.58 -64.51 6.58
N LEU C 504 -18.70 -63.94 5.76
CA LEU C 504 -17.40 -63.47 6.24
C LEU C 504 -17.16 -62.00 5.89
N LEU C 505 -16.72 -61.22 6.87
CA LEU C 505 -16.38 -59.81 6.63
C LEU C 505 -14.90 -59.67 6.91
N ILE C 506 -14.16 -59.15 5.94
CA ILE C 506 -12.74 -58.93 6.15
C ILE C 506 -12.63 -57.47 6.57
N GLU C 507 -12.03 -57.23 7.74
CA GLU C 507 -11.81 -55.87 8.21
C GLU C 507 -10.33 -55.63 7.91
N VAL C 508 -10.03 -54.60 7.14
CA VAL C 508 -8.66 -54.37 6.77
C VAL C 508 -8.12 -52.97 6.98
N TYR C 509 -6.82 -52.89 7.24
CA TYR C 509 -6.18 -51.58 7.29
C TYR C 509 -5.05 -51.79 6.29
N ALA C 510 -4.05 -52.57 6.69
CA ALA C 510 -2.93 -52.96 5.85
C ALA C 510 -1.95 -51.91 5.36
N GLY C 511 -1.92 -50.74 5.99
CA GLY C 511 -0.97 -49.74 5.55
C GLY C 511 0.42 -50.21 5.97
N PRO C 512 1.48 -49.58 5.47
CA PRO C 512 2.84 -49.97 5.84
C PRO C 512 3.09 -49.89 7.36
N CYS C 513 3.65 -50.97 7.90
CA CYS C 513 3.96 -51.15 9.32
C CYS C 513 2.74 -51.22 10.21
N SER C 514 1.59 -51.53 9.63
CA SER C 514 0.37 -51.63 10.41
C SER C 514 0.26 -53.02 11.01
N GLN C 515 -0.63 -53.15 11.99
CA GLN C 515 -0.88 -54.47 12.60
C GLN C 515 -2.35 -54.51 12.96
N LYS C 516 -3.12 -55.29 12.22
CA LYS C 516 -4.54 -55.43 12.48
C LYS C 516 -4.85 -56.68 13.30
N VAL C 517 -3.85 -57.57 13.40
CA VAL C 517 -3.99 -58.83 14.14
C VAL C 517 -3.27 -58.73 15.46
N ASP C 518 -4.01 -58.70 16.56
CA ASP C 518 -3.35 -58.62 17.86
C ASP C 518 -4.20 -59.24 18.96
N THR C 519 -3.66 -59.22 20.18
CA THR C 519 -4.38 -59.78 21.32
C THR C 519 -5.05 -58.75 22.21
N VAL C 520 -5.40 -57.61 21.62
CA VAL C 520 -6.05 -56.54 22.36
C VAL C 520 -7.54 -56.85 22.50
N PHE C 521 -8.10 -56.59 23.68
CA PHE C 521 -9.51 -56.81 23.87
C PHE C 521 -10.26 -55.58 23.37
N ARG C 522 -11.22 -55.78 22.49
CA ARG C 522 -12.03 -54.68 21.99
C ARG C 522 -13.50 -55.02 21.89
N LEU C 523 -14.34 -54.04 22.22
CA LEU C 523 -15.79 -54.12 22.09
C LEU C 523 -16.00 -53.23 20.85
N SER C 524 -16.22 -53.85 19.69
CA SER C 524 -16.33 -53.10 18.47
C SER C 524 -17.55 -53.41 17.62
N TRP C 525 -17.62 -52.77 16.46
CA TRP C 525 -18.69 -53.02 15.53
C TRP C 525 -18.65 -54.53 15.20
N ALA C 526 -17.44 -55.05 15.02
CA ALA C 526 -17.26 -56.47 14.70
C ALA C 526 -17.81 -57.36 15.83
N THR C 527 -17.73 -56.88 17.06
CA THR C 527 -18.24 -57.64 18.21
C THR C 527 -19.72 -57.86 17.96
N TYR C 528 -20.42 -56.79 17.61
CA TYR C 528 -21.85 -56.85 17.34
C TYR C 528 -22.17 -57.73 16.12
N LEU C 529 -21.40 -57.59 15.04
CA LEU C 529 -21.66 -58.38 13.84
C LEU C 529 -21.57 -59.88 14.10
N ALA C 530 -20.56 -60.31 14.86
CA ALA C 530 -20.39 -61.73 15.15
C ALA C 530 -21.43 -62.22 16.17
N SER C 531 -21.62 -61.46 17.24
CA SER C 531 -22.55 -61.83 18.30
C SER C 531 -24.03 -61.83 17.93
N THR C 532 -24.48 -60.74 17.32
CA THR C 532 -25.89 -60.59 16.96
C THR C 532 -26.24 -61.06 15.53
N GLU C 533 -25.40 -60.73 14.56
CA GLU C 533 -25.66 -61.09 13.16
C GLU C 533 -25.05 -62.39 12.68
N ASN C 534 -24.24 -63.04 13.52
CA ASN C 534 -23.58 -64.30 13.18
C ASN C 534 -22.65 -64.18 11.98
N ILE C 535 -21.92 -63.08 11.95
CA ILE C 535 -20.97 -62.84 10.88
C ILE C 535 -19.55 -63.04 11.40
N ILE C 536 -18.74 -63.82 10.70
CA ILE C 536 -17.35 -63.99 11.11
C ILE C 536 -16.59 -62.76 10.59
N VAL C 537 -15.86 -62.09 11.47
CA VAL C 537 -15.08 -60.92 11.02
C VAL C 537 -13.62 -61.27 11.16
N ALA C 538 -12.90 -61.30 10.05
CA ALA C 538 -11.48 -61.64 10.08
C ALA C 538 -10.56 -60.51 9.61
N SER C 539 -9.31 -60.57 10.05
CA SER C 539 -8.28 -59.62 9.67
C SER C 539 -7.01 -60.42 9.42
N PHE C 540 -6.17 -59.86 8.56
CA PHE C 540 -4.95 -60.52 8.15
C PHE C 540 -3.85 -59.49 7.96
N ASP C 541 -2.65 -59.82 8.43
CA ASP C 541 -1.50 -58.96 8.29
C ASP C 541 -0.56 -59.62 7.30
N GLY C 542 -0.50 -59.09 6.09
CA GLY C 542 0.37 -59.65 5.07
C GLY C 542 1.60 -58.82 4.78
N ARG C 543 2.05 -58.84 3.53
CA ARG C 543 3.22 -58.07 3.19
C ARG C 543 2.95 -56.60 3.45
N GLY C 544 3.98 -55.94 3.96
CA GLY C 544 3.88 -54.55 4.31
C GLY C 544 3.56 -54.36 5.79
N SER C 545 3.00 -55.37 6.46
CA SER C 545 2.64 -55.20 7.86
C SER C 545 3.87 -55.07 8.76
N GLY C 546 3.70 -54.60 9.99
CA GLY C 546 4.87 -54.39 10.81
C GLY C 546 5.15 -55.37 11.93
N TYR C 547 6.24 -55.10 12.65
CA TYR C 547 6.68 -55.87 13.81
C TYR C 547 7.12 -57.30 13.54
N GLN C 548 7.39 -57.61 12.27
CA GLN C 548 7.81 -58.94 11.88
C GLN C 548 9.08 -58.86 11.05
N GLY C 549 9.81 -57.75 11.19
CA GLY C 549 11.04 -57.57 10.43
C GLY C 549 10.84 -56.82 9.14
N ASP C 550 11.92 -56.22 8.64
CA ASP C 550 11.92 -55.43 7.41
C ASP C 550 11.60 -56.19 6.13
N LYS C 551 11.91 -57.48 6.08
CA LYS C 551 11.61 -58.25 4.88
C LYS C 551 10.13 -58.16 4.57
N ILE C 552 9.31 -58.37 5.61
CA ILE C 552 7.89 -58.28 5.44
C ILE C 552 7.43 -56.82 5.30
N MET C 553 7.93 -55.95 6.17
CA MET C 553 7.48 -54.55 6.14
C MET C 553 7.85 -53.79 4.85
N HIS C 554 9.09 -53.92 4.40
CA HIS C 554 9.55 -53.23 3.20
C HIS C 554 9.14 -53.88 1.89
N ALA C 555 8.37 -54.97 1.98
CA ALA C 555 7.91 -55.62 0.76
C ALA C 555 7.13 -54.67 -0.14
N ILE C 556 6.41 -53.69 0.44
CA ILE C 556 5.66 -52.79 -0.42
C ILE C 556 6.31 -51.45 -0.74
N ASN C 557 7.60 -51.32 -0.43
CA ASN C 557 8.33 -50.08 -0.70
C ASN C 557 8.16 -49.70 -2.18
N ARG C 558 7.81 -48.45 -2.42
CA ARG C 558 7.60 -47.90 -3.76
C ARG C 558 6.52 -48.59 -4.58
N ARG C 559 5.65 -49.35 -3.93
CA ARG C 559 4.58 -50.03 -4.62
C ARG C 559 3.34 -50.26 -3.77
N LEU C 560 2.84 -49.17 -3.19
CA LEU C 560 1.62 -49.26 -2.39
C LEU C 560 0.49 -49.70 -3.30
N GLY C 561 -0.46 -50.43 -2.73
CA GLY C 561 -1.59 -50.92 -3.48
C GLY C 561 -1.31 -52.22 -4.22
N THR C 562 -0.13 -52.81 -4.01
CA THR C 562 0.18 -54.06 -4.71
C THR C 562 0.12 -55.28 -3.81
N PHE C 563 1.25 -55.67 -3.23
CA PHE C 563 1.28 -56.88 -2.40
C PHE C 563 0.32 -56.94 -1.23
N GLU C 564 0.14 -55.82 -0.54
CA GLU C 564 -0.76 -55.83 0.60
C GLU C 564 -2.19 -56.10 0.17
N VAL C 565 -2.56 -55.61 -1.01
CA VAL C 565 -3.90 -55.82 -1.55
C VAL C 565 -4.02 -57.28 -1.98
N GLU C 566 -3.02 -57.74 -2.71
CA GLU C 566 -3.00 -59.11 -3.19
C GLU C 566 -3.05 -60.12 -2.04
N ASP C 567 -2.30 -59.86 -0.98
CA ASP C 567 -2.31 -60.79 0.15
C ASP C 567 -3.67 -60.84 0.84
N GLN C 568 -4.40 -59.73 0.87
CA GLN C 568 -5.75 -59.77 1.47
C GLN C 568 -6.63 -60.70 0.66
N ILE C 569 -6.50 -60.65 -0.67
CA ILE C 569 -7.32 -61.53 -1.51
C ILE C 569 -6.92 -63.00 -1.31
N GLU C 570 -5.63 -63.25 -1.34
CA GLU C 570 -5.06 -64.60 -1.19
C GLU C 570 -5.43 -65.23 0.15
N ALA C 571 -5.36 -64.44 1.23
CA ALA C 571 -5.72 -64.94 2.55
C ALA C 571 -7.21 -65.27 2.61
N THR C 572 -8.02 -64.37 2.06
CA THR C 572 -9.46 -64.57 2.07
C THR C 572 -9.82 -65.81 1.28
N ARG C 573 -9.05 -66.09 0.23
CA ARG C 573 -9.27 -67.26 -0.60
C ARG C 573 -9.01 -68.50 0.26
N GLN C 574 -7.98 -68.44 1.10
CA GLN C 574 -7.71 -69.56 1.98
C GLN C 574 -8.77 -69.66 3.07
N PHE C 575 -9.32 -68.54 3.52
CA PHE C 575 -10.35 -68.61 4.56
C PHE C 575 -11.57 -69.32 4.01
N SER C 576 -11.90 -69.06 2.76
CA SER C 576 -13.05 -69.70 2.15
C SER C 576 -12.78 -71.20 1.95
N LYS C 577 -11.51 -71.58 1.82
CA LYS C 577 -11.16 -72.99 1.64
C LYS C 577 -11.71 -73.72 2.86
N MET C 578 -11.58 -73.10 4.02
CA MET C 578 -12.06 -73.69 5.24
C MET C 578 -13.57 -73.95 5.01
N GLY C 579 -14.11 -74.98 5.64
CA GLY C 579 -15.50 -75.32 5.41
C GLY C 579 -16.60 -74.53 6.07
N PHE C 580 -16.28 -73.67 7.04
CA PHE C 580 -17.32 -72.91 7.73
C PHE C 580 -17.60 -71.52 7.13
N VAL C 581 -17.04 -71.27 5.95
CA VAL C 581 -17.26 -69.99 5.28
C VAL C 581 -18.19 -70.09 4.08
N ASP C 582 -19.20 -69.23 4.04
CA ASP C 582 -20.12 -69.20 2.92
C ASP C 582 -19.49 -68.28 1.86
N ASP C 583 -18.84 -68.89 0.87
CA ASP C 583 -18.19 -68.16 -0.20
C ASP C 583 -19.11 -67.26 -1.04
N LYS C 584 -20.41 -67.37 -0.85
CA LYS C 584 -21.32 -66.52 -1.61
C LYS C 584 -21.60 -65.22 -0.84
N ARG C 585 -21.07 -65.13 0.37
CA ARG C 585 -21.30 -63.95 1.18
C ARG C 585 -20.04 -63.50 1.90
N ILE C 586 -19.11 -62.95 1.13
CA ILE C 586 -17.85 -62.45 1.67
C ILE C 586 -17.75 -60.96 1.34
N ALA C 587 -17.48 -60.16 2.36
CA ALA C 587 -17.38 -58.72 2.18
C ALA C 587 -16.05 -58.22 2.74
N ILE C 588 -15.74 -56.95 2.46
CA ILE C 588 -14.52 -56.38 2.99
C ILE C 588 -14.78 -54.90 3.29
N TRP C 589 -14.17 -54.40 4.36
CA TRP C 589 -14.33 -52.99 4.70
C TRP C 589 -13.11 -52.46 5.40
N GLY C 590 -12.95 -51.13 5.37
CA GLY C 590 -11.82 -50.52 6.02
C GLY C 590 -11.97 -49.01 5.96
N TRP C 591 -11.16 -48.33 6.77
CA TRP C 591 -11.16 -46.87 6.90
C TRP C 591 -9.76 -46.38 6.57
N SER C 592 -9.67 -45.24 5.90
CA SER C 592 -8.40 -44.61 5.58
C SER C 592 -7.57 -45.52 4.66
N TYR C 593 -6.36 -45.92 5.09
CA TYR C 593 -5.57 -46.84 4.23
C TYR C 593 -6.43 -48.08 4.00
N GLY C 594 -7.21 -48.46 5.02
CA GLY C 594 -8.06 -49.64 4.88
C GLY C 594 -9.17 -49.42 3.86
N GLY C 595 -9.60 -48.17 3.71
CA GLY C 595 -10.60 -47.86 2.71
C GLY C 595 -9.94 -47.98 1.32
N TYR C 596 -8.69 -47.55 1.22
CA TYR C 596 -7.94 -47.67 -0.04
C TYR C 596 -7.80 -49.18 -0.40
N VAL C 597 -7.33 -49.98 0.55
CA VAL C 597 -7.15 -51.43 0.27
C VAL C 597 -8.49 -52.09 -0.05
N THR C 598 -9.53 -51.80 0.73
CA THR C 598 -10.85 -52.32 0.40
C THR C 598 -11.24 -52.02 -1.08
N SER C 599 -11.04 -50.77 -1.49
CA SER C 599 -11.41 -50.38 -2.84
C SER C 599 -10.50 -51.07 -3.88
N MET C 600 -9.21 -51.13 -3.59
CA MET C 600 -8.29 -51.81 -4.53
C MET C 600 -8.65 -53.28 -4.65
N VAL C 601 -9.01 -53.90 -3.53
CA VAL C 601 -9.40 -55.33 -3.53
C VAL C 601 -10.70 -55.48 -4.32
N LEU C 602 -11.69 -54.63 -4.07
CA LEU C 602 -12.93 -54.71 -4.83
C LEU C 602 -12.68 -54.47 -6.33
N GLY C 603 -11.71 -53.63 -6.64
CA GLY C 603 -11.41 -53.34 -8.03
C GLY C 603 -10.48 -54.34 -8.68
N ALA C 604 -10.13 -55.41 -7.95
CA ALA C 604 -9.23 -56.44 -8.46
C ALA C 604 -9.89 -57.43 -9.41
N GLY C 605 -11.21 -57.53 -9.37
CA GLY C 605 -11.91 -58.48 -10.22
C GLY C 605 -11.55 -59.90 -9.84
N SER C 606 -11.38 -60.15 -8.53
CA SER C 606 -11.01 -61.48 -8.06
C SER C 606 -12.19 -62.44 -7.98
N GLY C 607 -13.41 -61.90 -7.94
CA GLY C 607 -14.59 -62.75 -7.85
C GLY C 607 -14.87 -63.25 -6.44
N VAL C 608 -13.94 -62.99 -5.53
CA VAL C 608 -14.06 -63.43 -4.15
C VAL C 608 -15.05 -62.64 -3.31
N PHE C 609 -15.08 -61.33 -3.51
CA PHE C 609 -15.93 -60.47 -2.71
C PHE C 609 -17.21 -59.99 -3.37
N LYS C 610 -18.31 -60.11 -2.64
CA LYS C 610 -19.62 -59.70 -3.12
C LYS C 610 -19.84 -58.19 -2.94
N CYS C 611 -19.35 -57.66 -1.84
CA CYS C 611 -19.54 -56.25 -1.54
C CYS C 611 -18.47 -55.71 -0.61
N GLY C 612 -18.42 -54.39 -0.48
CA GLY C 612 -17.45 -53.81 0.41
C GLY C 612 -17.78 -52.36 0.72
N ILE C 613 -17.14 -51.84 1.77
CA ILE C 613 -17.38 -50.48 2.23
C ILE C 613 -16.04 -49.82 2.49
N ALA C 614 -15.84 -48.65 1.89
CA ALA C 614 -14.60 -47.91 2.12
C ALA C 614 -14.98 -46.59 2.79
N VAL C 615 -14.33 -46.32 3.91
CA VAL C 615 -14.60 -45.07 4.64
C VAL C 615 -13.36 -44.19 4.56
N ALA C 616 -13.56 -42.96 4.10
CA ALA C 616 -12.49 -41.99 3.95
C ALA C 616 -11.22 -42.60 3.34
N PRO C 617 -11.37 -43.23 2.16
CA PRO C 617 -10.21 -43.86 1.52
C PRO C 617 -9.31 -42.93 0.77
N VAL C 618 -8.03 -43.29 0.72
CA VAL C 618 -7.10 -42.60 -0.15
C VAL C 618 -7.54 -43.25 -1.49
N SER C 619 -7.56 -42.49 -2.57
CA SER C 619 -7.91 -43.09 -3.86
C SER C 619 -6.78 -42.89 -4.86
N LYS C 620 -5.87 -41.97 -4.55
CA LYS C 620 -4.75 -41.65 -5.46
C LYS C 620 -3.66 -41.01 -4.64
N TRP C 621 -2.47 -41.62 -4.65
CA TRP C 621 -1.40 -41.12 -3.80
C TRP C 621 -0.95 -39.70 -3.97
N GLU C 622 -1.09 -39.14 -5.18
CA GLU C 622 -0.69 -37.75 -5.41
C GLU C 622 -1.57 -36.79 -4.60
N TYR C 623 -2.73 -37.27 -4.14
CA TYR C 623 -3.61 -36.44 -3.30
C TYR C 623 -3.26 -36.46 -1.82
N TYR C 624 -2.44 -37.41 -1.38
CA TYR C 624 -2.10 -37.49 0.03
C TYR C 624 -0.86 -36.66 0.37
N ASP C 625 -0.57 -36.45 1.65
CA ASP C 625 0.54 -35.60 2.06
C ASP C 625 1.94 -36.10 1.71
N SER C 626 2.83 -35.14 1.55
CA SER C 626 4.20 -35.44 1.17
C SER C 626 4.98 -36.38 2.08
N VAL C 627 4.97 -36.10 3.39
CA VAL C 627 5.73 -36.87 4.35
C VAL C 627 5.37 -38.34 4.36
N TYR C 628 4.09 -38.65 4.46
CA TYR C 628 3.65 -40.03 4.47
C TYR C 628 3.85 -40.69 3.12
N THR C 629 3.27 -40.09 2.09
CA THR C 629 3.34 -40.68 0.77
C THR C 629 4.74 -40.91 0.24
N GLU C 630 5.61 -39.92 0.34
CA GLU C 630 6.96 -40.06 -0.20
C GLU C 630 7.80 -41.06 0.55
N ARG C 631 7.50 -41.24 1.83
CA ARG C 631 8.24 -42.18 2.63
C ARG C 631 8.17 -43.55 1.97
N TYR C 632 7.00 -43.89 1.43
CA TYR C 632 6.82 -45.21 0.82
C TYR C 632 6.84 -45.23 -0.70
N MET C 633 6.56 -44.10 -1.33
CA MET C 633 6.47 -44.05 -2.78
C MET C 633 7.48 -43.21 -3.56
N GLY C 634 8.34 -42.47 -2.87
CA GLY C 634 9.28 -41.61 -3.58
C GLY C 634 8.51 -40.44 -4.20
N LEU C 635 9.11 -39.79 -5.20
CA LEU C 635 8.48 -38.65 -5.86
C LEU C 635 7.67 -39.07 -7.10
N PRO C 636 6.50 -38.44 -7.30
CA PRO C 636 5.66 -38.77 -8.46
C PRO C 636 6.19 -38.09 -9.72
N THR C 637 7.45 -38.37 -10.06
CA THR C 637 8.02 -37.78 -11.26
C THR C 637 8.48 -38.89 -12.19
N PRO C 638 8.54 -38.60 -13.49
CA PRO C 638 8.98 -39.64 -14.43
C PRO C 638 10.41 -40.10 -14.13
N GLU C 639 11.17 -39.26 -13.43
CA GLU C 639 12.55 -39.63 -13.08
C GLU C 639 12.61 -40.45 -11.78
N ASP C 640 11.48 -40.57 -11.09
CA ASP C 640 11.46 -41.36 -9.88
C ASP C 640 10.40 -42.45 -9.94
N ASN C 641 9.30 -42.30 -9.22
CA ASN C 641 8.30 -43.35 -9.17
C ASN C 641 6.93 -43.02 -9.80
N LEU C 642 6.86 -42.02 -10.67
CA LEU C 642 5.57 -41.67 -11.27
C LEU C 642 4.79 -42.86 -11.81
N ASP C 643 5.47 -43.83 -12.42
CA ASP C 643 4.75 -44.99 -12.97
C ASP C 643 3.91 -45.77 -11.95
N TYR C 644 4.45 -45.99 -10.75
CA TYR C 644 3.72 -46.74 -9.73
C TYR C 644 2.65 -45.92 -9.02
N TYR C 645 2.78 -44.61 -9.11
CA TYR C 645 1.75 -43.71 -8.56
C TYR C 645 0.57 -43.84 -9.52
N ARG C 646 0.87 -43.85 -10.82
CA ARG C 646 -0.17 -43.89 -11.84
C ARG C 646 -1.04 -45.15 -11.87
N ASN C 647 -0.45 -46.32 -11.66
CA ASN C 647 -1.26 -47.50 -11.75
C ASN C 647 -1.70 -48.03 -10.41
N SER C 648 -1.65 -47.20 -9.39
CA SER C 648 -2.05 -47.60 -8.04
C SER C 648 -3.23 -46.77 -7.56
N THR C 649 -3.90 -46.08 -8.48
CA THR C 649 -5.08 -45.32 -8.08
C THR C 649 -6.26 -46.27 -8.06
N VAL C 650 -7.29 -45.95 -7.30
CA VAL C 650 -8.46 -46.80 -7.33
C VAL C 650 -9.18 -46.59 -8.66
N MET C 651 -9.12 -45.37 -9.17
CA MET C 651 -9.81 -45.04 -10.41
C MET C 651 -9.38 -45.92 -11.57
N SER C 652 -8.12 -46.36 -11.54
CA SER C 652 -7.62 -47.21 -12.62
C SER C 652 -8.34 -48.55 -12.72
N ARG C 653 -9.06 -48.92 -11.65
CA ARG C 653 -9.76 -50.19 -11.60
C ARG C 653 -11.27 -50.07 -11.63
N ALA C 654 -11.77 -48.89 -12.01
CA ALA C 654 -13.19 -48.61 -12.03
C ALA C 654 -14.11 -49.64 -12.65
N GLU C 655 -13.72 -50.12 -13.83
CA GLU C 655 -14.52 -51.09 -14.55
C GLU C 655 -14.83 -52.36 -13.76
N ASN C 656 -13.88 -52.82 -12.97
CA ASN C 656 -14.08 -54.03 -12.18
C ASN C 656 -15.09 -53.83 -11.06
N PHE C 657 -15.46 -52.59 -10.74
CA PHE C 657 -16.44 -52.37 -9.68
C PHE C 657 -17.84 -52.80 -10.13
N LYS C 658 -17.99 -53.07 -11.42
CA LYS C 658 -19.28 -53.50 -11.92
C LYS C 658 -19.64 -54.86 -11.35
N GLN C 659 -18.64 -55.59 -10.86
CA GLN C 659 -18.91 -56.92 -10.32
C GLN C 659 -19.24 -56.96 -8.83
N VAL C 660 -19.22 -55.80 -8.15
CA VAL C 660 -19.49 -55.77 -6.70
C VAL C 660 -20.48 -54.70 -6.28
N GLU C 661 -20.95 -54.79 -5.04
CA GLU C 661 -21.84 -53.80 -4.43
C GLU C 661 -20.91 -52.96 -3.56
N TYR C 662 -20.75 -51.68 -3.91
CA TYR C 662 -19.82 -50.81 -3.21
C TYR C 662 -20.45 -49.62 -2.50
N LEU C 663 -20.01 -49.35 -1.27
CA LEU C 663 -20.50 -48.21 -0.49
C LEU C 663 -19.28 -47.34 -0.16
N LEU C 664 -19.29 -46.09 -0.61
CA LEU C 664 -18.20 -45.14 -0.39
C LEU C 664 -18.67 -44.06 0.57
N ILE C 665 -17.93 -43.86 1.65
CA ILE C 665 -18.30 -42.91 2.70
C ILE C 665 -17.17 -41.94 2.97
N HIS C 666 -17.49 -40.67 3.18
CA HIS C 666 -16.42 -39.71 3.45
C HIS C 666 -17.02 -38.49 4.14
N GLY C 667 -16.29 -37.93 5.10
CA GLY C 667 -16.72 -36.73 5.80
C GLY C 667 -16.29 -35.51 4.97
N THR C 668 -17.16 -34.53 4.82
CA THR C 668 -16.79 -33.39 3.97
C THR C 668 -15.71 -32.48 4.48
N ALA C 669 -15.44 -32.54 5.79
CA ALA C 669 -14.44 -31.67 6.42
C ALA C 669 -13.21 -32.48 6.82
N ASP C 670 -12.91 -33.52 6.06
CA ASP C 670 -11.76 -34.35 6.37
C ASP C 670 -10.52 -33.57 5.91
N ASP C 671 -9.71 -33.15 6.87
CA ASP C 671 -8.50 -32.38 6.62
C ASP C 671 -7.30 -33.27 6.28
N ASN C 672 -7.45 -34.58 6.53
CA ASN C 672 -6.38 -35.56 6.38
C ASN C 672 -6.43 -36.24 5.01
N VAL C 673 -7.45 -37.07 4.78
CA VAL C 673 -7.67 -37.69 3.47
C VAL C 673 -8.80 -36.77 2.96
N HIS C 674 -8.46 -35.83 2.09
CA HIS C 674 -9.48 -34.89 1.62
C HIS C 674 -10.66 -35.51 0.91
N PHE C 675 -11.85 -34.93 1.14
CA PHE C 675 -13.08 -35.40 0.52
C PHE C 675 -12.81 -35.56 -0.99
N GLN C 676 -11.92 -34.71 -1.48
CA GLN C 676 -11.45 -34.74 -2.87
C GLN C 676 -11.15 -36.18 -3.33
N GLN C 677 -10.49 -36.97 -2.48
CA GLN C 677 -10.14 -38.34 -2.84
C GLN C 677 -11.37 -39.15 -3.23
N SER C 678 -12.43 -39.08 -2.42
CA SER C 678 -13.66 -39.80 -2.78
C SER C 678 -14.42 -39.11 -3.88
N ALA C 679 -14.32 -37.78 -3.96
CA ALA C 679 -15.05 -37.10 -5.01
C ALA C 679 -14.47 -37.49 -6.37
N GLN C 680 -13.15 -37.64 -6.44
CA GLN C 680 -12.50 -38.01 -7.71
C GLN C 680 -12.80 -39.48 -8.03
N LEU C 681 -12.85 -40.30 -6.99
CA LEU C 681 -13.13 -41.71 -7.20
C LEU C 681 -14.56 -41.90 -7.70
N SER C 682 -15.53 -41.25 -7.06
CA SER C 682 -16.93 -41.41 -7.50
C SER C 682 -17.09 -40.91 -8.94
N LYS C 683 -16.37 -39.85 -9.27
CA LYS C 683 -16.46 -39.31 -10.63
C LYS C 683 -15.95 -40.35 -11.64
N ALA C 684 -14.87 -41.06 -11.32
CA ALA C 684 -14.35 -42.08 -12.23
C ALA C 684 -15.33 -43.26 -12.35
N LEU C 685 -15.99 -43.62 -11.25
CA LEU C 685 -16.96 -44.70 -11.28
C LEU C 685 -18.18 -44.29 -12.13
N VAL C 686 -18.60 -43.04 -11.98
CA VAL C 686 -19.75 -42.56 -12.77
C VAL C 686 -19.31 -42.53 -14.26
N ASP C 687 -18.10 -42.08 -14.52
CA ASP C 687 -17.62 -42.04 -15.90
C ASP C 687 -17.57 -43.43 -16.53
N ALA C 688 -17.31 -44.46 -15.72
CA ALA C 688 -17.24 -45.84 -16.22
C ALA C 688 -18.61 -46.52 -16.28
N GLY C 689 -19.64 -45.83 -15.81
CA GLY C 689 -20.99 -46.38 -15.82
C GLY C 689 -21.21 -47.45 -14.73
N VAL C 690 -20.56 -47.27 -13.59
CA VAL C 690 -20.65 -48.21 -12.48
C VAL C 690 -21.67 -47.72 -11.44
N ASP C 691 -22.64 -48.53 -11.04
CA ASP C 691 -23.52 -48.04 -9.99
C ASP C 691 -22.95 -48.46 -8.64
N PHE C 692 -23.04 -47.56 -7.69
CA PHE C 692 -22.55 -47.79 -6.34
C PHE C 692 -23.34 -46.85 -5.45
N GLN C 693 -23.06 -46.93 -4.15
CA GLN C 693 -23.76 -46.11 -3.18
C GLN C 693 -22.75 -45.22 -2.52
N THR C 694 -23.24 -44.09 -2.07
CA THR C 694 -22.41 -43.11 -1.44
C THR C 694 -23.06 -42.59 -0.16
N MET C 695 -22.24 -42.02 0.73
CA MET C 695 -22.75 -41.33 1.91
C MET C 695 -21.74 -40.28 2.30
N TRP C 696 -22.10 -39.01 2.16
CA TRP C 696 -21.19 -37.98 2.62
C TRP C 696 -21.64 -37.67 4.05
N TYR C 697 -20.73 -37.15 4.85
CA TYR C 697 -21.05 -36.75 6.24
C TYR C 697 -20.61 -35.30 6.41
N THR C 698 -21.60 -34.45 6.31
CA THR C 698 -21.42 -33.01 6.40
C THR C 698 -20.62 -32.58 7.62
N ASP C 699 -19.52 -31.86 7.40
CA ASP C 699 -18.68 -31.31 8.46
C ASP C 699 -17.96 -32.30 9.39
N GLU C 700 -17.97 -33.58 9.05
CA GLU C 700 -17.28 -34.55 9.87
C GLU C 700 -15.85 -34.66 9.31
N ASP C 701 -14.89 -34.94 10.19
CA ASP C 701 -13.51 -35.04 9.73
C ASP C 701 -13.09 -36.48 9.51
N HIS C 702 -11.78 -36.74 9.58
CA HIS C 702 -11.30 -38.09 9.27
C HIS C 702 -11.84 -39.16 10.20
N GLY C 703 -12.24 -38.76 11.40
CA GLY C 703 -12.77 -39.72 12.36
C GLY C 703 -14.28 -39.93 12.30
N ILE C 704 -15.02 -39.02 11.66
CA ILE C 704 -16.51 -39.10 11.57
C ILE C 704 -16.89 -39.53 12.97
N ALA C 705 -16.40 -38.72 13.89
CA ALA C 705 -16.46 -38.98 15.31
C ALA C 705 -17.43 -38.25 16.22
N SER C 706 -18.28 -37.40 15.67
CA SER C 706 -19.24 -36.75 16.56
C SER C 706 -20.20 -37.87 16.99
N ASN C 707 -20.81 -37.72 18.15
CA ASN C 707 -21.70 -38.79 18.64
C ASN C 707 -22.79 -39.17 17.62
N MET C 708 -23.43 -38.19 17.00
CA MET C 708 -24.48 -38.47 16.04
C MET C 708 -23.94 -39.14 14.78
N ALA C 709 -22.83 -38.63 14.27
CA ALA C 709 -22.25 -39.22 13.05
C ALA C 709 -21.73 -40.66 13.26
N HIS C 710 -21.10 -40.89 14.40
CA HIS C 710 -20.57 -42.21 14.71
C HIS C 710 -21.74 -43.19 14.71
N GLN C 711 -22.83 -42.82 15.36
CA GLN C 711 -23.97 -43.75 15.39
C GLN C 711 -24.56 -43.95 14.01
N HIS C 712 -24.70 -42.86 13.28
CA HIS C 712 -25.29 -42.96 11.95
C HIS C 712 -24.46 -43.80 10.99
N ILE C 713 -23.14 -43.63 10.97
CA ILE C 713 -22.35 -44.38 10.01
C ILE C 713 -22.36 -45.88 10.25
N TYR C 714 -22.24 -46.29 11.50
CA TYR C 714 -22.24 -47.73 11.77
C TYR C 714 -23.63 -48.33 11.55
N THR C 715 -24.66 -47.52 11.75
CA THR C 715 -26.01 -47.97 11.53
C THR C 715 -26.20 -48.14 10.02
N HIS C 716 -25.71 -47.17 9.26
CA HIS C 716 -25.82 -47.22 7.80
C HIS C 716 -25.05 -48.39 7.23
N MET C 717 -23.82 -48.60 7.72
CA MET C 717 -23.02 -49.71 7.23
C MET C 717 -23.63 -51.06 7.61
N SER C 718 -24.25 -51.14 8.78
CA SER C 718 -24.87 -52.39 9.23
C SER C 718 -26.02 -52.77 8.27
N HIS C 719 -26.84 -51.78 7.92
CA HIS C 719 -27.96 -52.02 7.02
C HIS C 719 -27.42 -52.51 5.66
N PHE C 720 -26.37 -51.85 5.18
CA PHE C 720 -25.76 -52.22 3.90
C PHE C 720 -25.21 -53.65 3.91
N LEU C 721 -24.49 -54.02 4.95
CA LEU C 721 -23.92 -55.35 5.05
C LEU C 721 -25.03 -56.41 5.14
N LYS C 722 -26.04 -56.16 5.97
CA LYS C 722 -27.12 -57.12 6.13
C LYS C 722 -27.86 -57.30 4.80
N GLN C 723 -27.99 -56.23 4.02
CA GLN C 723 -28.66 -56.33 2.74
C GLN C 723 -27.80 -57.21 1.83
N CYS C 724 -26.50 -56.90 1.77
CA CYS C 724 -25.58 -57.69 0.94
C CYS C 724 -25.59 -59.16 1.36
N PHE C 725 -25.69 -59.42 2.67
CA PHE C 725 -25.69 -60.78 3.18
C PHE C 725 -27.11 -61.37 3.34
N SER C 726 -28.12 -60.61 2.93
CA SER C 726 -29.52 -61.04 3.03
C SER C 726 -29.92 -61.40 4.46
N LEU C 727 -29.49 -60.58 5.42
CA LEU C 727 -29.80 -60.80 6.84
C LEU C 727 -30.93 -59.90 7.31
N PRO C 728 -31.88 -60.44 8.09
CA PRO C 728 -33.00 -59.62 8.58
C PRO C 728 -32.65 -58.82 9.84
N SER D 1 -45.12 -59.25 -27.68
CA SER D 1 -44.75 -58.97 -29.10
C SER D 1 -43.83 -57.74 -29.18
N ARG D 2 -44.42 -56.55 -29.05
CA ARG D 2 -43.65 -55.32 -29.14
C ARG D 2 -42.78 -55.02 -27.91
N ARG D 3 -41.64 -54.39 -28.16
CA ARG D 3 -40.71 -54.01 -27.10
C ARG D 3 -41.39 -52.97 -26.23
N THR D 4 -40.78 -52.67 -25.08
CA THR D 4 -41.30 -51.64 -24.20
C THR D 4 -40.31 -50.49 -24.35
N TYR D 5 -40.66 -49.32 -23.84
CA TYR D 5 -39.76 -48.19 -23.90
C TYR D 5 -38.88 -48.39 -22.67
N THR D 6 -37.60 -48.73 -22.90
CA THR D 6 -36.66 -49.03 -21.82
C THR D 6 -35.87 -47.85 -21.28
N LEU D 7 -35.20 -48.05 -20.14
CA LEU D 7 -34.37 -46.99 -19.55
C LEU D 7 -33.27 -46.59 -20.54
N THR D 8 -32.70 -47.59 -21.22
CA THR D 8 -31.66 -47.35 -22.21
C THR D 8 -32.19 -46.52 -23.36
N ASP D 9 -33.43 -46.79 -23.76
CA ASP D 9 -34.04 -46.01 -24.84
C ASP D 9 -34.05 -44.55 -24.38
N TYR D 10 -34.47 -44.31 -23.14
CA TYR D 10 -34.52 -42.95 -22.62
C TYR D 10 -33.12 -42.29 -22.51
N LEU D 11 -32.20 -42.97 -21.84
CA LEU D 11 -30.85 -42.45 -21.62
C LEU D 11 -30.04 -42.21 -22.90
N LYS D 12 -30.13 -43.15 -23.84
CA LYS D 12 -29.40 -43.05 -25.10
C LYS D 12 -30.18 -42.37 -26.22
N SER D 13 -31.37 -41.86 -25.90
CA SER D 13 -32.22 -41.19 -26.89
C SER D 13 -32.30 -41.98 -28.20
N THR D 14 -32.63 -43.25 -28.11
CA THR D 14 -32.73 -44.08 -29.29
C THR D 14 -33.86 -43.63 -30.21
N PHE D 15 -34.91 -43.06 -29.64
CA PHE D 15 -36.02 -42.58 -30.44
C PHE D 15 -35.89 -41.06 -30.48
N ARG D 16 -35.46 -40.54 -31.63
CA ARG D 16 -35.25 -39.11 -31.79
C ARG D 16 -36.45 -38.31 -32.21
N VAL D 17 -36.75 -37.28 -31.43
CA VAL D 17 -37.87 -36.40 -31.73
C VAL D 17 -37.30 -35.26 -32.55
N LYS D 18 -37.68 -35.16 -33.82
CA LYS D 18 -37.14 -34.09 -34.66
C LYS D 18 -37.84 -32.75 -34.43
N PHE D 19 -37.20 -31.68 -34.86
CA PHE D 19 -37.73 -30.34 -34.73
C PHE D 19 -37.31 -29.56 -35.97
N TYR D 20 -37.66 -28.29 -36.05
CA TYR D 20 -37.29 -27.50 -37.21
C TYR D 20 -36.97 -26.08 -36.77
N THR D 21 -35.69 -25.78 -36.67
CA THR D 21 -35.28 -24.46 -36.22
C THR D 21 -34.95 -23.57 -37.41
N LEU D 22 -35.61 -22.43 -37.48
CA LEU D 22 -35.37 -21.50 -38.57
C LEU D 22 -35.17 -20.10 -38.00
N GLN D 23 -34.46 -19.26 -38.74
CA GLN D 23 -34.24 -17.88 -38.31
C GLN D 23 -34.82 -16.93 -39.33
N TRP D 24 -35.88 -16.22 -38.97
CA TRP D 24 -36.47 -15.25 -39.90
C TRP D 24 -35.47 -14.10 -40.14
N ILE D 25 -35.25 -13.74 -41.39
CA ILE D 25 -34.30 -12.65 -41.70
C ILE D 25 -34.94 -11.52 -42.52
N SER D 26 -36.25 -11.62 -42.75
CA SER D 26 -37.01 -10.62 -43.49
C SER D 26 -38.48 -10.97 -43.30
N ASP D 27 -39.38 -10.28 -43.98
CA ASP D 27 -40.78 -10.61 -43.80
C ASP D 27 -41.20 -11.84 -44.59
N HIS D 28 -40.31 -12.35 -45.44
CA HIS D 28 -40.65 -13.54 -46.22
C HIS D 28 -39.50 -14.53 -46.43
N GLU D 29 -38.40 -14.37 -45.72
CA GLU D 29 -37.25 -15.25 -45.86
C GLU D 29 -36.71 -15.73 -44.51
N TYR D 30 -36.26 -16.99 -44.46
CA TYR D 30 -35.70 -17.51 -43.22
C TYR D 30 -34.52 -18.41 -43.52
N LEU D 31 -33.56 -18.45 -42.60
CA LEU D 31 -32.39 -19.28 -42.78
C LEU D 31 -32.64 -20.61 -42.08
N TYR D 32 -32.06 -21.67 -42.62
CA TYR D 32 -32.24 -23.01 -42.07
C TYR D 32 -31.00 -23.86 -42.34
N LYS D 33 -30.61 -24.64 -41.36
CA LYS D 33 -29.43 -25.49 -41.56
C LYS D 33 -29.90 -26.91 -41.88
N GLN D 34 -29.56 -27.37 -43.08
CA GLN D 34 -29.91 -28.71 -43.51
C GLN D 34 -28.65 -29.38 -44.04
N GLU D 35 -28.32 -30.52 -43.45
CA GLU D 35 -27.11 -31.25 -43.84
C GLU D 35 -25.90 -30.35 -43.76
N ASN D 36 -25.87 -29.57 -42.68
CA ASN D 36 -24.80 -28.64 -42.38
C ASN D 36 -24.62 -27.51 -43.38
N ASN D 37 -25.63 -27.32 -44.22
CA ASN D 37 -25.60 -26.23 -45.18
C ASN D 37 -26.58 -25.20 -44.63
N ILE D 38 -26.30 -23.92 -44.84
CA ILE D 38 -27.24 -22.89 -44.40
C ILE D 38 -28.02 -22.56 -45.66
N LEU D 39 -29.32 -22.78 -45.63
CA LEU D 39 -30.17 -22.49 -46.77
C LEU D 39 -31.01 -21.26 -46.52
N LEU D 40 -31.46 -20.65 -47.59
CA LEU D 40 -32.31 -19.48 -47.52
C LEU D 40 -33.63 -19.87 -48.16
N PHE D 41 -34.70 -19.82 -47.38
CA PHE D 41 -36.02 -20.19 -47.88
C PHE D 41 -36.91 -18.99 -48.08
N ASN D 42 -37.75 -19.06 -49.11
CA ASN D 42 -38.69 -17.99 -49.39
C ASN D 42 -40.06 -18.53 -48.98
N ALA D 43 -40.69 -17.88 -48.02
CA ALA D 43 -41.99 -18.32 -47.55
C ALA D 43 -42.99 -18.32 -48.72
N GLU D 44 -43.99 -19.20 -48.61
CA GLU D 44 -45.03 -19.33 -49.63
C GLU D 44 -44.47 -20.02 -50.87
N TYR D 45 -43.43 -19.42 -51.45
CA TYR D 45 -42.79 -20.01 -52.64
C TYR D 45 -42.23 -21.38 -52.30
N GLY D 46 -41.79 -21.54 -51.05
CA GLY D 46 -41.25 -22.81 -50.59
C GLY D 46 -39.88 -23.16 -51.14
N ASN D 47 -39.45 -22.48 -52.19
CA ASN D 47 -38.15 -22.75 -52.78
C ASN D 47 -37.05 -22.21 -51.89
N SER D 48 -35.85 -22.75 -52.06
CA SER D 48 -34.73 -22.31 -51.26
C SER D 48 -33.43 -22.30 -52.06
N SER D 49 -32.45 -21.55 -51.56
CA SER D 49 -31.16 -21.44 -52.21
C SER D 49 -30.08 -21.59 -51.16
N ILE D 50 -28.92 -22.13 -51.55
CA ILE D 50 -27.83 -22.31 -50.62
C ILE D 50 -27.21 -20.97 -50.25
N PHE D 51 -27.32 -20.61 -48.99
CA PHE D 51 -26.76 -19.35 -48.50
C PHE D 51 -25.29 -19.56 -48.15
N LEU D 52 -24.99 -20.73 -47.57
CA LEU D 52 -23.62 -21.08 -47.22
C LEU D 52 -23.49 -22.60 -47.31
N GLU D 53 -22.54 -23.06 -48.12
CA GLU D 53 -22.31 -24.50 -48.32
C GLU D 53 -21.54 -25.14 -47.17
N ASN D 54 -21.92 -26.36 -46.80
CA ASN D 54 -21.24 -27.04 -45.72
C ASN D 54 -19.74 -27.21 -45.99
N SER D 55 -19.34 -26.95 -47.22
CA SER D 55 -17.92 -27.06 -47.61
C SER D 55 -17.15 -25.91 -46.98
N THR D 56 -17.88 -24.94 -46.45
CA THR D 56 -17.25 -23.79 -45.82
C THR D 56 -16.85 -24.14 -44.40
N PHE D 57 -17.63 -25.00 -43.76
CA PHE D 57 -17.34 -25.42 -42.40
C PHE D 57 -16.13 -26.34 -42.33
N ASP D 58 -16.04 -27.29 -43.25
CA ASP D 58 -14.93 -28.22 -43.30
C ASP D 58 -13.58 -27.50 -43.38
N GLU D 59 -13.59 -26.32 -43.99
CA GLU D 59 -12.39 -25.51 -44.16
C GLU D 59 -11.92 -24.80 -42.90
N LEU D 60 -12.83 -24.65 -41.93
CA LEU D 60 -12.50 -23.99 -40.67
C LEU D 60 -11.81 -25.03 -39.78
N GLY D 61 -10.70 -24.64 -39.16
CA GLY D 61 -9.98 -25.57 -38.31
C GLY D 61 -10.54 -25.73 -36.91
N TYR D 62 -11.84 -26.01 -36.82
CA TYR D 62 -12.50 -26.19 -35.54
C TYR D 62 -13.97 -26.57 -35.70
N SER D 63 -14.60 -26.93 -34.60
CA SER D 63 -16.01 -27.29 -34.60
C SER D 63 -16.82 -26.01 -34.40
N THR D 64 -17.55 -25.61 -35.43
CA THR D 64 -18.37 -24.40 -35.37
C THR D 64 -19.67 -24.76 -34.68
N ASN D 65 -19.82 -24.28 -33.45
CA ASN D 65 -21.00 -24.58 -32.67
C ASN D 65 -22.23 -23.72 -32.99
N ASP D 66 -22.04 -22.60 -33.69
CA ASP D 66 -23.17 -21.74 -34.02
C ASP D 66 -22.79 -20.60 -34.96
N TYR D 67 -23.77 -20.05 -35.66
CA TYR D 67 -23.52 -18.95 -36.60
C TYR D 67 -24.56 -17.85 -36.48
N SER D 68 -24.21 -16.65 -36.94
CA SER D 68 -25.12 -15.51 -36.92
C SER D 68 -24.80 -14.62 -38.11
N VAL D 69 -25.76 -14.46 -39.02
CA VAL D 69 -25.55 -13.64 -40.19
C VAL D 69 -25.96 -12.20 -39.92
N SER D 70 -25.17 -11.25 -40.45
CA SER D 70 -25.47 -9.84 -40.26
C SER D 70 -26.81 -9.53 -40.92
N PRO D 71 -27.57 -8.57 -40.38
CA PRO D 71 -28.86 -8.26 -41.01
C PRO D 71 -28.81 -7.78 -42.46
N ASP D 72 -27.65 -7.31 -42.91
CA ASP D 72 -27.55 -6.87 -44.31
C ASP D 72 -27.01 -8.02 -45.16
N ARG D 73 -26.85 -9.17 -44.54
CA ARG D 73 -26.38 -10.38 -45.19
C ARG D 73 -25.01 -10.31 -45.85
N GLN D 74 -24.15 -9.42 -45.37
CA GLN D 74 -22.81 -9.28 -45.93
C GLN D 74 -21.76 -10.05 -45.13
N PHE D 75 -22.10 -10.37 -43.89
CA PHE D 75 -21.17 -11.09 -43.02
C PHE D 75 -21.89 -12.14 -42.19
N ILE D 76 -21.14 -13.16 -41.76
CA ILE D 76 -21.71 -14.17 -40.91
C ILE D 76 -20.69 -14.43 -39.82
N LEU D 77 -21.18 -14.55 -38.60
CA LEU D 77 -20.35 -14.80 -37.43
C LEU D 77 -20.30 -16.31 -37.15
N PHE D 78 -19.10 -16.84 -36.95
CA PHE D 78 -18.92 -18.26 -36.64
C PHE D 78 -18.49 -18.39 -35.18
N GLU D 79 -19.33 -19.02 -34.37
CA GLU D 79 -19.03 -19.21 -32.95
C GLU D 79 -18.41 -20.59 -32.71
N TYR D 80 -17.28 -20.62 -32.02
CA TYR D 80 -16.57 -21.86 -31.70
C TYR D 80 -15.83 -21.72 -30.36
N ASN D 81 -15.21 -22.81 -29.90
CA ASN D 81 -14.52 -22.84 -28.60
C ASN D 81 -15.50 -22.49 -27.48
N TYR D 82 -16.74 -22.93 -27.66
CA TYR D 82 -17.78 -22.68 -26.68
C TYR D 82 -17.40 -23.29 -25.33
N VAL D 83 -17.57 -22.50 -24.28
CA VAL D 83 -17.27 -22.93 -22.91
C VAL D 83 -18.43 -22.43 -22.05
N LYS D 84 -19.24 -23.36 -21.56
CA LYS D 84 -20.40 -22.98 -20.74
C LYS D 84 -20.06 -22.40 -19.38
N GLN D 85 -20.88 -21.45 -18.93
CA GLN D 85 -20.69 -20.91 -17.59
C GLN D 85 -21.95 -21.28 -16.81
N TRP D 86 -22.93 -20.39 -16.68
CA TRP D 86 -24.10 -20.77 -15.90
C TRP D 86 -25.20 -21.28 -16.84
N ARG D 87 -26.47 -21.05 -16.52
CA ARG D 87 -27.55 -21.58 -17.36
C ARG D 87 -27.59 -20.99 -18.78
N HIS D 88 -27.33 -19.69 -18.89
CA HIS D 88 -27.37 -19.00 -20.17
C HIS D 88 -26.01 -18.49 -20.65
N SER D 89 -25.15 -18.10 -19.70
CA SER D 89 -23.83 -17.57 -20.00
C SER D 89 -22.80 -18.61 -20.46
N TYR D 90 -21.85 -18.13 -21.26
CA TYR D 90 -20.76 -18.94 -21.78
C TYR D 90 -19.82 -17.99 -22.49
N THR D 91 -18.60 -18.42 -22.78
CA THR D 91 -17.66 -17.59 -23.52
C THR D 91 -17.32 -18.35 -24.79
N ALA D 92 -16.76 -17.66 -25.76
CA ALA D 92 -16.43 -18.33 -27.01
C ALA D 92 -15.50 -17.49 -27.88
N SER D 93 -15.07 -18.11 -28.97
CA SER D 93 -14.22 -17.45 -29.94
C SER D 93 -15.17 -17.16 -31.10
N TYR D 94 -14.86 -16.14 -31.89
CA TYR D 94 -15.71 -15.80 -33.01
C TYR D 94 -14.89 -15.44 -34.21
N ASP D 95 -15.36 -15.87 -35.37
CA ASP D 95 -14.71 -15.53 -36.62
C ASP D 95 -15.76 -14.81 -37.43
N ILE D 96 -15.33 -13.84 -38.24
CA ILE D 96 -16.25 -13.12 -39.09
C ILE D 96 -15.94 -13.54 -40.52
N TYR D 97 -16.97 -13.92 -41.25
CA TYR D 97 -16.80 -14.37 -42.63
C TYR D 97 -17.46 -13.39 -43.60
N ASP D 98 -16.71 -12.96 -44.61
CA ASP D 98 -17.21 -12.03 -45.62
C ASP D 98 -17.99 -12.86 -46.63
N LEU D 99 -19.31 -12.72 -46.64
CA LEU D 99 -20.14 -13.47 -47.58
C LEU D 99 -19.95 -13.00 -49.03
N ASN D 100 -19.41 -11.80 -49.20
CA ASN D 100 -19.18 -11.26 -50.53
C ASN D 100 -17.91 -11.82 -51.15
N LYS D 101 -16.78 -11.56 -50.52
CA LYS D 101 -15.52 -12.06 -51.06
C LYS D 101 -15.26 -13.49 -50.59
N ARG D 102 -16.24 -14.06 -49.90
CA ARG D 102 -16.14 -15.42 -49.38
C ARG D 102 -14.79 -15.67 -48.73
N GLN D 103 -14.35 -14.74 -47.89
CA GLN D 103 -13.08 -14.85 -47.19
C GLN D 103 -13.31 -14.74 -45.69
N LEU D 104 -12.44 -15.39 -44.93
CA LEU D 104 -12.52 -15.32 -43.48
C LEU D 104 -11.72 -14.08 -43.11
N ILE D 105 -12.32 -13.15 -42.38
CA ILE D 105 -11.59 -11.95 -41.99
C ILE D 105 -10.50 -12.37 -41.01
N THR D 106 -9.27 -11.98 -41.29
CA THR D 106 -8.16 -12.37 -40.43
C THR D 106 -7.51 -11.26 -39.62
N GLU D 107 -7.98 -10.03 -39.79
CA GLU D 107 -7.42 -8.93 -39.02
C GLU D 107 -8.46 -8.24 -38.14
N GLU D 108 -8.01 -7.73 -37.00
CA GLU D 108 -8.90 -7.08 -36.04
C GLU D 108 -9.96 -8.08 -35.62
N ARG D 109 -9.51 -9.30 -35.37
CA ARG D 109 -10.40 -10.38 -34.96
C ARG D 109 -11.08 -10.13 -33.62
N ILE D 110 -12.20 -10.81 -33.42
CA ILE D 110 -12.92 -10.74 -32.17
C ILE D 110 -12.04 -11.52 -31.19
N PRO D 111 -11.87 -11.04 -29.96
CA PRO D 111 -11.06 -11.70 -28.95
C PRO D 111 -11.55 -13.08 -28.51
N ASN D 112 -10.64 -13.89 -27.98
CA ASN D 112 -11.05 -15.19 -27.48
C ASN D 112 -11.69 -14.90 -26.12
N ASN D 113 -12.49 -15.83 -25.62
CA ASN D 113 -13.15 -15.62 -24.32
C ASN D 113 -14.14 -14.44 -24.37
N THR D 114 -14.78 -14.26 -25.52
CA THR D 114 -15.76 -13.20 -25.63
C THR D 114 -17.00 -13.71 -24.91
N GLN D 115 -17.56 -12.85 -24.06
CA GLN D 115 -18.73 -13.19 -23.26
C GLN D 115 -20.06 -13.00 -23.95
N TRP D 116 -20.13 -12.02 -24.86
CA TRP D 116 -21.37 -11.79 -25.58
C TRP D 116 -21.10 -10.97 -26.82
N ILE D 117 -21.83 -11.27 -27.88
CA ILE D 117 -21.66 -10.54 -29.12
C ILE D 117 -22.98 -10.46 -29.90
N THR D 118 -23.18 -9.35 -30.59
CA THR D 118 -24.41 -9.18 -31.36
C THR D 118 -24.26 -8.14 -32.46
N TRP D 119 -24.92 -8.40 -33.59
CA TRP D 119 -24.92 -7.45 -34.70
C TRP D 119 -25.91 -6.35 -34.35
N SER D 120 -25.75 -5.17 -34.97
CA SER D 120 -26.72 -4.09 -34.75
C SER D 120 -27.93 -4.64 -35.50
N PRO D 121 -29.14 -4.08 -35.28
CA PRO D 121 -30.37 -4.53 -35.95
C PRO D 121 -30.41 -4.35 -37.47
N VAL D 122 -29.62 -3.42 -37.98
CA VAL D 122 -29.55 -3.17 -39.42
C VAL D 122 -28.07 -3.06 -39.73
N GLY D 123 -27.70 -3.29 -40.99
CA GLY D 123 -26.31 -3.20 -41.36
C GLY D 123 -25.44 -4.33 -40.86
N HIS D 124 -24.26 -3.98 -40.33
CA HIS D 124 -23.34 -5.00 -39.84
C HIS D 124 -22.37 -4.51 -38.77
N LYS D 125 -22.83 -3.64 -37.89
CA LYS D 125 -22.01 -3.16 -36.79
C LYS D 125 -22.03 -4.29 -35.78
N LEU D 126 -21.06 -4.30 -34.88
CA LEU D 126 -21.01 -5.33 -33.85
C LEU D 126 -20.73 -4.73 -32.49
N ALA D 127 -21.34 -5.30 -31.45
CA ALA D 127 -21.07 -4.88 -30.07
C ALA D 127 -20.73 -6.18 -29.36
N TYR D 128 -19.71 -6.18 -28.51
CA TYR D 128 -19.38 -7.40 -27.79
C TYR D 128 -18.82 -7.07 -26.42
N VAL D 129 -18.80 -8.06 -25.56
CA VAL D 129 -18.30 -7.88 -24.21
C VAL D 129 -17.13 -8.82 -24.03
N TRP D 130 -16.03 -8.29 -23.51
CA TRP D 130 -14.82 -9.06 -23.27
C TRP D 130 -14.22 -8.52 -21.97
N ASN D 131 -13.84 -9.41 -21.05
CA ASN D 131 -13.31 -8.99 -19.76
C ASN D 131 -14.24 -8.01 -19.04
N ASN D 132 -15.54 -8.25 -19.21
CA ASN D 132 -16.57 -7.44 -18.56
C ASN D 132 -16.69 -6.00 -19.08
N ASP D 133 -16.09 -5.74 -20.24
CA ASP D 133 -16.17 -4.42 -20.85
C ASP D 133 -16.77 -4.50 -22.24
N ILE D 134 -17.37 -3.39 -22.66
CA ILE D 134 -18.01 -3.32 -23.95
C ILE D 134 -17.15 -2.73 -25.05
N TYR D 135 -17.24 -3.34 -26.23
CA TYR D 135 -16.54 -2.91 -27.42
C TYR D 135 -17.49 -2.81 -28.61
N VAL D 136 -17.23 -1.85 -29.49
CA VAL D 136 -18.03 -1.66 -30.69
C VAL D 136 -17.14 -1.69 -31.93
N LYS D 137 -17.54 -2.49 -32.92
CA LYS D 137 -16.81 -2.63 -34.19
C LYS D 137 -17.71 -2.27 -35.35
N ASN D 138 -17.58 -1.06 -35.86
CA ASN D 138 -18.39 -0.62 -36.99
C ASN D 138 -18.16 -1.49 -38.21
N GLU D 139 -16.90 -1.86 -38.45
CA GLU D 139 -16.57 -2.70 -39.59
C GLU D 139 -15.83 -3.96 -39.16
N PRO D 140 -16.17 -5.10 -39.77
CA PRO D 140 -15.55 -6.38 -39.46
C PRO D 140 -14.03 -6.41 -39.58
N ASN D 141 -13.48 -5.65 -40.52
CA ASN D 141 -12.04 -5.62 -40.71
C ASN D 141 -11.35 -4.45 -40.02
N LEU D 142 -12.11 -3.60 -39.33
CA LEU D 142 -11.50 -2.47 -38.62
C LEU D 142 -11.41 -2.67 -37.11
N SER D 143 -10.58 -1.86 -36.46
CA SER D 143 -10.37 -1.92 -35.01
C SER D 143 -11.64 -1.67 -34.23
N SER D 144 -11.77 -2.34 -33.09
CA SER D 144 -12.94 -2.14 -32.26
C SER D 144 -12.68 -0.93 -31.38
N GLN D 145 -13.73 -0.27 -30.92
CA GLN D 145 -13.59 0.89 -30.05
C GLN D 145 -14.15 0.53 -28.69
N ARG D 146 -13.32 0.65 -27.66
CA ARG D 146 -13.76 0.32 -26.31
C ARG D 146 -14.74 1.37 -25.78
N ILE D 147 -15.79 0.87 -25.11
CA ILE D 147 -16.86 1.70 -24.54
C ILE D 147 -16.80 1.89 -23.02
N THR D 148 -16.36 0.86 -22.30
CA THR D 148 -16.30 0.94 -20.84
C THR D 148 -14.91 0.49 -20.37
N TRP D 149 -14.48 1.03 -19.23
CA TRP D 149 -13.18 0.71 -18.67
C TRP D 149 -13.27 0.24 -17.20
N THR D 150 -14.49 0.00 -16.71
CA THR D 150 -14.68 -0.42 -15.32
C THR D 150 -14.82 -1.93 -15.15
N GLY D 151 -14.84 -2.67 -16.25
CA GLY D 151 -14.97 -4.12 -16.18
C GLY D 151 -13.99 -4.72 -15.19
N LYS D 152 -14.49 -5.54 -14.25
CA LYS D 152 -13.67 -6.18 -13.24
C LYS D 152 -14.28 -7.51 -12.78
N GLU D 153 -13.51 -8.59 -12.92
CA GLU D 153 -13.97 -9.93 -12.55
C GLU D 153 -14.62 -9.98 -11.17
N ASN D 154 -15.84 -10.50 -11.11
CA ASN D 154 -16.57 -10.62 -9.86
C ASN D 154 -16.99 -9.31 -9.20
N VAL D 155 -16.82 -8.19 -9.88
CA VAL D 155 -17.19 -6.93 -9.23
C VAL D 155 -18.07 -6.04 -10.11
N ILE D 156 -17.55 -5.70 -11.29
CA ILE D 156 -18.25 -4.85 -12.24
C ILE D 156 -18.49 -5.52 -13.57
N TYR D 157 -19.77 -5.63 -13.95
CA TYR D 157 -20.13 -6.25 -15.22
C TYR D 157 -20.78 -5.22 -16.16
N ASN D 158 -20.17 -5.00 -17.33
CA ASN D 158 -20.72 -4.06 -18.32
C ASN D 158 -21.26 -4.78 -19.55
N GLY D 159 -22.57 -4.69 -19.79
CA GLY D 159 -23.09 -5.34 -20.99
C GLY D 159 -23.50 -6.80 -20.84
N VAL D 160 -23.26 -7.37 -19.66
CA VAL D 160 -23.68 -8.75 -19.35
C VAL D 160 -24.13 -8.76 -17.87
N THR D 161 -25.00 -9.70 -17.52
CA THR D 161 -25.54 -9.83 -16.17
C THR D 161 -24.61 -10.51 -15.15
N ASP D 162 -24.84 -10.28 -13.86
CA ASP D 162 -24.07 -10.97 -12.85
C ASP D 162 -24.86 -12.29 -12.66
N TRP D 163 -24.51 -13.14 -11.68
CA TRP D 163 -25.21 -14.41 -11.53
C TRP D 163 -26.73 -14.34 -11.32
N VAL D 164 -27.18 -13.51 -10.38
CA VAL D 164 -28.61 -13.46 -10.08
C VAL D 164 -29.49 -12.80 -11.15
N TYR D 165 -28.95 -11.82 -11.87
CA TYR D 165 -29.74 -11.22 -12.94
C TYR D 165 -29.82 -12.22 -14.11
N GLU D 166 -28.73 -12.96 -14.34
CA GLU D 166 -28.77 -13.94 -15.42
C GLU D 166 -29.83 -15.01 -15.14
N GLU D 167 -29.80 -15.55 -13.94
CA GLU D 167 -30.72 -16.61 -13.59
C GLU D 167 -32.18 -16.23 -13.32
N GLU D 168 -32.38 -15.16 -12.53
CA GLU D 168 -33.71 -14.77 -12.07
C GLU D 168 -34.43 -13.56 -12.70
N VAL D 169 -33.70 -12.68 -13.38
CA VAL D 169 -34.32 -11.48 -13.94
C VAL D 169 -34.43 -11.49 -15.48
N PHE D 170 -33.29 -11.55 -16.15
CA PHE D 170 -33.26 -11.54 -17.61
C PHE D 170 -33.38 -12.92 -18.24
N SER D 171 -33.02 -13.97 -17.50
CA SER D 171 -33.01 -15.31 -18.08
C SER D 171 -32.11 -15.25 -19.30
N ALA D 172 -31.02 -14.50 -19.17
CA ALA D 172 -30.05 -14.31 -20.25
C ALA D 172 -28.82 -13.64 -19.68
N TYR D 173 -27.71 -13.78 -20.41
CA TYR D 173 -26.45 -13.22 -20.00
C TYR D 173 -26.28 -11.81 -20.57
N SER D 174 -26.86 -11.57 -21.74
CA SER D 174 -26.74 -10.27 -22.38
C SER D 174 -27.43 -9.13 -21.66
N ALA D 175 -26.78 -7.96 -21.67
CA ALA D 175 -27.33 -6.75 -21.07
C ALA D 175 -26.92 -5.60 -21.98
N LEU D 176 -27.13 -5.82 -23.29
CA LEU D 176 -26.82 -4.86 -24.37
C LEU D 176 -28.04 -4.82 -25.29
N TRP D 177 -28.44 -3.63 -25.70
CA TRP D 177 -29.60 -3.49 -26.58
C TRP D 177 -29.38 -2.38 -27.61
N TRP D 178 -29.15 -2.75 -28.87
CA TRP D 178 -28.99 -1.76 -29.92
C TRP D 178 -30.35 -1.10 -30.22
N SER D 179 -30.34 0.18 -30.61
CA SER D 179 -31.60 0.84 -30.99
C SER D 179 -31.97 0.26 -32.36
N PRO D 180 -33.23 0.38 -32.78
CA PRO D 180 -33.69 -0.15 -34.06
C PRO D 180 -32.81 0.15 -35.27
N ASN D 181 -32.27 1.35 -35.35
CA ASN D 181 -31.40 1.67 -36.47
C ASN D 181 -29.91 1.76 -36.15
N GLY D 182 -29.50 1.23 -35.00
CA GLY D 182 -28.09 1.23 -34.65
C GLY D 182 -27.45 2.54 -34.23
N THR D 183 -28.26 3.57 -33.98
CA THR D 183 -27.71 4.85 -33.56
C THR D 183 -27.18 4.77 -32.15
N PHE D 184 -28.01 4.21 -31.27
CA PHE D 184 -27.70 4.07 -29.86
C PHE D 184 -27.46 2.63 -29.43
N LEU D 185 -26.62 2.47 -28.42
CA LEU D 185 -26.34 1.15 -27.87
C LEU D 185 -26.61 1.29 -26.38
N ALA D 186 -27.70 0.70 -25.90
CA ALA D 186 -28.00 0.77 -24.48
C ALA D 186 -27.41 -0.46 -23.77
N TYR D 187 -26.99 -0.27 -22.53
CA TYR D 187 -26.42 -1.40 -21.78
C TYR D 187 -26.60 -1.20 -20.30
N ALA D 188 -26.57 -2.28 -19.54
CA ALA D 188 -26.69 -2.15 -18.10
C ALA D 188 -25.34 -2.49 -17.51
N GLN D 189 -25.05 -1.89 -16.37
CA GLN D 189 -23.82 -2.15 -15.65
C GLN D 189 -24.23 -2.69 -14.30
N PHE D 190 -23.67 -3.82 -13.92
CA PHE D 190 -23.98 -4.43 -12.64
C PHE D 190 -22.79 -4.33 -11.69
N ASN D 191 -23.08 -3.94 -10.46
CA ASN D 191 -22.03 -3.77 -9.47
C ASN D 191 -22.24 -4.73 -8.31
N ASP D 192 -21.38 -5.72 -8.19
CA ASP D 192 -21.49 -6.71 -7.12
C ASP D 192 -20.51 -6.55 -5.97
N THR D 193 -19.95 -5.34 -5.83
CA THR D 193 -18.96 -5.06 -4.78
C THR D 193 -19.35 -5.53 -3.38
N GLU D 194 -20.59 -5.32 -2.98
CA GLU D 194 -21.02 -5.70 -1.64
C GLU D 194 -21.77 -7.02 -1.51
N VAL D 195 -21.93 -7.72 -2.62
CA VAL D 195 -22.64 -9.02 -2.61
C VAL D 195 -21.71 -10.12 -2.07
N PRO D 196 -22.15 -10.86 -1.05
CA PRO D 196 -21.29 -11.93 -0.50
C PRO D 196 -21.02 -13.00 -1.55
N LEU D 197 -19.94 -13.74 -1.33
CA LEU D 197 -19.57 -14.78 -2.28
C LEU D 197 -19.94 -16.17 -1.79
N ILE D 198 -20.50 -16.97 -2.69
CA ILE D 198 -20.74 -18.38 -2.36
C ILE D 198 -19.41 -18.99 -2.86
N GLU D 199 -18.86 -19.92 -2.08
CA GLU D 199 -17.61 -20.57 -2.44
C GLU D 199 -17.83 -22.07 -2.32
N TYR D 200 -17.33 -22.82 -3.29
CA TYR D 200 -17.43 -24.27 -3.26
C TYR D 200 -16.26 -24.86 -4.02
N SER D 201 -15.91 -26.10 -3.69
CA SER D 201 -14.80 -26.77 -4.34
C SER D 201 -15.18 -27.31 -5.72
N PHE D 202 -14.25 -27.24 -6.66
CA PHE D 202 -14.48 -27.83 -7.97
C PHE D 202 -13.24 -28.71 -8.09
N TYR D 203 -13.43 -29.98 -8.39
CA TYR D 203 -12.32 -30.91 -8.40
C TYR D 203 -11.56 -31.05 -9.69
N SER D 204 -12.28 -30.86 -10.79
CA SER D 204 -11.71 -30.95 -12.13
C SER D 204 -11.20 -32.36 -12.47
N ASP D 205 -10.42 -32.45 -13.54
CA ASP D 205 -9.85 -33.72 -13.96
C ASP D 205 -9.01 -34.32 -12.82
N GLU D 206 -8.94 -35.64 -12.82
CA GLU D 206 -8.20 -36.40 -11.82
C GLU D 206 -6.74 -35.91 -11.66
N SER D 207 -6.14 -35.43 -12.75
CA SER D 207 -4.77 -34.92 -12.68
C SER D 207 -4.56 -33.68 -11.80
N LEU D 208 -5.63 -32.91 -11.51
CA LEU D 208 -5.51 -31.68 -10.70
C LEU D 208 -5.22 -32.06 -9.25
N GLN D 209 -4.02 -31.77 -8.79
CA GLN D 209 -3.63 -32.18 -7.45
C GLN D 209 -4.37 -31.50 -6.31
N TYR D 210 -4.67 -30.22 -6.47
CA TYR D 210 -5.40 -29.45 -5.46
C TYR D 210 -6.71 -28.94 -6.05
N PRO D 211 -7.83 -29.16 -5.35
CA PRO D 211 -9.13 -28.69 -5.81
C PRO D 211 -9.09 -27.17 -5.92
N LYS D 212 -9.92 -26.64 -6.80
CA LYS D 212 -10.04 -25.21 -7.05
C LYS D 212 -11.25 -24.73 -6.25
N THR D 213 -11.22 -23.49 -5.74
CA THR D 213 -12.39 -23.00 -5.04
C THR D 213 -13.07 -22.00 -5.98
N VAL D 214 -14.33 -22.27 -6.32
CA VAL D 214 -15.08 -21.38 -7.19
C VAL D 214 -15.74 -20.34 -6.28
N ARG D 215 -15.70 -19.07 -6.70
CA ARG D 215 -16.36 -18.00 -5.93
C ARG D 215 -17.27 -17.23 -6.86
N ILE D 216 -18.50 -16.98 -6.40
CA ILE D 216 -19.47 -16.27 -7.22
C ILE D 216 -20.21 -15.26 -6.34
N PRO D 217 -20.31 -13.99 -6.79
CA PRO D 217 -21.04 -12.99 -6.00
C PRO D 217 -22.49 -13.50 -6.14
N TYR D 218 -23.11 -13.90 -5.04
CA TYR D 218 -24.43 -14.50 -5.05
C TYR D 218 -25.20 -14.00 -3.84
N PRO D 219 -26.26 -13.21 -4.08
CA PRO D 219 -27.01 -12.72 -2.92
C PRO D 219 -28.04 -13.75 -2.45
N LYS D 220 -27.90 -14.20 -1.21
CA LYS D 220 -28.87 -15.15 -0.68
C LYS D 220 -29.99 -14.28 -0.07
N ALA D 221 -31.10 -14.89 0.33
CA ALA D 221 -32.21 -14.11 0.87
C ALA D 221 -31.83 -13.08 1.95
N GLY D 222 -32.23 -11.83 1.73
CA GLY D 222 -31.97 -10.77 2.70
C GLY D 222 -30.60 -10.13 2.64
N ALA D 223 -29.73 -10.66 1.79
CA ALA D 223 -28.38 -10.13 1.67
C ALA D 223 -28.24 -8.92 0.75
N GLU D 224 -27.07 -8.28 0.78
CA GLU D 224 -26.81 -7.16 -0.09
C GLU D 224 -26.88 -7.64 -1.53
N ASN D 225 -27.63 -6.88 -2.35
CA ASN D 225 -27.82 -7.17 -3.76
C ASN D 225 -26.92 -6.35 -4.67
N PRO D 226 -26.77 -6.80 -5.91
CA PRO D 226 -25.95 -6.04 -6.84
C PRO D 226 -26.74 -4.76 -7.17
N THR D 227 -26.05 -3.68 -7.50
CA THR D 227 -26.74 -2.47 -7.88
C THR D 227 -26.63 -2.40 -9.41
N VAL D 228 -27.49 -1.61 -10.03
CA VAL D 228 -27.49 -1.53 -11.47
C VAL D 228 -27.56 -0.08 -11.96
N LYS D 229 -26.99 0.14 -13.12
CA LYS D 229 -27.03 1.44 -13.78
C LYS D 229 -27.35 1.13 -15.24
N PHE D 230 -28.21 1.95 -15.83
CA PHE D 230 -28.61 1.77 -17.22
C PHE D 230 -28.09 2.98 -18.01
N PHE D 231 -27.44 2.71 -19.13
CA PHE D 231 -26.88 3.76 -19.97
C PHE D 231 -27.30 3.63 -21.42
N VAL D 232 -27.38 4.77 -22.11
CA VAL D 232 -27.68 4.76 -23.52
C VAL D 232 -26.50 5.47 -24.14
N VAL D 233 -25.76 4.77 -24.99
CA VAL D 233 -24.60 5.34 -25.65
C VAL D 233 -24.94 5.80 -27.05
N ASP D 234 -24.49 7.01 -27.40
CA ASP D 234 -24.69 7.56 -28.74
C ASP D 234 -23.46 7.11 -29.50
N THR D 235 -23.63 6.12 -30.37
CA THR D 235 -22.51 5.58 -31.10
C THR D 235 -22.02 6.43 -32.25
N ARG D 236 -22.77 7.46 -32.60
CA ARG D 236 -22.37 8.31 -33.72
C ARG D 236 -21.08 9.06 -33.45
N THR D 237 -20.76 9.31 -32.19
CA THR D 237 -19.54 10.06 -31.85
C THR D 237 -18.35 9.19 -31.47
N LEU D 238 -18.51 7.87 -31.63
CA LEU D 238 -17.43 6.96 -31.28
C LEU D 238 -16.23 7.23 -32.16
N SER D 239 -15.08 7.46 -31.54
CA SER D 239 -13.86 7.75 -32.29
C SER D 239 -12.70 7.56 -31.33
N PRO D 240 -11.55 7.08 -31.82
CA PRO D 240 -10.42 6.89 -30.90
C PRO D 240 -10.05 8.10 -30.03
N ASN D 241 -10.22 9.30 -30.58
CA ASN D 241 -9.87 10.53 -29.85
C ASN D 241 -11.04 11.26 -29.19
N ALA D 242 -12.19 10.61 -29.13
CA ALA D 242 -13.36 11.19 -28.52
C ALA D 242 -13.74 10.41 -27.27
N SER D 243 -14.39 11.09 -26.33
CA SER D 243 -14.86 10.44 -25.11
C SER D 243 -16.12 9.70 -25.54
N VAL D 244 -16.67 8.90 -24.66
CA VAL D 244 -17.89 8.20 -24.98
C VAL D 244 -19.06 9.09 -24.57
N THR D 245 -20.01 9.26 -25.48
CA THR D 245 -21.20 10.05 -25.20
C THR D 245 -22.27 9.10 -24.70
N SER D 246 -22.61 9.19 -23.43
CA SER D 246 -23.63 8.31 -22.87
C SER D 246 -24.45 9.06 -21.85
N TYR D 247 -25.67 8.57 -21.63
CA TYR D 247 -26.59 9.15 -20.67
C TYR D 247 -27.14 8.06 -19.78
N GLN D 248 -27.10 8.28 -18.47
CA GLN D 248 -27.62 7.28 -17.55
C GLN D 248 -29.09 7.54 -17.26
N ILE D 249 -29.93 6.54 -17.49
CA ILE D 249 -31.35 6.68 -17.19
C ILE D 249 -31.59 6.06 -15.83
N VAL D 250 -32.10 6.86 -14.90
CA VAL D 250 -32.36 6.37 -13.56
C VAL D 250 -33.84 5.99 -13.40
N PRO D 251 -34.15 5.05 -12.50
CA PRO D 251 -35.57 4.72 -12.38
C PRO D 251 -36.41 5.84 -11.77
N PRO D 252 -37.72 5.79 -11.96
CA PRO D 252 -38.58 6.84 -11.39
C PRO D 252 -38.34 6.87 -9.90
N ALA D 253 -38.62 8.01 -9.28
CA ALA D 253 -38.41 8.20 -7.86
C ALA D 253 -39.08 7.17 -6.95
N SER D 254 -40.23 6.63 -7.36
CA SER D 254 -40.92 5.64 -6.53
C SER D 254 -40.14 4.33 -6.38
N VAL D 255 -39.20 4.11 -7.29
CA VAL D 255 -38.37 2.90 -7.30
C VAL D 255 -36.94 3.27 -6.87
N LEU D 256 -36.46 4.40 -7.38
CA LEU D 256 -35.11 4.89 -7.10
C LEU D 256 -34.90 4.98 -5.60
N ILE D 257 -35.98 5.23 -4.87
CA ILE D 257 -35.94 5.36 -3.42
C ILE D 257 -35.26 4.25 -2.65
N GLY D 258 -35.46 3.01 -3.08
CA GLY D 258 -34.84 1.89 -2.38
C GLY D 258 -34.21 0.88 -3.31
N ASP D 259 -33.88 -0.30 -2.80
CA ASP D 259 -33.28 -1.32 -3.64
C ASP D 259 -34.23 -1.63 -4.77
N HIS D 260 -33.68 -1.92 -5.95
CA HIS D 260 -34.52 -2.21 -7.09
C HIS D 260 -33.75 -3.04 -8.11
N TYR D 261 -34.48 -3.48 -9.13
CA TYR D 261 -33.93 -4.24 -10.21
C TYR D 261 -34.38 -3.62 -11.53
N LEU D 262 -33.55 -3.72 -12.56
CA LEU D 262 -33.92 -3.29 -13.89
C LEU D 262 -34.49 -4.62 -14.44
N CYS D 263 -35.73 -4.66 -14.92
CA CYS D 263 -36.20 -5.97 -15.39
C CYS D 263 -36.63 -6.05 -16.83
N GLY D 264 -36.56 -4.93 -17.54
CA GLY D 264 -36.96 -4.96 -18.93
C GLY D 264 -36.49 -3.74 -19.69
N VAL D 265 -36.16 -3.97 -20.95
CA VAL D 265 -35.70 -2.92 -21.85
C VAL D 265 -36.32 -3.19 -23.21
N THR D 266 -37.02 -2.20 -23.75
CA THR D 266 -37.65 -2.34 -25.05
C THR D 266 -37.50 -1.06 -25.87
N TRP D 267 -36.80 -1.15 -27.01
CA TRP D 267 -36.67 0.03 -27.88
C TRP D 267 -38.02 0.21 -28.62
N VAL D 268 -38.55 1.43 -28.61
CA VAL D 268 -39.84 1.75 -29.26
C VAL D 268 -39.59 2.38 -30.66
N THR D 269 -38.71 3.38 -30.70
CA THR D 269 -38.30 4.03 -31.95
C THR D 269 -36.85 4.40 -31.74
N GLU D 270 -36.23 5.05 -32.72
CA GLU D 270 -34.84 5.46 -32.59
C GLU D 270 -34.69 6.48 -31.48
N GLU D 271 -35.78 7.13 -31.10
CA GLU D 271 -35.71 8.16 -30.07
C GLU D 271 -36.62 7.98 -28.88
N ARG D 272 -37.07 6.75 -28.68
CA ARG D 272 -37.93 6.44 -27.55
C ARG D 272 -37.58 5.05 -27.03
N ILE D 273 -37.29 4.95 -25.74
CA ILE D 273 -36.94 3.66 -25.17
C ILE D 273 -37.81 3.41 -23.95
N SER D 274 -38.20 2.16 -23.76
CA SER D 274 -39.04 1.82 -22.60
C SER D 274 -38.26 0.97 -21.59
N LEU D 275 -38.22 1.42 -20.34
CA LEU D 275 -37.52 0.68 -19.28
C LEU D 275 -38.53 0.21 -18.27
N GLN D 276 -38.38 -1.04 -17.81
CA GLN D 276 -39.29 -1.57 -16.81
C GLN D 276 -38.47 -1.84 -15.54
N TRP D 277 -38.91 -1.26 -14.44
CA TRP D 277 -38.21 -1.43 -13.17
C TRP D 277 -39.14 -2.02 -12.15
N ILE D 278 -38.56 -2.65 -11.15
CA ILE D 278 -39.32 -3.26 -10.08
C ILE D 278 -38.56 -3.08 -8.77
N ARG D 279 -39.32 -2.85 -7.69
CA ARG D 279 -38.70 -2.70 -6.38
C ARG D 279 -38.21 -4.05 -5.90
N ARG D 280 -37.28 -4.05 -4.94
CA ARG D 280 -36.74 -5.30 -4.40
C ARG D 280 -37.92 -6.12 -3.88
N ALA D 281 -38.91 -5.42 -3.33
CA ALA D 281 -40.13 -6.05 -2.87
C ALA D 281 -40.84 -6.04 -4.22
N GLN D 282 -40.90 -7.20 -4.85
CA GLN D 282 -41.44 -7.34 -6.18
C GLN D 282 -42.95 -7.33 -6.39
N ASN D 283 -43.65 -6.47 -5.64
CA ASN D 283 -45.08 -6.33 -5.80
C ASN D 283 -45.38 -4.95 -6.42
N TYR D 284 -44.31 -4.22 -6.76
CA TYR D 284 -44.41 -2.88 -7.36
C TYR D 284 -43.47 -2.73 -8.58
N SER D 285 -44.05 -2.55 -9.75
CA SER D 285 -43.27 -2.39 -10.96
C SER D 285 -43.66 -1.11 -11.69
N ILE D 286 -42.75 -0.53 -12.47
CA ILE D 286 -43.08 0.68 -13.20
C ILE D 286 -42.38 0.71 -14.54
N ILE D 287 -43.08 1.19 -15.54
CA ILE D 287 -42.54 1.32 -16.88
C ILE D 287 -42.29 2.82 -17.08
N ASP D 288 -41.11 3.15 -17.56
CA ASP D 288 -40.70 4.53 -17.79
C ASP D 288 -40.34 4.63 -19.26
N ILE D 289 -41.10 5.42 -20.03
CA ILE D 289 -40.86 5.56 -21.46
C ILE D 289 -40.13 6.88 -21.69
N CYS D 290 -38.85 6.77 -22.02
CA CYS D 290 -38.00 7.93 -22.19
C CYS D 290 -37.78 8.39 -23.62
N ASP D 291 -37.86 9.70 -23.84
CA ASP D 291 -37.69 10.27 -25.18
C ASP D 291 -36.39 11.03 -25.33
N TYR D 292 -35.70 10.80 -26.44
CA TYR D 292 -34.44 11.47 -26.70
C TYR D 292 -34.72 12.96 -26.96
N ASP D 293 -33.92 13.83 -26.35
CA ASP D 293 -34.03 15.27 -26.56
C ASP D 293 -32.86 15.64 -27.43
N GLU D 294 -33.11 15.83 -28.72
CA GLU D 294 -32.05 16.14 -29.66
C GLU D 294 -31.14 17.33 -29.32
N SER D 295 -31.63 18.30 -28.56
CA SER D 295 -30.81 19.45 -28.25
C SER D 295 -29.86 19.24 -27.07
N THR D 296 -30.02 18.17 -26.31
CA THR D 296 -29.14 17.93 -25.17
C THR D 296 -28.57 16.52 -25.12
N GLY D 297 -29.08 15.63 -25.95
CA GLY D 297 -28.62 14.26 -25.91
C GLY D 297 -29.21 13.50 -24.74
N ARG D 298 -30.02 14.18 -23.93
CA ARG D 298 -30.63 13.51 -22.79
C ARG D 298 -31.79 12.59 -23.15
N TRP D 299 -32.09 11.65 -22.26
CA TRP D 299 -33.24 10.77 -22.47
C TRP D 299 -34.16 11.19 -21.34
N ILE D 300 -35.23 11.89 -21.73
CA ILE D 300 -36.17 12.46 -20.79
C ILE D 300 -37.42 11.65 -20.46
N SER D 301 -37.74 11.59 -19.17
CA SER D 301 -38.91 10.87 -18.74
C SER D 301 -39.96 11.87 -18.28
N SER D 302 -41.19 11.41 -18.13
CA SER D 302 -42.24 12.29 -17.67
C SER D 302 -43.29 11.44 -16.98
N VAL D 303 -43.96 12.02 -16.00
CA VAL D 303 -44.99 11.31 -15.27
C VAL D 303 -46.06 10.75 -16.20
N ALA D 304 -46.47 11.53 -17.19
CA ALA D 304 -47.50 11.07 -18.12
C ALA D 304 -47.11 9.78 -18.81
N ARG D 305 -45.80 9.57 -18.99
CA ARG D 305 -45.30 8.38 -19.66
C ARG D 305 -44.86 7.22 -18.76
N GLN D 306 -45.30 7.26 -17.51
CA GLN D 306 -44.95 6.21 -16.57
C GLN D 306 -46.19 5.38 -16.28
N HIS D 307 -46.01 4.07 -16.19
CA HIS D 307 -47.12 3.17 -15.92
C HIS D 307 -46.78 2.22 -14.81
N ILE D 308 -47.52 2.37 -13.71
CA ILE D 308 -47.34 1.57 -12.51
C ILE D 308 -48.15 0.28 -12.53
N GLU D 309 -47.54 -0.80 -12.09
CA GLU D 309 -48.21 -2.09 -12.04
C GLU D 309 -47.92 -2.71 -10.68
N ILE D 310 -48.96 -2.86 -9.88
CA ILE D 310 -48.78 -3.45 -8.56
C ILE D 310 -49.66 -4.67 -8.40
N SER D 311 -49.38 -5.44 -7.36
CA SER D 311 -50.13 -6.62 -7.00
C SER D 311 -50.37 -6.45 -5.51
N THR D 312 -51.61 -6.65 -5.10
CA THR D 312 -51.95 -6.52 -3.69
C THR D 312 -52.06 -7.89 -3.07
N THR D 313 -52.20 -8.90 -3.92
CA THR D 313 -52.32 -10.29 -3.47
C THR D 313 -51.00 -11.06 -3.48
N GLY D 314 -50.01 -10.55 -4.20
CA GLY D 314 -48.72 -11.23 -4.27
C GLY D 314 -47.67 -10.42 -5.02
N TRP D 315 -46.98 -11.08 -5.93
CA TRP D 315 -45.94 -10.44 -6.72
C TRP D 315 -46.48 -10.06 -8.08
N VAL D 316 -45.71 -9.27 -8.84
CA VAL D 316 -46.11 -8.84 -10.17
C VAL D 316 -45.61 -9.78 -11.28
N GLY D 317 -46.52 -10.21 -12.14
CA GLY D 317 -46.16 -11.09 -13.24
C GLY D 317 -46.03 -12.54 -12.84
N ARG D 318 -45.57 -13.40 -13.74
CA ARG D 318 -45.42 -14.80 -13.42
C ARG D 318 -44.10 -15.00 -12.68
N PHE D 319 -43.00 -14.68 -13.34
CA PHE D 319 -41.67 -14.75 -12.73
C PHE D 319 -41.15 -13.33 -12.72
N ARG D 320 -41.55 -12.56 -13.72
CA ARG D 320 -41.22 -11.14 -13.84
C ARG D 320 -42.38 -10.51 -14.56
N PRO D 321 -42.52 -9.18 -14.45
CA PRO D 321 -43.63 -8.52 -15.13
C PRO D 321 -43.60 -8.77 -16.63
N ALA D 322 -44.78 -8.89 -17.22
CA ALA D 322 -44.89 -9.11 -18.64
C ALA D 322 -44.34 -7.85 -19.30
N GLU D 323 -43.81 -8.01 -20.50
CA GLU D 323 -43.23 -6.90 -21.23
C GLU D 323 -44.14 -6.16 -22.19
N PRO D 324 -43.92 -4.86 -22.37
CA PRO D 324 -44.77 -4.06 -23.28
C PRO D 324 -44.50 -4.30 -24.76
N HIS D 325 -45.58 -4.34 -25.55
CA HIS D 325 -45.47 -4.48 -26.99
C HIS D 325 -46.02 -3.20 -27.61
N PHE D 326 -45.12 -2.41 -28.19
CA PHE D 326 -45.45 -1.12 -28.77
C PHE D 326 -45.85 -1.13 -30.24
N THR D 327 -46.67 -0.13 -30.60
CA THR D 327 -47.12 0.05 -31.97
C THR D 327 -45.92 0.63 -32.73
N SER D 328 -45.98 0.56 -34.06
CA SER D 328 -44.90 1.04 -34.90
C SER D 328 -44.52 2.49 -34.54
N ASP D 329 -45.54 3.33 -34.36
CA ASP D 329 -45.34 4.74 -34.02
C ASP D 329 -44.95 4.96 -32.55
N GLY D 330 -45.15 3.94 -31.73
CA GLY D 330 -44.81 4.03 -30.33
C GLY D 330 -45.72 4.87 -29.47
N ASN D 331 -46.91 5.21 -29.98
CA ASN D 331 -47.84 6.03 -29.20
C ASN D 331 -48.72 5.21 -28.26
N SER D 332 -48.74 3.89 -28.43
CA SER D 332 -49.49 3.03 -27.53
C SER D 332 -48.79 1.67 -27.47
N PHE D 333 -49.19 0.85 -26.50
CA PHE D 333 -48.61 -0.47 -26.36
C PHE D 333 -49.59 -1.40 -25.68
N TYR D 334 -49.38 -2.70 -25.89
CA TYR D 334 -50.23 -3.74 -25.30
C TYR D 334 -49.38 -4.55 -24.33
N LYS D 335 -49.96 -4.89 -23.19
CA LYS D 335 -49.23 -5.65 -22.18
C LYS D 335 -50.14 -6.48 -21.29
N ILE D 336 -49.70 -7.70 -21.01
CA ILE D 336 -50.43 -8.62 -20.14
C ILE D 336 -50.28 -8.18 -18.69
N ILE D 337 -51.41 -8.04 -18.00
CA ILE D 337 -51.42 -7.66 -16.61
C ILE D 337 -52.62 -8.36 -15.98
N SER D 338 -52.62 -8.47 -14.66
CA SER D 338 -53.73 -9.13 -13.98
C SER D 338 -55.00 -8.30 -14.00
N ASN D 339 -56.11 -9.00 -14.23
CA ASN D 339 -57.46 -8.45 -14.29
C ASN D 339 -57.92 -8.00 -12.93
N GLU D 340 -59.11 -7.43 -12.90
CA GLU D 340 -59.70 -7.02 -11.65
C GLU D 340 -60.15 -8.33 -11.04
N GLU D 341 -60.17 -9.38 -11.86
CA GLU D 341 -60.57 -10.72 -11.42
C GLU D 341 -59.35 -11.61 -11.10
N GLY D 342 -58.16 -11.12 -11.40
CA GLY D 342 -56.97 -11.91 -11.09
C GLY D 342 -56.49 -12.78 -12.24
N TYR D 343 -56.99 -12.55 -13.44
CA TYR D 343 -56.55 -13.32 -14.60
C TYR D 343 -55.73 -12.43 -15.50
N LYS D 344 -54.59 -12.96 -15.96
CA LYS D 344 -53.70 -12.19 -16.83
C LYS D 344 -54.20 -12.09 -18.26
N HIS D 345 -54.49 -10.86 -18.67
CA HIS D 345 -54.99 -10.57 -20.00
C HIS D 345 -54.30 -9.36 -20.62
N ILE D 346 -54.49 -9.19 -21.91
CA ILE D 346 -53.90 -8.07 -22.62
C ILE D 346 -54.66 -6.77 -22.40
N CYS D 347 -53.96 -5.74 -21.93
CA CYS D 347 -54.57 -4.43 -21.70
C CYS D 347 -53.93 -3.48 -22.72
N HIS D 348 -54.73 -2.58 -23.27
CA HIS D 348 -54.24 -1.62 -24.25
C HIS D 348 -53.89 -0.31 -23.52
N PHE D 349 -52.64 0.13 -23.67
CA PHE D 349 -52.19 1.35 -23.02
C PHE D 349 -51.88 2.45 -24.01
N GLN D 350 -52.13 3.68 -23.58
CA GLN D 350 -51.82 4.84 -24.37
C GLN D 350 -50.47 5.23 -23.78
N THR D 351 -49.46 5.43 -24.61
CA THR D 351 -48.13 5.78 -24.10
C THR D 351 -48.11 6.87 -23.02
N ASP D 352 -49.03 7.83 -23.08
CA ASP D 352 -49.06 8.92 -22.09
C ASP D 352 -50.31 9.05 -21.22
N LYS D 353 -51.08 7.97 -21.12
CA LYS D 353 -52.30 7.96 -20.30
C LYS D 353 -52.14 6.77 -19.35
N SER D 354 -52.56 6.93 -18.10
CA SER D 354 -52.41 5.85 -17.13
C SER D 354 -53.47 4.76 -17.17
N ASN D 355 -54.64 5.08 -17.73
CA ASN D 355 -55.72 4.10 -17.81
C ASN D 355 -55.57 3.22 -19.03
N CYS D 356 -55.80 1.93 -18.88
CA CYS D 356 -55.69 1.04 -20.03
C CYS D 356 -57.01 0.32 -20.22
N THR D 357 -57.16 -0.33 -21.36
CA THR D 357 -58.38 -1.05 -21.66
C THR D 357 -58.08 -2.50 -22.04
N PHE D 358 -58.67 -3.44 -21.32
CA PHE D 358 -58.47 -4.86 -21.62
C PHE D 358 -59.10 -5.26 -22.94
N ILE D 359 -58.33 -5.94 -23.79
CA ILE D 359 -58.85 -6.37 -25.07
C ILE D 359 -59.16 -7.87 -25.07
N THR D 360 -58.89 -8.54 -23.95
CA THR D 360 -59.18 -9.96 -23.78
C THR D 360 -59.70 -10.16 -22.35
N LYS D 361 -60.46 -11.21 -22.13
CA LYS D 361 -61.01 -11.49 -20.81
C LYS D 361 -61.56 -12.91 -20.71
N GLY D 362 -61.76 -13.38 -19.48
CA GLY D 362 -62.28 -14.72 -19.27
C GLY D 362 -61.50 -15.49 -18.22
N ALA D 363 -62.09 -16.56 -17.69
CA ALA D 363 -61.44 -17.37 -16.68
C ALA D 363 -60.39 -18.28 -17.34
N TRP D 364 -59.34 -17.64 -17.86
CA TRP D 364 -58.21 -18.31 -18.52
C TRP D 364 -57.18 -17.19 -18.64
N GLU D 365 -56.02 -17.49 -19.22
CA GLU D 365 -54.99 -16.47 -19.33
C GLU D 365 -54.25 -16.41 -20.65
N VAL D 366 -53.75 -15.22 -20.93
CA VAL D 366 -52.95 -15.01 -22.12
C VAL D 366 -51.54 -15.37 -21.65
N ILE D 367 -50.82 -16.19 -22.42
CA ILE D 367 -49.47 -16.59 -22.02
C ILE D 367 -48.47 -15.54 -22.47
N GLY D 368 -48.60 -15.10 -23.73
CA GLY D 368 -47.72 -14.08 -24.24
C GLY D 368 -48.18 -13.43 -25.52
N ILE D 369 -47.68 -12.23 -25.78
CA ILE D 369 -48.01 -11.52 -27.01
C ILE D 369 -46.89 -11.89 -27.97
N GLU D 370 -47.26 -12.47 -29.10
CA GLU D 370 -46.30 -12.93 -30.12
C GLU D 370 -45.92 -11.97 -31.22
N ALA D 371 -46.89 -11.24 -31.76
CA ALA D 371 -46.61 -10.29 -32.82
C ALA D 371 -47.69 -9.22 -32.86
N LEU D 372 -47.34 -8.06 -33.39
CA LEU D 372 -48.28 -6.96 -33.46
C LEU D 372 -48.12 -6.19 -34.77
N THR D 373 -49.23 -5.95 -35.46
CA THR D 373 -49.19 -5.17 -36.68
C THR D 373 -50.21 -4.06 -36.48
N SER D 374 -50.32 -3.15 -37.45
CA SER D 374 -51.25 -2.04 -37.34
C SER D 374 -52.70 -2.49 -37.22
N ASP D 375 -53.01 -3.67 -37.77
CA ASP D 375 -54.36 -4.18 -37.73
C ASP D 375 -54.63 -5.33 -36.77
N TYR D 376 -53.60 -6.14 -36.50
CA TYR D 376 -53.77 -7.29 -35.64
C TYR D 376 -52.72 -7.49 -34.57
N LEU D 377 -53.11 -8.26 -33.57
CA LEU D 377 -52.23 -8.65 -32.48
C LEU D 377 -52.38 -10.17 -32.39
N TYR D 378 -51.25 -10.88 -32.39
CA TYR D 378 -51.28 -12.33 -32.28
C TYR D 378 -50.77 -12.68 -30.91
N TYR D 379 -51.48 -13.56 -30.21
CA TYR D 379 -51.08 -13.97 -28.88
C TYR D 379 -51.33 -15.45 -28.62
N ILE D 380 -50.69 -15.96 -27.57
CA ILE D 380 -50.84 -17.35 -27.20
C ILE D 380 -51.63 -17.41 -25.91
N SER D 381 -52.59 -18.33 -25.82
CA SER D 381 -53.37 -18.45 -24.58
C SER D 381 -53.83 -19.88 -24.34
N ASN D 382 -54.32 -20.15 -23.13
CA ASN D 382 -54.81 -21.48 -22.80
C ASN D 382 -56.34 -21.50 -22.72
N GLU D 383 -56.99 -20.62 -23.48
CA GLU D 383 -58.46 -20.58 -23.47
C GLU D 383 -59.15 -21.82 -24.02
N HIS D 384 -58.65 -22.33 -25.15
CA HIS D 384 -59.28 -23.49 -25.78
C HIS D 384 -59.64 -24.61 -24.82
N LYS D 385 -60.91 -25.02 -24.87
CA LYS D 385 -61.43 -26.09 -24.03
C LYS D 385 -61.21 -25.88 -22.54
N GLY D 386 -60.97 -24.64 -22.14
CA GLY D 386 -60.71 -24.36 -20.74
C GLY D 386 -59.61 -25.23 -20.16
N MET D 387 -58.63 -25.60 -21.00
CA MET D 387 -57.51 -26.43 -20.55
C MET D 387 -56.28 -25.56 -20.26
N PRO D 388 -56.02 -25.26 -18.99
CA PRO D 388 -54.87 -24.42 -18.64
C PRO D 388 -53.51 -24.94 -19.14
N GLY D 389 -53.44 -26.25 -19.39
CA GLY D 389 -52.21 -26.88 -19.88
C GLY D 389 -52.11 -26.99 -21.38
N GLY D 390 -53.04 -26.35 -22.08
CA GLY D 390 -53.01 -26.36 -23.53
C GLY D 390 -52.55 -24.97 -23.98
N ARG D 391 -52.14 -24.85 -25.23
CA ARG D 391 -51.65 -23.57 -25.79
C ARG D 391 -52.04 -23.43 -27.27
N ASN D 392 -52.58 -22.28 -27.63
CA ASN D 392 -52.99 -22.03 -29.00
C ASN D 392 -52.72 -20.60 -29.42
N LEU D 393 -52.51 -20.41 -30.72
CA LEU D 393 -52.24 -19.11 -31.31
C LEU D 393 -53.55 -18.46 -31.76
N TYR D 394 -53.79 -17.23 -31.30
CA TYR D 394 -55.00 -16.49 -31.65
C TYR D 394 -54.64 -15.15 -32.29
N ARG D 395 -55.56 -14.62 -33.09
CA ARG D 395 -55.34 -13.32 -33.72
C ARG D 395 -56.56 -12.44 -33.40
N ILE D 396 -56.31 -11.23 -32.90
CA ILE D 396 -57.40 -10.33 -32.55
C ILE D 396 -57.30 -9.03 -33.35
N GLN D 397 -58.47 -8.48 -33.70
CA GLN D 397 -58.55 -7.24 -34.46
C GLN D 397 -58.44 -6.03 -33.54
N LEU D 398 -57.48 -5.17 -33.82
CA LEU D 398 -57.26 -3.96 -33.02
C LEU D 398 -58.42 -2.97 -33.09
N ASN D 399 -59.21 -3.03 -34.16
CA ASN D 399 -60.35 -2.12 -34.30
C ASN D 399 -61.63 -2.72 -33.71
N ASP D 400 -61.59 -4.00 -33.36
CA ASP D 400 -62.75 -4.66 -32.75
C ASP D 400 -62.36 -5.93 -32.01
N TYR D 401 -62.21 -5.80 -30.70
CA TYR D 401 -61.81 -6.89 -29.84
C TYR D 401 -62.85 -8.02 -29.80
N THR D 402 -63.94 -7.83 -30.53
CA THR D 402 -65.00 -8.83 -30.57
C THR D 402 -64.62 -9.93 -31.54
N LYS D 403 -63.76 -9.60 -32.49
CA LYS D 403 -63.33 -10.58 -33.47
C LYS D 403 -61.97 -11.19 -33.20
N VAL D 404 -62.01 -12.31 -32.48
CA VAL D 404 -60.83 -13.07 -32.12
C VAL D 404 -60.90 -14.38 -32.87
N THR D 405 -59.83 -14.72 -33.56
CA THR D 405 -59.77 -15.96 -34.32
C THR D 405 -58.67 -16.85 -33.74
N CYS D 406 -58.95 -18.15 -33.61
CA CYS D 406 -57.93 -19.07 -33.13
C CYS D 406 -57.33 -19.69 -34.37
N LEU D 407 -56.07 -19.36 -34.63
CA LEU D 407 -55.36 -19.86 -35.81
C LEU D 407 -54.89 -21.30 -35.76
N SER D 408 -54.75 -21.88 -34.56
CA SER D 408 -54.24 -23.24 -34.44
C SER D 408 -55.17 -24.30 -33.85
N CYS D 409 -56.14 -23.86 -33.06
CA CYS D 409 -57.10 -24.75 -32.39
C CYS D 409 -57.60 -25.96 -33.15
N GLU D 410 -58.02 -25.73 -34.38
CA GLU D 410 -58.60 -26.78 -35.20
C GLU D 410 -57.74 -27.33 -36.33
N LEU D 411 -56.45 -27.08 -36.30
CA LEU D 411 -55.56 -27.58 -37.35
C LEU D 411 -55.37 -29.10 -37.27
N ASN D 412 -55.17 -29.60 -36.06
CA ASN D 412 -55.00 -31.03 -35.77
C ASN D 412 -55.40 -31.12 -34.30
N PRO D 413 -56.68 -30.90 -34.01
CA PRO D 413 -57.22 -30.93 -32.64
C PRO D 413 -56.86 -32.11 -31.74
N GLU D 414 -56.70 -33.31 -32.29
CA GLU D 414 -56.37 -34.46 -31.44
C GLU D 414 -54.87 -34.56 -31.19
N ARG D 415 -54.08 -34.26 -32.20
CA ARG D 415 -52.62 -34.33 -32.10
C ARG D 415 -51.93 -33.08 -31.59
N CYS D 416 -52.56 -31.92 -31.79
CA CYS D 416 -51.95 -30.65 -31.41
C CYS D 416 -52.82 -29.75 -30.54
N GLN D 417 -52.45 -29.62 -29.27
CA GLN D 417 -53.19 -28.77 -28.34
C GLN D 417 -52.22 -27.86 -27.55
N TYR D 418 -50.95 -27.88 -27.94
CA TYR D 418 -49.92 -27.09 -27.28
C TYR D 418 -48.97 -26.53 -28.35
N TYR D 419 -49.14 -25.26 -28.68
CA TYR D 419 -48.36 -24.59 -29.71
C TYR D 419 -47.57 -23.37 -29.24
N SER D 420 -46.51 -23.07 -29.98
CA SER D 420 -45.74 -21.85 -29.77
C SER D 420 -45.67 -21.39 -31.22
N ALA D 421 -45.26 -20.14 -31.46
CA ALA D 421 -45.19 -19.65 -32.83
C ALA D 421 -44.04 -18.71 -33.02
N SER D 422 -43.62 -18.56 -34.27
CA SER D 422 -42.53 -17.65 -34.63
C SER D 422 -42.94 -16.91 -35.92
N PHE D 423 -43.12 -15.58 -35.81
CA PHE D 423 -43.54 -14.76 -36.94
C PHE D 423 -42.41 -14.12 -37.73
N SER D 424 -42.61 -13.94 -39.04
CA SER D 424 -41.61 -13.29 -39.88
C SER D 424 -41.63 -11.80 -39.50
N ASN D 425 -40.65 -11.05 -39.99
CA ASN D 425 -40.52 -9.63 -39.67
C ASN D 425 -41.72 -8.73 -39.55
N LYS D 426 -42.59 -8.71 -40.55
CA LYS D 426 -43.76 -7.83 -40.47
C LYS D 426 -44.99 -8.70 -40.28
N ALA D 427 -44.77 -9.86 -39.66
CA ALA D 427 -45.82 -10.82 -39.38
C ALA D 427 -46.56 -11.25 -40.64
N LYS D 428 -45.84 -11.34 -41.75
CA LYS D 428 -46.44 -11.76 -43.00
C LYS D 428 -46.52 -13.29 -43.05
N TYR D 429 -45.68 -13.94 -42.25
CA TYR D 429 -45.66 -15.41 -42.19
C TYR D 429 -45.39 -15.87 -40.78
N TYR D 430 -45.76 -17.10 -40.46
CA TYR D 430 -45.51 -17.63 -39.12
C TYR D 430 -45.39 -19.14 -39.11
N GLN D 431 -44.43 -19.63 -38.33
CA GLN D 431 -44.22 -21.06 -38.16
C GLN D 431 -45.01 -21.45 -36.91
N LEU D 432 -45.69 -22.59 -36.97
CA LEU D 432 -46.44 -23.07 -35.82
C LEU D 432 -45.70 -24.28 -35.31
N ARG D 433 -45.45 -24.30 -34.00
CA ARG D 433 -44.74 -25.42 -33.39
C ARG D 433 -45.71 -26.15 -32.48
N CYS D 434 -46.04 -27.39 -32.86
CA CYS D 434 -46.96 -28.23 -32.09
C CYS D 434 -46.11 -29.19 -31.26
N PHE D 435 -46.30 -29.18 -29.94
CA PHE D 435 -45.50 -30.03 -29.05
C PHE D 435 -46.23 -31.19 -28.43
N GLY D 436 -47.49 -31.39 -28.79
CA GLY D 436 -48.24 -32.48 -28.19
C GLY D 436 -49.72 -32.22 -28.21
N PRO D 437 -50.54 -33.17 -27.71
CA PRO D 437 -50.15 -34.46 -27.13
C PRO D 437 -49.54 -35.50 -28.06
N GLY D 438 -49.74 -35.34 -29.37
CA GLY D 438 -49.18 -36.26 -30.32
C GLY D 438 -47.77 -35.86 -30.63
N LEU D 439 -47.17 -36.48 -31.64
CA LEU D 439 -45.80 -36.16 -32.00
C LEU D 439 -45.70 -34.70 -32.46
N PRO D 440 -44.60 -34.02 -32.11
CA PRO D 440 -44.38 -32.63 -32.48
C PRO D 440 -44.54 -32.43 -33.96
N LEU D 441 -45.21 -31.34 -34.33
CA LEU D 441 -45.45 -31.02 -35.74
C LEU D 441 -45.14 -29.56 -36.00
N TYR D 442 -44.25 -29.32 -36.96
CA TYR D 442 -43.86 -27.97 -37.35
C TYR D 442 -44.45 -27.67 -38.71
N THR D 443 -45.04 -26.50 -38.84
CA THR D 443 -45.66 -26.11 -40.10
C THR D 443 -45.43 -24.63 -40.39
N LEU D 444 -45.57 -24.24 -41.66
CA LEU D 444 -45.39 -22.85 -42.06
C LEU D 444 -46.73 -22.34 -42.56
N HIS D 445 -47.12 -21.16 -42.11
CA HIS D 445 -48.38 -20.56 -42.52
C HIS D 445 -48.22 -19.14 -43.05
N SER D 446 -49.19 -18.73 -43.85
CA SER D 446 -49.23 -17.38 -44.42
C SER D 446 -50.30 -16.62 -43.64
N SER D 447 -49.94 -15.46 -43.10
CA SER D 447 -50.89 -14.67 -42.34
C SER D 447 -52.04 -14.15 -43.21
N SER D 448 -51.81 -14.06 -44.52
CA SER D 448 -52.80 -13.56 -45.46
C SER D 448 -54.10 -14.37 -45.47
N SER D 449 -54.00 -15.66 -45.76
CA SER D 449 -55.18 -16.52 -45.79
C SER D 449 -55.09 -17.61 -44.72
N ASP D 450 -54.16 -17.42 -43.80
CA ASP D 450 -53.96 -18.38 -42.71
C ASP D 450 -53.88 -19.82 -43.19
N LYS D 451 -53.59 -20.05 -44.46
CA LYS D 451 -53.51 -21.40 -44.95
C LYS D 451 -52.13 -22.02 -44.68
N GLU D 452 -52.10 -23.33 -44.57
CA GLU D 452 -50.86 -24.05 -44.31
C GLU D 452 -50.05 -24.18 -45.59
N LEU D 453 -49.01 -23.38 -45.70
CA LEU D 453 -48.17 -23.42 -46.89
C LEU D 453 -47.54 -24.81 -47.02
N ARG D 454 -47.07 -25.36 -45.91
CA ARG D 454 -46.46 -26.68 -45.93
C ARG D 454 -46.02 -27.20 -44.57
N VAL D 455 -45.76 -28.50 -44.54
CA VAL D 455 -45.31 -29.20 -43.35
C VAL D 455 -43.78 -29.11 -43.35
N LEU D 456 -43.22 -28.56 -42.28
CA LEU D 456 -41.77 -28.43 -42.15
C LEU D 456 -41.09 -29.68 -41.61
N GLU D 457 -41.75 -30.33 -40.65
CA GLU D 457 -41.24 -31.54 -40.03
C GLU D 457 -42.44 -32.18 -39.36
N ASP D 458 -42.76 -33.41 -39.71
CA ASP D 458 -43.92 -34.05 -39.09
C ASP D 458 -43.57 -35.25 -38.20
N ASN D 459 -42.28 -35.52 -38.03
CA ASN D 459 -41.81 -36.63 -37.21
C ASN D 459 -42.40 -37.97 -37.64
N SER D 460 -42.70 -38.10 -38.92
CA SER D 460 -43.29 -39.33 -39.44
C SER D 460 -42.40 -40.53 -39.12
N ALA D 461 -41.09 -40.31 -39.11
CA ALA D 461 -40.12 -41.36 -38.81
C ALA D 461 -40.28 -41.84 -37.37
N LEU D 462 -40.42 -40.90 -36.44
CA LEU D 462 -40.58 -41.29 -35.05
C LEU D 462 -41.90 -42.06 -34.92
N ASP D 463 -42.93 -41.59 -35.62
CA ASP D 463 -44.24 -42.24 -35.60
C ASP D 463 -44.09 -43.72 -36.00
N LYS D 464 -43.25 -43.96 -37.00
CA LYS D 464 -43.03 -45.32 -37.51
C LYS D 464 -42.30 -46.21 -36.51
N MET D 465 -41.38 -45.64 -35.76
CA MET D 465 -40.63 -46.42 -34.78
C MET D 465 -41.48 -46.79 -33.59
N LEU D 466 -42.27 -45.83 -33.13
CA LEU D 466 -43.10 -46.02 -31.94
C LEU D 466 -44.27 -46.98 -32.05
N GLN D 467 -44.78 -47.23 -33.25
CA GLN D 467 -45.88 -48.16 -33.36
C GLN D 467 -45.34 -49.57 -33.07
N ASP D 468 -44.02 -49.68 -33.05
CA ASP D 468 -43.36 -50.95 -32.78
C ASP D 468 -42.91 -51.02 -31.30
N VAL D 469 -43.53 -50.21 -30.45
CA VAL D 469 -43.19 -50.21 -29.02
C VAL D 469 -44.42 -49.94 -28.17
N GLN D 470 -44.49 -50.59 -27.02
CA GLN D 470 -45.62 -50.45 -26.10
C GLN D 470 -45.55 -49.13 -25.33
N MET D 471 -46.00 -48.07 -25.99
CA MET D 471 -45.98 -46.75 -25.39
C MET D 471 -47.06 -46.59 -24.34
N PRO D 472 -46.72 -45.91 -23.23
CA PRO D 472 -47.72 -45.70 -22.18
C PRO D 472 -48.62 -44.58 -22.68
N SER D 473 -49.76 -44.39 -22.04
CA SER D 473 -50.66 -43.32 -22.45
C SER D 473 -50.70 -42.24 -21.38
N LYS D 474 -50.85 -40.99 -21.81
CA LYS D 474 -50.90 -39.87 -20.89
C LYS D 474 -52.33 -39.34 -20.82
N LYS D 475 -52.89 -39.31 -19.63
CA LYS D 475 -54.25 -38.84 -19.47
C LYS D 475 -54.30 -37.64 -18.52
N LEU D 476 -55.06 -36.62 -18.91
CA LEU D 476 -55.25 -35.43 -18.10
C LEU D 476 -56.69 -35.40 -17.61
N ASP D 477 -56.88 -35.02 -16.36
CA ASP D 477 -58.20 -34.96 -15.80
C ASP D 477 -58.14 -33.99 -14.61
N VAL D 478 -59.24 -33.90 -13.88
CA VAL D 478 -59.30 -32.98 -12.75
C VAL D 478 -59.86 -33.63 -11.50
N ILE D 479 -59.50 -33.07 -10.35
CA ILE D 479 -60.04 -33.56 -9.08
C ILE D 479 -60.36 -32.28 -8.33
N ASN D 480 -61.15 -32.40 -7.26
CA ASN D 480 -61.49 -31.21 -6.50
C ASN D 480 -60.80 -31.17 -5.16
N LEU D 481 -60.34 -29.98 -4.80
CA LEU D 481 -59.67 -29.74 -3.51
C LEU D 481 -60.10 -28.37 -3.05
N HIS D 482 -60.62 -28.28 -1.84
CA HIS D 482 -61.05 -26.99 -1.32
C HIS D 482 -62.04 -26.34 -2.28
N GLY D 483 -62.89 -27.15 -2.90
CA GLY D 483 -63.88 -26.64 -3.82
C GLY D 483 -63.34 -26.02 -5.10
N THR D 484 -62.12 -26.41 -5.49
CA THR D 484 -61.54 -25.90 -6.73
C THR D 484 -61.18 -27.06 -7.63
N LYS D 485 -61.25 -26.83 -8.94
CA LYS D 485 -60.92 -27.90 -9.88
C LYS D 485 -59.44 -27.79 -10.21
N PHE D 486 -58.67 -28.81 -9.85
CA PHE D 486 -57.24 -28.79 -10.15
C PHE D 486 -56.92 -29.89 -11.13
N TRP D 487 -55.96 -29.65 -12.01
CA TRP D 487 -55.60 -30.65 -13.00
C TRP D 487 -54.47 -31.60 -12.57
N TYR D 488 -54.51 -32.80 -13.13
CA TYR D 488 -53.49 -33.79 -12.87
C TYR D 488 -53.32 -34.58 -14.15
N GLN D 489 -52.24 -35.35 -14.21
CA GLN D 489 -51.99 -36.20 -15.35
C GLN D 489 -51.42 -37.49 -14.79
N MET D 490 -51.67 -38.59 -15.50
CA MET D 490 -51.15 -39.89 -15.11
C MET D 490 -50.59 -40.51 -16.36
N ILE D 491 -49.39 -41.05 -16.26
CA ILE D 491 -48.78 -41.72 -17.40
C ILE D 491 -49.10 -43.17 -17.03
N LEU D 492 -49.96 -43.79 -17.83
CA LEU D 492 -50.40 -45.14 -17.55
C LEU D 492 -49.68 -46.20 -18.35
N PRO D 493 -49.30 -47.30 -17.70
CA PRO D 493 -48.61 -48.40 -18.38
C PRO D 493 -49.42 -48.95 -19.57
N PRO D 494 -48.74 -49.50 -20.59
CA PRO D 494 -49.44 -50.05 -21.76
C PRO D 494 -50.41 -51.14 -21.26
N HIS D 495 -51.44 -51.41 -22.03
CA HIS D 495 -52.41 -52.44 -21.64
C HIS D 495 -52.79 -52.28 -20.17
N PHE D 496 -53.08 -51.04 -19.79
CA PHE D 496 -53.47 -50.71 -18.42
C PHE D 496 -54.70 -51.51 -18.01
N ASP D 497 -54.65 -52.07 -16.81
CA ASP D 497 -55.75 -52.89 -16.31
C ASP D 497 -56.31 -52.37 -15.01
N LYS D 498 -57.37 -51.56 -15.06
CA LYS D 498 -57.96 -51.08 -13.82
C LYS D 498 -58.30 -52.36 -13.05
N SER D 499 -58.61 -52.25 -11.77
CA SER D 499 -58.92 -53.42 -10.97
C SER D 499 -57.63 -54.12 -10.52
N LYS D 500 -56.52 -53.76 -11.16
CA LYS D 500 -55.22 -54.31 -10.79
C LYS D 500 -54.57 -53.15 -10.04
N LYS D 501 -53.83 -53.46 -8.98
CA LYS D 501 -53.21 -52.40 -8.17
C LYS D 501 -51.78 -52.08 -8.55
N TYR D 502 -51.59 -50.91 -9.16
CA TYR D 502 -50.28 -50.45 -9.61
C TYR D 502 -49.54 -49.59 -8.60
N PRO D 503 -48.20 -49.72 -8.56
CA PRO D 503 -47.46 -48.88 -7.61
C PRO D 503 -47.59 -47.48 -8.24
N LEU D 504 -47.43 -46.43 -7.45
CA LEU D 504 -47.62 -45.08 -7.97
C LEU D 504 -46.47 -44.12 -7.65
N LEU D 505 -46.02 -43.38 -8.66
CA LEU D 505 -44.94 -42.42 -8.47
C LEU D 505 -45.45 -41.01 -8.77
N ILE D 506 -45.37 -40.14 -7.78
CA ILE D 506 -45.77 -38.75 -7.95
C ILE D 506 -44.51 -37.98 -8.38
N GLU D 507 -44.54 -37.34 -9.55
CA GLU D 507 -43.40 -36.53 -10.00
C GLU D 507 -43.88 -35.11 -9.75
N VAL D 508 -43.15 -34.38 -8.95
CA VAL D 508 -43.58 -33.04 -8.58
C VAL D 508 -42.57 -31.94 -8.83
N TYR D 509 -43.09 -30.73 -9.05
CA TYR D 509 -42.24 -29.56 -9.16
C TYR D 509 -42.95 -28.64 -8.18
N ALA D 510 -44.12 -28.13 -8.58
CA ALA D 510 -44.98 -27.29 -7.73
C ALA D 510 -44.47 -25.95 -7.22
N GLY D 511 -43.49 -25.37 -7.91
CA GLY D 511 -42.98 -24.07 -7.48
C GLY D 511 -43.96 -22.99 -7.91
N PRO D 512 -43.85 -21.77 -7.39
CA PRO D 512 -44.79 -20.72 -7.79
C PRO D 512 -44.83 -20.51 -9.31
N CYS D 513 -46.06 -20.52 -9.83
CA CYS D 513 -46.39 -20.39 -11.24
C CYS D 513 -45.92 -21.58 -12.07
N SER D 514 -45.72 -22.70 -11.40
CA SER D 514 -45.28 -23.90 -12.09
C SER D 514 -46.46 -24.54 -12.81
N GLN D 515 -46.15 -25.39 -13.77
CA GLN D 515 -47.15 -26.15 -14.50
C GLN D 515 -46.54 -27.48 -14.89
N LYS D 516 -46.88 -28.52 -14.13
CA LYS D 516 -46.39 -29.88 -14.38
C LYS D 516 -47.40 -30.66 -15.19
N VAL D 517 -48.62 -30.11 -15.31
CA VAL D 517 -49.68 -30.81 -16.05
C VAL D 517 -49.94 -30.13 -17.37
N ASP D 518 -49.57 -30.77 -18.48
CA ASP D 518 -49.82 -30.16 -19.77
C ASP D 518 -49.98 -31.19 -20.87
N THR D 519 -50.16 -30.72 -22.11
CA THR D 519 -50.33 -31.66 -23.22
C THR D 519 -49.09 -31.77 -24.08
N VAL D 520 -47.92 -31.54 -23.52
CA VAL D 520 -46.70 -31.64 -24.33
C VAL D 520 -46.28 -33.10 -24.43
N PHE D 521 -45.79 -33.50 -25.60
CA PHE D 521 -45.34 -34.86 -25.78
C PHE D 521 -43.91 -34.93 -25.26
N ARG D 522 -43.61 -35.96 -24.48
CA ARG D 522 -42.28 -36.13 -23.91
C ARG D 522 -41.89 -37.60 -23.75
N LEU D 523 -40.66 -37.91 -24.15
CA LEU D 523 -40.09 -39.23 -24.02
C LEU D 523 -39.24 -39.00 -22.77
N SER D 524 -39.73 -39.45 -21.62
CA SER D 524 -39.06 -39.20 -20.36
C SER D 524 -38.79 -40.42 -19.50
N TRP D 525 -38.14 -40.19 -18.37
CA TRP D 525 -37.86 -41.27 -17.43
C TRP D 525 -39.21 -41.92 -17.09
N ALA D 526 -40.24 -41.09 -16.91
CA ALA D 526 -41.57 -41.61 -16.59
C ALA D 526 -42.13 -42.52 -17.68
N THR D 527 -41.77 -42.27 -18.93
CA THR D 527 -42.23 -43.08 -20.04
C THR D 527 -41.72 -44.50 -19.83
N TYR D 528 -40.45 -44.62 -19.47
CA TYR D 528 -39.84 -45.93 -19.22
C TYR D 528 -40.47 -46.59 -17.98
N LEU D 529 -40.63 -45.83 -16.90
CA LEU D 529 -41.21 -46.39 -15.67
C LEU D 529 -42.61 -46.99 -15.91
N ALA D 530 -43.44 -46.28 -16.68
CA ALA D 530 -44.80 -46.78 -16.97
C ALA D 530 -44.78 -47.92 -17.99
N SER D 531 -44.01 -47.74 -19.05
CA SER D 531 -43.95 -48.71 -20.14
C SER D 531 -43.29 -50.03 -19.79
N THR D 532 -42.12 -49.97 -19.16
CA THR D 532 -41.39 -51.18 -18.79
C THR D 532 -41.66 -51.69 -17.38
N GLU D 533 -41.63 -50.80 -16.39
CA GLU D 533 -41.82 -51.25 -15.01
C GLU D 533 -43.27 -51.25 -14.52
N ASN D 534 -44.19 -50.84 -15.39
CA ASN D 534 -45.61 -50.78 -15.04
C ASN D 534 -45.91 -49.96 -13.81
N ILE D 535 -45.28 -48.80 -13.73
CA ILE D 535 -45.49 -47.89 -12.62
C ILE D 535 -46.33 -46.72 -13.14
N ILE D 536 -47.34 -46.29 -12.39
CA ILE D 536 -48.13 -45.16 -12.83
C ILE D 536 -47.40 -43.91 -12.35
N VAL D 537 -47.14 -42.96 -13.26
CA VAL D 537 -46.47 -41.72 -12.86
C VAL D 537 -47.47 -40.59 -12.99
N ALA D 538 -47.78 -39.95 -11.88
CA ALA D 538 -48.75 -38.87 -11.90
C ALA D 538 -48.14 -37.54 -11.46
N SER D 539 -48.74 -36.46 -11.93
CA SER D 539 -48.32 -35.11 -11.56
C SER D 539 -49.57 -34.31 -11.26
N PHE D 540 -49.46 -33.35 -10.36
CA PHE D 540 -50.60 -32.56 -9.97
C PHE D 540 -50.27 -31.09 -9.76
N ASP D 541 -51.11 -30.20 -10.30
CA ASP D 541 -50.93 -28.77 -10.15
C ASP D 541 -51.93 -28.22 -9.12
N GLY D 542 -51.44 -27.91 -7.91
CA GLY D 542 -52.28 -27.37 -6.85
C GLY D 542 -52.11 -25.89 -6.59
N ARG D 543 -52.33 -25.47 -5.35
CA ARG D 543 -52.19 -24.07 -4.97
C ARG D 543 -50.78 -23.62 -5.37
N GLY D 544 -50.66 -22.41 -5.91
CA GLY D 544 -49.35 -21.92 -6.31
C GLY D 544 -49.04 -22.15 -7.77
N SER D 545 -49.66 -23.14 -8.39
CA SER D 545 -49.39 -23.39 -9.79
C SER D 545 -49.85 -22.18 -10.61
N GLY D 546 -49.39 -22.09 -11.85
CA GLY D 546 -49.75 -20.92 -12.65
C GLY D 546 -50.69 -21.13 -13.81
N TYR D 547 -50.97 -20.05 -14.52
CA TYR D 547 -51.82 -20.04 -15.71
C TYR D 547 -53.29 -20.34 -15.42
N GLN D 548 -53.68 -20.19 -14.16
CA GLN D 548 -55.05 -20.42 -13.71
C GLN D 548 -55.54 -19.25 -12.89
N GLY D 549 -54.88 -18.10 -13.03
CA GLY D 549 -55.28 -16.93 -12.28
C GLY D 549 -54.56 -16.72 -10.96
N ASP D 550 -54.55 -15.46 -10.50
CA ASP D 550 -53.89 -15.10 -9.26
C ASP D 550 -54.42 -15.76 -7.99
N LYS D 551 -55.72 -16.04 -7.94
CA LYS D 551 -56.25 -16.66 -6.74
C LYS D 551 -55.53 -17.98 -6.47
N ILE D 552 -55.32 -18.75 -7.52
CA ILE D 552 -54.62 -20.03 -7.42
C ILE D 552 -53.13 -19.79 -7.18
N MET D 553 -52.53 -18.98 -8.04
CA MET D 553 -51.09 -18.71 -7.94
C MET D 553 -50.58 -18.02 -6.68
N HIS D 554 -51.25 -16.95 -6.26
CA HIS D 554 -50.80 -16.23 -5.08
C HIS D 554 -51.18 -16.85 -3.75
N ALA D 555 -51.82 -18.02 -3.77
CA ALA D 555 -52.22 -18.65 -2.51
C ALA D 555 -51.01 -18.99 -1.62
N ILE D 556 -49.82 -19.15 -2.21
CA ILE D 556 -48.65 -19.48 -1.40
C ILE D 556 -47.75 -18.28 -1.12
N ASN D 557 -48.21 -17.09 -1.48
CA ASN D 557 -47.46 -15.86 -1.25
C ASN D 557 -47.06 -15.81 0.21
N ARG D 558 -45.77 -15.58 0.45
CA ARG D 558 -45.19 -15.50 1.79
C ARG D 558 -45.34 -16.77 2.62
N ARG D 559 -45.64 -17.87 1.96
CA ARG D 559 -45.76 -19.13 2.69
C ARG D 559 -45.38 -20.35 1.85
N LEU D 560 -44.22 -20.28 1.22
CA LEU D 560 -43.74 -21.41 0.42
C LEU D 560 -43.58 -22.60 1.34
N GLY D 561 -43.84 -23.80 0.82
CA GLY D 561 -43.70 -24.98 1.64
C GLY D 561 -44.95 -25.32 2.43
N THR D 562 -46.02 -24.56 2.21
CA THR D 562 -47.26 -24.86 2.93
C THR D 562 -48.32 -25.46 2.02
N PHE D 563 -49.16 -24.62 1.45
CA PHE D 563 -50.26 -25.12 0.62
C PHE D 563 -49.89 -26.02 -0.54
N GLU D 564 -48.83 -25.68 -1.28
CA GLU D 564 -48.46 -26.50 -2.44
C GLU D 564 -48.03 -27.90 -2.02
N VAL D 565 -47.37 -28.02 -0.86
CA VAL D 565 -46.97 -29.35 -0.41
C VAL D 565 -48.22 -30.10 0.10
N GLU D 566 -49.06 -29.39 0.86
CA GLU D 566 -50.26 -29.99 1.39
C GLU D 566 -51.17 -30.51 0.27
N ASP D 567 -51.25 -29.77 -0.84
CA ASP D 567 -52.08 -30.20 -1.95
C ASP D 567 -51.53 -31.43 -2.62
N GLN D 568 -50.21 -31.55 -2.70
CA GLN D 568 -49.63 -32.76 -3.29
C GLN D 568 -50.07 -33.95 -2.43
N ILE D 569 -50.03 -33.77 -1.12
CA ILE D 569 -50.43 -34.86 -0.23
C ILE D 569 -51.92 -35.21 -0.44
N GLU D 570 -52.79 -34.20 -0.38
CA GLU D 570 -54.24 -34.44 -0.55
C GLU D 570 -54.59 -35.11 -1.88
N ALA D 571 -53.97 -34.62 -2.96
CA ALA D 571 -54.22 -35.18 -4.29
C ALA D 571 -53.81 -36.66 -4.34
N THR D 572 -52.65 -36.96 -3.77
CA THR D 572 -52.14 -38.33 -3.74
C THR D 572 -53.03 -39.19 -2.83
N ARG D 573 -53.44 -38.62 -1.72
CA ARG D 573 -54.31 -39.32 -0.78
C ARG D 573 -55.57 -39.77 -1.54
N GLN D 574 -56.09 -38.90 -2.41
CA GLN D 574 -57.26 -39.26 -3.20
C GLN D 574 -56.88 -40.38 -4.17
N PHE D 575 -55.74 -40.23 -4.85
CA PHE D 575 -55.28 -41.22 -5.81
C PHE D 575 -55.10 -42.57 -5.13
N SER D 576 -54.61 -42.56 -3.89
CA SER D 576 -54.36 -43.80 -3.15
C SER D 576 -55.63 -44.57 -2.87
N LYS D 577 -56.74 -43.87 -2.79
CA LYS D 577 -58.02 -44.53 -2.50
C LYS D 577 -58.66 -45.08 -3.77
N MET D 578 -58.04 -44.80 -4.92
CA MET D 578 -58.59 -45.32 -6.17
C MET D 578 -58.29 -46.82 -6.26
N GLY D 579 -59.10 -47.53 -7.05
CA GLY D 579 -58.97 -48.97 -7.18
C GLY D 579 -57.70 -49.53 -7.80
N PHE D 580 -57.18 -48.86 -8.82
CA PHE D 580 -55.99 -49.36 -9.51
C PHE D 580 -54.64 -48.91 -8.92
N VAL D 581 -54.68 -48.32 -7.73
CA VAL D 581 -53.48 -47.86 -7.04
C VAL D 581 -53.23 -48.68 -5.78
N ASP D 582 -51.99 -49.15 -5.62
CA ASP D 582 -51.59 -49.92 -4.45
C ASP D 582 -51.07 -48.90 -3.44
N ASP D 583 -51.90 -48.54 -2.45
CA ASP D 583 -51.50 -47.53 -1.47
C ASP D 583 -50.34 -47.91 -0.56
N LYS D 584 -49.86 -49.14 -0.67
CA LYS D 584 -48.70 -49.56 0.12
C LYS D 584 -47.44 -49.27 -0.69
N ARG D 585 -47.62 -48.84 -1.92
CA ARG D 585 -46.48 -48.54 -2.78
C ARG D 585 -46.61 -47.22 -3.51
N ILE D 586 -46.56 -46.12 -2.76
CA ILE D 586 -46.61 -44.79 -3.36
C ILE D 586 -45.31 -44.05 -3.05
N ALA D 587 -44.71 -43.46 -4.08
CA ALA D 587 -43.47 -42.72 -3.93
C ALA D 587 -43.61 -41.33 -4.51
N ILE D 588 -42.63 -40.46 -4.24
CA ILE D 588 -42.68 -39.12 -4.79
C ILE D 588 -41.25 -38.66 -5.08
N TRP D 589 -41.07 -37.96 -6.19
CA TRP D 589 -39.74 -37.44 -6.51
C TRP D 589 -39.83 -36.09 -7.21
N GLY D 590 -38.75 -35.32 -7.15
CA GLY D 590 -38.74 -34.03 -7.80
C GLY D 590 -37.33 -33.47 -7.81
N TRP D 591 -37.11 -32.46 -8.65
CA TRP D 591 -35.81 -31.80 -8.84
C TRP D 591 -35.96 -30.29 -8.51
N SER D 592 -34.98 -29.72 -7.80
CA SER D 592 -34.98 -28.31 -7.43
C SER D 592 -36.17 -27.97 -6.54
N TYR D 593 -37.09 -27.11 -6.98
CA TYR D 593 -38.25 -26.81 -6.13
C TYR D 593 -38.97 -28.15 -5.92
N GLY D 594 -38.97 -28.98 -6.95
CA GLY D 594 -39.61 -30.28 -6.83
C GLY D 594 -38.93 -31.14 -5.76
N GLY D 595 -37.62 -30.95 -5.58
CA GLY D 595 -36.92 -31.71 -4.55
C GLY D 595 -37.30 -31.20 -3.17
N TYR D 596 -37.50 -29.87 -3.07
CA TYR D 596 -37.90 -29.25 -1.82
C TYR D 596 -39.29 -29.79 -1.41
N VAL D 597 -40.21 -29.78 -2.36
CA VAL D 597 -41.58 -30.27 -2.12
C VAL D 597 -41.58 -31.75 -1.79
N THR D 598 -40.82 -32.54 -2.52
CA THR D 598 -40.72 -33.97 -2.23
C THR D 598 -40.31 -34.16 -0.77
N SER D 599 -39.28 -33.41 -0.34
CA SER D 599 -38.76 -33.51 1.01
C SER D 599 -39.75 -33.05 2.07
N MET D 600 -40.48 -31.98 1.78
CA MET D 600 -41.46 -31.47 2.74
C MET D 600 -42.59 -32.47 2.91
N VAL D 601 -42.97 -33.11 1.79
CA VAL D 601 -44.03 -34.11 1.80
C VAL D 601 -43.57 -35.31 2.63
N LEU D 602 -42.38 -35.80 2.32
CA LEU D 602 -41.83 -36.94 3.02
C LEU D 602 -41.71 -36.68 4.51
N GLY D 603 -41.40 -35.45 4.87
CA GLY D 603 -41.25 -35.12 6.27
C GLY D 603 -42.54 -34.64 6.90
N ALA D 604 -43.67 -34.81 6.22
CA ALA D 604 -44.96 -34.35 6.73
C ALA D 604 -45.62 -35.35 7.69
N GLY D 605 -45.14 -36.59 7.69
CA GLY D 605 -45.69 -37.60 8.56
C GLY D 605 -47.12 -37.96 8.17
N SER D 606 -47.45 -37.79 6.89
CA SER D 606 -48.81 -38.08 6.39
C SER D 606 -49.05 -39.56 6.20
N GLY D 607 -47.98 -40.36 6.25
CA GLY D 607 -48.10 -41.80 6.07
C GLY D 607 -48.49 -42.29 4.69
N VAL D 608 -48.76 -41.37 3.79
CA VAL D 608 -49.14 -41.69 2.42
C VAL D 608 -48.03 -42.29 1.57
N PHE D 609 -46.81 -41.79 1.77
CA PHE D 609 -45.65 -42.21 0.97
C PHE D 609 -44.70 -43.19 1.63
N LYS D 610 -44.26 -44.16 0.86
CA LYS D 610 -43.33 -45.17 1.35
C LYS D 610 -41.89 -44.66 1.20
N CYS D 611 -41.63 -43.95 0.11
CA CYS D 611 -40.28 -43.47 -0.19
C CYS D 611 -40.32 -42.26 -1.10
N GLY D 612 -39.16 -41.65 -1.30
CA GLY D 612 -39.09 -40.49 -2.18
C GLY D 612 -37.65 -40.16 -2.53
N ILE D 613 -37.47 -39.41 -3.61
CA ILE D 613 -36.14 -39.01 -4.07
C ILE D 613 -36.16 -37.50 -4.35
N ALA D 614 -35.23 -36.76 -3.73
CA ALA D 614 -35.13 -35.34 -3.98
C ALA D 614 -33.78 -35.08 -4.64
N VAL D 615 -33.80 -34.40 -5.79
CA VAL D 615 -32.58 -34.06 -6.50
C VAL D 615 -32.34 -32.55 -6.41
N ALA D 616 -31.14 -32.16 -6.00
CA ALA D 616 -30.76 -30.75 -5.84
C ALA D 616 -31.87 -29.91 -5.22
N PRO D 617 -32.38 -30.35 -4.06
CA PRO D 617 -33.46 -29.62 -3.40
C PRO D 617 -33.04 -28.39 -2.64
N VAL D 618 -33.95 -27.42 -2.60
CA VAL D 618 -33.76 -26.27 -1.74
C VAL D 618 -34.15 -26.93 -0.41
N SER D 619 -33.46 -26.58 0.69
CA SER D 619 -33.79 -27.14 2.00
C SER D 619 -34.17 -26.04 3.00
N LYS D 620 -33.78 -24.80 2.70
CA LYS D 620 -34.01 -23.66 3.57
C LYS D 620 -33.95 -22.39 2.73
N TRP D 621 -35.02 -21.61 2.75
CA TRP D 621 -35.05 -20.43 1.89
C TRP D 621 -33.96 -19.40 2.08
N GLU D 622 -33.40 -19.29 3.26
CA GLU D 622 -32.33 -18.32 3.45
C GLU D 622 -31.09 -18.73 2.65
N TYR D 623 -31.04 -19.97 2.17
CA TYR D 623 -29.88 -20.40 1.36
C TYR D 623 -30.02 -20.08 -0.12
N TYR D 624 -31.25 -19.79 -0.57
CA TYR D 624 -31.51 -19.53 -1.97
C TYR D 624 -31.33 -18.04 -2.33
N ASP D 625 -31.31 -17.70 -3.60
CA ASP D 625 -31.03 -16.32 -3.98
C ASP D 625 -32.12 -15.33 -3.62
N SER D 626 -31.72 -14.08 -3.45
CA SER D 626 -32.63 -13.01 -3.04
C SER D 626 -33.80 -12.74 -3.97
N VAL D 627 -33.52 -12.57 -5.26
CA VAL D 627 -34.53 -12.24 -6.26
C VAL D 627 -35.69 -13.23 -6.29
N TYR D 628 -35.37 -14.51 -6.37
CA TYR D 628 -36.41 -15.51 -6.41
C TYR D 628 -37.09 -15.66 -5.05
N THR D 629 -36.30 -15.89 -4.01
CA THR D 629 -36.84 -16.12 -2.68
C THR D 629 -37.72 -15.00 -2.14
N GLU D 630 -37.21 -13.78 -2.22
CA GLU D 630 -37.93 -12.62 -1.68
C GLU D 630 -39.21 -12.29 -2.43
N ARG D 631 -39.23 -12.61 -3.72
CA ARG D 631 -40.38 -12.40 -4.55
C ARG D 631 -41.59 -13.09 -3.92
N TYR D 632 -41.36 -14.28 -3.36
CA TYR D 632 -42.43 -15.06 -2.76
C TYR D 632 -42.48 -15.04 -1.25
N MET D 633 -41.34 -14.77 -0.63
CA MET D 633 -41.25 -14.81 0.82
C MET D 633 -40.97 -13.52 1.57
N GLY D 634 -40.75 -12.42 0.84
CA GLY D 634 -40.43 -11.17 1.52
C GLY D 634 -39.05 -11.31 2.14
N LEU D 635 -38.71 -10.41 3.07
CA LEU D 635 -37.41 -10.43 3.76
C LEU D 635 -37.41 -11.34 4.99
N PRO D 636 -36.31 -12.09 5.22
CA PRO D 636 -36.22 -12.98 6.38
C PRO D 636 -35.86 -12.27 7.69
N THR D 637 -36.67 -11.29 8.07
CA THR D 637 -36.46 -10.54 9.30
C THR D 637 -37.68 -10.63 10.22
N PRO D 638 -37.48 -10.41 11.53
CA PRO D 638 -38.62 -10.47 12.45
C PRO D 638 -39.71 -9.46 12.10
N GLU D 639 -39.32 -8.31 11.56
CA GLU D 639 -40.31 -7.28 11.19
C GLU D 639 -41.02 -7.60 9.87
N ASP D 640 -40.58 -8.64 9.18
CA ASP D 640 -41.24 -9.03 7.93
C ASP D 640 -41.74 -10.48 7.95
N ASN D 641 -41.00 -11.39 7.34
CA ASN D 641 -41.45 -12.78 7.25
C ASN D 641 -40.56 -13.87 7.85
N LEU D 642 -39.65 -13.51 8.75
CA LEU D 642 -38.76 -14.51 9.35
C LEU D 642 -39.50 -15.76 9.89
N ASP D 643 -40.63 -15.56 10.54
CA ASP D 643 -41.35 -16.69 11.09
C ASP D 643 -41.73 -17.77 10.10
N TYR D 644 -42.14 -17.39 8.90
CA TYR D 644 -42.49 -18.39 7.88
C TYR D 644 -41.24 -18.96 7.21
N TYR D 645 -40.13 -18.23 7.28
CA TYR D 645 -38.85 -18.70 6.72
C TYR D 645 -38.39 -19.81 7.64
N ARG D 646 -38.59 -19.58 8.94
CA ARG D 646 -38.18 -20.49 9.99
C ARG D 646 -38.84 -21.85 10.02
N ASN D 647 -40.15 -21.91 9.86
CA ASN D 647 -40.79 -23.21 9.93
C ASN D 647 -41.07 -23.84 8.58
N SER D 648 -40.37 -23.38 7.54
CA SER D 648 -40.55 -23.99 6.21
C SER D 648 -39.27 -24.66 5.70
N THR D 649 -38.32 -24.93 6.60
CA THR D 649 -37.09 -25.62 6.19
C THR D 649 -37.43 -27.12 6.21
N VAL D 650 -36.70 -27.90 5.43
CA VAL D 650 -36.93 -29.33 5.46
C VAL D 650 -36.39 -29.85 6.79
N MET D 651 -35.30 -29.24 7.27
CA MET D 651 -34.67 -29.64 8.53
C MET D 651 -35.65 -29.68 9.70
N SER D 652 -36.60 -28.75 9.70
CA SER D 652 -37.58 -28.70 10.77
C SER D 652 -38.45 -29.96 10.82
N ARG D 653 -38.38 -30.76 9.76
CA ARG D 653 -39.18 -32.00 9.67
C ARG D 653 -38.33 -33.27 9.70
N ALA D 654 -37.06 -33.13 10.08
CA ALA D 654 -36.13 -34.27 10.13
C ALA D 654 -36.64 -35.52 10.82
N GLU D 655 -37.19 -35.36 12.02
CA GLU D 655 -37.70 -36.51 12.76
C GLU D 655 -38.66 -37.39 12.00
N ASN D 656 -39.51 -36.79 11.17
CA ASN D 656 -40.49 -37.55 10.40
C ASN D 656 -39.94 -38.46 9.30
N PHE D 657 -38.68 -38.26 8.91
CA PHE D 657 -38.08 -39.10 7.88
C PHE D 657 -37.83 -40.53 8.34
N LYS D 658 -37.94 -40.75 9.64
CA LYS D 658 -37.77 -42.09 10.20
C LYS D 658 -38.84 -43.03 9.60
N GLN D 659 -39.98 -42.46 9.18
CA GLN D 659 -41.09 -43.23 8.60
C GLN D 659 -40.97 -43.60 7.12
N VAL D 660 -39.98 -43.05 6.43
CA VAL D 660 -39.85 -43.30 5.00
C VAL D 660 -38.44 -43.66 4.56
N GLU D 661 -38.33 -44.12 3.31
CA GLU D 661 -37.07 -44.46 2.67
C GLU D 661 -36.77 -43.24 1.79
N TYR D 662 -35.65 -42.57 2.05
CA TYR D 662 -35.33 -41.33 1.34
C TYR D 662 -33.96 -41.40 0.64
N LEU D 663 -33.90 -40.83 -0.56
CA LEU D 663 -32.67 -40.77 -1.36
C LEU D 663 -32.47 -39.28 -1.63
N LEU D 664 -31.34 -38.73 -1.20
CA LEU D 664 -31.04 -37.31 -1.38
C LEU D 664 -29.89 -37.24 -2.37
N ILE D 665 -30.05 -36.50 -3.47
CA ILE D 665 -29.01 -36.43 -4.51
C ILE D 665 -28.65 -34.97 -4.83
N HIS D 666 -27.36 -34.67 -5.00
CA HIS D 666 -26.98 -33.28 -5.29
C HIS D 666 -25.62 -33.22 -6.00
N GLY D 667 -25.48 -32.33 -6.98
CA GLY D 667 -24.20 -32.16 -7.69
C GLY D 667 -23.34 -31.24 -6.84
N THR D 668 -22.06 -31.54 -6.65
CA THR D 668 -21.23 -30.71 -5.77
C THR D 668 -20.90 -29.33 -6.31
N ALA D 669 -21.09 -29.15 -7.61
CA ALA D 669 -20.78 -27.88 -8.27
C ALA D 669 -22.04 -27.15 -8.70
N ASP D 670 -23.10 -27.31 -7.90
CA ASP D 670 -24.37 -26.64 -8.20
C ASP D 670 -24.23 -25.18 -7.75
N ASP D 671 -24.13 -24.28 -8.72
CA ASP D 671 -23.96 -22.86 -8.45
C ASP D 671 -25.32 -22.17 -8.18
N ASN D 672 -26.40 -22.93 -8.38
CA ASN D 672 -27.76 -22.39 -8.25
C ASN D 672 -28.34 -22.76 -6.89
N VAL D 673 -28.68 -24.03 -6.70
CA VAL D 673 -29.14 -24.49 -5.40
C VAL D 673 -27.83 -25.10 -4.86
N HIS D 674 -27.16 -24.37 -3.99
CA HIS D 674 -25.89 -24.82 -3.50
C HIS D 674 -25.88 -26.17 -2.80
N PHE D 675 -24.80 -26.92 -3.01
CA PHE D 675 -24.66 -28.24 -2.40
C PHE D 675 -24.92 -28.07 -0.90
N GLN D 676 -24.54 -26.91 -0.39
CA GLN D 676 -24.77 -26.54 1.02
C GLN D 676 -26.18 -26.92 1.49
N GLN D 677 -27.17 -26.71 0.62
CA GLN D 677 -28.56 -27.00 0.96
C GLN D 677 -28.75 -28.47 1.34
N SER D 678 -28.19 -29.37 0.56
CA SER D 678 -28.29 -30.80 0.89
C SER D 678 -27.33 -31.18 2.00
N ALA D 679 -26.22 -30.47 2.09
CA ALA D 679 -25.25 -30.79 3.14
C ALA D 679 -25.88 -30.48 4.50
N GLN D 680 -26.56 -29.34 4.60
CA GLN D 680 -27.18 -28.97 5.88
C GLN D 680 -28.36 -29.90 6.20
N LEU D 681 -29.09 -30.30 5.17
CA LEU D 681 -30.24 -31.21 5.34
C LEU D 681 -29.77 -32.59 5.81
N SER D 682 -28.74 -33.15 5.17
CA SER D 682 -28.26 -34.43 5.63
C SER D 682 -27.78 -34.36 7.08
N LYS D 683 -27.16 -33.24 7.46
CA LYS D 683 -26.65 -33.05 8.81
C LYS D 683 -27.80 -33.06 9.84
N ALA D 684 -28.92 -32.45 9.49
CA ALA D 684 -30.08 -32.44 10.40
C ALA D 684 -30.64 -33.86 10.53
N LEU D 685 -30.65 -34.61 9.43
CA LEU D 685 -31.14 -35.98 9.43
C LEU D 685 -30.22 -36.84 10.28
N VAL D 686 -28.91 -36.64 10.14
CA VAL D 686 -27.96 -37.40 10.95
C VAL D 686 -28.16 -37.04 12.42
N ASP D 687 -28.31 -35.75 12.70
CA ASP D 687 -28.50 -35.28 14.06
C ASP D 687 -29.76 -35.87 14.68
N ALA D 688 -30.72 -36.25 13.84
CA ALA D 688 -32.00 -36.81 14.33
C ALA D 688 -32.01 -38.33 14.40
N GLY D 689 -30.91 -38.96 14.01
CA GLY D 689 -30.82 -40.42 14.06
C GLY D 689 -31.64 -41.12 13.02
N VAL D 690 -31.86 -40.44 11.89
CA VAL D 690 -32.65 -40.96 10.79
C VAL D 690 -31.73 -41.50 9.70
N ASP D 691 -31.96 -42.73 9.27
CA ASP D 691 -31.14 -43.31 8.20
C ASP D 691 -31.77 -42.90 6.86
N PHE D 692 -30.94 -42.78 5.85
CA PHE D 692 -31.40 -42.37 4.53
C PHE D 692 -30.24 -42.65 3.60
N GLN D 693 -30.47 -42.46 2.30
CA GLN D 693 -29.42 -42.69 1.32
C GLN D 693 -29.08 -41.37 0.65
N THR D 694 -27.88 -41.28 0.11
CA THR D 694 -27.45 -40.07 -0.54
C THR D 694 -26.65 -40.43 -1.77
N MET D 695 -26.46 -39.44 -2.65
CA MET D 695 -25.59 -39.61 -3.81
C MET D 695 -25.10 -38.21 -4.16
N TRP D 696 -23.79 -37.97 -4.06
CA TRP D 696 -23.31 -36.67 -4.47
C TRP D 696 -22.83 -36.92 -5.88
N TYR D 697 -22.81 -35.88 -6.72
CA TYR D 697 -22.30 -35.99 -8.08
C TYR D 697 -21.19 -34.96 -8.25
N THR D 698 -19.97 -35.47 -8.18
CA THR D 698 -18.78 -34.64 -8.28
C THR D 698 -18.73 -33.73 -9.51
N ASP D 699 -18.60 -32.42 -9.26
CA ASP D 699 -18.47 -31.43 -10.32
C ASP D 699 -19.67 -31.24 -11.24
N GLU D 700 -20.80 -31.84 -10.88
CA GLU D 700 -22.01 -31.67 -11.66
C GLU D 700 -22.73 -30.45 -11.10
N ASP D 701 -23.43 -29.74 -11.97
CA ASP D 701 -24.14 -28.56 -11.51
C ASP D 701 -25.61 -28.85 -11.33
N HIS D 702 -26.44 -27.83 -11.39
CA HIS D 702 -27.86 -28.00 -11.13
C HIS D 702 -28.57 -28.94 -12.09
N GLY D 703 -28.06 -29.08 -13.29
CA GLY D 703 -28.70 -29.98 -14.23
C GLY D 703 -28.20 -31.42 -14.16
N ILE D 704 -27.09 -31.69 -13.45
CA ILE D 704 -26.48 -33.03 -13.36
C ILE D 704 -26.62 -33.57 -14.77
N ALA D 705 -26.16 -32.73 -15.70
CA ALA D 705 -26.31 -32.95 -17.13
C ALA D 705 -25.20 -33.54 -17.97
N SER D 706 -24.06 -33.86 -17.40
CA SER D 706 -23.02 -34.47 -18.23
C SER D 706 -23.64 -35.79 -18.72
N ASN D 707 -23.19 -36.29 -19.87
CA ASN D 707 -23.76 -37.52 -20.39
C ASN D 707 -23.63 -38.67 -19.42
N MET D 708 -22.47 -38.81 -18.78
CA MET D 708 -22.28 -39.92 -17.87
C MET D 708 -23.09 -39.76 -16.57
N ALA D 709 -23.15 -38.54 -16.05
CA ALA D 709 -23.90 -38.32 -14.80
C ALA D 709 -25.41 -38.47 -15.05
N HIS D 710 -25.88 -37.99 -16.20
CA HIS D 710 -27.29 -38.09 -16.55
C HIS D 710 -27.70 -39.56 -16.56
N GLN D 711 -26.88 -40.39 -17.17
CA GLN D 711 -27.21 -41.81 -17.21
C GLN D 711 -27.18 -42.44 -15.82
N HIS D 712 -26.17 -42.07 -15.05
CA HIS D 712 -25.97 -42.63 -13.72
C HIS D 712 -27.07 -42.29 -12.73
N ILE D 713 -27.51 -41.03 -12.72
CA ILE D 713 -28.53 -40.63 -11.77
C ILE D 713 -29.87 -41.32 -12.04
N TYR D 714 -30.25 -41.47 -13.31
CA TYR D 714 -31.54 -42.11 -13.58
C TYR D 714 -31.44 -43.63 -13.38
N THR D 715 -30.26 -44.19 -13.61
CA THR D 715 -30.07 -45.62 -13.38
C THR D 715 -30.15 -45.83 -11.86
N HIS D 716 -29.50 -44.94 -11.10
CA HIS D 716 -29.48 -45.05 -9.64
C HIS D 716 -30.88 -44.85 -9.06
N MET D 717 -31.60 -43.84 -9.55
CA MET D 717 -32.95 -43.60 -9.04
C MET D 717 -33.89 -44.74 -9.38
N SER D 718 -33.68 -45.35 -10.54
CA SER D 718 -34.52 -46.46 -10.95
C SER D 718 -34.35 -47.67 -10.04
N HIS D 719 -33.12 -47.94 -9.62
CA HIS D 719 -32.84 -49.06 -8.74
C HIS D 719 -33.47 -48.80 -7.38
N PHE D 720 -33.36 -47.57 -6.91
CA PHE D 720 -33.93 -47.20 -5.62
C PHE D 720 -35.45 -47.37 -5.63
N LEU D 721 -36.06 -46.88 -6.70
CA LEU D 721 -37.50 -46.95 -6.84
C LEU D 721 -38.02 -48.39 -6.90
N LYS D 722 -37.41 -49.21 -7.75
CA LYS D 722 -37.81 -50.61 -7.89
C LYS D 722 -37.67 -51.34 -6.56
N GLN D 723 -36.60 -51.05 -5.83
CA GLN D 723 -36.40 -51.68 -4.53
C GLN D 723 -37.54 -51.31 -3.57
N CYS D 724 -37.92 -50.03 -3.55
CA CYS D 724 -38.99 -49.53 -2.69
C CYS D 724 -40.33 -50.17 -3.03
N PHE D 725 -40.53 -50.44 -4.31
CA PHE D 725 -41.79 -51.03 -4.76
C PHE D 725 -41.78 -52.55 -4.85
N SER D 726 -40.68 -53.16 -4.44
CA SER D 726 -40.56 -54.61 -4.47
C SER D 726 -40.65 -55.13 -5.90
N LEU D 727 -40.08 -54.39 -6.84
CA LEU D 727 -40.08 -54.76 -8.25
C LEU D 727 -38.72 -55.34 -8.63
N PRO D 728 -38.71 -56.47 -9.33
CA PRO D 728 -37.43 -57.07 -9.71
C PRO D 728 -36.65 -56.21 -10.71
C1 NAG E . 10.47 5.24 17.34
C2 NAG E . 10.13 3.73 17.44
C3 NAG E . 8.78 3.50 16.76
C4 NAG E . 7.71 4.43 17.34
C5 NAG E . 8.18 5.90 17.35
C6 NAG E . 7.24 6.78 18.13
C7 NAG E . 12.02 2.22 17.43
C8 NAG E . 12.85 1.23 16.61
N2 NAG E . 11.13 2.95 16.75
O3 NAG E . 8.39 2.14 16.94
O4 NAG E . 6.49 4.33 16.58
O5 NAG E . 9.47 6.00 17.98
O6 NAG E . 7.51 8.15 17.86
O7 NAG E . 12.22 2.35 18.64
C1 NAG E . 5.44 3.70 17.21
C2 NAG E . 4.12 4.12 16.56
C3 NAG E . 2.96 3.33 17.16
C4 NAG E . 3.22 1.83 17.06
C5 NAG E . 4.57 1.51 17.70
C6 NAG E . 4.94 0.05 17.55
C7 NAG E . 4.14 6.39 15.75
C8 NAG E . 3.79 7.85 15.99
N2 NAG E . 3.91 5.54 16.74
O3 NAG E . 1.76 3.66 16.47
O4 NAG E . 2.19 1.10 17.71
O5 NAG E . 5.63 2.27 17.07
O6 NAG E . 5.28 -0.27 16.20
O7 NAG E . 4.59 6.03 14.66
C1 NAG F . 11.51 42.09 28.43
C2 NAG F . 12.88 42.79 28.41
C3 NAG F . 13.44 42.96 29.84
C4 NAG F . 12.39 43.61 30.75
C5 NAG F . 11.14 42.75 30.72
C6 NAG F . 10.02 43.28 31.61
C7 NAG F . 14.38 42.52 26.54
C8 NAG F . 15.29 41.57 25.75
N2 NAG F . 13.81 42.01 27.62
O3 NAG F . 14.60 43.75 29.81
O4 NAG F . 12.90 43.71 32.09
O5 NAG F . 10.61 42.70 29.38
O6 NAG F . 9.52 44.52 31.12
O7 NAG F . 14.22 43.69 26.13
C1 NAG F . 12.96 44.96 32.67
C2 NAG F . 13.14 44.81 34.17
C3 NAG F . 13.39 46.17 34.85
C4 NAG F . 14.49 46.95 34.13
C5 NAG F . 14.18 47.01 32.62
C6 NAG F . 15.28 47.71 31.84
C7 NAG F . 11.99 42.86 35.01
C8 NAG F . 10.65 42.18 35.21
N2 NAG F . 11.98 44.18 34.76
O3 NAG F . 13.78 45.96 36.20
O4 NAG F . 14.56 48.27 34.65
O5 NAG F . 14.06 45.67 32.10
O6 NAG F . 14.71 48.59 30.88
O7 NAG F . 13.03 42.21 35.07
C1 NAG G . -19.90 56.55 -4.39
C2 NAG G . -18.60 57.10 -3.80
C3 NAG G . -18.60 58.63 -3.68
C4 NAG G . -19.08 59.28 -4.96
C5 NAG G . -20.43 58.69 -5.35
C6 NAG G . -20.96 59.30 -6.65
C7 NAG G . -17.32 55.76 -2.26
C8 NAG G . -17.02 55.45 -0.80
N2 NAG G . -18.39 56.51 -2.50
O3 NAG G . -17.28 59.07 -3.42
O4 NAG G . -19.19 60.70 -4.79
O5 NAG G . -20.30 57.28 -5.57
O6 NAG G . -22.37 59.25 -6.69
O7 NAG G . -16.58 55.32 -3.15
C1 NAG G . -18.24 61.42 -5.47
C2 NAG G . -18.62 62.91 -5.52
C3 NAG G . -17.50 63.68 -6.23
C4 NAG G . -16.10 63.36 -5.66
C5 NAG G . -15.92 61.84 -5.56
C6 NAG G . -14.62 61.40 -4.90
C7 NAG G . -21.02 63.19 -5.64
C8 NAG G . -22.27 62.89 -6.46
N2 NAG G . -19.86 63.08 -6.27
O3 NAG G . -17.75 65.08 -6.13
O4 NAG G . -15.10 63.90 -6.55
O5 NAG G . -17.00 61.26 -4.81
O6 NAG G . -14.24 62.30 -3.87
O7 NAG G . -21.12 63.51 -4.46
C1 BMA G . -14.27 64.91 -6.09
C2 BMA G . -12.82 64.48 -6.30
C3 BMA G . -11.87 65.61 -5.90
C4 BMA G . -12.23 66.91 -6.61
C5 BMA G . -13.74 67.22 -6.51
C6 BMA G . -14.10 68.33 -7.49
O2 BMA G . -12.61 64.16 -7.68
O3 BMA G . -10.53 65.24 -6.24
O4 BMA G . -11.50 67.99 -6.05
O5 BMA G . -14.54 66.07 -6.88
O6 BMA G . -14.63 69.46 -6.84
C1 NAG H . 32.30 32.25 -26.16
C2 NAG H . 32.15 33.77 -26.17
C3 NAG H . 32.00 34.28 -27.60
C4 NAG H . 33.12 33.71 -28.49
C5 NAG H . 33.12 32.19 -28.39
C6 NAG H . 34.18 31.51 -29.25
C7 NAG H . 31.11 34.87 -24.28
C8 NAG H . 29.83 35.33 -23.59
N2 NAG H . 30.99 34.16 -25.40
O3 NAG H . 32.10 35.71 -27.57
O4 NAG H . 32.93 34.14 -29.84
O5 NAG H . 33.37 31.83 -27.03
O6 NAG H . 35.48 31.88 -28.86
O7 NAG H . 32.19 35.20 -23.81
C1 NAG H . 33.96 34.94 -30.32
C2 NAG H . 33.88 35.05 -31.84
C3 NAG H . 34.98 36.00 -32.36
C4 NAG H . 35.06 37.31 -31.55
C5 NAG H . 34.97 37.07 -30.03
C6 NAG H . 34.78 38.38 -29.30
C7 NAG H . 33.04 32.99 -32.76
C8 NAG H . 33.32 31.53 -33.11
N2 NAG H . 34.08 33.73 -32.41
O3 NAG H . 34.71 36.31 -33.71
O4 NAG H . 36.29 37.97 -31.85
O5 NAG H . 33.83 36.25 -29.74
O6 NAG H . 33.62 39.06 -29.76
O7 NAG H . 31.89 33.42 -32.81
C1 NAG I . 1.48 -51.58 -11.49
C2 NAG I . 0.73 -52.69 -10.73
C3 NAG I . 1.69 -53.81 -10.29
C4 NAG I . 2.53 -54.30 -11.47
C5 NAG I . 3.27 -53.11 -12.06
C6 NAG I . 4.14 -53.49 -13.25
C7 NAG I . -1.20 -52.15 -9.33
C8 NAG I . -1.67 -51.47 -8.05
N2 NAG I . 0.11 -52.10 -9.55
O3 NAG I . 0.94 -54.89 -9.76
O4 NAG I . 3.46 -55.32 -11.04
O5 NAG I . 2.31 -52.13 -12.54
O6 NAG I . 3.44 -54.43 -14.08
O7 NAG I . -2.01 -52.70 -10.07
C1 NAG I . 3.31 -56.58 -11.61
C2 NAG I . 4.59 -57.40 -11.36
C3 NAG I . 4.42 -58.85 -11.83
C4 NAG I . 3.16 -59.46 -11.21
C5 NAG I . 1.94 -58.56 -11.52
C6 NAG I . 0.68 -59.07 -10.83
C7 NAG I . 6.57 -56.06 -11.37
C8 NAG I . 7.53 -55.17 -12.15
N2 NAG I . 5.71 -56.80 -12.05
O3 NAG I . 5.55 -59.60 -11.43
O4 NAG I . 2.94 -60.76 -11.73
O5 NAG I . 2.17 -57.22 -11.02
O6 NAG I . 0.90 -59.30 -9.46
O7 NAG I . 6.62 -56.07 -10.13
C1 NAG J . -23.17 -31.25 -47.56
C2 NAG J . -23.23 -32.65 -46.92
C3 NAG J . -23.74 -33.71 -47.91
C4 NAG J . -25.04 -33.23 -48.55
C5 NAG J . -24.82 -31.88 -49.20
C6 NAG J . -26.09 -31.33 -49.84
C7 NAG J . -21.69 -33.03 -45.11
C8 NAG J . -20.57 -33.92 -44.61
N2 NAG J . -21.93 -33.02 -46.42
O3 NAG J . -23.96 -34.93 -47.22
O4 NAG J . -25.50 -34.18 -49.53
O5 NAG J . -24.42 -30.92 -48.20
O6 NAG J . -25.83 -30.20 -50.65
O7 NAG J . -22.34 -32.34 -44.31
C1 NAG J . -26.50 -35.05 -49.11
C2 NAG J . -27.49 -35.27 -50.24
C3 NAG J . -28.54 -36.30 -49.82
C4 NAG J . -27.90 -37.56 -49.22
C5 NAG J . -26.82 -37.21 -48.20
C6 NAG J . -26.03 -38.44 -47.79
C7 NAG J . -29.44 -33.82 -50.43
C8 NAG J . -30.30 -33.73 -51.67
N2 NAG J . -28.12 -34.00 -50.59
O3 NAG J . -29.34 -36.67 -50.94
O4 NAG J . -28.93 -38.32 -48.56
O5 NAG J . -25.88 -36.28 -48.76
O6 NAG J . -25.33 -38.98 -48.90
O7 NAG J . -29.97 -33.74 -49.31
C1 BMA J . -29.54 -39.33 -49.29
C2 BMA J . -29.65 -40.58 -48.41
C3 BMA J . -30.57 -41.65 -49.03
C4 BMA J . -31.89 -41.04 -49.55
C5 BMA J . -31.60 -39.82 -50.43
C6 BMA J . -32.86 -39.13 -50.94
O2 BMA J . -30.11 -40.24 -47.11
O3 BMA J . -30.85 -42.64 -48.07
O4 BMA J . -32.60 -42.03 -50.30
O5 BMA J . -30.85 -38.85 -49.67
O6 BMA J . -32.60 -38.38 -52.12
C1 NAG K . -19.56 -0.16 -7.17
C2 NAG K . -18.95 1.17 -7.62
C3 NAG K . -17.97 1.67 -6.54
C4 NAG K . -18.66 1.71 -5.17
C5 NAG K . -19.29 0.36 -4.86
C6 NAG K . -20.10 0.37 -3.58
C7 NAG K . -18.66 1.52 -9.99
C8 NAG K . -17.69 1.52 -11.17
N2 NAG K . -18.23 0.99 -8.87
O3 NAG K . -17.49 2.97 -6.89
O4 NAG K . -17.69 2.03 -4.16
O5 NAG K . -20.21 -0.01 -5.91
O6 NAG K . -20.92 -0.78 -3.47
O7 NAG K . -19.80 2.00 -10.13
C1 NAG K . -17.80 3.32 -3.66
C2 NAG K . -17.35 3.36 -2.20
C3 NAG K . -17.49 4.79 -1.69
C4 NAG K . -16.75 5.78 -2.61
C5 NAG K . -17.12 5.57 -4.08
C6 NAG K . -16.26 6.37 -5.03
C7 NAG K . -17.67 1.42 -0.79
C8 NAG K . -18.20 1.12 0.60
N2 NAG K . -18.20 2.46 -1.43
O3 NAG K . -16.95 4.87 -0.38
O4 NAG K . -17.05 7.11 -2.22
O5 NAG K . -16.97 4.17 -4.45
O6 NAG K . -15.60 5.54 -5.98
O7 NAG K . -16.77 0.71 -1.28
C1 NAG L . -45.56 -4.86 -1.08
C2 NAG L . -46.76 -4.53 -0.18
C3 NAG L . -46.38 -4.20 1.28
C4 NAG L . -45.29 -5.14 1.81
C5 NAG L . -44.15 -5.17 0.81
C6 NAG L . -42.94 -5.97 1.23
C7 NAG L . -48.77 -3.36 -0.87
C8 NAG L . -49.57 -2.84 0.33
N2 NAG L . -47.45 -3.37 -0.75
O3 NAG L . -47.53 -4.30 2.09
O4 NAG L . -44.82 -4.70 3.11
O5 NAG L . -44.63 -5.72 -0.43
O6 NAG L . -43.30 -7.15 1.93
O7 NAG L . -49.36 -3.70 -1.90
C1 NAG L . -44.63 -5.68 4.08
C2 NAG L . -43.94 -5.06 5.32
C3 NAG L . -43.82 -6.10 6.43
C4 NAG L . -45.18 -6.72 6.73
C5 NAG L . -45.82 -7.26 5.45
C6 NAG L . -47.23 -7.79 5.67
C7 NAG L . -42.42 -3.26 4.80
C8 NAG L . -40.99 -2.76 4.92
N2 NAG L . -42.61 -4.56 4.97
O3 NAG L . -43.31 -5.48 7.61
O4 NAG L . -45.04 -7.76 7.69
O5 NAG L . -45.91 -6.22 4.46
O6 NAG L . -47.73 -8.47 4.53
O7 NAG L . -43.34 -2.45 4.57
C1 NAG M . -45.65 -22.65 9.74
C2 NAG M . -46.25 -23.74 8.84
C3 NAG M . -47.66 -23.36 8.35
C4 NAG M . -48.55 -22.88 9.51
C5 NAG M . -47.83 -21.78 10.29
C6 NAG M . -48.63 -21.29 11.49
C7 NAG M . -44.91 -25.14 7.39
C8 NAG M . -44.09 -25.27 6.10
N2 NAG M . -45.38 -23.94 7.69
O3 NAG M . -48.25 -24.50 7.75
O4 NAG M . -49.82 -22.39 8.99
O5 NAG M . -46.58 -22.28 10.79
O6 NAG M . -48.84 -22.32 12.44
O7 NAG M . -45.11 -26.15 8.07
C1 NAG M . -50.95 -23.10 9.39
C2 NAG M . -52.23 -22.56 8.73
C3 NAG M . -53.41 -23.34 9.32
C4 NAG M . -53.21 -24.85 9.10
C5 NAG M . -51.80 -25.34 9.47
C6 NAG M . -51.54 -26.70 8.85
C7 NAG M . -51.92 -20.44 9.89
C8 NAG M . -51.54 -19.01 9.63
N2 NAG M . -52.42 -21.13 8.87
O3 NAG M . -54.60 -22.92 8.70
O4 NAG M . -54.18 -25.56 9.87
O5 NAG M . -50.77 -24.47 8.97
O6 NAG M . -51.80 -26.68 7.45
O7 NAG M . -51.75 -20.93 11.01
C1 NAG N . 64.12 2.68 25.47
C2 NAG N . 63.31 1.64 24.68
C3 NAG N . 63.10 0.37 25.53
C4 NAG N . 64.45 -0.15 26.04
C5 NAG N . 65.17 0.97 26.79
C6 NAG N . 66.54 0.57 27.30
C7 NAG N . 61.90 3.04 23.29
C8 NAG N . 60.51 3.50 22.92
N2 NAG N . 62.01 2.19 24.31
O3 NAG N . 62.45 -0.63 24.78
O4 NAG N . 64.25 -1.26 26.91
O5 NAG N . 65.36 2.11 25.92
O6 NAG N . 67.10 1.59 28.11
O7 NAG N . 62.88 3.46 22.66
C1 NAG O . 60.61 9.90 6.95
C2 NAG O . 60.32 11.23 6.23
C3 NAG O . 61.62 11.86 5.74
C4 NAG O . 62.62 11.99 6.89
C5 NAG O . 62.84 10.62 7.51
C6 NAG O . 63.79 10.65 8.70
C7 NAG O . 58.37 11.79 4.93
C8 NAG O . 58.62 13.23 4.50
N2 NAG O . 59.43 11.01 5.11
O3 NAG O . 61.36 13.14 5.19
O4 NAG O . 63.85 12.52 6.40
O5 NAG O . 61.59 10.08 7.99
O6 NAG O . 63.80 9.42 9.39
O7 NAG O . 57.22 11.40 5.07
C1 NAG P . 25.92 -21.44 11.91
C2 NAG P . 26.56 -22.81 12.12
C3 NAG P . 27.31 -23.23 10.84
C4 NAG P . 26.40 -23.13 9.62
C5 NAG P . 25.70 -21.77 9.55
C6 NAG P . 24.66 -21.71 8.44
C7 NAG P . 27.82 -23.86 13.88
C8 NAG P . 29.14 -24.51 13.51
N2 NAG P . 27.48 -22.75 13.23
O3 NAG P . 27.78 -24.57 10.96
O4 NAG P . 27.17 -23.33 8.45
O5 NAG P . 25.02 -21.49 10.79
O6 NAG P . 25.27 -21.75 7.16
O7 NAG P . 27.11 -24.37 14.74
C1 NAG Q . 12.74 23.25 36.80
C2 NAG Q . 12.07 23.65 38.12
C3 NAG Q . 10.56 23.44 38.02
C4 NAG Q . 9.99 24.17 36.80
C5 NAG Q . 10.80 23.88 35.52
C6 NAG Q . 10.39 24.84 34.41
C7 NAG Q . 13.50 23.34 40.04
C8 NAG Q . 14.16 22.36 41.00
N2 NAG Q . 12.59 22.84 39.21
O3 NAG Q . 9.94 23.94 39.19
O4 NAG Q . 8.64 23.76 36.61
O5 NAG Q . 12.22 24.08 35.74
O6 NAG Q . 10.46 24.21 33.15
O7 NAG Q . 13.82 24.54 40.07
S SO4 R . 34.88 16.86 34.42
O1 SO4 R . 35.39 16.92 35.83
O2 SO4 R . 35.69 17.59 33.47
O3 SO4 R . 34.86 15.42 34.04
O4 SO4 R . 33.45 17.25 34.45
C1 NAG S . -28.32 57.92 -24.38
C2 NAG S . -28.83 56.87 -23.38
C3 NAG S . -29.57 55.76 -24.12
C4 NAG S . -30.70 56.36 -24.95
C5 NAG S . -30.10 57.40 -25.91
C6 NAG S . -31.18 58.09 -26.74
C7 NAG S . -27.50 56.69 -21.39
C8 NAG S . -26.56 55.82 -20.57
N2 NAG S . -27.71 56.32 -22.64
O3 NAG S . -30.11 54.83 -23.20
O4 NAG S . -31.37 55.34 -25.69
O5 NAG S . -29.41 58.43 -25.16
O6 NAG S . -30.62 59.12 -27.53
O7 NAG S . -28.02 57.69 -20.87
C1 NAG T . 0.78 12.06 -17.30
C2 NAG T . -0.35 11.04 -17.53
C3 NAG T . 0.07 9.65 -17.00
C4 NAG T . 1.46 9.25 -17.52
C5 NAG T . 2.47 10.37 -17.25
C6 NAG T . 3.83 10.05 -17.83
C7 NAG T . -2.63 11.86 -17.47
C8 NAG T . -3.89 12.15 -16.64
N2 NAG T . -1.55 11.47 -16.81
O3 NAG T . -0.88 8.69 -17.41
O4 NAG T . 1.91 8.06 -16.91
O5 NAG T . 1.99 11.59 -17.86
O6 NAG T . 4.69 11.18 -17.78
O7 NAG T . -2.66 12.02 -18.69
C1 NAG U . -29.62 11.80 -11.96
C2 NAG U . -31.04 12.31 -11.90
C3 NAG U . -31.43 12.55 -10.43
C4 NAG U . -31.16 11.31 -9.57
C5 NAG U . -29.76 10.70 -9.82
C6 NAG U . -29.70 9.29 -9.22
C7 NAG U . -31.60 13.51 -13.91
C8 NAG U . -30.90 14.42 -14.92
N2 NAG U . -31.17 13.54 -12.65
O3 NAG U . -32.81 12.86 -10.37
O4 NAG U . -31.25 11.67 -8.19
O5 NAG U . -29.51 10.56 -11.24
O6 NAG U . -28.38 8.81 -9.10
O7 NAG U . -32.53 12.78 -14.28
C1 NAG V . 15.61 24.48 -36.33
C2 NAG V . 16.43 24.48 -37.62
C3 NAG V . 17.18 23.14 -37.82
C4 NAG V . 17.94 22.75 -36.56
C5 NAG V . 17.01 22.81 -35.35
C6 NAG V . 17.72 22.49 -34.05
C7 NAG V . 15.81 25.70 -39.59
C8 NAG V . 14.96 25.80 -40.84
N2 NAG V . 15.56 24.70 -38.76
O3 NAG V . 18.09 23.26 -38.91
O4 NAG V . 18.43 21.42 -36.71
O5 NAG V . 16.47 24.14 -35.22
O6 NAG V . 18.36 23.64 -33.51
O7 NAG V . 16.69 26.53 -39.37
S SO4 W . -0.99 39.98 -32.86
O1 SO4 W . 0.08 38.97 -32.96
O2 SO4 W . -0.70 41.06 -31.92
O3 SO4 W . -1.17 40.59 -34.22
O4 SO4 W . -2.27 39.24 -32.59
C1 NAG X . 2.21 -41.71 53.77
C2 NAG X . 2.03 -40.21 53.54
C3 NAG X . 3.30 -39.44 53.92
C4 NAG X . 3.81 -39.83 55.30
C5 NAG X . 3.91 -41.35 55.42
C6 NAG X . 4.30 -41.78 56.83
C7 NAG X . 0.44 -39.93 51.75
C8 NAG X . 0.18 -39.47 50.32
N2 NAG X . 1.71 -39.97 52.15
O3 NAG X . 3.02 -38.04 53.91
O4 NAG X . 5.09 -39.25 55.53
O5 NAG X . 2.64 -41.96 55.13
O6 NAG X . 4.65 -43.17 56.89
O7 NAG X . -0.50 -40.25 52.48
C1 NAG Y . -17.11 -34.81 43.51
C2 NAG Y . -18.29 -35.21 42.62
C3 NAG Y . -19.36 -35.89 43.46
C4 NAG Y . -18.74 -37.09 44.19
C5 NAG Y . -17.55 -36.62 45.04
C6 NAG Y . -16.85 -37.77 45.72
C7 NAG Y . -18.55 -33.79 40.69
C8 NAG Y . -19.37 -34.54 39.64
N2 NAG Y . -18.83 -34.04 41.96
O3 NAG Y . -20.42 -36.33 42.62
O4 NAG Y . -19.71 -37.70 45.03
O5 NAG Y . -16.57 -35.96 44.18
O6 NAG Y . -15.97 -37.31 46.75
O7 NAG Y . -17.68 -33.00 40.34
C1 NAG Z . 9.44 -18.03 5.60
C2 NAG Z . 10.29 -16.86 6.08
C3 NAG Z . 10.33 -15.76 5.01
C4 NAG Z . 10.72 -16.32 3.64
C5 NAG Z . 9.86 -17.54 3.27
C6 NAG Z . 10.36 -18.23 2.02
C7 NAG Z . 10.42 -16.48 8.45
C8 NAG Z . 9.96 -15.68 9.65
N2 NAG Z . 9.74 -16.33 7.31
O3 NAG Z . 11.27 -14.78 5.43
O4 NAG Z . 10.59 -15.32 2.63
O5 NAG Z . 9.92 -18.53 4.34
O6 NAG Z . 9.53 -19.31 1.63
O7 NAG Z . 11.39 -17.23 8.55
C1 NAG AA . 11.58 -1.65 31.99
C2 NAG AA . 11.68 -1.32 33.46
C3 NAG AA . 10.43 -0.58 33.93
C4 NAG AA . 10.13 0.63 33.01
C5 NAG AA . 10.19 0.26 31.51
C6 NAG AA . 10.16 1.48 30.61
C7 NAG AA . 12.67 -2.67 35.22
C8 NAG AA . 12.24 -3.57 36.37
N2 NAG AA . 11.81 -2.56 34.20
O3 NAG AA . 10.62 -0.12 35.25
O4 NAG AA . 8.82 1.14 33.31
O5 NAG AA . 11.44 -0.44 31.22
O6 NAG AA . 10.26 1.12 29.23
O7 NAG AA . 13.75 -2.09 35.26
C1 NAG BA . 17.16 -42.89 -0.81
C2 NAG BA . 18.00 -43.80 -1.71
C3 NAG BA . 18.26 -43.15 -3.07
C4 NAG BA . 16.93 -42.78 -3.70
C5 NAG BA . 16.20 -41.83 -2.75
C6 NAG BA . 14.87 -41.37 -3.30
C7 NAG BA . 19.46 -45.33 -0.50
C8 NAG BA . 18.86 -46.55 -1.18
N2 NAG BA . 19.26 -44.12 -1.05
O3 NAG BA . 18.95 -44.07 -3.91
O4 NAG BA . 17.11 -42.15 -4.96
O5 NAG BA . 15.95 -42.51 -1.50
O6 NAG BA . 14.11 -42.46 -3.80
O7 NAG BA . 20.12 -45.48 0.53
S SO4 CA . 11.42 -45.63 21.15
O1 SO4 CA . 11.77 -44.38 21.89
O2 SO4 CA . 11.67 -45.54 19.72
O3 SO4 CA . 12.30 -46.71 21.69
O4 SO4 CA . 10.03 -45.99 21.51
C1 NAG DA . -36.44 -20.02 -55.70
C2 NAG DA . -37.07 -19.07 -56.73
C3 NAG DA . -36.27 -19.03 -58.03
C4 NAG DA . -34.79 -18.74 -57.73
C5 NAG DA . -34.29 -19.81 -56.76
C6 NAG DA . -32.82 -19.63 -56.41
C7 NAG DA . -39.39 -18.60 -57.18
C8 NAG DA . -40.63 -19.03 -57.96
N2 NAG DA . -38.43 -19.52 -57.01
O3 NAG DA . -36.79 -18.02 -58.90
O4 NAG DA . -34.02 -18.78 -58.93
O5 NAG DA . -35.03 -19.74 -55.53
O6 NAG DA . -32.43 -20.53 -55.37
O7 NAG DA . -39.31 -17.46 -56.74
C1 NAG EA . -6.24 10.99 -32.98
C2 NAG EA . -5.24 9.83 -32.86
C3 NAG EA . -3.97 10.09 -33.68
C4 NAG EA . -4.34 10.50 -35.11
C5 NAG EA . -5.29 11.70 -35.06
C6 NAG EA . -5.70 12.25 -36.42
C7 NAG EA . -4.87 8.43 -30.93
C8 NAG EA . -3.64 7.55 -31.17
N2 NAG EA . -4.88 9.64 -31.46
O3 NAG EA . -3.16 8.93 -33.72
O4 NAG EA . -3.16 10.84 -35.83
O5 NAG EA . -6.50 11.31 -34.36
O6 NAG EA . -5.12 13.53 -36.64
O7 NAG EA . -5.81 7.98 -30.25
S SO4 FA . -44.92 -11.17 -23.20
O1 SO4 FA . -44.98 -11.04 -21.72
O2 SO4 FA . -43.90 -10.31 -23.82
O3 SO4 FA . -44.58 -12.58 -23.56
O4 SO4 FA . -46.30 -10.98 -23.68
#